data_5GJW
#
_entry.id   5GJW
#
_cell.length_a   1.0
_cell.length_b   1.0
_cell.length_c   1.0
_cell.angle_alpha   90.0
_cell.angle_beta   90.0
_cell.angle_gamma   90.0
#
_symmetry.space_group_name_H-M   'P 1'
#
loop_
_entity.id
_entity.type
_entity.pdbx_description
1 polymer 'Voltage-dependent L-type calcium channel subunit alpha-1S'
2 polymer 'Voltage-dependent L-type calcium channel subunit beta-1'
3 polymer 'Voltage-dependent L-type calcium channel subunit beta-1'
4 polymer 'Voltage-dependent calcium channel gamma-1 subunit'
5 polymer 'Voltage-dependent calcium channel subunit alpha-2/delta-1'
6 branched 2-acetamido-2-deoxy-beta-D-glucopyranose-(1-4)-2-acetamido-2-deoxy-beta-D-glucopyranose
7 branched beta-D-mannopyranose-(1-4)-2-acetamido-2-deoxy-beta-D-glucopyranose-(1-4)-2-acetamido-2-deoxy-beta-D-glucopyranose
8 branched 2-acetamido-2-deoxy-beta-D-glucopyranose-(1-4)-2-acetamido-2-deoxy-beta-D-glucopyranose-(1-4)-2-acetamido-2-deoxy-beta-D-glucopyranose
9 non-polymer 2-acetamido-2-deoxy-beta-D-glucopyranose
10 non-polymer 'CALCIUM ION'
#
loop_
_entity_poly.entity_id
_entity_poly.type
_entity_poly.pdbx_seq_one_letter_code
_entity_poly.pdbx_strand_id
1 'polypeptide(L)'
;MEPSSPQDEGLRKKQPKKPLPEVLPRPPRALFCLTLQNPLRKACISIVEWKPFETIILLTIFANCVALAVYLPMPEDDNN
SLNLGLEKLEYFFLTVFSIEAAMKIIAYGFLFHQDAYLRSGWNVLDFIIVFLGVFTAILEQVNVIQSNTAPMSSKGAGLD
VKALRAFRVLRPLRLVSGVPSLQVVLNSIFKAMLPLFHIALLVLFMVIIYAIIGLELFKGKMHKTCYYIGTDIVATVENE
KPSPCARTGSGRPCTINGSECRGGWPGPNHGITHFDNFGFSMLTVYQCITMEGWTDVLYWVNDAIGNEWPWIYFVTLILL
GSFFILNLVLGVLSGEFTKEREKAKSRGTFQKLREKQQLEEDLRGYMSWITQGEVMDVEDLREGKLSLEEGGSDTESLYE
IEGLNKIIQFIRHWRQWNRVFRWKCHDLVKSRVFYWLVILIVALNTLSIASEHHNQPLWLTHLQDIANRVLLSLFTIEML
LKMYGLGLRQYFMSIFNRFDCFVVCSGILELLLVESGAMTPLGISVLRCIRLLRLFKITKYWTSLSNLVASLLNSIRSIA
SLLLLLFLFIIIFALLGMQLFGGRYDFEDTEVRRSNFDNFPQALISVFQVLTGEDWNSVMYNGIMAYGGPSYPGVLVCIY
FIILFVCGNYILLNVFLAIAVDNLAEAESLTSAQKAKAEERKRRKMSRGLPDKTEEEKSVMAKKLEQKPKGEGIPTTAKL
KVDEFESNVNEVKDPYPSADFPGDDEEDEPEIPVSPRPRPLAELQLKEKAVPIPEASSFFIFSPTNKVRVLCHRIVNATW
FTNFILLFILLSSAALAAEDPIRAESVRNQILGYFDIAFTSVFTVEIVLKMTTYGAFLHKGSFCRNYFNILDLLVVAVSL
ISMGLESSTISVVKILRVLRVLRPLRAINRAKGLKHVVQCVFVAIRTIGNIVLVTTLLQFMFACIGVQLFKGKFFSCNDL
SKMTEEECRGYYYVYKDGDPTQMELRPRQWIHNDFHFDNVLSAMMSLFTVSTFEGWPQLLYRAIDSNEEDMGPVYNNRVE
MAIFFIIYIILIAFFMMNIFVGFVIVTFQEQGETEYKNCELDKNQRQCVQYALKARPLRCYIPKNPYQYQVWYVVTSSYF
EYLMFALIMLNTICLGMQHYHQSEEMNHISDILNVAFTIIFTLEMILKLLAFKARGYFGDPWNVFDFLIVIGSIIDVILS
EIDTFLASSGGLYCLGGGCGNVDPDESARISSAFFRLFRVMRLIKLLSRAEGVRTLLWTFIKSFQALPYVALLIVMLFFI
YAVIGMQMFGKIALVDGTQINRNNNFQTFPQAVLLLFRCATGEAWQEILLACSYGKLCDPESDYAPGEEYTCGTNFAYYY
FISFYMLCAFLIINLFVAVIMDNFDYLTRDWSILGPHHLDEFKAIWAEYDPEAKGRIKHLDVVTLLRRIQPPLGFGKFCP
HRVACKRLVGMNMPLNSDGTVTFNATLFALVRTALKIKTEGNFEQANEELRAIIKKIWKRTSMKLLDQVIPPIGDDEVTV
GKFYATFLIQEHFRKFMKRQEEYYGYRPKKDTVQIQAGLRTIEEEAAPEIRRTISGDLTAEEELERAMVEAAMEERIFRR
TGGLFGQVDTFLERTNSLPPVMANQRPLQFAEIEMEELESPVFLEDFPQDARTNPLARANTNNANANVAYGNSNHSNNQM
FSSVHCEREFPGEAETPAAGRGALSHSHRALGPHSKPCAGKLNGQLVQPGMPINQAPPAPCQQPSTDPPERGQRRTSLTG
SLQDEAPQRRSSEGSTPRRPAPATALLIQEALVRGGLDTLAADAGFVTATSQALADACQMEPEEVEVAATELLKARESVQ
GMASVPGSLSRRSSLGSLDQVQGSQETLIPPRP
;
A
2 'polypeptide(L)'
;SLEVLFQGPHMALRKEAERQALAQLEKAKTKPVAFAVRTNVGYNPSPGDEVPVEGVAITFEPKDFLHIKEKYNNDWWIGR
LVKEGCEVGFIPSPVKLDSLRLLQEQ
;
B
3 'polypeptide(L)'
;VPPYDVVPSMRPIILVGPSLKGYEVTDMMQKALFDFLKHLFDGRISITRVTADISLAKRSVLNNPSKHIIIERSNTRSSL
AEVQSEIERIFELARTLQLVALDADTINHPAQLSKTSLAPIIVYIKITSPKVLQRLIKSRGKSQSKHLNVQIAASEKLAQ
CPPEMFDIILDENQLEDACEHLAEYLEAYWKATHPPSST
;
C
4 'polypeptide(L)'
;MSPTEAPKVRVTLFCILVGIVLAMTAVVSDHWAVLSPHMENHNTTCEAAHFGLWRICTKRIALGEDRSCGPITLPGEKNC
SYFRHFNPGESSEIFEFTTQKEYSISAAAISVFSLGFLIMGTICALMAFRKKRDYLLRPASMFYVFAGLCLFVSLEVMRQ
SVKRMIDSEDTVWIEYYYSWSFACACAAFVLLFLGGISLLLFSLPRMPQNPWESCMDAEPEH
;
E
5 'polypeptide(L)'
;MAAGRPLAWTLTLWQAWLILIGPSSEEPFPSAVTIKSWVDKMQEDLVTLAKTASGVHQLVDIYEKYQDLYTVEPNNARQL
VEIAARDIEKLLSNRSKALVRLALEAEKVQAAHQWREDFASNEVVYYNAKDDLDPEKNDSEPGSQRIKPVFIDDANFRRQ
VSYQHAAVHIPTDIYEGSTIVLNELNWTSALDDVFKKNREEDPSLLWQVFGSATGLARYYPASPWVDNSRTPNKIDLYDV
RRRPWYIQGAASPKDMLILVDVSGSVSGLTLKLIRTSVSEMLETLSDDDFVNVASFNSNAQDVSCFQHLVQANVRNKKVL
KDAVNNITAKGITDYKKGFSFAFEQLLNYNVSRANCNKIIMLFTDGGEERAQEIFAKYNKDKKVRVFTFSVGQHNYDRGP
IQWMACENKGYYYEIPSIGAIRINTQEYLDVLGRPMVLAGDKAKQVQWTNVYLDALELGLVITGTLPVFNITGQFENKTN
LKNQLILGVMGVDVSLEDIKRLTPRFTLCPNGYYFAIDPNGYVLLHPNLQPKPIGVGIPTINLRKRRPNVQNPKSQEPVT
LDFLDAELENDIKVEIRNKMIDGESGEKTFRTLVKSQDERYIDKGNRTYTWTPVNGTDYSSLALVLPTYSFYYIKAKIEE
TITQARYSETLKPDNFEESGYTFLAPRDYCSDLKPSDNNTEFLLNFNEFIDRKTPNNPSCNTDLINRVLLDAGFTNELVQ
NYWSKQKNIKGVKARFVVTDGGITRVYPKEAGENWQENPETYEDSFYKRSLDNDNYVFTAPYFNKSGPGAYESGIMVSKA
VEIYIQGKLLKPAVVGIKIDVNSWIENFTKTSIRDPCAGPVCDCKRNSDVMDCVILDDGGFLLMANHDDYTNQIGRFFGE
IDPSLMRHLVNISVYAFNKSYDYQSVCEPGAAPKQGAGHRSAYVPSIADILQIGWWATAAAWSILQQFLLSLTFPRLLEA
ADMEDDDFTASMSKQSCITEQTQYFFDNDSKSFSGVLDCGNCSRIFHVEKLMNTNLIFIMVESKGTCPCDTRLLIQAEQT
SDGPDPCDMVKQPRYRKGPDVCFDNNVLEDYTDC(ETA)GVSGLNPSLWSIIGIQFVLLWLVSGSRHCLL
;
F
#
loop_
_chem_comp.id
_chem_comp.type
_chem_comp.name
_chem_comp.formula
BMA D-saccharide, beta linking beta-D-mannopyranose 'C6 H12 O6'
CA non-polymer 'CALCIUM ION' 'Ca 2'
NAG D-saccharide, beta linking 2-acetamido-2-deoxy-beta-D-glucopyranose 'C8 H15 N O6'
#
# COMPACT_ATOMS: atom_id res chain seq x y z
N PHE A 32 2.13 -10.18 55.18
CA PHE A 32 2.11 -9.57 56.50
C PHE A 32 0.80 -9.84 57.23
N CYS A 33 -0.27 -10.10 56.46
CA CYS A 33 -1.50 -10.71 56.95
C CYS A 33 -2.19 -9.93 58.07
N LEU A 34 -2.76 -8.77 57.72
CA LEU A 34 -3.06 -7.69 58.67
C LEU A 34 -3.98 -8.09 59.83
N THR A 35 -3.42 -8.08 61.05
CA THR A 35 -4.04 -8.14 62.39
C THR A 35 -4.64 -9.49 62.78
N LEU A 36 -4.64 -10.46 61.86
CA LEU A 36 -4.86 -11.90 62.11
C LEU A 36 -6.07 -12.26 62.98
N GLN A 37 -7.27 -11.90 62.54
CA GLN A 37 -8.46 -12.11 63.36
C GLN A 37 -9.28 -13.28 62.82
N ASN A 38 -9.73 -14.16 63.72
CA ASN A 38 -10.42 -15.40 63.39
C ASN A 38 -11.92 -15.37 63.08
N PRO A 39 -12.79 -14.75 63.94
CA PRO A 39 -14.02 -15.43 64.40
C PRO A 39 -14.95 -16.03 63.37
N LEU A 40 -15.55 -15.23 62.50
CA LEU A 40 -16.36 -15.75 61.40
C LEU A 40 -15.78 -15.38 60.06
N ARG A 41 -14.58 -14.81 60.07
CA ARG A 41 -13.82 -14.65 58.84
C ARG A 41 -13.44 -16.02 58.28
N LYS A 42 -13.27 -17.01 59.17
CA LYS A 42 -12.97 -18.39 58.80
C LYS A 42 -14.00 -18.96 57.85
N ALA A 43 -15.27 -18.59 58.01
CA ALA A 43 -16.30 -18.98 57.05
C ALA A 43 -15.98 -18.43 55.68
N CYS A 44 -15.60 -17.15 55.60
CA CYS A 44 -15.18 -16.56 54.33
C CYS A 44 -13.84 -17.13 53.88
N ILE A 45 -13.03 -17.60 54.82
CA ILE A 45 -11.82 -18.34 54.46
C ILE A 45 -12.19 -19.68 53.84
N SER A 46 -13.14 -20.39 54.47
CA SER A 46 -13.61 -21.66 53.93
C SER A 46 -14.38 -21.46 52.63
N ILE A 47 -15.04 -20.31 52.50
CA ILE A 47 -15.67 -19.90 51.24
C ILE A 47 -14.66 -19.86 50.10
N VAL A 48 -13.46 -19.37 50.38
CA VAL A 48 -12.43 -19.25 49.34
C VAL A 48 -11.96 -20.61 48.87
N GLU A 49 -11.81 -21.56 49.79
CA GLU A 49 -11.30 -22.87 49.42
C GLU A 49 -12.29 -23.75 48.68
N TRP A 50 -13.54 -23.32 48.51
CA TRP A 50 -14.46 -24.13 47.72
C TRP A 50 -14.06 -24.12 46.26
N LYS A 51 -14.11 -25.30 45.68
CA LYS A 51 -13.90 -25.51 44.24
C LYS A 51 -14.66 -24.58 43.29
N PRO A 52 -15.96 -24.22 43.48
CA PRO A 52 -16.67 -23.53 42.38
C PRO A 52 -16.18 -22.15 41.96
N PHE A 53 -15.06 -21.65 42.47
CA PHE A 53 -14.53 -20.38 41.96
C PHE A 53 -13.88 -20.54 40.59
N GLU A 54 -13.54 -21.78 40.21
CA GLU A 54 -13.19 -22.00 38.81
C GLU A 54 -14.44 -21.91 37.95
N THR A 55 -15.58 -22.37 38.48
CA THR A 55 -16.81 -22.41 37.72
C THR A 55 -17.41 -21.03 37.50
N ILE A 56 -17.30 -20.14 38.48
CA ILE A 56 -17.89 -18.83 38.40
C ILE A 56 -16.99 -17.96 37.55
N ILE A 57 -15.78 -17.71 38.06
CA ILE A 57 -15.05 -16.51 37.72
C ILE A 57 -14.38 -16.63 36.37
N LEU A 58 -14.24 -17.86 35.87
CA LEU A 58 -13.87 -18.08 34.48
C LEU A 58 -14.90 -17.46 33.55
N LEU A 59 -16.18 -17.63 33.89
CA LEU A 59 -17.20 -17.05 33.05
C LEU A 59 -17.32 -15.56 33.30
N THR A 60 -16.81 -15.08 34.43
CA THR A 60 -16.78 -13.64 34.67
C THR A 60 -15.84 -12.93 33.71
N ILE A 61 -14.69 -13.54 33.44
CA ILE A 61 -13.75 -12.96 32.48
C ILE A 61 -14.30 -13.07 31.07
N PHE A 62 -14.82 -14.25 30.73
CA PHE A 62 -15.23 -14.54 29.37
C PHE A 62 -16.46 -13.73 28.98
N ALA A 63 -17.28 -13.37 29.96
CA ALA A 63 -18.31 -12.38 29.68
C ALA A 63 -17.72 -10.98 29.56
N ASN A 64 -16.66 -10.69 30.31
CA ASN A 64 -16.12 -9.33 30.33
C ASN A 64 -15.32 -9.02 29.07
N CYS A 65 -14.75 -10.04 28.43
CA CYS A 65 -14.06 -9.80 27.17
C CYS A 65 -15.04 -9.57 26.04
N VAL A 66 -16.20 -10.21 26.11
CA VAL A 66 -17.27 -9.90 25.17
C VAL A 66 -17.79 -8.49 25.42
N ALA A 67 -17.72 -8.03 26.67
CA ALA A 67 -18.07 -6.66 26.97
C ALA A 67 -17.10 -5.67 26.35
N LEU A 68 -15.88 -6.10 26.06
CA LEU A 68 -14.95 -5.29 25.31
C LEU A 68 -14.95 -5.60 23.83
N ALA A 69 -15.63 -6.63 23.41
CA ALA A 69 -15.70 -6.93 21.98
C ALA A 69 -16.65 -5.95 21.30
N VAL A 70 -17.91 -5.94 21.71
CA VAL A 70 -18.88 -5.11 21.04
C VAL A 70 -18.83 -3.67 21.50
N TYR A 71 -17.86 -3.31 22.33
CA TYR A 71 -17.64 -1.91 22.62
C TYR A 71 -17.23 -1.21 21.33
N LEU A 72 -18.11 -0.40 20.78
CA LEU A 72 -17.84 0.17 19.48
C LEU A 72 -17.31 1.58 19.65
N PRO A 73 -16.06 1.85 19.30
CA PRO A 73 -15.52 3.20 19.48
C PRO A 73 -16.05 4.13 18.43
N MET A 74 -16.24 5.37 18.84
CA MET A 74 -16.78 6.39 17.96
C MET A 74 -15.87 7.60 18.07
N PRO A 75 -15.54 8.22 16.95
CA PRO A 75 -14.40 9.14 16.91
C PRO A 75 -14.48 10.42 17.74
N GLU A 76 -15.37 11.35 17.42
CA GLU A 76 -15.30 12.65 18.05
C GLU A 76 -16.35 12.77 19.14
N ASP A 77 -16.21 11.94 20.17
CA ASP A 77 -17.12 11.83 21.30
C ASP A 77 -18.55 11.54 20.86
N ASP A 78 -18.80 10.30 20.44
CA ASP A 78 -20.15 9.88 20.06
C ASP A 78 -20.47 8.50 20.63
N ASN A 79 -21.71 8.31 21.08
CA ASN A 79 -22.11 7.04 21.65
C ASN A 79 -23.39 6.57 20.99
N ASN A 80 -23.48 5.28 20.70
CA ASN A 80 -24.66 4.91 19.95
C ASN A 80 -25.83 4.63 20.86
N SER A 81 -25.89 3.41 21.39
CA SER A 81 -26.66 3.04 22.57
C SER A 81 -25.87 2.02 23.36
N LEU A 82 -25.21 1.13 22.64
CA LEU A 82 -24.55 0.00 23.29
C LEU A 82 -23.37 0.45 24.12
N ASN A 83 -22.68 1.49 23.68
CA ASN A 83 -21.58 1.99 24.48
C ASN A 83 -22.10 2.71 25.72
N LEU A 84 -23.29 3.29 25.65
CA LEU A 84 -23.90 3.90 26.83
C LEU A 84 -24.27 2.84 27.85
N GLY A 85 -24.81 1.72 27.37
CA GLY A 85 -25.24 0.69 28.28
C GLY A 85 -24.09 -0.03 28.95
N LEU A 86 -23.05 -0.36 28.17
CA LEU A 86 -22.02 -1.21 28.73
C LEU A 86 -21.07 -0.43 29.62
N GLU A 87 -21.07 0.90 29.51
CA GLU A 87 -20.40 1.70 30.53
C GLU A 87 -21.06 1.49 31.89
N LYS A 88 -22.38 1.37 31.91
CA LYS A 88 -23.04 1.02 33.15
C LYS A 88 -22.82 -0.45 33.47
N LEU A 89 -22.60 -1.28 32.44
CA LEU A 89 -22.31 -2.68 32.72
C LEU A 89 -20.87 -2.86 33.14
N GLU A 90 -20.00 -1.89 32.83
CA GLU A 90 -18.65 -1.93 33.39
C GLU A 90 -18.68 -1.72 34.90
N TYR A 91 -19.74 -1.12 35.43
CA TYR A 91 -19.89 -1.07 36.86
C TYR A 91 -20.22 -2.44 37.42
N PHE A 92 -20.90 -3.28 36.63
CA PHE A 92 -21.23 -4.62 37.11
C PHE A 92 -19.99 -5.50 37.21
N PHE A 93 -19.07 -5.37 36.25
CA PHE A 93 -17.87 -6.19 36.31
C PHE A 93 -16.91 -5.68 37.38
N LEU A 94 -16.91 -4.38 37.64
CA LEU A 94 -16.12 -3.86 38.74
C LEU A 94 -16.71 -4.28 40.07
N THR A 95 -18.03 -4.49 40.11
CA THR A 95 -18.72 -4.87 41.34
C THR A 95 -18.27 -6.24 41.80
N VAL A 96 -17.98 -7.14 40.86
CA VAL A 96 -17.72 -8.53 41.21
C VAL A 96 -16.33 -8.67 41.83
N PHE A 97 -15.30 -8.18 41.13
CA PHE A 97 -13.93 -8.42 41.57
C PHE A 97 -13.61 -7.64 42.84
N SER A 98 -14.36 -6.57 43.09
CA SER A 98 -14.22 -5.86 44.35
C SER A 98 -14.76 -6.68 45.51
N ILE A 99 -15.68 -7.60 45.24
CA ILE A 99 -16.08 -8.56 46.26
C ILE A 99 -15.02 -9.63 46.41
N GLU A 100 -14.49 -10.08 45.27
CA GLU A 100 -13.68 -11.31 45.24
C GLU A 100 -12.34 -11.12 45.93
N ALA A 101 -11.75 -9.94 45.81
CA ALA A 101 -10.34 -9.81 46.14
C ALA A 101 -10.12 -9.50 47.62
N ALA A 102 -10.83 -8.50 48.16
CA ALA A 102 -10.58 -8.10 49.55
C ALA A 102 -11.05 -9.17 50.51
N MET A 103 -11.97 -10.02 50.07
CA MET A 103 -12.32 -11.23 50.77
C MET A 103 -11.13 -12.19 50.88
N LYS A 104 -10.23 -12.17 49.90
CA LYS A 104 -9.09 -13.07 49.94
C LYS A 104 -8.02 -12.56 50.90
N ILE A 105 -7.93 -11.23 51.07
CA ILE A 105 -7.00 -10.69 52.07
C ILE A 105 -7.43 -11.13 53.46
N ILE A 106 -8.74 -11.12 53.71
CA ILE A 106 -9.30 -11.73 54.90
C ILE A 106 -9.11 -13.24 54.89
N ALA A 107 -9.08 -13.84 53.70
CA ALA A 107 -8.81 -15.27 53.63
C ALA A 107 -7.33 -15.60 53.80
N TYR A 108 -6.45 -14.91 53.09
CA TYR A 108 -5.06 -15.34 53.06
C TYR A 108 -4.13 -14.33 53.71
N GLY A 109 -4.35 -13.04 53.44
CA GLY A 109 -3.43 -12.03 53.91
C GLY A 109 -2.25 -11.84 52.97
N PHE A 110 -1.37 -10.91 53.37
CA PHE A 110 -0.34 -10.42 52.46
C PHE A 110 0.92 -11.28 52.44
N LEU A 111 1.02 -12.31 53.29
CA LEU A 111 2.10 -13.28 53.07
C LEU A 111 1.79 -14.23 51.93
N PHE A 112 0.53 -14.29 51.49
CA PHE A 112 0.14 -15.15 50.37
C PHE A 112 -0.31 -14.33 49.15
N HIS A 113 -0.16 -13.01 49.19
CA HIS A 113 -0.13 -12.20 47.98
C HIS A 113 1.28 -11.95 47.50
N GLN A 114 2.18 -12.91 47.70
CA GLN A 114 3.49 -12.86 47.07
C GLN A 114 3.42 -13.33 45.63
N ASP A 115 2.30 -13.94 45.25
CA ASP A 115 2.04 -14.30 43.86
C ASP A 115 1.98 -13.06 43.00
N ALA A 116 2.70 -13.10 41.88
CA ALA A 116 2.56 -12.06 40.87
C ALA A 116 1.17 -12.10 40.25
N TYR A 117 0.61 -13.30 40.11
CA TYR A 117 -0.72 -13.45 39.55
C TYR A 117 -1.77 -12.97 40.55
N LEU A 118 -1.39 -12.88 41.83
CA LEU A 118 -2.24 -12.17 42.77
C LEU A 118 -1.77 -10.73 42.95
N ARG A 119 -0.52 -10.46 42.60
CA ARG A 119 0.04 -9.12 42.72
C ARG A 119 -0.40 -8.22 41.57
N SER A 120 -0.57 -8.83 40.39
CA SER A 120 -1.00 -8.10 39.22
C SER A 120 -2.52 -8.00 39.14
N GLY A 121 -3.19 -9.11 39.45
CA GLY A 121 -4.64 -9.15 39.42
C GLY A 121 -5.26 -8.02 40.22
N TRP A 122 -4.62 -7.66 41.33
CA TRP A 122 -5.11 -6.58 42.18
C TRP A 122 -4.87 -5.22 41.52
N ASN A 123 -3.75 -5.10 40.83
CA ASN A 123 -3.40 -3.85 40.15
C ASN A 123 -4.41 -3.53 39.06
N VAL A 124 -5.01 -4.57 38.50
CA VAL A 124 -6.16 -4.38 37.61
C VAL A 124 -7.34 -3.86 38.41
N LEU A 125 -7.62 -4.49 39.55
CA LEU A 125 -8.80 -4.12 40.33
C LEU A 125 -8.64 -2.73 40.93
N ASP A 126 -7.42 -2.37 41.32
CA ASP A 126 -7.19 -1.09 41.96
C ASP A 126 -7.46 0.06 41.02
N PHE A 127 -7.14 -0.10 39.74
CA PHE A 127 -7.18 1.06 38.85
C PHE A 127 -8.61 1.36 38.42
N ILE A 128 -9.45 0.33 38.32
CA ILE A 128 -10.80 0.56 37.82
C ILE A 128 -11.64 1.28 38.87
N ILE A 129 -11.37 1.01 40.15
CA ILE A 129 -12.03 1.73 41.24
C ILE A 129 -11.61 3.19 41.22
N VAL A 130 -10.32 3.44 40.96
CA VAL A 130 -9.82 4.80 40.77
C VAL A 130 -10.50 5.46 39.58
N PHE A 131 -10.78 4.67 38.54
CA PHE A 131 -11.43 5.22 37.35
C PHE A 131 -12.84 5.67 37.67
N LEU A 132 -13.53 4.97 38.56
CA LEU A 132 -14.83 5.43 39.05
C LEU A 132 -14.70 6.73 39.81
N GLY A 133 -13.67 6.83 40.67
CA GLY A 133 -13.54 7.99 41.52
C GLY A 133 -13.26 9.26 40.75
N VAL A 134 -12.53 9.14 39.65
CA VAL A 134 -12.28 10.30 38.80
C VAL A 134 -13.51 10.60 37.94
N PHE A 135 -14.21 9.55 37.49
CA PHE A 135 -15.32 9.74 36.56
C PHE A 135 -16.53 10.35 37.26
N THR A 136 -16.66 10.10 38.56
CA THR A 136 -17.83 10.64 39.27
C THR A 136 -17.52 11.91 40.05
N ALA A 137 -16.25 12.18 40.35
CA ALA A 137 -15.94 13.45 40.99
C ALA A 137 -16.06 14.61 40.02
N ILE A 138 -15.79 14.36 38.74
CA ILE A 138 -15.88 15.42 37.74
C ILE A 138 -17.33 15.62 37.31
N LEU A 139 -18.14 14.57 37.38
CA LEU A 139 -19.54 14.61 36.97
C LEU A 139 -20.43 15.49 37.85
N VAL A 161 -8.03 11.03 32.37
CA VAL A 161 -9.29 10.33 32.51
C VAL A 161 -9.45 9.36 31.35
N LYS A 162 -9.06 9.83 30.17
CA LYS A 162 -9.16 9.06 28.95
C LYS A 162 -8.15 7.93 28.99
N ALA A 163 -6.91 8.27 29.30
CA ALA A 163 -5.89 7.24 29.46
C ALA A 163 -6.20 6.34 30.64
N LEU A 164 -7.02 6.83 31.56
CA LEU A 164 -7.52 6.02 32.66
C LEU A 164 -8.54 4.99 32.20
N ARG A 165 -8.97 5.09 30.94
CA ARG A 165 -9.91 4.14 30.37
C ARG A 165 -9.26 3.01 29.57
N ALA A 166 -7.97 3.13 29.26
CA ALA A 166 -7.31 2.11 28.47
C ALA A 166 -6.46 1.19 29.31
N PHE A 167 -6.37 1.43 30.60
CA PHE A 167 -5.69 0.44 31.44
C PHE A 167 -6.58 -0.75 31.72
N ARG A 168 -7.87 -0.63 31.44
CA ARG A 168 -8.85 -1.68 31.67
C ARG A 168 -8.82 -2.76 30.61
N VAL A 169 -7.89 -2.66 29.66
CA VAL A 169 -7.72 -3.66 28.63
C VAL A 169 -7.07 -4.91 29.18
N LEU A 170 -6.51 -4.84 30.38
CA LEU A 170 -5.65 -5.90 30.87
C LEU A 170 -6.44 -7.07 31.43
N ARG A 171 -7.76 -6.92 31.51
CA ARG A 171 -8.61 -7.93 32.14
C ARG A 171 -8.62 -9.32 31.50
N PRO A 172 -8.24 -9.55 30.23
CA PRO A 172 -7.96 -10.94 29.82
C PRO A 172 -6.81 -11.60 30.55
N LEU A 173 -5.89 -10.85 31.13
CA LEU A 173 -4.80 -11.49 31.85
C LEU A 173 -5.25 -12.07 33.19
N ARG A 174 -6.47 -11.80 33.60
CA ARG A 174 -7.03 -12.52 34.73
C ARG A 174 -7.24 -14.01 34.41
N LEU A 175 -7.36 -14.36 33.12
CA LEU A 175 -7.48 -15.76 32.72
C LEU A 175 -6.29 -16.59 33.17
N VAL A 176 -5.10 -16.01 33.13
CA VAL A 176 -3.89 -16.75 33.44
C VAL A 176 -3.87 -17.18 34.90
N SER A 177 -4.23 -16.26 35.79
CA SER A 177 -4.26 -16.57 37.21
C SER A 177 -5.33 -17.59 37.55
N GLY A 178 -6.39 -17.65 36.74
CA GLY A 178 -7.44 -18.60 37.00
C GLY A 178 -7.17 -19.96 36.38
N VAL A 179 -6.90 -19.97 35.08
CA VAL A 179 -6.79 -21.24 34.36
C VAL A 179 -5.51 -21.94 34.74
N PRO A 180 -5.55 -23.19 35.17
CA PRO A 180 -4.31 -23.92 35.44
C PRO A 180 -3.60 -24.30 34.15
N SER A 181 -2.32 -24.68 34.30
CA SER A 181 -1.37 -25.11 33.27
C SER A 181 -0.92 -24.01 32.33
N LEU A 182 -1.53 -22.83 32.38
CA LEU A 182 -1.01 -21.76 31.55
C LEU A 182 0.13 -21.06 32.25
N GLN A 183 0.20 -21.19 33.57
CA GLN A 183 1.24 -20.50 34.30
C GLN A 183 2.60 -21.11 34.02
N VAL A 184 2.60 -22.40 33.67
CA VAL A 184 3.79 -23.05 33.17
C VAL A 184 4.17 -22.50 31.81
N VAL A 185 3.18 -22.31 30.95
CA VAL A 185 3.44 -22.08 29.54
C VAL A 185 3.95 -20.66 29.31
N LEU A 186 3.55 -19.72 30.14
CA LEU A 186 4.21 -18.42 30.12
C LEU A 186 5.66 -18.53 30.59
N ASN A 187 5.92 -19.45 31.52
CA ASN A 187 7.28 -19.55 32.04
C ASN A 187 8.14 -20.40 31.12
N SER A 188 7.53 -21.03 30.12
CA SER A 188 8.27 -21.50 28.96
C SER A 188 8.90 -20.33 28.21
N ILE A 189 8.21 -19.21 28.19
CA ILE A 189 8.66 -18.07 27.40
C ILE A 189 9.70 -17.26 28.14
N PHE A 190 9.40 -16.86 29.37
CA PHE A 190 10.24 -15.86 30.03
C PHE A 190 11.57 -16.45 30.45
N LYS A 191 11.64 -17.77 30.57
CA LYS A 191 12.94 -18.42 30.72
C LYS A 191 13.53 -18.85 29.39
N ALA A 192 12.92 -18.44 28.27
CA ALA A 192 13.56 -18.64 26.98
C ALA A 192 14.10 -17.33 26.42
N MET A 193 13.53 -16.19 26.83
CA MET A 193 13.97 -14.92 26.27
C MET A 193 15.28 -14.47 26.88
N LEU A 194 15.59 -14.96 28.08
CA LEU A 194 16.81 -14.53 28.77
C LEU A 194 18.12 -14.92 28.10
N PRO A 195 18.22 -15.95 27.26
CA PRO A 195 19.42 -16.02 26.42
C PRO A 195 19.34 -15.18 25.16
N LEU A 196 18.82 -13.96 25.22
CA LEU A 196 18.78 -13.11 24.05
C LEU A 196 19.22 -11.69 24.33
N PHE A 197 19.48 -11.31 25.58
CA PHE A 197 19.97 -9.97 25.83
C PHE A 197 21.46 -9.84 25.58
N HIS A 198 22.12 -10.91 25.16
CA HIS A 198 23.40 -10.73 24.51
C HIS A 198 23.21 -10.57 23.01
N ILE A 199 22.00 -10.84 22.52
CA ILE A 199 21.73 -10.69 21.10
C ILE A 199 20.92 -9.44 20.85
N ALA A 200 20.00 -9.11 21.74
CA ALA A 200 19.23 -7.88 21.57
C ALA A 200 20.07 -6.66 21.89
N LEU A 201 21.13 -6.84 22.67
CA LEU A 201 22.01 -5.73 22.98
C LEU A 201 22.91 -5.41 21.79
N LEU A 202 22.95 -6.31 20.81
CA LEU A 202 23.70 -6.05 19.59
C LEU A 202 22.97 -5.05 18.69
N VAL A 203 21.73 -5.37 18.32
CA VAL A 203 20.96 -4.51 17.43
C VAL A 203 20.77 -3.12 18.02
N LEU A 204 20.50 -3.04 19.32
CA LEU A 204 20.41 -1.74 19.96
C LEU A 204 21.73 -1.00 19.87
N PHE A 205 22.85 -1.69 19.97
CA PHE A 205 24.10 -1.00 19.67
C PHE A 205 24.34 -0.90 18.18
N MET A 206 23.67 -1.72 17.38
CA MET A 206 23.90 -1.59 15.95
C MET A 206 23.01 -0.50 15.37
N VAL A 207 21.85 -0.25 15.99
CA VAL A 207 21.02 0.86 15.56
C VAL A 207 21.67 2.18 15.88
N ILE A 208 22.19 2.30 17.11
CA ILE A 208 22.88 3.52 17.56
C ILE A 208 24.08 3.82 16.67
N ILE A 209 24.74 2.78 16.18
CA ILE A 209 25.72 2.97 15.12
C ILE A 209 25.05 3.43 13.84
N TYR A 210 24.04 2.72 13.37
CA TYR A 210 23.52 3.07 12.06
C TYR A 210 22.56 4.24 12.10
N ALA A 211 22.19 4.73 13.27
CA ALA A 211 21.39 5.94 13.28
C ALA A 211 22.27 7.15 13.10
N ILE A 212 23.42 7.15 13.77
CA ILE A 212 24.27 8.33 13.79
C ILE A 212 24.97 8.51 12.46
N ILE A 213 25.30 7.41 11.79
CA ILE A 213 25.85 7.49 10.44
C ILE A 213 24.84 8.13 9.49
N GLY A 214 23.57 7.76 9.61
CA GLY A 214 22.56 8.37 8.79
C GLY A 214 22.37 9.82 9.14
N LEU A 215 22.46 10.17 10.41
CA LEU A 215 22.23 11.54 10.82
C LEU A 215 23.38 12.45 10.41
N GLU A 216 24.59 11.92 10.25
CA GLU A 216 25.69 12.74 9.77
C GLU A 216 25.62 12.95 8.27
N LEU A 217 25.42 11.87 7.53
CA LEU A 217 25.53 11.95 6.08
C LEU A 217 24.27 12.52 5.45
N PHE A 218 23.11 12.23 6.03
CA PHE A 218 21.85 12.51 5.38
C PHE A 218 21.06 13.60 6.07
N LYS A 219 21.73 14.47 6.83
CA LYS A 219 21.03 15.50 7.60
C LYS A 219 20.34 16.49 6.69
N GLY A 220 19.02 16.41 6.66
CA GLY A 220 18.22 17.41 5.99
C GLY A 220 18.32 17.42 4.50
N LYS A 221 18.52 16.28 3.86
CA LYS A 221 18.52 16.30 2.41
C LYS A 221 17.12 16.24 1.84
N MET A 222 16.15 15.78 2.63
CA MET A 222 14.83 15.42 2.13
C MET A 222 13.90 16.60 1.92
N HIS A 223 14.36 17.83 1.89
CA HIS A 223 13.40 18.92 2.00
C HIS A 223 13.02 19.56 0.68
N LYS A 224 13.75 19.34 -0.40
CA LYS A 224 13.44 20.10 -1.58
C LYS A 224 12.26 19.49 -2.32
N THR A 225 11.55 20.34 -3.04
CA THR A 225 10.20 20.05 -3.52
C THR A 225 10.14 19.56 -4.93
N CYS A 226 8.97 19.13 -5.35
CA CYS A 226 8.71 19.04 -6.77
C CYS A 226 7.43 19.78 -7.09
N TYR A 227 7.25 20.94 -6.45
CA TYR A 227 5.99 21.67 -6.59
C TYR A 227 5.80 22.20 -8.00
N TYR A 228 4.60 22.71 -8.24
CA TYR A 228 4.34 23.40 -9.50
C TYR A 228 4.95 24.78 -9.51
N ILE A 229 4.55 25.57 -10.51
CA ILE A 229 5.25 26.75 -10.98
C ILE A 229 5.41 27.82 -9.91
N GLY A 230 4.31 28.18 -9.25
CA GLY A 230 4.36 29.14 -8.18
C GLY A 230 3.37 28.80 -7.08
N THR A 231 2.69 27.68 -7.28
CA THR A 231 1.58 27.31 -6.41
C THR A 231 2.05 26.44 -5.26
N ASP A 232 1.09 25.80 -4.60
CA ASP A 232 1.42 24.92 -3.50
C ASP A 232 0.87 23.52 -3.65
N ILE A 233 1.05 22.92 -4.82
CA ILE A 233 0.68 21.54 -5.01
C ILE A 233 1.93 20.71 -5.25
N VAL A 234 2.00 19.55 -4.62
CA VAL A 234 3.04 18.60 -4.96
C VAL A 234 2.70 17.96 -6.30
N ALA A 235 3.71 17.70 -7.11
CA ALA A 235 3.46 17.16 -8.45
C ALA A 235 3.86 15.69 -8.51
N THR A 236 2.84 14.84 -8.60
CA THR A 236 3.06 13.41 -8.67
C THR A 236 2.38 12.85 -9.92
N VAL A 237 2.68 11.59 -10.23
CA VAL A 237 2.01 10.92 -11.34
C VAL A 237 1.17 9.71 -10.93
N GLU A 238 -0.03 9.99 -10.45
CA GLU A 238 -1.10 9.00 -10.28
C GLU A 238 -0.85 7.79 -9.37
N ASN A 239 0.38 7.34 -9.30
CA ASN A 239 0.71 6.14 -8.51
C ASN A 239 1.92 6.41 -7.65
N GLU A 240 2.74 7.34 -8.13
CA GLU A 240 3.98 7.69 -7.49
C GLU A 240 3.79 8.31 -6.12
N LYS A 241 4.62 7.88 -5.17
CA LYS A 241 4.71 8.56 -3.91
C LYS A 241 5.58 9.79 -4.15
N PRO A 242 5.11 10.96 -3.54
CA PRO A 242 5.89 12.16 -3.85
C PRO A 242 7.27 12.07 -3.26
N SER A 243 8.20 11.82 -4.14
CA SER A 243 9.60 11.66 -3.85
C SER A 243 10.26 13.04 -3.78
N PRO A 244 11.42 13.15 -3.16
CA PRO A 244 12.14 14.42 -3.18
C PRO A 244 12.63 14.77 -4.56
N CYS A 245 13.03 16.03 -4.70
CA CYS A 245 13.64 16.56 -5.91
C CYS A 245 14.71 17.57 -5.51
N ALA A 246 15.59 17.88 -6.44
CA ALA A 246 16.70 18.80 -6.19
C ALA A 246 16.98 19.59 -7.46
N ARG A 247 17.27 20.89 -7.32
CA ARG A 247 17.39 21.78 -8.47
C ARG A 247 18.82 22.05 -8.87
N THR A 248 19.79 21.51 -8.14
CA THR A 248 21.16 21.50 -8.62
C THR A 248 21.35 20.23 -9.44
N GLY A 249 22.59 19.89 -9.75
CA GLY A 249 22.88 18.67 -10.46
C GLY A 249 22.75 17.44 -9.59
N SER A 250 23.08 16.30 -10.20
CA SER A 250 23.40 15.03 -9.54
C SER A 250 22.24 14.37 -8.81
N GLY A 251 21.03 14.88 -8.92
CA GLY A 251 19.89 14.22 -8.30
C GLY A 251 18.73 14.05 -9.25
N ARG A 252 17.55 14.36 -8.77
CA ARG A 252 16.37 14.37 -9.61
C ARG A 252 16.46 15.41 -10.71
N PRO A 253 15.88 15.15 -11.86
CA PRO A 253 15.67 16.24 -12.82
C PRO A 253 14.43 17.05 -12.51
N CYS A 254 13.35 16.36 -12.13
CA CYS A 254 12.05 16.99 -11.95
C CYS A 254 11.43 17.36 -13.30
N THR A 255 11.40 16.42 -14.25
CA THR A 255 10.83 16.70 -15.55
C THR A 255 9.36 16.30 -15.60
N ILE A 256 8.54 17.01 -14.81
CA ILE A 256 7.10 16.80 -14.86
C ILE A 256 6.40 17.99 -15.53
N ASN A 257 7.09 18.67 -16.45
CA ASN A 257 6.52 19.58 -17.43
C ASN A 257 5.79 20.79 -16.84
N GLY A 258 6.51 21.73 -16.23
CA GLY A 258 5.82 22.80 -15.55
C GLY A 258 5.99 22.79 -14.05
N SER A 259 7.22 22.60 -13.59
CA SER A 259 7.48 22.51 -12.16
C SER A 259 8.83 23.13 -11.86
N GLU A 260 9.10 23.32 -10.59
CA GLU A 260 10.41 23.76 -10.16
C GLU A 260 10.60 23.37 -8.72
N CYS A 261 11.80 22.92 -8.40
CA CYS A 261 12.13 22.56 -7.03
C CYS A 261 12.26 23.82 -6.18
N ARG A 262 11.82 23.73 -4.94
CA ARG A 262 11.95 24.84 -4.01
C ARG A 262 12.06 24.26 -2.62
N GLY A 263 11.83 25.09 -1.61
CA GLY A 263 11.92 24.66 -0.24
C GLY A 263 10.56 24.37 0.34
N GLY A 264 10.56 23.75 1.52
CA GLY A 264 9.33 23.36 2.16
C GLY A 264 9.35 21.93 2.59
N TRP A 265 8.26 21.19 2.39
CA TRP A 265 8.21 19.81 2.82
C TRP A 265 7.36 18.94 1.91
N PRO A 266 7.94 18.37 0.87
CA PRO A 266 7.27 17.33 0.12
C PRO A 266 7.73 15.95 0.53
N GLY A 267 8.49 15.88 1.62
CA GLY A 267 9.29 14.73 1.97
C GLY A 267 8.41 13.62 2.46
N PRO A 268 9.02 12.54 2.91
CA PRO A 268 8.32 11.25 2.95
C PRO A 268 7.19 11.18 3.95
N ASN A 269 6.65 9.97 4.07
CA ASN A 269 5.24 9.66 3.93
C ASN A 269 4.33 10.84 4.27
N HIS A 270 4.44 11.35 5.47
CA HIS A 270 3.78 12.59 5.84
C HIS A 270 4.67 13.39 6.73
N GLY A 271 5.96 13.10 6.69
CA GLY A 271 6.85 13.73 7.62
C GLY A 271 7.57 12.79 8.53
N ILE A 272 7.51 11.50 8.23
CA ILE A 272 7.91 10.46 9.16
C ILE A 272 9.39 10.07 9.07
N THR A 273 9.99 10.17 7.89
CA THR A 273 11.34 9.68 7.76
C THR A 273 12.29 10.75 7.28
N HIS A 274 12.25 11.90 7.94
CA HIS A 274 13.39 12.78 7.97
C HIS A 274 14.62 11.98 8.39
N PHE A 275 15.74 12.30 7.80
CA PHE A 275 16.97 12.05 8.53
C PHE A 275 17.45 13.27 9.27
N ASP A 276 16.53 14.07 9.79
CA ASP A 276 16.86 15.02 10.84
C ASP A 276 16.92 14.27 12.16
N ASN A 277 17.34 14.95 13.23
CA ASN A 277 16.71 14.74 14.52
C ASN A 277 16.83 13.35 15.14
N PHE A 278 17.95 13.12 15.82
CA PHE A 278 18.31 11.82 16.37
C PHE A 278 17.10 10.96 16.60
N GLY A 279 16.16 11.45 17.39
CA GLY A 279 14.99 10.67 17.68
C GLY A 279 14.23 10.15 16.48
N PHE A 280 14.51 10.61 15.27
CA PHE A 280 13.85 10.06 14.11
C PHE A 280 14.69 9.12 13.29
N SER A 281 16.00 9.25 13.34
CA SER A 281 16.81 8.32 12.57
C SER A 281 16.81 6.95 13.21
N MET A 282 16.52 6.92 14.50
CA MET A 282 16.33 5.66 15.21
C MET A 282 15.08 4.95 14.72
N LEU A 283 14.15 5.70 14.14
CA LEU A 283 12.93 5.09 13.61
C LEU A 283 13.17 4.47 12.26
N THR A 284 13.76 5.21 11.34
CA THR A 284 13.81 4.77 9.96
C THR A 284 14.84 3.68 9.78
N VAL A 285 15.89 3.69 10.59
CA VAL A 285 16.76 2.53 10.67
C VAL A 285 15.98 1.32 11.17
N TYR A 286 15.10 1.52 12.14
CA TYR A 286 14.31 0.40 12.63
C TYR A 286 13.26 0.00 11.62
N GLN A 287 12.88 0.92 10.75
CA GLN A 287 11.97 0.54 9.69
C GLN A 287 12.69 -0.35 8.66
N CYS A 288 13.97 -0.11 8.44
CA CYS A 288 14.66 -0.84 7.39
C CYS A 288 15.15 -2.20 7.85
N ILE A 289 15.48 -2.36 9.13
CA ILE A 289 16.03 -3.62 9.61
C ILE A 289 15.01 -4.73 9.54
N THR A 290 13.76 -4.46 9.84
CA THR A 290 12.75 -5.49 9.76
C THR A 290 12.30 -5.75 8.34
N MET A 291 12.82 -5.01 7.36
CA MET A 291 12.73 -5.35 5.94
C MET A 291 11.31 -5.29 5.42
N GLU A 292 10.67 -4.14 5.59
CA GLU A 292 9.34 -3.91 5.01
C GLU A 292 9.18 -2.43 4.74
N GLY A 293 9.57 -1.99 3.54
CA GLY A 293 9.60 -0.58 3.27
C GLY A 293 10.97 0.03 3.37
N TRP A 294 12.03 -0.73 3.13
CA TRP A 294 13.34 -0.09 3.10
C TRP A 294 13.69 0.41 1.72
N THR A 295 13.17 -0.22 0.68
CA THR A 295 13.50 0.26 -0.66
C THR A 295 12.76 1.53 -0.97
N ASP A 296 11.71 1.84 -0.24
CA ASP A 296 11.16 3.17 -0.38
C ASP A 296 12.11 4.21 0.15
N VAL A 297 12.90 3.88 1.16
CA VAL A 297 13.81 4.87 1.73
C VAL A 297 14.97 5.10 0.78
N LEU A 298 15.47 4.03 0.18
CA LEU A 298 16.61 4.12 -0.72
C LEU A 298 16.27 4.91 -1.96
N TYR A 299 15.04 4.85 -2.41
CA TYR A 299 14.67 5.65 -3.57
C TYR A 299 14.48 7.09 -3.16
N TRP A 300 14.25 7.34 -1.88
CA TRP A 300 14.15 8.72 -1.43
C TRP A 300 15.54 9.32 -1.26
N VAL A 301 16.50 8.54 -0.80
CA VAL A 301 17.84 9.07 -0.67
C VAL A 301 18.49 9.24 -2.03
N ASN A 302 18.35 8.24 -2.92
CA ASN A 302 18.94 8.32 -4.25
C ASN A 302 18.34 9.43 -5.09
N ASP A 303 17.06 9.70 -4.91
CA ASP A 303 16.53 10.85 -5.62
C ASP A 303 16.94 12.16 -4.98
N ALA A 304 17.35 12.14 -3.72
CA ALA A 304 17.72 13.40 -3.08
C ALA A 304 19.18 13.74 -3.31
N ILE A 305 20.08 12.79 -3.08
CA ILE A 305 21.50 13.07 -3.19
C ILE A 305 21.96 12.72 -4.58
N GLY A 306 21.87 11.45 -4.89
CA GLY A 306 22.37 10.93 -6.13
C GLY A 306 22.71 9.49 -5.91
N ASN A 307 22.53 8.66 -6.92
CA ASN A 307 22.87 7.25 -6.76
C ASN A 307 24.37 7.04 -6.79
N GLU A 308 24.76 5.77 -6.75
CA GLU A 308 26.09 5.21 -6.52
C GLU A 308 26.84 5.75 -5.32
N TRP A 309 26.18 6.45 -4.41
CA TRP A 309 26.87 6.74 -3.18
C TRP A 309 25.99 6.77 -1.90
N PRO A 310 24.80 6.17 -1.82
CA PRO A 310 24.36 5.64 -0.53
C PRO A 310 24.10 4.15 -0.49
N TRP A 311 24.12 3.46 -1.63
CA TRP A 311 23.64 2.08 -1.65
C TRP A 311 24.58 1.17 -0.91
N ILE A 312 25.82 1.62 -0.72
CA ILE A 312 26.77 1.03 0.19
C ILE A 312 26.24 0.98 1.60
N TYR A 313 25.49 2.01 2.01
CA TYR A 313 25.04 2.08 3.39
C TYR A 313 23.91 1.09 3.66
N PHE A 314 22.88 1.09 2.81
CA PHE A 314 21.69 0.28 3.08
C PHE A 314 21.96 -1.20 2.90
N VAL A 315 22.89 -1.56 2.01
CA VAL A 315 23.16 -2.97 1.82
C VAL A 315 23.90 -3.55 3.01
N THR A 316 24.83 -2.78 3.57
CA THR A 316 25.52 -3.21 4.79
C THR A 316 24.60 -3.19 5.98
N LEU A 317 23.51 -2.44 5.90
CA LEU A 317 22.50 -2.51 6.94
C LEU A 317 21.78 -3.85 6.92
N ILE A 318 21.32 -4.24 5.74
CA ILE A 318 20.51 -5.44 5.63
C ILE A 318 21.36 -6.68 5.74
N LEU A 319 22.60 -6.65 5.26
CA LEU A 319 23.46 -7.81 5.44
C LEU A 319 23.92 -7.93 6.88
N LEU A 320 23.72 -6.88 7.69
CA LEU A 320 23.77 -7.08 9.13
C LEU A 320 22.38 -6.99 9.73
N GLY A 321 21.36 -6.92 8.88
CA GLY A 321 20.00 -7.12 9.35
C GLY A 321 19.47 -8.50 9.02
N SER A 322 20.01 -9.12 7.96
CA SER A 322 19.67 -10.49 7.63
C SER A 322 20.56 -11.45 8.36
N PHE A 323 21.78 -11.02 8.64
CA PHE A 323 22.65 -11.72 9.57
C PHE A 323 22.03 -11.83 10.95
N PHE A 324 21.20 -10.87 11.33
CA PHE A 324 20.85 -10.80 12.73
C PHE A 324 19.86 -11.89 13.15
N ILE A 325 19.04 -12.40 12.24
CA ILE A 325 18.22 -13.52 12.66
C ILE A 325 19.09 -14.76 12.76
N LEU A 326 20.17 -14.82 11.99
CA LEU A 326 21.09 -15.95 12.05
C LEU A 326 21.81 -16.02 13.38
N ASN A 327 21.93 -14.89 14.07
CA ASN A 327 22.16 -14.95 15.51
C ASN A 327 21.00 -15.62 16.19
N LEU A 328 19.79 -15.14 15.93
CA LEU A 328 18.73 -15.34 16.90
C LEU A 328 17.89 -16.56 16.56
N VAL A 329 17.95 -17.02 15.32
CA VAL A 329 17.42 -18.34 15.02
C VAL A 329 18.21 -19.38 15.78
N LEU A 330 19.53 -19.28 15.76
CA LEU A 330 20.32 -20.25 16.48
C LEU A 330 20.48 -19.87 17.94
N GLY A 331 20.26 -18.61 18.28
CA GLY A 331 20.33 -18.21 19.67
C GLY A 331 19.14 -18.74 20.43
N VAL A 332 18.00 -18.85 19.75
CA VAL A 332 16.83 -19.40 20.42
C VAL A 332 16.83 -20.91 20.30
N LEU A 333 17.58 -21.45 19.34
CA LEU A 333 17.58 -22.88 19.14
C LEU A 333 18.55 -23.55 20.11
N SER A 334 19.38 -22.73 20.74
CA SER A 334 20.38 -23.22 21.68
C SER A 334 19.73 -23.88 22.86
N GLY A 335 19.01 -23.09 23.65
CA GLY A 335 18.37 -23.62 24.84
C GLY A 335 17.29 -24.62 24.52
N GLU A 336 16.74 -24.53 23.31
CA GLU A 336 15.66 -25.41 22.90
C GLU A 336 16.15 -26.84 22.75
N PHE A 337 17.18 -27.00 21.93
CA PHE A 337 17.87 -28.27 21.78
C PHE A 337 18.42 -28.69 23.13
N THR A 338 18.90 -27.72 23.93
CA THR A 338 19.36 -28.05 25.26
C THR A 338 18.23 -28.61 26.10
N LYS A 339 17.09 -27.93 26.16
CA LYS A 339 15.97 -28.37 26.99
C LYS A 339 15.39 -29.70 26.53
N GLU A 340 15.52 -30.01 25.24
CA GLU A 340 15.06 -31.30 24.74
C GLU A 340 15.99 -32.42 25.19
N ARG A 341 17.26 -32.13 25.46
CA ARG A 341 18.15 -33.15 25.98
C ARG A 341 18.72 -32.82 27.35
N GLU A 342 18.26 -31.75 28.00
CA GLU A 342 18.64 -31.52 29.40
C GLU A 342 17.43 -31.27 30.29
N LYS A 343 16.23 -31.56 29.80
CA LYS A 343 15.13 -31.83 30.72
C LYS A 343 14.72 -33.28 30.58
N ALA A 344 14.37 -33.69 29.36
CA ALA A 344 13.76 -34.99 29.19
C ALA A 344 14.80 -36.11 29.16
N LYS A 345 15.99 -35.85 28.61
CA LYS A 345 17.05 -36.84 28.67
C LYS A 345 17.58 -36.98 30.08
N SER A 346 17.53 -35.90 30.86
CA SER A 346 17.77 -36.04 32.29
C SER A 346 16.61 -36.74 32.99
N ARG A 347 15.39 -36.69 32.42
CA ARG A 347 14.27 -37.45 32.96
C ARG A 347 14.15 -38.86 32.39
N GLY A 348 14.00 -38.99 31.08
CA GLY A 348 13.70 -40.27 30.50
C GLY A 348 12.22 -40.48 30.21
N THR A 349 11.49 -39.41 29.93
CA THR A 349 10.07 -39.55 29.62
C THR A 349 9.85 -40.15 28.25
N PHE A 350 10.86 -40.09 27.39
CA PHE A 350 10.72 -40.51 26.00
C PHE A 350 10.57 -42.02 25.91
N GLN A 351 11.29 -42.75 26.75
CA GLN A 351 11.12 -44.19 26.78
C GLN A 351 9.76 -44.58 27.33
N LYS A 352 9.23 -43.78 28.26
CA LYS A 352 7.88 -43.99 28.77
C LYS A 352 6.84 -43.74 27.69
N LEU A 353 7.08 -42.74 26.85
CA LEU A 353 6.09 -42.38 25.85
C LEU A 353 6.09 -43.34 24.68
N ARG A 354 7.27 -43.78 24.24
CA ARG A 354 7.34 -44.72 23.13
C ARG A 354 7.01 -46.14 23.57
N GLU A 355 7.12 -46.44 24.86
CA GLU A 355 6.64 -47.73 25.34
C GLU A 355 5.13 -47.85 25.18
N LYS A 356 4.40 -46.83 25.66
CA LYS A 356 2.95 -46.86 25.62
C LYS A 356 2.43 -46.87 24.19
N GLN A 357 3.15 -46.20 23.29
CA GLN A 357 2.85 -46.30 21.86
C GLN A 357 3.15 -47.70 21.35
N GLN A 358 4.21 -48.33 21.86
CA GLN A 358 4.54 -49.68 21.45
C GLN A 358 3.50 -50.67 21.95
N LEU A 359 2.97 -50.42 23.15
CA LEU A 359 1.86 -51.22 23.63
C LEU A 359 0.58 -50.91 22.86
N GLU A 360 0.44 -49.67 22.41
CA GLU A 360 -0.72 -49.26 21.62
C GLU A 360 -0.76 -49.99 20.29
N GLU A 361 0.42 -50.30 19.73
CA GLU A 361 0.45 -51.14 18.54
C GLU A 361 0.14 -52.59 18.89
N ASP A 362 0.48 -53.02 20.11
CA ASP A 362 0.18 -54.39 20.50
C ASP A 362 -1.29 -54.55 20.86
N LEU A 363 -1.89 -53.51 21.45
CA LEU A 363 -3.32 -53.54 21.71
C LEU A 363 -4.12 -53.60 20.42
N ARG A 364 -3.80 -52.70 19.48
CA ARG A 364 -4.51 -52.69 18.20
C ARG A 364 -4.15 -53.90 17.36
N GLY A 365 -2.94 -54.40 17.51
CA GLY A 365 -2.49 -55.52 16.71
C GLY A 365 -3.17 -56.83 17.06
N TYR A 366 -3.18 -57.15 18.36
CA TYR A 366 -3.65 -58.47 18.75
C TYR A 366 -5.15 -58.48 19.05
N MET A 367 -5.79 -57.31 19.20
CA MET A 367 -7.23 -57.30 19.35
C MET A 367 -7.91 -57.69 18.05
N SER A 368 -7.28 -57.34 16.92
CA SER A 368 -7.89 -57.61 15.62
C SER A 368 -7.94 -59.09 15.33
N TRP A 369 -7.04 -59.88 15.92
CA TRP A 369 -7.02 -61.31 15.64
C TRP A 369 -8.15 -61.98 16.39
N ILE A 370 -8.36 -61.57 17.63
CA ILE A 370 -9.56 -61.96 18.37
C ILE A 370 -10.79 -61.48 17.64
N THR A 371 -10.78 -60.24 17.16
CA THR A 371 -11.86 -59.70 16.35
C THR A 371 -12.08 -60.49 15.08
N GLN A 372 -11.00 -60.92 14.42
CA GLN A 372 -11.13 -61.73 13.22
C GLN A 372 -11.55 -63.15 13.53
N GLY A 373 -11.06 -63.74 14.62
CA GLY A 373 -11.18 -65.16 14.84
C GLY A 373 -12.54 -65.63 15.29
N GLU A 374 -13.12 -64.95 16.28
CA GLU A 374 -14.34 -65.45 16.91
C GLU A 374 -15.55 -65.29 16.02
N VAL A 375 -15.49 -64.41 15.02
CA VAL A 375 -16.60 -64.32 14.08
C VAL A 375 -16.46 -65.33 12.97
N MET A 376 -15.25 -65.54 12.47
CA MET A 376 -15.02 -66.57 11.46
C MET A 376 -14.99 -67.93 12.11
N ASN A 418 -17.41 -68.97 5.83
CA ASN A 418 -18.73 -69.59 5.77
C ASN A 418 -19.41 -69.07 4.51
N ARG A 419 -18.60 -68.95 3.46
CA ARG A 419 -18.99 -68.49 2.13
C ARG A 419 -17.83 -68.85 1.21
N VAL A 420 -18.14 -69.04 -0.08
CA VAL A 420 -17.07 -69.22 -1.06
C VAL A 420 -16.31 -67.92 -1.23
N PHE A 421 -16.93 -66.79 -0.88
CA PHE A 421 -16.29 -65.50 -0.70
C PHE A 421 -15.75 -65.42 0.72
N ARG A 422 -15.49 -64.18 1.19
CA ARG A 422 -14.95 -63.83 2.50
C ARG A 422 -13.46 -64.19 2.61
N TRP A 423 -12.92 -64.78 1.55
CA TRP A 423 -11.49 -64.82 1.31
C TRP A 423 -11.16 -64.12 0.00
N LYS A 424 -12.17 -63.83 -0.81
CA LYS A 424 -12.04 -62.98 -1.99
C LYS A 424 -11.79 -61.52 -1.64
N CYS A 425 -11.81 -61.20 -0.35
CA CYS A 425 -11.36 -59.96 0.25
C CYS A 425 -9.94 -59.61 -0.14
N HIS A 426 -8.99 -60.40 0.36
CA HIS A 426 -7.59 -60.06 0.23
C HIS A 426 -7.09 -60.54 -1.12
N ASP A 427 -7.92 -61.32 -1.79
CA ASP A 427 -7.77 -61.50 -3.23
C ASP A 427 -7.96 -60.21 -3.98
N LEU A 428 -8.93 -59.40 -3.57
CA LEU A 428 -9.18 -58.13 -4.24
C LEU A 428 -8.60 -56.94 -3.50
N VAL A 429 -8.95 -56.79 -2.21
CA VAL A 429 -8.72 -55.52 -1.51
C VAL A 429 -7.24 -55.25 -1.32
N LYS A 430 -6.51 -56.18 -0.72
CA LYS A 430 -5.09 -55.99 -0.51
C LYS A 430 -4.25 -56.22 -1.76
N SER A 431 -4.87 -56.56 -2.88
CA SER A 431 -4.11 -56.96 -4.06
C SER A 431 -3.40 -55.76 -4.69
N ARG A 432 -2.56 -56.07 -5.66
CA ARG A 432 -1.81 -55.02 -6.35
C ARG A 432 -2.63 -54.35 -7.43
N VAL A 433 -3.80 -54.90 -7.74
CA VAL A 433 -4.59 -54.32 -8.83
C VAL A 433 -5.31 -53.08 -8.35
N PHE A 434 -5.98 -53.15 -7.19
CA PHE A 434 -6.72 -52.01 -6.69
C PHE A 434 -5.80 -50.87 -6.28
N TYR A 435 -4.58 -51.19 -5.85
CA TYR A 435 -3.62 -50.15 -5.54
C TYR A 435 -3.19 -49.39 -6.77
N TRP A 436 -3.29 -49.99 -7.95
CA TRP A 436 -3.12 -49.26 -9.19
C TRP A 436 -4.42 -49.04 -9.94
N LEU A 437 -5.56 -49.07 -9.26
CA LEU A 437 -6.83 -48.84 -9.94
C LEU A 437 -7.67 -47.76 -9.26
N VAL A 438 -7.71 -47.76 -7.93
CA VAL A 438 -8.42 -46.71 -7.21
C VAL A 438 -7.70 -45.38 -7.36
N ILE A 439 -6.38 -45.42 -7.50
CA ILE A 439 -5.57 -44.22 -7.72
C ILE A 439 -5.97 -43.51 -9.01
N LEU A 440 -6.44 -44.28 -10.00
CA LEU A 440 -6.84 -43.68 -11.27
C LEU A 440 -8.08 -42.82 -11.10
N ILE A 441 -9.07 -43.32 -10.36
CA ILE A 441 -10.31 -42.60 -10.16
C ILE A 441 -10.09 -41.33 -9.35
N VAL A 442 -9.25 -41.43 -8.30
CA VAL A 442 -8.90 -40.27 -7.49
C VAL A 442 -8.18 -39.23 -8.34
N ALA A 443 -7.27 -39.68 -9.19
CA ALA A 443 -6.62 -38.75 -10.10
C ALA A 443 -7.59 -38.26 -11.17
N LEU A 444 -8.62 -39.04 -11.47
CA LEU A 444 -9.71 -38.48 -12.25
C LEU A 444 -10.63 -37.63 -11.39
N ASN A 445 -10.67 -37.90 -10.08
CA ASN A 445 -11.50 -37.05 -9.24
C ASN A 445 -10.75 -35.76 -8.90
N THR A 446 -9.46 -35.71 -9.19
CA THR A 446 -8.76 -34.43 -9.13
C THR A 446 -8.99 -33.63 -10.40
N LEU A 447 -8.80 -34.26 -11.56
CA LEU A 447 -9.02 -33.53 -12.81
C LEU A 447 -10.49 -33.42 -13.17
N SER A 448 -11.39 -33.83 -12.29
CA SER A 448 -12.77 -33.40 -12.34
C SER A 448 -12.93 -32.04 -11.69
N ILE A 449 -11.90 -31.53 -11.03
CA ILE A 449 -11.98 -30.31 -10.25
C ILE A 449 -11.03 -29.27 -10.81
N ALA A 450 -9.92 -29.73 -11.40
CA ALA A 450 -8.95 -28.86 -12.08
C ALA A 450 -9.41 -28.40 -13.45
N SER A 451 -10.69 -28.59 -13.72
CA SER A 451 -11.53 -27.72 -14.51
C SER A 451 -11.93 -26.55 -13.62
N GLU A 452 -13.14 -26.02 -13.81
CA GLU A 452 -13.67 -24.80 -13.19
C GLU A 452 -13.00 -23.53 -13.69
N HIS A 453 -13.27 -23.18 -14.94
CA HIS A 453 -13.24 -21.78 -15.33
C HIS A 453 -14.38 -21.06 -14.62
N HIS A 454 -14.39 -19.73 -14.69
CA HIS A 454 -15.62 -19.07 -14.28
C HIS A 454 -16.57 -18.91 -15.46
N ASN A 455 -16.19 -19.42 -16.63
CA ASN A 455 -17.09 -19.36 -17.78
C ASN A 455 -17.70 -20.75 -18.01
N GLN A 456 -16.84 -21.78 -18.18
CA GLN A 456 -17.21 -23.19 -18.33
C GLN A 456 -18.21 -23.40 -19.44
N PRO A 457 -17.78 -23.46 -20.71
CA PRO A 457 -18.68 -23.09 -21.82
C PRO A 457 -20.00 -23.83 -21.93
N LEU A 458 -19.99 -25.11 -22.24
CA LEU A 458 -21.22 -25.88 -22.05
C LEU A 458 -20.86 -27.30 -21.67
N TRP A 459 -19.66 -27.70 -22.06
CA TRP A 459 -19.16 -29.06 -21.88
C TRP A 459 -19.02 -29.38 -20.40
N LEU A 460 -18.19 -28.61 -19.70
CA LEU A 460 -17.81 -28.94 -18.34
C LEU A 460 -18.96 -28.72 -17.36
N THR A 461 -19.97 -27.95 -17.75
CA THR A 461 -21.15 -27.75 -16.92
C THR A 461 -21.87 -29.06 -16.67
N HIS A 462 -21.85 -29.97 -17.62
CA HIS A 462 -22.55 -31.23 -17.49
C HIS A 462 -21.59 -32.38 -17.25
N LEU A 463 -20.34 -32.25 -17.74
CA LEU A 463 -19.37 -33.30 -17.55
C LEU A 463 -18.93 -33.42 -16.11
N GLN A 464 -18.99 -32.32 -15.36
CA GLN A 464 -18.72 -32.47 -13.94
C GLN A 464 -19.92 -33.07 -13.24
N ASP A 465 -21.11 -32.88 -13.80
CA ASP A 465 -22.30 -33.42 -13.16
C ASP A 465 -22.41 -34.92 -13.41
N ILE A 466 -21.95 -35.39 -14.57
CA ILE A 466 -21.94 -36.83 -14.77
C ILE A 466 -20.82 -37.47 -13.98
N ALA A 467 -19.80 -36.70 -13.63
CA ALA A 467 -18.67 -37.25 -12.89
C ALA A 467 -19.07 -37.56 -11.46
N ASN A 468 -19.96 -36.74 -10.90
CA ASN A 468 -20.43 -37.01 -9.55
C ASN A 468 -21.32 -38.24 -9.53
N ARG A 469 -21.89 -38.61 -10.66
CA ARG A 469 -22.67 -39.84 -10.72
C ARG A 469 -21.77 -41.03 -10.98
N VAL A 470 -20.76 -40.87 -11.83
CA VAL A 470 -19.91 -41.98 -12.19
C VAL A 470 -18.89 -42.26 -11.10
N LEU A 471 -18.10 -41.24 -10.74
CA LEU A 471 -16.95 -41.49 -9.88
C LEU A 471 -17.37 -41.83 -8.47
N LEU A 472 -18.51 -41.30 -8.02
CA LEU A 472 -18.97 -41.64 -6.69
C LEU A 472 -19.49 -43.08 -6.63
N SER A 473 -19.97 -43.59 -7.76
CA SER A 473 -20.48 -44.95 -7.80
C SER A 473 -19.35 -45.95 -7.58
N LEU A 474 -18.31 -45.83 -8.40
CA LEU A 474 -17.15 -46.71 -8.28
C LEU A 474 -16.54 -46.61 -6.89
N PHE A 475 -16.41 -45.38 -6.39
CA PHE A 475 -15.87 -45.14 -5.06
C PHE A 475 -16.70 -45.87 -4.01
N THR A 476 -18.02 -45.89 -4.22
CA THR A 476 -18.92 -46.58 -3.30
C THR A 476 -18.68 -48.08 -3.34
N ILE A 477 -18.39 -48.60 -4.53
CA ILE A 477 -18.12 -50.02 -4.71
C ILE A 477 -16.93 -50.44 -3.85
N GLU A 478 -15.86 -49.66 -3.91
CA GLU A 478 -14.66 -50.02 -3.15
C GLU A 478 -14.81 -49.68 -1.68
N MET A 479 -15.90 -49.01 -1.31
CA MET A 479 -16.27 -48.97 0.09
C MET A 479 -16.99 -50.25 0.49
N LEU A 480 -18.04 -50.60 -0.25
CA LEU A 480 -18.92 -51.69 0.13
C LEU A 480 -18.24 -53.04 0.02
N LEU A 481 -17.23 -53.15 -0.84
CA LEU A 481 -16.41 -54.34 -0.82
C LEU A 481 -15.48 -54.35 0.38
N LYS A 482 -15.01 -53.16 0.76
CA LYS A 482 -14.15 -52.99 1.91
C LYS A 482 -14.93 -53.13 3.22
N MET A 483 -16.22 -52.85 3.18
CA MET A 483 -17.03 -52.95 4.40
C MET A 483 -17.29 -54.40 4.74
N TYR A 484 -17.92 -55.14 3.82
CA TYR A 484 -18.35 -56.52 4.07
C TYR A 484 -17.15 -57.44 4.14
N GLY A 485 -16.50 -57.62 3.01
CA GLY A 485 -15.40 -58.56 2.93
C GLY A 485 -14.10 -57.86 3.26
N LEU A 486 -14.00 -57.30 4.45
CA LEU A 486 -12.69 -57.10 5.04
C LEU A 486 -12.78 -57.50 6.50
N GLY A 487 -13.90 -57.18 7.12
CA GLY A 487 -14.04 -57.16 8.56
C GLY A 487 -14.55 -55.82 9.04
N LEU A 488 -15.72 -55.82 9.67
CA LEU A 488 -16.44 -54.58 9.91
C LEU A 488 -15.79 -53.77 11.03
N ARG A 489 -15.36 -54.44 12.09
CA ARG A 489 -14.79 -53.72 13.22
C ARG A 489 -13.39 -53.21 12.89
N GLN A 490 -12.61 -54.01 12.17
CA GLN A 490 -11.26 -53.58 11.79
C GLN A 490 -11.27 -52.50 10.72
N TYR A 491 -12.35 -52.40 9.95
CA TYR A 491 -12.45 -51.31 8.99
C TYR A 491 -12.68 -49.98 9.69
N PHE A 492 -13.23 -50.03 10.89
CA PHE A 492 -13.38 -48.82 11.66
C PHE A 492 -12.26 -48.68 12.68
N MET A 493 -11.28 -49.58 12.62
CA MET A 493 -10.10 -49.46 13.47
C MET A 493 -9.03 -48.59 12.85
N SER A 494 -8.94 -48.58 11.52
CA SER A 494 -8.02 -47.66 10.87
C SER A 494 -8.62 -46.27 10.84
N ILE A 495 -7.87 -45.28 11.34
CA ILE A 495 -8.29 -43.88 11.32
C ILE A 495 -8.47 -43.42 9.88
N PHE A 496 -7.64 -43.95 9.00
CA PHE A 496 -7.63 -43.51 7.61
C PHE A 496 -8.87 -44.03 6.90
N ASN A 497 -9.36 -45.20 7.30
CA ASN A 497 -10.64 -45.67 6.79
C ASN A 497 -11.81 -45.18 7.62
N ARG A 498 -11.56 -44.61 8.80
CA ARG A 498 -12.61 -43.86 9.48
C ARG A 498 -12.96 -42.61 8.72
N PHE A 499 -12.01 -42.09 7.95
CA PHE A 499 -12.27 -40.91 7.14
C PHE A 499 -13.07 -41.25 5.89
N ASP A 500 -12.95 -42.47 5.39
CA ASP A 500 -13.56 -42.80 4.11
C ASP A 500 -15.06 -42.93 4.21
N CYS A 501 -15.58 -43.27 5.38
CA CYS A 501 -17.03 -43.29 5.52
C CYS A 501 -17.58 -41.87 5.49
N PHE A 502 -16.84 -40.93 6.09
CA PHE A 502 -17.30 -39.55 6.15
C PHE A 502 -17.23 -38.87 4.79
N VAL A 503 -16.34 -39.34 3.92
CA VAL A 503 -16.40 -38.97 2.52
C VAL A 503 -17.65 -39.55 1.89
N VAL A 504 -17.84 -40.86 2.02
CA VAL A 504 -18.91 -41.51 1.29
C VAL A 504 -20.25 -41.25 1.97
N CYS A 505 -20.24 -40.80 3.23
CA CYS A 505 -21.44 -40.16 3.76
C CYS A 505 -21.70 -38.84 3.05
N SER A 506 -20.65 -38.03 2.90
CA SER A 506 -20.81 -36.72 2.26
C SER A 506 -20.97 -36.85 0.76
N GLY A 507 -20.64 -38.02 0.21
CA GLY A 507 -20.90 -38.24 -1.19
C GLY A 507 -22.38 -38.35 -1.49
N ILE A 508 -23.09 -39.14 -0.71
CA ILE A 508 -24.44 -39.53 -1.11
C ILE A 508 -25.48 -38.56 -0.58
N LEU A 509 -25.22 -37.97 0.59
CA LEU A 509 -26.27 -37.18 1.24
C LEU A 509 -26.38 -35.83 0.58
N GLU A 510 -25.27 -35.31 0.09
CA GLU A 510 -25.32 -34.20 -0.86
C GLU A 510 -26.04 -34.62 -2.13
N LEU A 511 -25.80 -35.84 -2.59
CA LEU A 511 -26.28 -36.27 -3.89
C LEU A 511 -27.79 -36.44 -3.90
N LEU A 512 -28.34 -36.98 -2.82
CA LEU A 512 -29.78 -37.19 -2.79
C LEU A 512 -30.53 -35.90 -2.50
N LEU A 513 -29.84 -34.87 -2.00
CA LEU A 513 -30.50 -33.60 -1.76
C LEU A 513 -30.77 -32.87 -3.07
N VAL A 514 -29.77 -32.85 -3.96
CA VAL A 514 -29.92 -32.07 -5.19
C VAL A 514 -30.82 -32.77 -6.18
N GLU A 515 -31.16 -34.04 -5.93
CA GLU A 515 -32.26 -34.65 -6.68
C GLU A 515 -33.58 -33.99 -6.33
N SER A 516 -33.70 -33.47 -5.11
CA SER A 516 -34.88 -32.68 -4.78
C SER A 516 -34.78 -31.28 -5.34
N GLY A 517 -33.74 -30.56 -4.96
CA GLY A 517 -33.56 -29.19 -5.46
C GLY A 517 -34.20 -28.08 -4.66
N ALA A 518 -35.20 -28.39 -3.83
CA ALA A 518 -36.00 -27.38 -3.16
C ALA A 518 -35.21 -26.70 -2.05
N MET A 519 -34.27 -25.84 -2.44
CA MET A 519 -33.25 -25.36 -1.52
C MET A 519 -32.60 -24.12 -2.10
N THR A 520 -31.87 -23.41 -1.24
CA THR A 520 -31.25 -22.16 -1.65
C THR A 520 -29.99 -22.43 -2.47
N PRO A 521 -29.68 -21.55 -3.43
CA PRO A 521 -28.40 -21.69 -4.16
C PRO A 521 -27.19 -21.34 -3.32
N LEU A 522 -27.38 -20.67 -2.18
CA LEU A 522 -26.36 -20.68 -1.14
C LEU A 522 -26.06 -22.09 -0.68
N GLY A 523 -27.12 -22.89 -0.48
CA GLY A 523 -26.93 -24.21 0.10
C GLY A 523 -26.22 -25.16 -0.83
N ILE A 524 -26.49 -25.06 -2.13
CA ILE A 524 -25.82 -25.93 -3.10
C ILE A 524 -24.41 -25.43 -3.34
N SER A 525 -24.12 -24.18 -2.98
CA SER A 525 -22.78 -23.66 -3.12
C SER A 525 -21.87 -24.21 -2.02
N VAL A 526 -22.44 -24.45 -0.85
CA VAL A 526 -21.67 -25.08 0.23
C VAL A 526 -21.39 -26.52 -0.12
N LEU A 527 -22.34 -27.20 -0.77
CA LEU A 527 -22.21 -28.61 -1.06
C LEU A 527 -21.09 -28.88 -2.06
N ARG A 528 -20.88 -27.96 -3.01
CA ARG A 528 -19.76 -28.10 -3.92
C ARG A 528 -18.43 -27.89 -3.20
N CYS A 529 -18.43 -27.19 -2.07
CA CYS A 529 -17.20 -27.09 -1.28
C CYS A 529 -16.94 -28.40 -0.54
N ILE A 530 -17.99 -29.16 -0.26
CA ILE A 530 -17.85 -30.41 0.45
C ILE A 530 -17.27 -31.47 -0.48
N ARG A 531 -17.44 -31.29 -1.79
CA ARG A 531 -16.85 -32.20 -2.77
C ARG A 531 -15.33 -32.18 -2.76
N LEU A 532 -14.73 -31.13 -2.19
CA LEU A 532 -13.29 -31.05 -2.06
C LEU A 532 -12.74 -31.86 -0.91
N LEU A 533 -13.60 -32.56 -0.17
CA LEU A 533 -13.08 -33.57 0.74
C LEU A 533 -12.48 -34.73 -0.02
N ARG A 534 -12.95 -34.97 -1.24
CA ARG A 534 -12.53 -36.14 -1.99
C ARG A 534 -11.10 -36.02 -2.51
N LEU A 535 -10.48 -34.85 -2.36
CA LEU A 535 -9.05 -34.74 -2.60
C LEU A 535 -8.24 -35.39 -1.48
N PHE A 536 -8.83 -35.56 -0.31
CA PHE A 536 -8.05 -36.04 0.82
C PHE A 536 -7.80 -37.54 0.79
N LYS A 537 -8.14 -38.17 -0.33
CA LYS A 537 -7.81 -39.58 -0.53
C LYS A 537 -6.31 -39.74 -0.75
N ILE A 538 -5.64 -38.65 -1.11
CA ILE A 538 -4.20 -38.68 -1.32
C ILE A 538 -3.48 -38.44 0.00
N THR A 539 -4.21 -37.94 1.00
CA THR A 539 -3.61 -37.82 2.32
C THR A 539 -3.44 -39.18 3.00
N LYS A 540 -4.21 -40.20 2.61
CA LYS A 540 -3.95 -41.52 3.14
C LYS A 540 -2.72 -42.16 2.51
N TYR A 541 -2.23 -41.59 1.42
CA TYR A 541 -0.93 -41.89 0.83
C TYR A 541 0.18 -41.23 1.61
N TRP A 542 1.32 -41.07 0.96
CA TRP A 542 2.54 -40.61 1.62
C TRP A 542 2.96 -41.44 2.83
N THR A 543 3.90 -42.39 2.68
CA THR A 543 4.45 -42.99 3.88
C THR A 543 5.09 -41.98 4.82
N SER A 544 5.59 -40.87 4.27
CA SER A 544 6.19 -39.81 5.07
C SER A 544 5.19 -39.19 6.04
N LEU A 545 3.90 -39.19 5.70
CA LEU A 545 2.89 -38.58 6.55
C LEU A 545 2.69 -39.38 7.84
N SER A 546 3.05 -40.67 7.81
CA SER A 546 2.74 -41.56 8.93
C SER A 546 3.53 -41.21 10.18
N ASN A 547 4.56 -40.37 10.04
CA ASN A 547 5.11 -39.69 11.20
C ASN A 547 4.66 -38.23 11.25
N LEU A 548 4.28 -37.67 10.11
CA LEU A 548 3.76 -36.30 10.12
C LEU A 548 2.36 -36.25 10.71
N VAL A 549 1.63 -37.37 10.67
CA VAL A 549 0.43 -37.48 11.49
C VAL A 549 0.81 -37.45 12.96
N ALA A 550 1.87 -38.16 13.32
CA ALA A 550 2.33 -38.15 14.70
C ALA A 550 2.96 -36.81 15.06
N SER A 551 3.35 -36.01 14.06
CA SER A 551 3.76 -34.63 14.32
C SER A 551 2.63 -33.83 14.92
N LEU A 552 1.42 -34.08 14.48
CA LEU A 552 0.28 -33.36 15.01
C LEU A 552 -0.18 -33.97 16.33
N LEU A 553 -0.47 -35.28 16.31
CA LEU A 553 -1.21 -35.91 17.41
C LEU A 553 -0.38 -36.02 18.70
N ASN A 554 0.93 -35.81 18.61
CA ASN A 554 1.70 -35.63 19.84
C ASN A 554 1.31 -34.32 20.52
N SER A 555 1.16 -33.26 19.74
CA SER A 555 1.32 -31.92 20.29
C SER A 555 -0.01 -31.25 20.59
N ILE A 556 -1.14 -31.94 20.37
CA ILE A 556 -2.45 -31.33 20.56
C ILE A 556 -2.67 -30.95 22.02
N ARG A 557 -2.05 -31.68 22.94
CA ARG A 557 -2.03 -31.22 24.32
C ARG A 557 -1.21 -29.94 24.47
N SER A 558 -0.18 -29.75 23.65
CA SER A 558 0.70 -28.60 23.81
C SER A 558 0.24 -27.41 22.99
N ILE A 559 0.13 -27.56 21.67
CA ILE A 559 0.02 -26.39 20.81
C ILE A 559 -1.35 -25.75 20.90
N ALA A 560 -2.38 -26.52 21.26
CA ALA A 560 -3.69 -25.93 21.51
C ALA A 560 -3.66 -25.11 22.79
N SER A 561 -2.77 -25.45 23.72
CA SER A 561 -2.52 -24.55 24.84
C SER A 561 -1.57 -23.44 24.43
N LEU A 562 -0.79 -23.68 23.38
CA LEU A 562 0.08 -22.64 22.87
C LEU A 562 -0.69 -21.63 22.03
N LEU A 563 -1.61 -22.11 21.20
CA LEU A 563 -2.38 -21.18 20.38
C LEU A 563 -3.54 -20.57 21.15
N LEU A 564 -3.84 -21.04 22.35
CA LEU A 564 -4.66 -20.24 23.24
C LEU A 564 -3.89 -19.02 23.70
N LEU A 565 -2.61 -19.20 24.02
CA LEU A 565 -1.82 -18.08 24.50
C LEU A 565 -1.54 -17.08 23.39
N LEU A 566 -1.37 -17.56 22.16
CA LEU A 566 -1.17 -16.67 21.04
C LEU A 566 -2.42 -15.84 20.76
N PHE A 567 -3.58 -16.50 20.71
CA PHE A 567 -4.84 -15.79 20.46
C PHE A 567 -5.19 -14.88 21.61
N LEU A 568 -4.63 -15.13 22.78
CA LEU A 568 -4.74 -14.18 23.87
C LEU A 568 -3.94 -12.91 23.57
N PHE A 569 -2.68 -13.12 23.20
CA PHE A 569 -1.78 -12.01 22.91
C PHE A 569 -2.29 -11.12 21.78
N ILE A 570 -3.10 -11.67 20.88
CA ILE A 570 -3.66 -10.82 19.84
C ILE A 570 -4.82 -10.03 20.39
N ILE A 571 -5.68 -10.66 21.19
CA ILE A 571 -6.86 -9.98 21.69
C ILE A 571 -6.48 -8.96 22.76
N ILE A 572 -5.33 -9.11 23.38
CA ILE A 572 -4.83 -8.05 24.24
C ILE A 572 -4.47 -6.83 23.42
N PHE A 573 -3.75 -7.02 22.33
CA PHE A 573 -3.30 -5.88 21.56
C PHE A 573 -4.36 -5.35 20.62
N ALA A 574 -5.38 -6.14 20.33
CA ALA A 574 -6.44 -5.62 19.48
C ALA A 574 -7.32 -4.66 20.26
N LEU A 575 -7.70 -5.05 21.47
CA LEU A 575 -8.57 -4.20 22.28
C LEU A 575 -7.83 -2.98 22.78
N LEU A 576 -6.52 -3.09 22.95
CA LEU A 576 -5.72 -1.91 23.20
C LEU A 576 -5.74 -0.99 22.00
N GLY A 577 -5.76 -1.57 20.80
CA GLY A 577 -5.77 -0.76 19.60
C GLY A 577 -7.08 -0.03 19.42
N MET A 578 -8.17 -0.65 19.81
CA MET A 578 -9.47 0.01 19.73
C MET A 578 -9.61 1.14 20.73
N GLN A 579 -8.71 1.26 21.70
CA GLN A 579 -8.76 2.37 22.63
C GLN A 579 -7.73 3.44 22.30
N LEU A 580 -6.54 3.07 21.88
CA LEU A 580 -5.54 4.06 21.51
C LEU A 580 -5.86 4.75 20.21
N PHE A 581 -6.55 4.09 19.30
CA PHE A 581 -6.79 4.62 17.97
C PHE A 581 -8.26 4.81 17.67
N GLY A 582 -9.13 4.12 18.41
CA GLY A 582 -10.55 4.41 18.52
C GLY A 582 -11.36 4.74 17.29
N GLY A 583 -10.88 4.36 16.13
CA GLY A 583 -11.44 4.91 14.92
C GLY A 583 -11.18 6.39 14.79
N ARG A 584 -10.01 6.86 15.19
CA ARG A 584 -9.67 8.26 14.95
C ARG A 584 -9.22 8.48 13.51
N TYR A 585 -9.25 7.46 12.67
CA TYR A 585 -8.85 7.57 11.28
C TYR A 585 -9.88 8.31 10.46
N ASP A 586 -9.99 9.61 10.67
CA ASP A 586 -10.96 10.39 9.94
C ASP A 586 -10.34 11.09 8.72
N PHE A 587 -9.38 11.97 8.98
CA PHE A 587 -8.46 12.57 7.98
C PHE A 587 -8.99 13.63 7.02
N GLU A 588 -10.25 13.46 6.63
CA GLU A 588 -10.95 14.26 5.61
C GLU A 588 -10.27 14.22 4.24
N ASP A 589 -10.06 13.06 3.65
CA ASP A 589 -9.47 13.01 2.32
C ASP A 589 -10.21 12.01 1.45
N THR A 590 -9.67 11.69 0.28
CA THR A 590 -10.36 10.73 -0.58
C THR A 590 -9.63 9.40 -0.67
N GLU A 591 -8.43 9.32 -0.08
CA GLU A 591 -7.66 8.09 -0.11
C GLU A 591 -8.21 7.08 0.89
N VAL A 592 -8.23 5.81 0.52
CA VAL A 592 -8.77 4.79 1.40
C VAL A 592 -7.68 4.26 2.34
N ARG A 593 -7.51 4.94 3.46
CA ARG A 593 -6.72 4.39 4.56
C ARG A 593 -7.62 3.33 5.18
N ARG A 594 -7.48 2.09 4.69
CA ARG A 594 -8.51 1.09 4.86
C ARG A 594 -8.23 0.15 6.01
N SER A 595 -7.00 0.04 6.46
CA SER A 595 -6.75 -0.80 7.64
C SER A 595 -6.99 -0.05 8.94
N ASN A 596 -8.19 0.52 9.08
CA ASN A 596 -8.58 1.23 10.29
C ASN A 596 -8.84 0.29 11.43
N PHE A 597 -9.02 0.81 12.62
CA PHE A 597 -9.37 -0.08 13.71
C PHE A 597 -10.83 0.11 14.09
N ASP A 598 -11.69 0.44 13.15
CA ASP A 598 -12.97 1.02 13.51
C ASP A 598 -14.04 -0.06 13.64
N ASN A 599 -13.72 -1.14 14.35
CA ASN A 599 -14.65 -2.22 14.65
C ASN A 599 -13.93 -3.15 15.61
N PHE A 600 -14.53 -4.24 16.06
CA PHE A 600 -13.62 -5.25 16.59
C PHE A 600 -12.97 -6.13 15.53
N PRO A 601 -13.70 -6.86 14.66
CA PRO A 601 -12.98 -7.81 13.81
C PRO A 601 -12.17 -7.14 12.71
N GLN A 602 -12.44 -5.87 12.44
CA GLN A 602 -11.53 -5.13 11.59
C GLN A 602 -10.19 -4.93 12.28
N ALA A 603 -10.22 -4.71 13.59
CA ALA A 603 -9.00 -4.52 14.37
C ALA A 603 -8.22 -5.82 14.49
N LEU A 604 -8.95 -6.94 14.54
CA LEU A 604 -8.32 -8.24 14.66
C LEU A 604 -7.50 -8.56 13.42
N ILE A 605 -8.07 -8.32 12.25
CA ILE A 605 -7.39 -8.57 10.99
C ILE A 605 -6.20 -7.63 10.81
N SER A 606 -6.40 -6.36 11.18
CA SER A 606 -5.35 -5.35 11.06
C SER A 606 -4.17 -5.70 11.97
N VAL A 607 -4.47 -6.11 13.19
CA VAL A 607 -3.44 -6.47 14.15
C VAL A 607 -2.59 -7.61 13.64
N PHE A 608 -3.23 -8.60 13.04
CA PHE A 608 -2.54 -9.76 12.49
C PHE A 608 -1.52 -9.34 11.44
N GLN A 609 -1.86 -8.32 10.67
CA GLN A 609 -0.99 -7.81 9.63
C GLN A 609 0.35 -7.37 10.20
N VAL A 610 0.34 -6.82 11.40
CA VAL A 610 1.58 -6.32 11.97
C VAL A 610 2.47 -7.47 12.37
N LEU A 611 1.87 -8.57 12.84
CA LEU A 611 2.64 -9.77 13.20
C LEU A 611 3.35 -10.38 12.02
N THR A 612 2.69 -10.42 10.86
CA THR A 612 3.36 -10.98 9.71
C THR A 612 4.34 -9.99 9.12
N GLY A 613 4.36 -8.77 9.63
CA GLY A 613 5.33 -7.80 9.20
C GLY A 613 5.08 -7.23 7.83
N GLU A 614 4.04 -7.65 7.16
CA GLU A 614 3.63 -7.04 5.91
C GLU A 614 3.07 -5.66 6.18
N ASP A 615 3.63 -4.67 5.51
CA ASP A 615 2.98 -3.38 5.24
C ASP A 615 2.74 -2.59 6.51
N TRP A 616 3.48 -2.88 7.57
CA TRP A 616 3.15 -2.19 8.81
C TRP A 616 3.65 -0.77 8.83
N ASN A 617 4.28 -0.30 7.76
CA ASN A 617 4.36 1.12 7.51
C ASN A 617 2.97 1.73 7.46
N SER A 618 2.14 1.28 6.52
CA SER A 618 0.87 1.96 6.29
C SER A 618 0.11 1.90 7.60
N VAL A 619 0.22 0.81 8.32
CA VAL A 619 -0.45 0.86 9.60
C VAL A 619 0.12 1.99 10.43
N MET A 620 1.45 2.08 10.52
CA MET A 620 2.06 2.93 11.54
C MET A 620 2.05 4.39 11.15
N TYR A 621 2.40 4.65 9.89
CA TYR A 621 2.33 5.98 9.33
C TYR A 621 0.96 6.59 9.55
N ASN A 622 -0.09 5.76 9.52
CA ASN A 622 -1.41 6.30 9.77
C ASN A 622 -1.64 6.48 11.24
N GLY A 623 -0.90 5.77 12.09
CA GLY A 623 -1.06 5.99 13.52
C GLY A 623 -0.53 7.34 13.93
N ILE A 624 0.65 7.69 13.43
CA ILE A 624 1.28 8.93 13.87
C ILE A 624 0.70 10.10 13.12
N MET A 625 0.14 9.85 11.94
CA MET A 625 -0.55 10.94 11.29
C MET A 625 -1.90 11.17 11.95
N ALA A 626 -2.43 10.17 12.64
CA ALA A 626 -3.72 10.36 13.27
C ALA A 626 -3.64 11.30 14.45
N TYR A 627 -2.54 11.27 15.20
CA TYR A 627 -2.59 12.03 16.44
C TYR A 627 -2.34 13.50 16.25
N GLY A 628 -1.14 13.94 15.92
CA GLY A 628 -1.17 15.27 15.34
C GLY A 628 -0.29 15.42 14.16
N GLY A 629 0.86 14.82 14.27
CA GLY A 629 1.96 15.05 13.39
C GLY A 629 3.13 14.33 14.00
N PRO A 630 4.27 14.31 13.33
CA PRO A 630 5.51 13.94 14.00
C PRO A 630 5.87 15.02 15.01
N SER A 631 5.71 14.73 16.28
CA SER A 631 5.65 15.78 17.27
C SER A 631 6.34 15.30 18.53
N TYR A 632 6.16 16.01 19.63
CA TYR A 632 6.62 15.38 20.87
C TYR A 632 5.57 14.42 21.42
N PRO A 633 4.28 14.75 21.57
CA PRO A 633 3.39 13.75 22.16
C PRO A 633 2.98 12.68 21.19
N GLY A 634 2.77 13.06 19.93
CA GLY A 634 2.09 12.17 19.01
C GLY A 634 2.96 11.01 18.56
N VAL A 635 4.26 11.23 18.43
CA VAL A 635 5.09 10.22 17.83
C VAL A 635 5.42 9.12 18.83
N LEU A 636 5.11 9.33 20.11
CA LEU A 636 5.47 8.35 21.11
C LEU A 636 4.60 7.11 21.03
N VAL A 637 3.51 7.16 20.26
CA VAL A 637 2.66 6.00 20.06
C VAL A 637 3.24 5.09 18.97
N CYS A 638 4.41 5.43 18.45
CA CYS A 638 5.06 4.47 17.56
C CYS A 638 5.58 3.26 18.34
N ILE A 639 5.70 3.36 19.66
CA ILE A 639 6.16 2.19 20.40
C ILE A 639 5.04 1.22 20.65
N TYR A 640 3.80 1.58 20.34
CA TYR A 640 2.80 0.53 20.33
C TYR A 640 3.03 -0.42 19.18
N PHE A 641 3.55 0.07 18.07
CA PHE A 641 3.81 -0.77 16.93
C PHE A 641 5.20 -1.38 16.91
N ILE A 642 6.12 -0.90 17.75
CA ILE A 642 7.37 -1.62 17.92
C ILE A 642 7.16 -2.82 18.82
N ILE A 643 6.49 -2.58 19.95
CA ILE A 643 6.24 -3.62 20.93
C ILE A 643 5.28 -4.66 20.38
N LEU A 644 4.36 -4.24 19.51
CA LEU A 644 3.57 -5.22 18.81
C LEU A 644 4.41 -5.99 17.81
N PHE A 645 5.43 -5.36 17.26
CA PHE A 645 6.24 -6.15 16.35
C PHE A 645 7.38 -6.95 16.93
N VAL A 646 7.98 -6.51 18.02
CA VAL A 646 9.04 -7.30 18.64
C VAL A 646 8.45 -8.35 19.58
N CYS A 647 7.64 -7.91 20.55
CA CYS A 647 7.12 -8.86 21.53
C CYS A 647 6.18 -9.80 20.80
N GLY A 648 5.48 -9.30 19.80
CA GLY A 648 4.59 -10.16 19.08
C GLY A 648 5.32 -11.24 18.32
N ASN A 649 6.46 -10.89 17.72
CA ASN A 649 7.14 -11.84 16.85
C ASN A 649 7.80 -12.91 17.64
N TYR A 650 8.22 -12.59 18.86
CA TYR A 650 8.99 -13.53 19.64
C TYR A 650 8.14 -14.66 20.19
N ILE A 651 6.89 -14.38 20.55
CA ILE A 651 6.06 -15.46 21.06
C ILE A 651 5.62 -16.37 19.92
N LEU A 652 5.63 -15.81 18.71
CA LEU A 652 5.49 -16.60 17.50
C LEU A 652 6.71 -17.49 17.31
N LEU A 653 7.86 -17.09 17.85
CA LEU A 653 9.05 -17.89 17.73
C LEU A 653 9.08 -18.97 18.80
N ASN A 654 8.41 -18.76 19.92
CA ASN A 654 8.35 -19.84 20.90
C ASN A 654 7.34 -20.88 20.49
N VAL A 655 6.42 -20.52 19.60
CA VAL A 655 5.58 -21.51 18.94
C VAL A 655 6.43 -22.40 18.04
N PHE A 656 7.26 -21.77 17.24
CA PHE A 656 8.27 -22.49 16.48
C PHE A 656 9.01 -23.43 17.44
N LEU A 657 9.44 -22.89 18.57
CA LEU A 657 10.33 -23.64 19.45
C LEU A 657 9.80 -25.01 19.79
N ALA A 658 8.53 -25.09 20.19
CA ALA A 658 7.99 -26.35 20.67
C ALA A 658 7.75 -27.33 19.52
N ILE A 659 7.72 -26.83 18.30
CA ILE A 659 7.48 -27.71 17.16
C ILE A 659 8.75 -28.46 16.81
N ALA A 660 9.90 -27.82 17.00
CA ALA A 660 11.17 -28.47 16.70
C ALA A 660 11.45 -29.61 17.68
N VAL A 661 10.91 -29.52 18.89
CA VAL A 661 11.01 -30.64 19.83
C VAL A 661 10.20 -31.83 19.34
N ASP A 662 9.10 -31.55 18.63
CA ASP A 662 8.19 -32.61 18.20
C ASP A 662 8.80 -33.45 17.09
N ASN A 663 9.42 -32.80 16.10
CA ASN A 663 10.06 -33.58 15.05
C ASN A 663 11.32 -34.27 15.55
N LEU A 664 11.91 -33.78 16.64
CA LEU A 664 12.98 -34.54 17.28
C LEU A 664 12.43 -35.82 17.89
N ALA A 665 11.23 -35.77 18.45
CA ALA A 665 10.56 -37.00 18.83
C ALA A 665 10.10 -37.77 17.59
N GLU A 666 9.90 -37.08 16.45
CA GLU A 666 9.57 -37.80 15.23
C GLU A 666 10.83 -38.34 14.58
N ALA A 667 11.98 -37.76 14.89
CA ALA A 667 13.23 -38.35 14.43
C ALA A 667 13.45 -39.68 15.12
N GLU A 668 13.23 -39.73 16.44
CA GLU A 668 13.59 -40.92 17.20
C GLU A 668 12.62 -42.06 16.94
N SER A 669 11.35 -41.75 16.67
CA SER A 669 10.42 -42.79 16.28
C SER A 669 10.65 -43.24 14.84
N LEU A 670 11.43 -42.48 14.07
CA LEU A 670 11.78 -42.90 12.72
C LEU A 670 13.13 -43.61 12.69
N THR A 671 14.09 -43.10 13.44
CA THR A 671 15.43 -43.70 13.44
C THR A 671 15.42 -45.05 14.14
N SER A 672 14.81 -45.12 15.33
CA SER A 672 14.81 -46.36 16.09
C SER A 672 13.90 -47.41 15.48
N ALA A 673 12.92 -47.00 14.68
CA ALA A 673 12.17 -47.96 13.87
C ALA A 673 12.90 -48.58 12.69
N GLN A 674 13.88 -47.88 12.14
CA GLN A 674 14.82 -48.41 11.13
C GLN A 674 15.92 -49.26 11.73
N LYS A 675 16.15 -49.18 13.04
CA LYS A 675 16.90 -50.25 13.68
C LYS A 675 16.01 -51.50 13.77
N ALA A 676 14.86 -51.36 14.43
CA ALA A 676 14.08 -52.53 14.82
C ALA A 676 13.41 -53.21 13.63
N LYS A 677 13.19 -52.48 12.54
CA LYS A 677 12.64 -53.10 11.35
C LYS A 677 13.72 -53.86 10.59
N ALA A 678 14.97 -53.40 10.67
CA ALA A 678 16.07 -54.14 10.07
C ALA A 678 16.44 -55.35 10.91
N GLU A 679 16.27 -55.25 12.22
CA GLU A 679 16.68 -56.32 13.11
C GLU A 679 15.71 -57.47 13.10
N GLU A 680 14.48 -57.25 12.64
CA GLU A 680 13.55 -58.36 12.44
C GLU A 680 14.00 -59.23 11.28
N ARG A 681 14.46 -58.61 10.20
CA ARG A 681 15.00 -59.40 9.10
C ARG A 681 16.35 -59.99 9.46
N LYS A 682 17.05 -59.41 10.45
CA LYS A 682 18.21 -60.06 11.01
C LYS A 682 17.82 -61.37 11.70
N ARG A 683 16.63 -61.42 12.30
CA ARG A 683 16.10 -62.68 12.80
C ARG A 683 15.69 -63.58 11.65
N ARG A 684 15.19 -63.00 10.56
CA ARG A 684 14.94 -63.75 9.34
C ARG A 684 16.22 -64.00 8.54
N LYS A 685 17.33 -63.37 8.93
CA LYS A 685 18.66 -63.84 8.54
C LYS A 685 19.23 -64.84 9.53
N MET A 686 18.57 -65.06 10.66
CA MET A 686 19.01 -66.07 11.60
C MET A 686 17.93 -67.15 11.79
N VAL A 788 52.48 -36.75 -29.11
CA VAL A 788 52.82 -37.07 -27.73
C VAL A 788 51.70 -36.67 -26.78
N ARG A 789 50.62 -37.45 -26.77
CA ARG A 789 49.49 -37.17 -25.91
C ARG A 789 49.89 -37.16 -24.44
N VAL A 790 50.99 -37.85 -24.13
CA VAL A 790 51.48 -37.93 -22.77
C VAL A 790 51.89 -36.55 -22.25
N LEU A 791 52.34 -35.69 -23.16
CA LEU A 791 52.76 -34.34 -22.80
C LEU A 791 51.55 -33.46 -22.46
N CYS A 792 50.38 -33.77 -23.04
CA CYS A 792 49.18 -33.01 -22.73
C CYS A 792 48.66 -33.30 -21.34
N HIS A 793 49.07 -34.41 -20.74
CA HIS A 793 48.76 -34.62 -19.33
C HIS A 793 49.58 -33.70 -18.43
N ARG A 794 50.79 -33.33 -18.87
CA ARG A 794 51.54 -32.31 -18.13
C ARG A 794 50.91 -30.94 -18.29
N ILE A 795 50.14 -30.74 -19.36
CA ILE A 795 49.43 -29.49 -19.55
C ILE A 795 48.25 -29.39 -18.59
N VAL A 796 47.48 -30.47 -18.49
CA VAL A 796 46.29 -30.50 -17.66
C VAL A 796 46.57 -30.47 -16.16
N ASN A 797 47.84 -30.62 -15.77
CA ASN A 797 48.16 -30.64 -14.36
C ASN A 797 48.78 -29.34 -13.88
N ALA A 798 49.11 -28.43 -14.80
CA ALA A 798 50.03 -27.33 -14.50
C ALA A 798 49.33 -26.13 -13.84
N THR A 799 50.10 -25.45 -12.99
CA THR A 799 49.68 -24.16 -12.44
C THR A 799 49.92 -23.02 -13.42
N TRP A 800 50.62 -23.28 -14.52
CA TRP A 800 50.62 -22.33 -15.63
C TRP A 800 49.37 -22.49 -16.48
N PHE A 801 48.59 -23.54 -16.23
CA PHE A 801 47.31 -23.78 -16.87
C PHE A 801 46.14 -23.64 -15.90
N THR A 802 46.43 -23.72 -14.59
CA THR A 802 45.37 -23.76 -13.60
C THR A 802 44.67 -22.41 -13.45
N ASN A 803 45.44 -21.38 -13.09
CA ASN A 803 44.85 -20.05 -12.97
C ASN A 803 44.50 -19.48 -14.33
N PHE A 804 45.13 -19.98 -15.38
CA PHE A 804 44.98 -19.43 -16.72
C PHE A 804 43.59 -19.73 -17.29
N ILE A 805 42.96 -20.80 -16.81
CA ILE A 805 41.60 -21.06 -17.23
C ILE A 805 40.61 -20.50 -16.21
N LEU A 806 41.09 -20.14 -15.02
CA LEU A 806 40.24 -19.40 -14.10
C LEU A 806 39.98 -18.00 -14.61
N LEU A 807 41.03 -17.33 -15.07
CA LEU A 807 40.94 -15.91 -15.42
C LEU A 807 40.04 -15.71 -16.62
N PHE A 808 40.07 -16.64 -17.56
CA PHE A 808 39.22 -16.53 -18.73
C PHE A 808 37.81 -16.96 -18.43
N ILE A 809 37.59 -17.58 -17.28
CA ILE A 809 36.24 -17.54 -16.78
C ILE A 809 35.95 -16.17 -16.17
N LEU A 810 36.89 -15.65 -15.36
CA LEU A 810 36.67 -14.40 -14.67
C LEU A 810 36.71 -13.21 -15.63
N LEU A 811 37.30 -13.39 -16.81
CA LEU A 811 37.15 -12.37 -17.83
C LEU A 811 35.97 -12.64 -18.75
N SER A 812 35.57 -13.89 -18.90
CA SER A 812 34.34 -14.16 -19.63
C SER A 812 33.12 -13.75 -18.81
N SER A 813 33.26 -13.78 -17.49
CA SER A 813 32.21 -13.28 -16.61
C SER A 813 32.03 -11.78 -16.78
N ALA A 814 33.14 -11.04 -16.72
CA ALA A 814 33.08 -9.60 -16.79
C ALA A 814 32.65 -9.13 -18.16
N ALA A 815 32.96 -9.89 -19.20
CA ALA A 815 32.45 -9.56 -20.52
C ALA A 815 30.95 -9.74 -20.56
N LEU A 816 30.43 -10.73 -19.87
CA LEU A 816 28.99 -10.84 -19.76
C LEU A 816 28.44 -9.82 -18.77
N ALA A 817 29.28 -9.29 -17.89
CA ALA A 817 28.76 -8.40 -16.85
C ALA A 817 28.34 -7.07 -17.43
N ALA A 818 29.26 -6.29 -17.96
CA ALA A 818 28.93 -4.97 -18.44
C ALA A 818 28.60 -5.11 -19.91
N GLU A 819 27.36 -4.81 -20.28
CA GLU A 819 26.92 -4.91 -21.66
C GLU A 819 26.02 -3.72 -21.97
N ASP A 820 25.76 -3.56 -23.26
CA ASP A 820 24.93 -2.44 -23.73
C ASP A 820 23.45 -2.51 -23.40
N PRO A 821 22.84 -3.64 -23.05
CA PRO A 821 21.81 -4.32 -23.86
C PRO A 821 20.64 -3.52 -24.44
N ILE A 822 20.57 -2.21 -24.29
CA ILE A 822 19.75 -1.41 -25.17
C ILE A 822 20.56 -0.36 -25.94
N ARG A 823 21.32 -0.79 -26.94
CA ARG A 823 21.97 0.18 -27.80
C ARG A 823 21.84 -0.21 -29.26
N ALA A 824 22.00 -1.52 -29.49
CA ALA A 824 21.90 -2.27 -30.74
C ALA A 824 22.99 -1.96 -31.78
N GLU A 825 23.81 -0.93 -31.61
CA GLU A 825 24.95 -0.81 -32.52
C GLU A 825 26.21 -0.23 -31.88
N SER A 826 26.19 0.07 -30.58
CA SER A 826 27.16 0.99 -30.00
C SER A 826 28.55 0.39 -29.95
N VAL A 827 29.49 1.19 -29.47
CA VAL A 827 30.89 0.77 -29.45
C VAL A 827 31.11 -0.34 -28.42
N ARG A 828 30.26 -0.33 -27.40
CA ARG A 828 30.32 -1.34 -26.33
C ARG A 828 30.06 -2.73 -26.88
N ASN A 829 29.05 -2.85 -27.75
CA ASN A 829 28.74 -4.15 -28.33
C ASN A 829 29.92 -4.68 -29.11
N GLN A 830 30.67 -3.79 -29.76
CA GLN A 830 31.58 -4.23 -30.79
C GLN A 830 32.94 -4.58 -30.21
N ILE A 831 33.34 -3.87 -29.16
CA ILE A 831 34.56 -4.26 -28.45
C ILE A 831 34.33 -5.56 -27.71
N LEU A 832 33.21 -5.66 -27.03
CA LEU A 832 32.93 -6.84 -26.23
C LEU A 832 32.43 -7.99 -27.08
N GLY A 833 32.01 -7.71 -28.31
CA GLY A 833 31.77 -8.78 -29.25
C GLY A 833 33.07 -9.48 -29.65
N TYR A 834 34.16 -8.72 -29.69
CA TYR A 834 35.43 -9.27 -30.15
C TYR A 834 36.02 -10.20 -29.11
N PHE A 835 35.72 -9.95 -27.84
CA PHE A 835 36.35 -10.71 -26.76
C PHE A 835 35.79 -12.11 -26.67
N ASP A 836 34.48 -12.25 -26.71
CA ASP A 836 33.86 -13.53 -26.39
C ASP A 836 34.04 -14.54 -27.52
N ILE A 837 34.24 -14.05 -28.74
CA ILE A 837 34.70 -14.93 -29.82
C ILE A 837 36.12 -15.40 -29.53
N ALA A 838 36.96 -14.47 -29.06
CA ALA A 838 38.32 -14.84 -28.69
C ALA A 838 38.32 -15.60 -27.36
N PHE A 839 37.38 -15.30 -26.47
CA PHE A 839 37.32 -16.06 -25.23
C PHE A 839 36.76 -17.46 -25.45
N THR A 840 36.03 -17.64 -26.54
CA THR A 840 35.78 -18.99 -27.04
C THR A 840 37.08 -19.66 -27.47
N SER A 841 38.01 -18.89 -28.05
CA SER A 841 39.20 -19.47 -28.68
C SER A 841 40.16 -20.03 -27.64
N VAL A 842 40.33 -19.33 -26.52
CA VAL A 842 41.19 -19.87 -25.47
C VAL A 842 40.51 -21.05 -24.81
N PHE A 843 39.19 -20.95 -24.66
CA PHE A 843 38.38 -22.05 -24.15
C PHE A 843 38.41 -23.25 -25.08
N THR A 844 38.57 -23.00 -26.39
CA THR A 844 38.56 -24.09 -27.36
C THR A 844 39.78 -24.97 -27.20
N VAL A 845 40.94 -24.35 -26.97
CA VAL A 845 42.17 -25.13 -26.75
C VAL A 845 42.10 -25.83 -25.41
N GLU A 846 41.38 -25.25 -24.45
CA GLU A 846 41.09 -25.92 -23.19
C GLU A 846 40.23 -27.17 -23.41
N ILE A 847 39.36 -27.14 -24.42
CA ILE A 847 38.59 -28.33 -24.75
C ILE A 847 39.46 -29.36 -25.44
N VAL A 848 40.23 -28.94 -26.45
CA VAL A 848 40.99 -29.88 -27.27
C VAL A 848 42.12 -30.52 -26.49
N LEU A 849 42.84 -29.73 -25.69
CA LEU A 849 43.88 -30.29 -24.83
C LEU A 849 43.30 -31.18 -23.76
N LYS A 850 42.05 -30.95 -23.36
CA LYS A 850 41.37 -31.95 -22.55
C LYS A 850 40.98 -33.16 -23.40
N MET A 851 40.61 -32.91 -24.66
CA MET A 851 39.98 -33.96 -25.46
C MET A 851 40.96 -35.07 -25.83
N THR A 852 42.20 -34.71 -26.15
CA THR A 852 43.17 -35.74 -26.53
C THR A 852 43.67 -36.52 -25.32
N THR A 853 43.35 -36.07 -24.10
CA THR A 853 43.80 -36.81 -22.92
C THR A 853 43.09 -38.14 -22.79
N TYR A 854 41.76 -38.13 -22.77
CA TYR A 854 41.04 -39.36 -22.52
C TYR A 854 40.06 -39.59 -23.65
N GLY A 855 39.92 -40.85 -24.03
CA GLY A 855 39.17 -41.20 -25.21
C GLY A 855 37.71 -41.49 -24.93
N ALA A 856 37.33 -42.77 -25.07
CA ALA A 856 35.94 -43.16 -24.86
C ALA A 856 35.51 -42.99 -23.41
N PHE A 857 36.45 -43.16 -22.47
CA PHE A 857 36.10 -42.99 -21.06
C PHE A 857 36.35 -41.58 -20.54
N LEU A 858 36.35 -40.58 -21.41
CA LEU A 858 36.37 -39.18 -20.96
C LEU A 858 34.97 -38.71 -20.55
N HIS A 859 33.92 -39.26 -21.17
CA HIS A 859 32.57 -38.79 -20.92
C HIS A 859 31.91 -39.49 -19.74
N LYS A 860 32.68 -40.22 -18.93
CA LYS A 860 32.11 -40.82 -17.72
C LYS A 860 31.75 -39.77 -16.69
N GLY A 861 32.36 -38.59 -16.76
CA GLY A 861 31.91 -37.48 -15.94
C GLY A 861 30.79 -36.69 -16.59
N SER A 862 29.71 -36.44 -15.84
CA SER A 862 28.67 -35.53 -16.31
C SER A 862 29.20 -34.11 -16.38
N PHE A 863 30.17 -33.78 -15.53
CA PHE A 863 30.90 -32.54 -15.65
C PHE A 863 31.59 -32.45 -16.99
N CYS A 864 32.26 -33.53 -17.41
CA CYS A 864 32.95 -33.56 -18.69
C CYS A 864 31.98 -33.44 -19.85
N ARG A 865 30.76 -33.96 -19.67
CA ARG A 865 29.74 -33.80 -20.69
C ARG A 865 29.25 -32.35 -20.74
N ASN A 866 29.33 -31.64 -19.61
CA ASN A 866 28.89 -30.26 -19.57
C ASN A 866 29.91 -29.33 -20.19
N TYR A 867 31.17 -29.73 -20.16
CA TYR A 867 32.22 -28.85 -20.64
C TYR A 867 32.21 -28.79 -22.16
N PHE A 868 31.59 -29.80 -22.80
CA PHE A 868 31.71 -29.99 -24.23
C PHE A 868 30.57 -29.33 -24.98
N ASN A 869 29.35 -29.42 -24.42
CA ASN A 869 28.16 -28.95 -25.12
C ASN A 869 28.08 -27.42 -25.09
N ILE A 870 28.89 -26.78 -24.25
CA ILE A 870 28.97 -25.32 -24.26
C ILE A 870 29.67 -24.84 -25.51
N LEU A 871 30.78 -25.48 -25.87
CA LEU A 871 31.54 -25.04 -27.04
C LEU A 871 30.77 -25.33 -28.32
N ASP A 872 30.02 -26.42 -28.33
CA ASP A 872 29.20 -26.79 -29.48
C ASP A 872 28.17 -25.70 -29.74
N LEU A 873 27.53 -25.23 -28.68
CA LEU A 873 26.54 -24.15 -28.79
C LEU A 873 27.23 -22.85 -29.16
N LEU A 874 28.46 -22.68 -28.66
CA LEU A 874 29.25 -21.48 -28.96
C LEU A 874 29.51 -21.39 -30.46
N VAL A 875 29.93 -22.50 -31.05
CA VAL A 875 30.18 -22.56 -32.50
C VAL A 875 29.14 -21.75 -33.25
N VAL A 876 27.86 -22.10 -33.06
CA VAL A 876 26.80 -21.53 -33.86
C VAL A 876 26.43 -20.14 -33.33
N ALA A 877 26.83 -19.83 -32.09
CA ALA A 877 26.70 -18.48 -31.56
C ALA A 877 27.56 -17.50 -32.35
N VAL A 878 28.78 -17.91 -32.65
CA VAL A 878 29.71 -17.03 -33.34
C VAL A 878 29.47 -17.07 -34.85
N SER A 879 29.10 -18.24 -35.37
CA SER A 879 29.07 -18.45 -36.82
C SER A 879 27.92 -17.68 -37.48
N LEU A 880 26.75 -17.63 -36.84
CA LEU A 880 25.59 -17.03 -37.50
C LEU A 880 25.64 -15.51 -37.49
N ILE A 881 26.42 -14.91 -36.60
CA ILE A 881 26.59 -13.46 -36.63
C ILE A 881 27.52 -13.07 -37.79
N SER A 882 28.63 -13.79 -37.96
CA SER A 882 29.67 -13.36 -38.88
C SER A 882 29.31 -13.68 -40.33
N MET A 883 28.25 -14.43 -40.56
CA MET A 883 27.77 -14.72 -41.90
C MET A 883 26.26 -14.53 -42.08
N GLY A 884 25.61 -13.79 -41.20
CA GLY A 884 24.20 -13.46 -41.36
C GLY A 884 23.23 -14.62 -41.22
N VAL A 892 15.26 -17.48 -32.64
CA VAL A 892 15.64 -16.09 -32.37
C VAL A 892 17.05 -16.11 -31.83
N VAL A 893 17.88 -15.18 -32.29
CA VAL A 893 19.26 -15.19 -31.88
C VAL A 893 19.32 -14.48 -30.53
N LYS A 894 18.95 -15.20 -29.47
CA LYS A 894 19.11 -14.75 -28.09
C LYS A 894 19.72 -15.89 -27.29
N ILE A 895 19.29 -17.11 -27.64
CA ILE A 895 19.69 -18.33 -26.93
C ILE A 895 21.18 -18.57 -27.11
N LEU A 896 21.71 -18.12 -28.23
CA LEU A 896 23.15 -18.16 -28.45
C LEU A 896 23.89 -17.23 -27.49
N ARG A 897 23.21 -16.18 -27.02
CA ARG A 897 23.84 -15.26 -26.10
C ARG A 897 23.55 -15.58 -24.64
N VAL A 898 22.45 -16.26 -24.34
CA VAL A 898 22.11 -16.59 -22.95
C VAL A 898 23.11 -17.59 -22.38
N LEU A 899 23.47 -18.59 -23.17
CA LEU A 899 24.18 -19.75 -22.68
C LEU A 899 25.69 -19.53 -22.51
N ARG A 900 26.19 -18.31 -22.68
CA ARG A 900 27.59 -18.07 -22.37
C ARG A 900 27.85 -18.06 -20.88
N VAL A 901 26.83 -17.82 -20.06
CA VAL A 901 27.01 -17.76 -18.62
C VAL A 901 27.04 -19.16 -18.03
N LEU A 902 26.93 -20.18 -18.87
CA LEU A 902 27.11 -21.52 -18.36
C LEU A 902 28.59 -21.80 -18.10
N ARG A 903 29.49 -21.02 -18.71
CA ARG A 903 30.91 -21.19 -18.45
C ARG A 903 31.33 -20.88 -17.02
N PRO A 904 30.84 -19.83 -16.32
CA PRO A 904 31.27 -19.64 -14.92
C PRO A 904 30.76 -20.66 -13.93
N LEU A 905 30.00 -21.66 -14.36
CA LEU A 905 29.54 -22.69 -13.44
C LEU A 905 30.69 -23.55 -12.95
N ARG A 906 31.70 -23.77 -13.80
CA ARG A 906 32.67 -24.83 -13.53
C ARG A 906 33.80 -24.37 -12.63
N ALA A 907 33.67 -23.19 -12.03
CA ALA A 907 34.69 -22.65 -11.14
C ALA A 907 34.77 -23.44 -9.84
N ILE A 908 33.60 -23.82 -9.32
CA ILE A 908 33.54 -24.57 -8.07
C ILE A 908 33.86 -26.04 -8.31
N ASN A 909 34.86 -26.29 -9.16
CA ASN A 909 35.28 -27.65 -9.46
C ASN A 909 36.06 -28.29 -8.33
N ARG A 910 36.77 -27.46 -7.56
CA ARG A 910 37.56 -27.94 -6.44
C ARG A 910 36.90 -27.57 -5.11
N ALA A 911 35.72 -26.98 -5.19
CA ALA A 911 34.99 -26.57 -3.99
C ALA A 911 34.11 -27.69 -3.47
N LYS A 912 34.32 -28.03 -2.20
CA LYS A 912 33.58 -29.07 -1.49
C LYS A 912 32.44 -28.50 -0.69
N GLY A 913 32.15 -27.20 -0.87
CA GLY A 913 30.97 -26.61 -0.25
C GLY A 913 29.68 -27.17 -0.82
N LEU A 914 29.72 -27.67 -2.05
CA LEU A 914 28.67 -28.59 -2.48
C LEU A 914 28.85 -29.96 -1.84
N LYS A 915 30.10 -30.42 -1.74
CA LYS A 915 30.35 -31.79 -1.30
C LYS A 915 30.20 -31.98 0.19
N HIS A 916 30.24 -30.92 0.98
CA HIS A 916 29.91 -31.13 2.38
C HIS A 916 28.50 -30.68 2.71
N VAL A 917 28.23 -29.39 2.51
CA VAL A 917 27.09 -28.76 3.13
C VAL A 917 25.80 -29.14 2.42
N VAL A 918 25.69 -28.81 1.12
CA VAL A 918 24.46 -29.13 0.40
C VAL A 918 24.37 -30.62 0.11
N GLN A 919 25.49 -31.35 0.23
CA GLN A 919 25.41 -32.80 0.21
C GLN A 919 24.68 -33.34 1.43
N CYS A 920 24.82 -32.69 2.60
CA CYS A 920 23.99 -33.05 3.74
C CYS A 920 22.52 -32.78 3.47
N VAL A 921 22.22 -31.69 2.76
CA VAL A 921 20.85 -31.46 2.33
C VAL A 921 20.50 -32.39 1.20
N PHE A 922 21.48 -32.74 0.34
CA PHE A 922 21.24 -33.75 -0.68
C PHE A 922 20.99 -35.14 -0.09
N VAL A 923 21.33 -35.36 1.18
CA VAL A 923 20.77 -36.50 1.90
C VAL A 923 19.30 -36.27 2.17
N ALA A 924 18.96 -35.15 2.80
CA ALA A 924 17.57 -34.87 3.14
C ALA A 924 16.75 -34.32 1.98
N ILE A 925 17.31 -34.27 0.76
CA ILE A 925 16.55 -33.71 -0.34
C ILE A 925 15.49 -34.69 -0.83
N ARG A 926 15.61 -35.98 -0.48
CA ARG A 926 14.50 -36.87 -0.77
C ARG A 926 13.50 -36.91 0.39
N THR A 927 13.89 -36.39 1.56
CA THR A 927 12.90 -36.16 2.59
C THR A 927 12.15 -34.87 2.33
N ILE A 928 12.88 -33.81 1.96
CA ILE A 928 12.25 -32.53 1.66
C ILE A 928 11.68 -32.53 0.26
N GLY A 929 12.03 -33.51 -0.57
CA GLY A 929 11.31 -33.72 -1.82
C GLY A 929 9.88 -34.15 -1.57
N ASN A 930 9.64 -34.82 -0.44
CA ASN A 930 8.27 -35.04 -0.01
C ASN A 930 7.68 -33.77 0.60
N ILE A 931 8.45 -33.09 1.45
CA ILE A 931 7.94 -32.01 2.29
C ILE A 931 7.55 -30.81 1.44
N VAL A 932 8.37 -30.46 0.45
CA VAL A 932 7.97 -29.40 -0.48
C VAL A 932 6.76 -29.85 -1.28
N LEU A 933 6.74 -31.12 -1.68
CA LEU A 933 5.57 -31.62 -2.38
C LEU A 933 4.41 -31.91 -1.43
N VAL A 934 4.63 -31.82 -0.12
CA VAL A 934 3.50 -31.82 0.80
C VAL A 934 2.78 -30.49 0.75
N THR A 935 3.52 -29.40 0.93
CA THR A 935 2.90 -28.08 0.99
C THR A 935 2.30 -27.70 -0.36
N THR A 936 2.93 -28.18 -1.44
CA THR A 936 2.42 -27.91 -2.76
C THR A 936 1.12 -28.66 -3.00
N LEU A 937 0.91 -29.79 -2.32
CA LEU A 937 -0.43 -30.35 -2.30
C LEU A 937 -1.40 -29.47 -1.53
N LEU A 938 -0.94 -28.85 -0.45
CA LEU A 938 -1.86 -28.00 0.30
C LEU A 938 -1.98 -26.63 -0.33
N GLN A 939 -1.00 -26.22 -1.13
CA GLN A 939 -1.26 -25.08 -1.99
C GLN A 939 -2.14 -25.46 -3.15
N PHE A 940 -2.20 -26.75 -3.49
CA PHE A 940 -3.16 -27.16 -4.51
C PHE A 940 -4.56 -27.15 -3.95
N MET A 941 -4.76 -27.73 -2.78
CA MET A 941 -6.12 -28.03 -2.36
C MET A 941 -6.83 -26.77 -1.89
N PHE A 942 -6.10 -25.82 -1.34
CA PHE A 942 -6.75 -24.56 -1.00
C PHE A 942 -6.96 -23.69 -2.19
N ALA A 943 -6.24 -23.95 -3.29
CA ALA A 943 -6.58 -23.26 -4.52
C ALA A 943 -7.96 -23.68 -4.99
N CYS A 944 -8.27 -24.96 -4.87
CA CYS A 944 -9.58 -25.43 -5.30
C CYS A 944 -10.67 -24.96 -4.36
N ILE A 945 -10.36 -24.74 -3.10
CA ILE A 945 -11.34 -24.08 -2.24
C ILE A 945 -11.49 -22.62 -2.65
N GLY A 946 -10.40 -22.00 -3.10
CA GLY A 946 -10.49 -20.63 -3.56
C GLY A 946 -11.32 -20.49 -4.81
N VAL A 947 -11.16 -21.40 -5.76
CA VAL A 947 -11.87 -21.31 -7.02
C VAL A 947 -13.35 -21.60 -6.85
N GLN A 948 -13.71 -22.53 -5.99
CA GLN A 948 -15.12 -22.74 -5.68
C GLN A 948 -15.77 -21.55 -5.00
N LEU A 949 -15.01 -20.63 -4.43
CA LEU A 949 -15.60 -19.43 -3.83
C LEU A 949 -15.44 -18.19 -4.67
N PHE A 950 -14.28 -17.97 -5.27
CA PHE A 950 -13.96 -16.65 -5.80
C PHE A 950 -13.84 -16.66 -7.32
N LYS A 951 -14.61 -17.48 -8.02
CA LYS A 951 -14.71 -17.37 -9.47
C LYS A 951 -15.30 -16.03 -9.84
N GLY A 952 -14.92 -15.50 -11.00
CA GLY A 952 -15.63 -14.39 -11.61
C GLY A 952 -15.58 -13.06 -10.90
N LYS A 953 -15.22 -13.03 -9.63
CA LYS A 953 -15.16 -11.84 -8.82
C LYS A 953 -13.77 -11.26 -9.03
N PHE A 954 -13.36 -10.38 -8.13
CA PHE A 954 -12.11 -9.61 -8.24
C PHE A 954 -12.10 -8.78 -9.52
N PHE A 955 -13.25 -8.28 -9.93
CA PHE A 955 -13.42 -7.80 -11.29
C PHE A 955 -13.96 -6.39 -11.11
N SER A 956 -13.08 -5.39 -11.11
CA SER A 956 -13.52 -4.09 -10.59
C SER A 956 -13.43 -3.01 -11.65
N CYS A 957 -14.46 -2.18 -11.73
CA CYS A 957 -14.40 -1.05 -12.64
C CYS A 957 -13.52 0.05 -12.11
N ASN A 958 -13.16 0.95 -13.01
CA ASN A 958 -12.21 2.00 -12.69
C ASN A 958 -12.94 3.20 -12.14
N ASP A 959 -14.21 3.30 -12.47
CA ASP A 959 -15.18 4.23 -11.90
C ASP A 959 -15.96 3.46 -10.86
N LEU A 960 -15.73 3.75 -9.57
CA LEU A 960 -16.23 2.84 -8.55
C LEU A 960 -17.71 2.98 -8.24
N SER A 961 -18.54 3.05 -9.26
CA SER A 961 -19.95 3.17 -8.99
C SER A 961 -20.78 2.49 -10.07
N LYS A 962 -20.19 1.58 -10.83
CA LYS A 962 -20.95 1.07 -11.96
C LYS A 962 -21.18 -0.41 -11.91
N MET A 963 -20.14 -1.14 -11.53
CA MET A 963 -20.21 -2.54 -11.11
C MET A 963 -20.50 -3.52 -12.24
N THR A 964 -20.90 -3.12 -13.44
CA THR A 964 -21.37 -4.09 -14.41
C THR A 964 -20.83 -3.82 -15.81
N GLU A 965 -20.79 -4.89 -16.61
CA GLU A 965 -20.04 -4.90 -17.85
C GLU A 965 -20.57 -3.89 -18.85
N GLU A 966 -21.88 -3.92 -19.07
CA GLU A 966 -22.52 -3.00 -20.00
C GLU A 966 -22.43 -1.57 -19.52
N GLU A 967 -22.46 -1.34 -18.21
CA GLU A 967 -22.65 -0.01 -17.70
C GLU A 967 -21.34 0.68 -17.40
N CYS A 968 -20.22 0.16 -17.91
CA CYS A 968 -18.96 0.75 -17.51
C CYS A 968 -18.07 1.00 -18.72
N ARG A 969 -18.33 2.08 -19.45
CA ARG A 969 -17.46 2.57 -20.53
C ARG A 969 -17.64 4.08 -20.63
N GLY A 970 -16.99 4.70 -21.60
CA GLY A 970 -17.20 6.13 -21.81
C GLY A 970 -16.10 6.96 -21.21
N TYR A 971 -16.46 7.89 -20.33
CA TYR A 971 -15.48 8.66 -19.57
C TYR A 971 -16.05 8.98 -18.19
N TYR A 972 -15.21 9.49 -17.30
CA TYR A 972 -15.71 9.90 -16.00
C TYR A 972 -14.78 10.95 -15.40
N TYR A 973 -14.99 11.27 -14.13
CA TYR A 973 -14.28 12.39 -13.53
C TYR A 973 -13.39 11.94 -12.39
N VAL A 974 -12.09 12.06 -12.58
CA VAL A 974 -11.14 11.79 -11.51
C VAL A 974 -10.79 13.10 -10.87
N TYR A 975 -11.04 13.21 -9.58
CA TYR A 975 -10.70 14.40 -8.83
C TYR A 975 -9.35 14.19 -8.18
N LYS A 976 -8.35 14.94 -8.62
CA LYS A 976 -7.25 15.23 -7.72
C LYS A 976 -7.81 16.02 -6.58
N ASP A 977 -7.07 16.04 -5.47
CA ASP A 977 -7.56 16.01 -4.09
C ASP A 977 -8.88 16.72 -3.86
N GLY A 978 -9.77 16.09 -3.12
CA GLY A 978 -11.20 16.09 -3.31
C GLY A 978 -11.97 17.38 -3.51
N ASP A 979 -11.32 18.52 -3.67
CA ASP A 979 -11.96 19.71 -4.20
C ASP A 979 -12.76 19.36 -5.44
N PRO A 980 -14.03 19.63 -5.47
CA PRO A 980 -14.85 19.31 -6.63
C PRO A 980 -14.76 20.30 -7.78
N THR A 981 -13.73 21.14 -7.78
CA THR A 981 -13.37 21.90 -8.97
C THR A 981 -12.22 21.28 -9.74
N GLN A 982 -11.21 20.75 -9.07
CA GLN A 982 -10.06 20.16 -9.71
C GLN A 982 -10.42 18.82 -10.32
N MET A 983 -10.90 18.88 -11.56
CA MET A 983 -11.65 17.79 -12.12
C MET A 983 -11.08 17.34 -13.46
N GLU A 984 -10.72 16.07 -13.55
CA GLU A 984 -9.93 15.54 -14.66
C GLU A 984 -10.64 14.32 -15.24
N LEU A 985 -10.32 13.97 -16.50
CA LEU A 985 -11.00 12.88 -17.19
C LEU A 985 -10.07 11.69 -17.38
N ARG A 986 -10.69 10.52 -17.53
CA ARG A 986 -10.10 9.24 -17.82
C ARG A 986 -11.12 8.42 -18.61
N PRO A 987 -10.69 7.46 -19.40
CA PRO A 987 -11.64 6.45 -19.88
C PRO A 987 -11.80 5.40 -18.80
N ARG A 988 -12.96 4.75 -18.75
CA ARG A 988 -13.20 3.77 -17.71
C ARG A 988 -13.29 2.39 -18.34
N GLN A 989 -12.83 1.36 -17.62
CA GLN A 989 -12.82 0.00 -18.18
C GLN A 989 -12.61 -0.99 -17.05
N TRP A 990 -12.82 -2.28 -17.35
CA TRP A 990 -12.60 -3.29 -16.31
C TRP A 990 -11.14 -3.53 -16.04
N ILE A 991 -10.72 -3.24 -14.82
CA ILE A 991 -9.40 -3.63 -14.37
C ILE A 991 -9.55 -4.99 -13.73
N HIS A 992 -9.31 -6.03 -14.51
CA HIS A 992 -9.30 -7.41 -14.05
C HIS A 992 -8.09 -7.60 -13.13
N ASN A 993 -8.31 -7.86 -11.84
CA ASN A 993 -7.29 -7.45 -10.88
C ASN A 993 -6.09 -8.40 -10.73
N ASP A 994 -5.53 -8.85 -11.85
CA ASP A 994 -4.12 -9.20 -11.99
C ASP A 994 -3.56 -10.33 -11.13
N PHE A 995 -4.30 -10.82 -10.13
CA PHE A 995 -3.94 -12.00 -9.35
C PHE A 995 -5.20 -12.81 -9.10
N HIS A 996 -5.92 -13.02 -10.19
CA HIS A 996 -7.30 -13.45 -10.16
C HIS A 996 -7.48 -14.94 -9.91
N PHE A 997 -8.59 -15.28 -9.29
CA PHE A 997 -8.95 -16.66 -9.06
C PHE A 997 -9.96 -17.11 -10.12
N ASP A 998 -9.45 -17.56 -11.24
CA ASP A 998 -10.31 -18.27 -12.17
C ASP A 998 -9.88 -19.69 -12.36
N ASN A 999 -8.69 -19.90 -12.89
CA ASN A 999 -8.27 -21.25 -13.13
C ASN A 999 -7.30 -21.65 -12.04
N VAL A 1000 -7.24 -22.96 -11.77
CA VAL A 1000 -6.45 -23.46 -10.66
C VAL A 1000 -4.97 -23.28 -10.92
N LEU A 1001 -4.57 -23.21 -12.19
CA LEU A 1001 -3.25 -22.71 -12.52
C LEU A 1001 -3.07 -21.26 -12.10
N SER A 1002 -4.08 -20.43 -12.34
CA SER A 1002 -3.98 -19.02 -11.97
C SER A 1002 -4.12 -18.84 -10.47
N ALA A 1003 -4.72 -19.80 -9.79
CA ALA A 1003 -4.94 -19.66 -8.36
C ALA A 1003 -3.65 -19.86 -7.58
N MET A 1004 -2.86 -20.84 -7.99
CA MET A 1004 -1.67 -21.18 -7.22
C MET A 1004 -0.59 -20.13 -7.36
N MET A 1005 -0.66 -19.35 -8.43
CA MET A 1005 0.25 -18.23 -8.62
C MET A 1005 -0.13 -17.07 -7.70
N SER A 1006 -1.34 -17.13 -7.14
CA SER A 1006 -1.79 -16.08 -6.24
C SER A 1006 -1.75 -16.54 -4.79
N LEU A 1007 -1.96 -17.83 -4.54
CA LEU A 1007 -1.72 -18.31 -3.19
C LEU A 1007 -0.25 -18.33 -2.88
N PHE A 1008 0.58 -18.28 -3.91
CA PHE A 1008 2.01 -18.16 -3.70
C PHE A 1008 2.35 -16.80 -3.12
N THR A 1009 1.68 -15.74 -3.56
CA THR A 1009 2.03 -14.41 -3.06
C THR A 1009 1.63 -14.24 -1.61
N VAL A 1010 0.56 -14.92 -1.19
CA VAL A 1010 0.24 -14.88 0.23
C VAL A 1010 1.25 -15.69 1.00
N SER A 1011 1.77 -16.75 0.37
CA SER A 1011 2.73 -17.61 1.03
C SER A 1011 4.06 -16.95 1.23
N THR A 1012 4.37 -15.90 0.50
CA THR A 1012 5.58 -15.18 0.83
C THR A 1012 5.31 -14.00 1.72
N PHE A 1013 4.10 -13.88 2.24
CA PHE A 1013 3.63 -12.78 3.08
C PHE A 1013 3.86 -11.44 2.39
N GLU A 1014 3.27 -11.28 1.21
CA GLU A 1014 3.50 -10.09 0.43
C GLU A 1014 2.24 -9.68 -0.33
N GLY A 1015 1.71 -8.51 0.01
CA GLY A 1015 0.53 -8.00 -0.67
C GLY A 1015 -0.74 -8.76 -0.31
N TRP A 1016 -0.72 -9.44 0.83
CA TRP A 1016 -1.89 -10.19 1.27
C TRP A 1016 -2.94 -9.24 1.84
N PRO A 1017 -2.49 -7.96 2.18
CA PRO A 1017 -3.58 -7.05 2.59
C PRO A 1017 -4.19 -6.38 1.37
N GLN A 1018 -3.42 -6.30 0.29
CA GLN A 1018 -3.91 -5.77 -0.98
C GLN A 1018 -4.83 -6.80 -1.63
N LEU A 1019 -4.71 -8.04 -1.17
CA LEU A 1019 -5.53 -9.14 -1.68
C LEU A 1019 -6.71 -9.42 -0.76
N LEU A 1020 -6.50 -9.31 0.56
CA LEU A 1020 -7.59 -9.60 1.49
C LEU A 1020 -8.65 -8.52 1.46
N TYR A 1021 -8.23 -7.27 1.54
CA TYR A 1021 -9.16 -6.16 1.42
C TYR A 1021 -9.82 -6.12 0.06
N ARG A 1022 -9.15 -6.59 -0.97
CA ARG A 1022 -9.82 -6.82 -2.22
C ARG A 1022 -10.74 -8.03 -2.15
N ALA A 1023 -10.40 -9.02 -1.32
CA ALA A 1023 -11.16 -10.27 -1.30
C ALA A 1023 -12.47 -10.13 -0.57
N ILE A 1024 -12.50 -9.27 0.44
CA ILE A 1024 -13.72 -9.07 1.22
C ILE A 1024 -14.80 -8.47 0.35
N ASP A 1025 -14.43 -7.60 -0.56
CA ASP A 1025 -15.38 -6.85 -1.35
C ASP A 1025 -15.99 -7.62 -2.49
N SER A 1026 -15.90 -8.94 -2.48
CA SER A 1026 -16.49 -9.70 -3.57
C SER A 1026 -18.00 -9.64 -3.50
N ASN A 1027 -18.61 -9.63 -4.70
CA ASN A 1027 -20.06 -9.53 -4.82
C ASN A 1027 -20.49 -10.71 -5.66
N GLU A 1028 -21.70 -10.66 -6.22
CA GLU A 1028 -22.19 -11.70 -7.12
C GLU A 1028 -21.32 -11.87 -8.36
N GLU A 1029 -21.53 -12.99 -9.06
CA GLU A 1029 -20.63 -13.65 -10.02
C GLU A 1029 -19.83 -12.73 -10.92
N ASP A 1030 -20.47 -11.75 -11.51
CA ASP A 1030 -19.76 -10.79 -12.35
C ASP A 1030 -20.30 -9.41 -11.98
N MET A 1031 -19.77 -8.85 -10.90
CA MET A 1031 -20.22 -7.55 -10.42
C MET A 1031 -19.12 -6.89 -9.60
N GLY A 1032 -19.01 -5.57 -9.73
CA GLY A 1032 -17.98 -4.83 -9.05
C GLY A 1032 -18.08 -4.90 -7.55
N PRO A 1033 -17.10 -4.34 -6.87
CA PRO A 1033 -17.01 -4.51 -5.43
C PRO A 1033 -18.06 -3.72 -4.66
N VAL A 1034 -18.32 -4.18 -3.44
CA VAL A 1034 -19.17 -3.56 -2.44
C VAL A 1034 -18.29 -3.34 -1.22
N TYR A 1035 -18.54 -2.28 -0.44
CA TYR A 1035 -17.53 -1.73 0.47
C TYR A 1035 -17.11 -2.67 1.58
N ASN A 1036 -18.06 -3.28 2.28
CA ASN A 1036 -17.62 -4.19 3.32
C ASN A 1036 -18.57 -5.37 3.41
N ASN A 1037 -19.13 -5.75 2.27
CA ASN A 1037 -19.81 -7.03 2.13
C ASN A 1037 -18.88 -8.16 2.52
N ARG A 1038 -19.44 -9.23 3.09
CA ARG A 1038 -18.77 -10.53 3.28
C ARG A 1038 -17.47 -10.42 4.07
N VAL A 1039 -17.58 -10.07 5.35
CA VAL A 1039 -16.36 -9.90 6.12
C VAL A 1039 -15.80 -11.25 6.52
N GLU A 1040 -16.65 -12.27 6.48
CA GLU A 1040 -16.27 -13.61 6.92
C GLU A 1040 -15.22 -14.29 6.03
N MET A 1041 -14.95 -13.77 4.84
CA MET A 1041 -14.00 -14.43 3.98
C MET A 1041 -12.57 -14.22 4.45
N ALA A 1042 -12.38 -13.47 5.52
CA ALA A 1042 -11.03 -13.24 6.03
C ALA A 1042 -10.50 -14.45 6.78
N ILE A 1043 -11.40 -15.21 7.37
CA ILE A 1043 -11.01 -16.42 8.10
C ILE A 1043 -10.38 -17.43 7.17
N PHE A 1044 -10.61 -17.26 5.87
CA PHE A 1044 -10.04 -18.16 4.86
C PHE A 1044 -8.55 -17.91 4.71
N PHE A 1045 -8.15 -16.65 4.68
CA PHE A 1045 -6.74 -16.29 4.56
C PHE A 1045 -5.97 -16.49 5.84
N ILE A 1046 -6.62 -16.29 6.97
CA ILE A 1046 -5.89 -16.39 8.23
C ILE A 1046 -5.67 -17.85 8.58
N ILE A 1047 -6.65 -18.70 8.31
CA ILE A 1047 -6.41 -20.13 8.45
C ILE A 1047 -5.43 -20.61 7.40
N TYR A 1048 -5.52 -20.05 6.19
CA TYR A 1048 -4.54 -20.38 5.16
C TYR A 1048 -3.15 -19.94 5.53
N ILE A 1049 -3.04 -18.74 6.11
CA ILE A 1049 -1.76 -18.19 6.51
C ILE A 1049 -1.11 -19.05 7.58
N ILE A 1050 -1.75 -19.13 8.74
CA ILE A 1050 -1.23 -19.92 9.85
C ILE A 1050 -0.89 -21.34 9.41
N LEU A 1051 -1.64 -21.85 8.45
CA LEU A 1051 -1.42 -23.20 7.93
C LEU A 1051 -0.06 -23.32 7.28
N ILE A 1052 0.20 -22.48 6.29
CA ILE A 1052 1.48 -22.49 5.57
C ILE A 1052 2.61 -21.98 6.45
N ALA A 1053 2.29 -21.01 7.30
CA ALA A 1053 3.29 -20.43 8.20
C ALA A 1053 3.58 -21.39 9.32
N PHE A 1054 2.64 -22.28 9.62
CA PHE A 1054 2.97 -23.44 10.43
C PHE A 1054 3.87 -24.41 9.66
N PHE A 1055 3.51 -24.66 8.40
CA PHE A 1055 4.29 -25.55 7.54
C PHE A 1055 5.66 -24.96 7.26
N MET A 1056 5.74 -23.64 7.09
CA MET A 1056 7.03 -23.04 6.85
C MET A 1056 7.99 -23.50 7.92
N MET A 1057 7.61 -23.33 9.16
CA MET A 1057 8.50 -23.67 10.27
C MET A 1057 8.97 -25.11 10.17
N ASN A 1058 8.09 -25.98 9.67
CA ASN A 1058 8.41 -27.39 9.51
C ASN A 1058 9.59 -27.60 8.57
N ILE A 1059 9.53 -26.95 7.40
CA ILE A 1059 10.60 -27.05 6.42
C ILE A 1059 11.94 -26.71 7.05
N PHE A 1060 11.95 -25.75 7.96
CA PHE A 1060 13.15 -25.34 8.64
C PHE A 1060 13.56 -26.35 9.71
N VAL A 1061 12.57 -26.97 10.36
CA VAL A 1061 12.88 -27.90 11.43
C VAL A 1061 13.53 -29.16 10.88
N GLY A 1062 13.13 -29.58 9.68
CA GLY A 1062 13.71 -30.76 9.07
C GLY A 1062 15.20 -30.59 8.89
N PHE A 1063 15.64 -29.36 8.66
CA PHE A 1063 17.05 -29.10 8.44
C PHE A 1063 17.88 -29.32 9.69
N VAL A 1064 17.45 -28.76 10.82
CA VAL A 1064 18.30 -28.70 12.01
C VAL A 1064 18.52 -30.09 12.60
N ILE A 1065 17.49 -30.92 12.50
CA ILE A 1065 17.59 -32.31 12.93
C ILE A 1065 18.68 -33.05 12.15
N VAL A 1066 18.76 -32.77 10.85
CA VAL A 1066 19.76 -33.40 10.00
C VAL A 1066 21.15 -32.94 10.40
N THR A 1067 21.28 -31.71 10.86
CA THR A 1067 22.60 -31.14 11.08
C THR A 1067 23.27 -31.75 12.30
N PHE A 1068 22.51 -31.91 13.38
CA PHE A 1068 23.03 -32.52 14.59
C PHE A 1068 23.52 -33.92 14.27
N GLN A 1069 22.71 -34.65 13.53
CA GLN A 1069 22.99 -36.07 13.29
C GLN A 1069 24.12 -36.24 12.30
N GLU A 1070 24.60 -35.16 11.70
CA GLU A 1070 25.84 -35.25 10.95
C GLU A 1070 27.04 -35.16 11.87
N GLN A 1071 26.92 -34.43 12.98
CA GLN A 1071 28.03 -34.33 13.92
C GLN A 1071 28.19 -35.61 14.72
N GLY A 1072 27.08 -36.32 14.95
CA GLY A 1072 27.12 -37.54 15.75
C GLY A 1072 27.90 -38.66 15.13
N GLU A 1073 27.91 -38.74 13.80
CA GLU A 1073 28.48 -39.89 13.10
C GLU A 1073 29.99 -40.00 13.29
N THR A 1074 30.66 -38.89 13.60
CA THR A 1074 32.08 -38.95 13.93
C THR A 1074 32.29 -39.13 15.43
N GLU A 1075 31.27 -38.83 16.22
CA GLU A 1075 31.33 -38.92 17.67
C GLU A 1075 30.95 -40.30 18.20
N TYR A 1076 30.77 -41.30 17.34
CA TYR A 1076 30.31 -42.58 17.86
C TYR A 1076 31.47 -43.51 18.19
N LYS A 1077 32.69 -43.16 17.80
CA LYS A 1077 33.87 -43.82 18.36
C LYS A 1077 34.42 -43.02 19.52
N ASN A 1078 33.53 -42.60 20.43
CA ASN A 1078 33.84 -41.62 21.47
C ASN A 1078 34.83 -42.07 22.54
N CYS A 1079 34.44 -43.02 23.41
CA CYS A 1079 35.19 -43.45 24.60
C CYS A 1079 35.58 -42.27 25.51
N GLU A 1080 34.69 -41.30 25.65
CA GLU A 1080 35.04 -40.02 26.26
C GLU A 1080 33.80 -39.43 26.92
N LEU A 1081 33.89 -38.14 27.27
CA LEU A 1081 32.80 -37.42 27.94
C LEU A 1081 31.91 -36.64 26.98
N ASP A 1082 31.88 -37.00 25.69
CA ASP A 1082 31.07 -36.33 24.67
C ASP A 1082 31.42 -34.85 24.59
N LYS A 1083 32.63 -34.55 24.11
CA LYS A 1083 33.11 -33.21 23.76
C LYS A 1083 33.43 -32.34 24.97
N ASN A 1084 33.07 -32.80 26.17
CA ASN A 1084 33.56 -32.15 27.37
C ASN A 1084 35.02 -32.48 27.58
N GLN A 1085 35.36 -33.76 27.53
CA GLN A 1085 36.74 -34.19 27.64
C GLN A 1085 37.53 -33.80 26.41
N ARG A 1086 36.89 -33.81 25.24
CA ARG A 1086 37.56 -33.44 24.01
C ARG A 1086 37.95 -31.95 24.01
N GLN A 1087 37.15 -31.12 24.68
CA GLN A 1087 37.52 -29.74 24.93
C GLN A 1087 38.81 -29.67 25.73
N CYS A 1088 38.89 -30.47 26.78
CA CYS A 1088 40.05 -30.46 27.66
C CYS A 1088 41.27 -31.03 26.99
N VAL A 1089 41.07 -31.96 26.05
CA VAL A 1089 42.16 -32.37 25.16
C VAL A 1089 42.63 -31.19 24.34
N GLN A 1090 41.70 -30.38 23.85
CA GLN A 1090 42.08 -29.25 23.01
C GLN A 1090 42.81 -28.18 23.82
N TYR A 1091 42.40 -27.99 25.07
CA TYR A 1091 42.91 -26.90 25.89
C TYR A 1091 44.17 -27.24 26.67
N ALA A 1092 44.18 -28.37 27.36
CA ALA A 1092 45.28 -28.68 28.27
C ALA A 1092 46.55 -29.06 27.52
N LEU A 1093 46.40 -29.46 26.26
CA LEU A 1093 47.56 -29.70 25.41
C LEU A 1093 48.05 -28.42 24.76
N LYS A 1094 47.20 -27.84 23.93
CA LYS A 1094 47.62 -26.81 22.99
C LYS A 1094 48.02 -25.48 23.61
N ALA A 1095 47.21 -24.97 24.52
CA ALA A 1095 47.24 -23.56 24.89
C ALA A 1095 48.53 -23.19 25.62
N ARG A 1096 49.24 -22.24 25.04
CA ARG A 1096 50.52 -21.70 25.49
C ARG A 1096 50.23 -20.63 26.57
N PRO A 1097 51.24 -19.93 27.11
CA PRO A 1097 50.91 -18.74 27.93
C PRO A 1097 50.28 -17.58 27.20
N LEU A 1098 50.08 -16.49 27.93
CA LEU A 1098 49.57 -15.24 27.38
C LEU A 1098 50.78 -14.32 27.19
N ARG A 1099 50.55 -13.07 26.78
CA ARG A 1099 51.63 -12.21 26.30
C ARG A 1099 52.36 -11.42 27.38
N CYS A 1100 51.64 -10.77 28.31
CA CYS A 1100 52.18 -10.25 29.57
C CYS A 1100 53.42 -9.34 29.51
N TYR A 1101 53.26 -8.07 29.12
CA TYR A 1101 54.39 -7.13 29.00
C TYR A 1101 54.53 -6.23 30.23
N ILE A 1102 55.73 -6.17 30.79
CA ILE A 1102 56.10 -5.25 31.87
C ILE A 1102 57.43 -4.56 31.58
N PRO A 1103 57.52 -3.24 31.69
CA PRO A 1103 58.75 -2.53 31.32
C PRO A 1103 59.77 -2.35 32.45
N LYS A 1104 60.81 -1.56 32.15
CA LYS A 1104 61.85 -1.03 33.01
C LYS A 1104 61.88 0.50 32.75
N ASN A 1105 63.01 1.13 33.11
CA ASN A 1105 63.17 2.57 33.03
C ASN A 1105 62.02 3.21 33.77
N PRO A 1106 62.21 3.53 35.05
CA PRO A 1106 61.01 3.78 35.86
C PRO A 1106 60.22 5.06 35.61
N TYR A 1107 60.76 5.98 34.80
CA TYR A 1107 59.88 6.96 34.16
C TYR A 1107 58.84 6.24 33.32
N GLN A 1108 59.26 5.24 32.55
CA GLN A 1108 58.36 4.48 31.70
C GLN A 1108 57.43 3.61 32.54
N TYR A 1109 57.89 3.18 33.73
CA TYR A 1109 57.02 2.36 34.56
C TYR A 1109 55.89 3.18 35.15
N GLN A 1110 56.13 4.46 35.39
CA GLN A 1110 55.13 5.28 36.06
C GLN A 1110 53.96 5.57 35.13
N VAL A 1111 54.23 5.59 33.83
CA VAL A 1111 53.15 5.55 32.85
C VAL A 1111 52.42 4.23 32.95
N TRP A 1112 53.19 3.13 33.02
CA TRP A 1112 52.63 1.78 32.95
C TRP A 1112 51.76 1.47 34.15
N TYR A 1113 52.10 2.04 35.30
CA TYR A 1113 51.30 1.83 36.50
C TYR A 1113 49.94 2.47 36.35
N VAL A 1114 49.86 3.54 35.57
CA VAL A 1114 48.59 4.19 35.33
C VAL A 1114 47.75 3.36 34.38
N VAL A 1115 48.38 2.81 33.35
CA VAL A 1115 47.68 2.30 32.18
C VAL A 1115 46.82 1.09 32.50
N THR A 1116 47.41 0.05 33.08
CA THR A 1116 46.63 -1.14 33.39
C THR A 1116 45.68 -0.91 34.56
N SER A 1117 45.98 0.08 35.41
CA SER A 1117 45.05 0.46 36.47
C SER A 1117 43.81 1.11 35.87
N SER A 1118 42.65 0.62 36.28
CA SER A 1118 41.43 0.90 35.54
C SER A 1118 40.74 2.19 35.96
N TYR A 1119 41.48 3.17 36.50
CA TYR A 1119 40.83 4.40 36.90
C TYR A 1119 40.44 5.24 35.69
N PHE A 1120 41.11 5.06 34.56
CA PHE A 1120 40.74 5.83 33.38
C PHE A 1120 40.16 4.97 32.26
N GLU A 1121 40.04 3.67 32.46
CA GLU A 1121 39.29 2.85 31.52
C GLU A 1121 37.83 3.25 31.55
N TYR A 1122 37.34 3.59 32.74
CA TYR A 1122 36.00 4.16 32.87
C TYR A 1122 35.94 5.54 32.24
N LEU A 1123 37.07 6.25 32.18
CA LEU A 1123 37.06 7.61 31.68
C LEU A 1123 36.87 7.64 30.17
N MET A 1124 37.60 6.80 29.44
CA MET A 1124 37.37 6.68 28.01
C MET A 1124 35.99 6.11 27.76
N PHE A 1125 35.54 5.21 28.64
CA PHE A 1125 34.16 4.75 28.62
C PHE A 1125 33.21 5.94 28.77
N ALA A 1126 33.58 6.90 29.62
CA ALA A 1126 32.70 8.06 29.77
C ALA A 1126 32.75 8.94 28.54
N LEU A 1127 33.95 9.26 28.07
CA LEU A 1127 34.09 10.26 27.01
C LEU A 1127 33.60 9.74 25.67
N ILE A 1128 33.58 8.42 25.50
CA ILE A 1128 32.83 7.84 24.38
C ILE A 1128 31.35 8.16 24.53
N MET A 1129 30.82 7.98 25.75
CA MET A 1129 29.40 8.22 25.97
C MET A 1129 29.05 9.70 25.91
N LEU A 1130 30.02 10.57 26.18
CA LEU A 1130 29.77 11.97 25.88
C LEU A 1130 29.87 12.22 24.40
N ASN A 1131 30.73 11.49 23.69
CA ASN A 1131 30.79 11.67 22.24
C ASN A 1131 29.66 10.93 21.54
N THR A 1132 28.86 10.16 22.27
CA THR A 1132 27.56 9.83 21.76
C THR A 1132 26.70 11.08 21.66
N ILE A 1133 26.56 11.78 22.77
CA ILE A 1133 25.58 12.84 22.88
C ILE A 1133 26.09 14.10 22.21
N CYS A 1134 27.41 14.23 22.10
CA CYS A 1134 28.00 15.25 21.25
C CYS A 1134 27.62 15.03 19.79
N LEU A 1135 27.40 13.78 19.40
CA LEU A 1135 26.86 13.50 18.08
C LEU A 1135 25.38 13.22 18.12
N GLY A 1136 24.79 13.10 19.30
CA GLY A 1136 23.39 12.75 19.38
C GLY A 1136 22.47 13.89 19.68
N MET A 1137 22.90 15.12 19.46
CA MET A 1137 22.03 16.28 19.64
C MET A 1137 21.99 17.15 18.41
N GLN A 1138 22.28 16.60 17.25
CA GLN A 1138 22.34 17.45 16.08
C GLN A 1138 20.95 17.63 15.50
N HIS A 1139 20.22 18.66 15.92
CA HIS A 1139 18.92 18.96 15.36
C HIS A 1139 19.04 19.56 13.96
N TYR A 1140 17.97 20.13 13.44
CA TYR A 1140 18.08 20.75 12.13
C TYR A 1140 17.70 22.21 12.23
N HIS A 1141 18.27 23.01 11.31
CA HIS A 1141 18.27 24.48 11.26
C HIS A 1141 19.00 25.16 12.40
N GLN A 1142 19.66 24.41 13.30
CA GLN A 1142 19.73 24.69 14.73
C GLN A 1142 19.91 26.13 15.18
N SER A 1143 21.13 26.64 15.01
CA SER A 1143 21.55 28.00 15.37
C SER A 1143 23.04 28.10 15.09
N GLU A 1144 23.56 29.31 15.23
CA GLU A 1144 25.00 29.45 15.29
C GLU A 1144 25.50 29.33 16.72
N GLU A 1145 24.59 29.30 17.70
CA GLU A 1145 24.99 28.95 19.06
C GLU A 1145 25.39 27.49 19.15
N MET A 1146 24.59 26.61 18.58
CA MET A 1146 24.85 25.18 18.72
C MET A 1146 26.02 24.76 17.85
N ASN A 1147 26.26 25.49 16.76
CA ASN A 1147 27.37 25.16 15.87
C ASN A 1147 28.71 25.43 16.52
N HIS A 1148 28.79 26.52 17.28
CA HIS A 1148 30.06 26.90 17.89
C HIS A 1148 30.43 25.96 19.00
N ILE A 1149 29.44 25.40 19.68
CA ILE A 1149 29.71 24.32 20.62
C ILE A 1149 30.13 23.07 19.85
N SER A 1150 29.58 22.89 18.65
CA SER A 1150 29.72 21.64 17.94
C SER A 1150 31.12 21.44 17.41
N ASP A 1151 31.79 22.52 17.00
CA ASP A 1151 33.16 22.38 16.54
C ASP A 1151 34.12 22.21 17.72
N ILE A 1152 33.82 22.87 18.84
CA ILE A 1152 34.77 22.96 19.93
C ILE A 1152 34.94 21.61 20.60
N LEU A 1153 33.84 20.91 20.82
CA LEU A 1153 33.94 19.62 21.50
C LEU A 1153 34.57 18.57 20.63
N ASN A 1154 34.40 18.67 19.31
CA ASN A 1154 34.96 17.68 18.40
C ASN A 1154 36.47 17.83 18.31
N VAL A 1155 36.95 19.03 18.61
CA VAL A 1155 38.39 19.22 18.75
C VAL A 1155 38.87 18.67 20.09
N ALA A 1156 38.10 18.93 21.15
CA ALA A 1156 38.58 18.65 22.50
C ALA A 1156 38.59 17.15 22.77
N PHE A 1157 37.58 16.42 22.29
CA PHE A 1157 37.57 14.97 22.44
C PHE A 1157 38.69 14.33 21.66
N THR A 1158 39.05 14.93 20.52
CA THR A 1158 40.10 14.39 19.67
C THR A 1158 41.45 14.50 20.35
N ILE A 1159 41.60 15.49 21.22
CA ILE A 1159 42.85 15.65 21.93
C ILE A 1159 43.00 14.56 22.98
N ILE A 1160 41.90 14.19 23.63
CA ILE A 1160 41.98 13.30 24.79
C ILE A 1160 42.33 11.89 24.35
N PHE A 1161 41.77 11.45 23.23
CA PHE A 1161 42.11 10.14 22.70
C PHE A 1161 43.52 10.14 22.15
N THR A 1162 44.01 11.30 21.72
CA THR A 1162 45.39 11.40 21.26
C THR A 1162 46.35 11.23 22.41
N LEU A 1163 46.08 11.92 23.53
CA LEU A 1163 46.93 11.77 24.70
C LEU A 1163 46.79 10.38 25.30
N GLU A 1164 45.64 9.73 25.07
CA GLU A 1164 45.51 8.30 25.34
C GLU A 1164 46.49 7.50 24.49
N MET A 1165 46.50 7.78 23.19
CA MET A 1165 47.35 7.06 22.25
C MET A 1165 48.82 7.26 22.59
N ILE A 1166 49.17 8.47 22.98
CA ILE A 1166 50.56 8.82 23.28
C ILE A 1166 51.05 8.04 24.49
N LEU A 1167 50.27 8.04 25.56
CA LEU A 1167 50.72 7.40 26.79
C LEU A 1167 50.73 5.89 26.65
N LYS A 1168 49.79 5.35 25.88
CA LYS A 1168 49.84 3.93 25.59
C LYS A 1168 51.05 3.60 24.74
N LEU A 1169 51.43 4.50 23.83
CA LEU A 1169 52.64 4.26 23.04
C LEU A 1169 53.89 4.44 23.87
N LEU A 1170 53.83 5.24 24.92
CA LEU A 1170 55.02 5.42 25.74
C LEU A 1170 55.32 4.18 26.59
N ALA A 1171 54.29 3.48 27.06
CA ALA A 1171 54.56 2.35 27.92
C ALA A 1171 54.70 1.08 27.13
N PHE A 1172 53.98 0.98 26.03
CA PHE A 1172 53.88 -0.26 25.29
C PHE A 1172 54.58 -0.21 23.95
N LYS A 1173 55.80 0.35 23.87
CA LYS A 1173 56.53 0.72 22.63
C LYS A 1173 56.30 -0.24 21.48
N ALA A 1174 56.02 0.31 20.29
CA ALA A 1174 54.94 -0.16 19.40
C ALA A 1174 54.92 -1.67 19.15
N ARG A 1175 56.06 -2.31 19.38
CA ARG A 1175 56.15 -3.75 19.42
C ARG A 1175 55.19 -4.26 20.49
N GLY A 1176 55.15 -3.55 21.62
CA GLY A 1176 54.16 -3.88 22.64
C GLY A 1176 52.77 -3.40 22.27
N TYR A 1177 52.68 -2.26 21.58
CA TYR A 1177 51.37 -1.63 21.37
C TYR A 1177 50.58 -2.31 20.29
N PHE A 1178 51.23 -2.72 19.21
CA PHE A 1178 50.55 -3.32 18.09
C PHE A 1178 50.36 -4.81 18.24
N GLY A 1179 50.24 -5.30 19.47
CA GLY A 1179 49.86 -6.69 19.67
C GLY A 1179 48.35 -6.89 19.62
N ASP A 1180 47.59 -5.98 20.22
CA ASP A 1180 46.14 -6.12 20.21
C ASP A 1180 45.57 -5.36 19.04
N PRO A 1181 44.68 -5.96 18.25
CA PRO A 1181 44.06 -5.24 17.15
C PRO A 1181 43.15 -4.12 17.58
N TRP A 1182 42.62 -4.18 18.80
CA TRP A 1182 41.81 -3.07 19.28
C TRP A 1182 42.66 -1.82 19.49
N ASN A 1183 43.90 -2.01 19.92
CA ASN A 1183 44.83 -0.89 19.99
C ASN A 1183 45.14 -0.37 18.60
N VAL A 1184 45.17 -1.26 17.62
CA VAL A 1184 45.48 -0.86 16.26
C VAL A 1184 44.32 -0.10 15.66
N PHE A 1185 43.10 -0.55 15.95
CA PHE A 1185 41.92 0.00 15.30
C PHE A 1185 41.64 1.42 15.74
N ASP A 1186 41.95 1.75 16.99
CA ASP A 1186 41.73 3.11 17.44
C ASP A 1186 42.77 4.05 16.86
N PHE A 1187 43.95 3.51 16.58
CA PHE A 1187 44.99 4.28 15.91
C PHE A 1187 44.58 4.64 14.50
N LEU A 1188 43.76 3.80 13.89
CA LEU A 1188 43.11 4.15 12.63
C LEU A 1188 42.10 5.28 12.82
N ILE A 1189 41.43 5.32 13.97
CA ILE A 1189 40.43 6.35 14.21
C ILE A 1189 41.08 7.69 14.46
N VAL A 1190 42.20 7.67 15.21
CA VAL A 1190 42.79 8.91 15.74
C VAL A 1190 43.28 9.80 14.63
N ILE A 1191 44.03 9.23 13.69
CA ILE A 1191 44.47 9.98 12.52
C ILE A 1191 43.28 10.34 11.66
N GLY A 1192 42.29 9.46 11.62
CA GLY A 1192 41.07 9.79 10.91
C GLY A 1192 40.24 10.85 11.60
N SER A 1193 40.50 11.08 12.88
CA SER A 1193 39.82 12.16 13.57
C SER A 1193 40.56 13.48 13.38
N ILE A 1194 41.89 13.44 13.31
CA ILE A 1194 42.67 14.66 13.22
C ILE A 1194 42.49 15.31 11.86
N ILE A 1195 42.37 14.49 10.81
CA ILE A 1195 42.01 15.04 9.51
C ILE A 1195 40.61 15.61 9.55
N ASP A 1196 39.73 15.06 10.40
CA ASP A 1196 38.42 15.67 10.55
C ASP A 1196 38.52 17.00 11.29
N VAL A 1197 39.55 17.18 12.09
CA VAL A 1197 39.77 18.50 12.68
C VAL A 1197 40.32 19.46 11.65
N ILE A 1198 41.29 19.00 10.85
CA ILE A 1198 41.97 19.89 9.92
C ILE A 1198 41.08 20.22 8.74
N LEU A 1199 40.31 19.26 8.24
CA LEU A 1199 39.39 19.57 7.15
C LEU A 1199 38.31 20.52 7.67
N SER A 1200 38.04 20.49 8.97
CA SER A 1200 37.11 21.48 9.48
C SER A 1200 37.76 22.85 9.63
N GLU A 1201 39.09 22.90 9.73
CA GLU A 1201 39.79 24.18 9.70
C GLU A 1201 39.77 24.78 8.29
N ILE A 1202 39.90 23.93 7.28
CA ILE A 1202 40.07 24.45 5.94
C ILE A 1202 38.76 24.98 5.39
N ASP A 1203 37.64 24.32 5.71
CA ASP A 1203 36.33 24.89 5.37
C ASP A 1203 36.01 26.08 6.25
N THR A 1204 36.60 26.17 7.45
CA THR A 1204 36.55 27.41 8.21
C THR A 1204 37.31 28.52 7.49
N PHE A 1205 38.40 28.17 6.83
CA PHE A 1205 39.12 29.13 6.02
C PHE A 1205 38.36 29.45 4.74
N ARG A 1229 32.90 20.08 -1.40
CA ARG A 1229 33.33 19.46 -0.15
C ARG A 1229 32.51 18.21 0.19
N ILE A 1230 33.18 17.06 0.14
CA ILE A 1230 32.54 15.77 0.33
C ILE A 1230 33.10 15.02 1.53
N SER A 1231 34.42 15.09 1.74
CA SER A 1231 34.97 14.52 2.97
C SER A 1231 34.63 15.35 4.18
N SER A 1232 34.22 16.61 3.98
CA SER A 1232 33.60 17.38 5.06
C SER A 1232 32.32 16.71 5.55
N ALA A 1233 31.69 15.91 4.70
CA ALA A 1233 30.72 14.92 5.15
C ALA A 1233 31.37 13.57 5.45
N PHE A 1234 32.26 13.10 4.58
CA PHE A 1234 32.66 11.69 4.58
C PHE A 1234 33.57 11.35 5.74
N PHE A 1235 34.49 12.24 6.10
CA PHE A 1235 35.31 11.95 7.26
C PHE A 1235 34.63 12.20 8.58
N ARG A 1236 33.39 12.68 8.59
CA ARG A 1236 32.68 12.79 9.85
C ARG A 1236 32.32 11.44 10.43
N LEU A 1237 32.34 10.37 9.63
CA LEU A 1237 32.06 9.03 10.11
C LEU A 1237 33.08 8.56 11.14
N PHE A 1238 34.27 9.16 11.15
CA PHE A 1238 35.29 8.72 12.07
C PHE A 1238 34.99 9.11 13.50
N ARG A 1239 34.12 10.09 13.71
CA ARG A 1239 33.67 10.28 15.08
C ARG A 1239 32.70 9.20 15.49
N VAL A 1240 32.01 8.60 14.54
CA VAL A 1240 31.00 7.60 14.88
C VAL A 1240 31.67 6.29 15.22
N MET A 1241 32.74 5.98 14.51
CA MET A 1241 33.36 4.66 14.58
C MET A 1241 33.99 4.38 15.94
N ARG A 1242 34.23 5.40 16.74
CA ARG A 1242 34.90 5.15 18.00
C ARG A 1242 33.97 4.63 19.06
N LEU A 1243 32.67 4.55 18.79
CA LEU A 1243 31.78 3.80 19.67
C LEU A 1243 32.09 2.31 19.68
N ILE A 1244 32.72 1.79 18.64
CA ILE A 1244 32.94 0.35 18.56
C ILE A 1244 34.01 -0.10 19.53
N LYS A 1245 34.72 0.84 20.16
CA LYS A 1245 35.59 0.55 21.28
C LYS A 1245 34.85 -0.03 22.46
N LEU A 1246 33.53 0.17 22.54
CA LEU A 1246 32.75 -0.37 23.65
C LEU A 1246 32.77 -1.89 23.65
N LEU A 1247 32.83 -2.50 22.47
CA LEU A 1247 32.77 -3.95 22.40
C LEU A 1247 34.08 -4.59 22.84
N SER A 1248 35.11 -3.76 23.04
CA SER A 1248 36.36 -4.28 23.58
C SER A 1248 36.21 -4.78 25.00
N ARG A 1249 35.27 -4.22 25.76
CA ARG A 1249 35.21 -4.55 27.17
C ARG A 1249 33.92 -5.21 27.60
N ALA A 1250 32.97 -5.41 26.69
CA ALA A 1250 31.72 -6.09 27.03
C ALA A 1250 31.86 -7.57 26.69
N GLU A 1251 32.35 -8.32 27.67
CA GLU A 1251 32.69 -9.72 27.48
C GLU A 1251 31.50 -10.58 27.09
N GLY A 1252 30.30 -10.19 27.51
CA GLY A 1252 29.14 -11.00 27.23
C GLY A 1252 28.81 -11.11 25.76
N VAL A 1253 29.24 -10.14 24.96
CA VAL A 1253 28.80 -10.05 23.57
C VAL A 1253 29.99 -10.10 22.64
N ARG A 1254 31.19 -9.92 23.16
CA ARG A 1254 32.36 -9.95 22.31
C ARG A 1254 32.64 -11.35 21.82
N THR A 1255 32.49 -12.34 22.70
CA THR A 1255 32.72 -13.71 22.28
C THR A 1255 31.61 -14.23 21.39
N LEU A 1256 30.43 -13.59 21.42
CA LEU A 1256 29.34 -14.05 20.58
C LEU A 1256 29.60 -13.74 19.11
N LEU A 1257 30.07 -12.53 18.83
CA LEU A 1257 30.45 -12.19 17.47
C LEU A 1257 31.67 -12.97 17.04
N TRP A 1258 32.62 -13.07 17.96
CA TRP A 1258 33.85 -13.80 17.74
C TRP A 1258 33.53 -15.19 17.25
N THR A 1259 32.51 -15.82 17.85
CA THR A 1259 32.09 -17.12 17.36
C THR A 1259 31.69 -17.04 15.91
N PHE A 1260 30.88 -16.06 15.52
CA PHE A 1260 30.42 -16.07 14.13
C PHE A 1260 31.42 -15.46 13.17
N ILE A 1261 32.40 -14.72 13.67
CA ILE A 1261 33.51 -14.35 12.80
C ILE A 1261 34.34 -15.56 12.48
N LYS A 1262 34.56 -16.41 13.47
CA LYS A 1262 35.23 -17.69 13.26
C LYS A 1262 34.42 -18.62 12.33
N SER A 1263 33.13 -18.35 12.17
CA SER A 1263 32.27 -19.17 11.34
C SER A 1263 32.40 -18.87 9.87
N PHE A 1264 32.27 -17.60 9.49
CA PHE A 1264 32.16 -17.28 8.07
C PHE A 1264 33.47 -17.46 7.34
N GLN A 1265 34.58 -17.56 8.08
CA GLN A 1265 35.80 -18.05 7.48
C GLN A 1265 35.64 -19.49 7.01
N ALA A 1266 34.96 -20.32 7.81
CA ALA A 1266 34.88 -21.75 7.54
C ALA A 1266 33.91 -22.10 6.41
N LEU A 1267 33.04 -21.18 6.01
CA LEU A 1267 32.11 -21.50 4.93
C LEU A 1267 32.12 -20.46 3.82
N PRO A 1268 33.17 -20.35 3.01
CA PRO A 1268 33.14 -19.32 1.98
C PRO A 1268 32.33 -19.73 0.78
N TYR A 1269 32.37 -21.01 0.45
CA TYR A 1269 31.86 -21.45 -0.84
C TYR A 1269 30.35 -21.51 -0.85
N VAL A 1270 29.72 -21.66 0.31
CA VAL A 1270 28.26 -21.62 0.36
C VAL A 1270 27.78 -20.21 0.09
N ALA A 1271 28.47 -19.21 0.64
CA ALA A 1271 28.16 -17.84 0.27
C ALA A 1271 28.55 -17.54 -1.16
N LEU A 1272 29.39 -18.37 -1.75
CA LEU A 1272 29.75 -18.16 -3.13
C LEU A 1272 28.70 -18.77 -4.06
N LEU A 1273 27.80 -19.59 -3.50
CA LEU A 1273 26.68 -20.07 -4.30
C LEU A 1273 25.65 -18.98 -4.56
N ILE A 1274 25.35 -18.17 -3.55
CA ILE A 1274 24.27 -17.20 -3.67
C ILE A 1274 24.65 -16.10 -4.63
N VAL A 1275 25.94 -15.77 -4.67
CA VAL A 1275 26.35 -14.76 -5.64
C VAL A 1275 26.42 -15.35 -7.03
N MET A 1276 26.47 -16.68 -7.14
CA MET A 1276 26.27 -17.26 -8.46
C MET A 1276 24.81 -17.16 -8.89
N LEU A 1277 23.87 -17.00 -7.96
CA LEU A 1277 22.51 -16.74 -8.38
C LEU A 1277 22.40 -15.36 -9.00
N PHE A 1278 22.80 -14.34 -8.23
CA PHE A 1278 22.66 -12.95 -8.64
C PHE A 1278 23.39 -12.67 -9.92
N PHE A 1279 24.53 -13.33 -10.11
CA PHE A 1279 25.29 -13.12 -11.32
C PHE A 1279 24.58 -13.74 -12.52
N ILE A 1280 24.01 -14.94 -12.34
CA ILE A 1280 23.40 -15.63 -13.46
C ILE A 1280 22.03 -15.03 -13.77
N TYR A 1281 21.25 -14.76 -12.73
CA TYR A 1281 19.89 -14.30 -12.96
C TYR A 1281 19.83 -12.88 -13.48
N ALA A 1282 20.86 -12.09 -13.23
CA ALA A 1282 20.91 -10.76 -13.84
C ALA A 1282 21.09 -10.86 -15.35
N VAL A 1283 22.13 -11.60 -15.77
CA VAL A 1283 22.53 -11.65 -17.17
C VAL A 1283 21.47 -12.34 -18.01
N ILE A 1284 20.72 -13.25 -17.41
CA ILE A 1284 19.51 -13.73 -18.06
C ILE A 1284 18.50 -12.61 -18.19
N GLY A 1285 18.24 -11.91 -17.08
CA GLY A 1285 17.22 -10.88 -17.10
C GLY A 1285 17.65 -9.65 -17.85
N MET A 1286 18.96 -9.40 -17.92
CA MET A 1286 19.46 -8.20 -18.56
C MET A 1286 19.22 -8.24 -20.06
N GLN A 1287 19.18 -9.42 -20.65
CA GLN A 1287 18.97 -9.56 -22.08
C GLN A 1287 17.52 -9.85 -22.45
N MET A 1288 16.66 -10.03 -21.47
CA MET A 1288 15.24 -10.25 -21.73
C MET A 1288 14.40 -9.06 -21.33
N PHE A 1289 14.76 -8.45 -20.22
CA PHE A 1289 13.97 -7.44 -19.57
C PHE A 1289 14.62 -6.07 -19.67
N GLY A 1290 15.45 -5.87 -20.67
CA GLY A 1290 15.72 -4.54 -21.15
C GLY A 1290 14.54 -4.08 -21.97
N LYS A 1291 14.69 -2.90 -22.55
CA LYS A 1291 13.72 -2.27 -23.44
C LYS A 1291 12.37 -2.04 -22.77
N ILE A 1292 12.32 -1.63 -21.52
CA ILE A 1292 11.08 -1.70 -20.76
C ILE A 1292 10.64 -0.32 -20.23
N ALA A 1293 10.58 0.70 -21.09
CA ALA A 1293 10.65 2.14 -20.81
C ALA A 1293 10.21 2.67 -19.46
N LEU A 1294 10.98 3.62 -18.95
CA LEU A 1294 11.22 3.78 -17.53
C LEU A 1294 10.29 4.85 -16.97
N VAL A 1295 9.02 4.81 -17.38
CA VAL A 1295 8.01 5.73 -16.90
C VAL A 1295 7.96 5.73 -15.37
N ASP A 1296 7.92 6.92 -14.78
CA ASP A 1296 7.90 7.05 -13.33
C ASP A 1296 6.64 6.47 -12.74
N GLY A 1297 6.78 5.91 -11.55
CA GLY A 1297 5.64 5.46 -10.79
C GLY A 1297 5.01 4.17 -11.26
N THR A 1298 5.54 3.54 -12.29
CA THR A 1298 4.93 2.30 -12.79
C THR A 1298 5.72 1.09 -12.34
N GLN A 1299 6.49 1.29 -11.27
CA GLN A 1299 7.22 0.31 -10.46
C GLN A 1299 8.47 -0.20 -11.16
N ILE A 1300 8.63 0.12 -12.45
CA ILE A 1300 9.95 0.02 -13.02
C ILE A 1300 10.37 1.39 -13.50
N ASN A 1301 11.47 1.89 -12.95
CA ASN A 1301 11.79 3.29 -13.17
C ASN A 1301 13.30 3.45 -13.27
N ARG A 1302 13.77 4.68 -13.14
CA ARG A 1302 15.17 5.02 -13.03
C ARG A 1302 15.85 4.45 -11.78
N ASN A 1303 15.12 3.91 -10.82
CA ASN A 1303 15.78 3.41 -9.63
C ASN A 1303 15.46 1.95 -9.39
N ASN A 1304 14.66 1.37 -10.27
CA ASN A 1304 14.34 -0.04 -10.13
C ASN A 1304 14.55 -0.71 -11.48
N ASN A 1305 15.69 -0.48 -12.08
CA ASN A 1305 15.86 -0.67 -13.50
C ASN A 1305 16.55 -1.99 -13.79
N PHE A 1306 16.32 -2.53 -14.98
CA PHE A 1306 17.07 -3.71 -15.43
C PHE A 1306 18.27 -3.39 -16.28
N GLN A 1307 18.40 -2.17 -16.78
CA GLN A 1307 19.25 -1.88 -17.91
C GLN A 1307 20.72 -2.12 -17.68
N THR A 1308 21.33 -1.43 -16.74
CA THR A 1308 22.73 -1.70 -16.47
C THR A 1308 22.85 -2.98 -15.68
N PHE A 1309 24.05 -3.43 -15.45
CA PHE A 1309 24.20 -4.53 -14.51
C PHE A 1309 23.88 -4.12 -13.08
N PRO A 1310 24.59 -3.18 -12.43
CA PRO A 1310 24.45 -3.09 -10.98
C PRO A 1310 23.03 -2.77 -10.60
N GLN A 1311 22.28 -2.07 -11.44
CA GLN A 1311 20.88 -1.95 -11.07
C GLN A 1311 20.29 -3.32 -10.80
N ALA A 1312 20.58 -4.22 -11.74
CA ALA A 1312 20.06 -5.58 -11.73
C ALA A 1312 20.24 -6.27 -10.39
N VAL A 1313 21.37 -6.05 -9.74
CA VAL A 1313 21.56 -6.79 -8.49
C VAL A 1313 20.58 -6.29 -7.45
N LEU A 1314 20.41 -4.96 -7.36
CA LEU A 1314 19.50 -4.40 -6.36
C LEU A 1314 18.06 -4.80 -6.60
N LEU A 1315 17.62 -4.84 -7.84
CA LEU A 1315 16.32 -5.40 -8.14
C LEU A 1315 16.25 -6.88 -7.78
N LEU A 1316 17.31 -7.61 -8.02
CA LEU A 1316 17.31 -8.98 -7.55
C LEU A 1316 17.40 -8.93 -6.04
N PHE A 1317 18.09 -7.94 -5.49
CA PHE A 1317 18.24 -7.95 -4.06
C PHE A 1317 16.97 -7.51 -3.39
N ARG A 1318 16.12 -6.82 -4.14
CA ARG A 1318 14.82 -6.45 -3.61
C ARG A 1318 13.92 -7.67 -3.47
N CYS A 1319 14.09 -8.66 -4.36
CA CYS A 1319 13.33 -9.88 -4.21
C CYS A 1319 13.76 -10.71 -3.02
N ALA A 1320 15.03 -10.67 -2.65
CA ALA A 1320 15.55 -11.62 -1.67
C ALA A 1320 15.04 -11.30 -0.29
N THR A 1321 14.87 -10.04 0.02
CA THR A 1321 14.13 -9.70 1.22
C THR A 1321 12.64 -9.56 0.97
N GLY A 1322 12.21 -9.72 -0.27
CA GLY A 1322 10.79 -9.85 -0.55
C GLY A 1322 10.03 -8.55 -0.51
N GLU A 1323 10.71 -7.44 -0.79
CA GLU A 1323 10.08 -6.13 -0.80
C GLU A 1323 9.13 -5.91 -1.99
N ALA A 1324 8.00 -6.62 -1.98
CA ALA A 1324 6.95 -6.43 -2.97
C ALA A 1324 7.35 -6.90 -4.35
N TRP A 1325 7.74 -8.17 -4.47
CA TRP A 1325 7.99 -8.65 -5.83
C TRP A 1325 6.69 -8.91 -6.57
N GLN A 1326 5.58 -8.98 -5.85
CA GLN A 1326 4.23 -8.91 -6.35
C GLN A 1326 4.03 -7.92 -7.48
N GLU A 1327 4.52 -6.70 -7.31
CA GLU A 1327 4.26 -5.66 -8.29
C GLU A 1327 5.13 -5.85 -9.52
N ILE A 1328 6.42 -6.16 -9.33
CA ILE A 1328 7.35 -6.09 -10.44
C ILE A 1328 7.23 -7.26 -11.40
N LEU A 1329 6.62 -8.35 -10.99
CA LEU A 1329 6.24 -9.38 -11.94
C LEU A 1329 5.19 -8.87 -12.89
N LEU A 1330 4.27 -8.06 -12.40
CA LEU A 1330 3.23 -7.51 -13.26
C LEU A 1330 3.73 -6.42 -14.18
N ALA A 1331 4.96 -5.94 -14.00
CA ALA A 1331 5.41 -4.87 -14.87
C ALA A 1331 6.20 -5.40 -16.05
N CYS A 1332 6.33 -6.71 -16.17
CA CYS A 1332 6.98 -7.31 -17.34
C CYS A 1332 6.06 -8.38 -17.87
N SER A 1333 5.06 -8.00 -18.64
CA SER A 1333 4.22 -9.05 -19.19
C SER A 1333 4.24 -9.12 -20.70
N TYR A 1334 3.57 -8.19 -21.37
CA TYR A 1334 3.77 -8.09 -22.81
C TYR A 1334 3.58 -6.65 -23.29
N GLY A 1335 3.15 -5.75 -22.43
CA GLY A 1335 2.56 -4.52 -22.92
C GLY A 1335 3.28 -3.29 -22.43
N LYS A 1336 4.60 -3.33 -22.45
CA LYS A 1336 5.35 -2.23 -21.88
C LYS A 1336 6.08 -1.48 -22.99
N LEU A 1337 6.24 -0.18 -22.78
CA LEU A 1337 6.84 0.67 -23.79
C LEU A 1337 8.33 0.36 -23.92
N CYS A 1338 8.87 0.54 -25.13
CA CYS A 1338 10.13 -0.07 -25.51
C CYS A 1338 11.28 0.93 -25.56
N ASP A 1339 11.35 1.83 -24.58
CA ASP A 1339 12.49 2.71 -24.26
C ASP A 1339 13.01 3.48 -25.45
N PRO A 1340 12.45 4.51 -25.78
CA PRO A 1340 12.61 5.14 -27.12
C PRO A 1340 13.99 5.65 -27.49
N GLU A 1341 14.96 4.75 -27.48
CA GLU A 1341 16.25 5.03 -28.12
C GLU A 1341 16.75 3.77 -28.79
N SER A 1342 15.99 2.69 -28.74
CA SER A 1342 16.56 1.40 -29.09
C SER A 1342 16.21 0.90 -30.49
N ASP A 1343 14.92 0.69 -30.78
CA ASP A 1343 14.50 -0.18 -31.88
C ASP A 1343 13.12 0.16 -32.46
N TYR A 1344 12.43 -0.88 -32.94
CA TYR A 1344 10.98 -1.01 -33.13
C TYR A 1344 10.38 -0.03 -34.14
N ALA A 1345 11.04 0.16 -35.29
CA ALA A 1345 11.09 1.46 -35.94
C ALA A 1345 9.74 2.11 -36.34
N PRO A 1346 8.76 1.45 -37.06
CA PRO A 1346 7.40 2.00 -36.95
C PRO A 1346 6.55 1.23 -35.96
N GLY A 1347 5.49 1.86 -35.47
CA GLY A 1347 4.26 1.16 -35.13
C GLY A 1347 4.27 0.21 -33.95
N GLU A 1348 5.09 -0.84 -34.05
CA GLU A 1348 5.08 -1.91 -33.06
C GLU A 1348 5.76 -1.39 -31.81
N GLU A 1349 4.98 -0.76 -30.95
CA GLU A 1349 5.52 0.16 -29.96
C GLU A 1349 5.56 -0.46 -28.56
N TYR A 1350 4.52 -1.20 -28.19
CA TYR A 1350 4.35 -1.61 -26.81
C TYR A 1350 4.79 -3.03 -26.54
N THR A 1351 5.61 -3.59 -27.42
CA THR A 1351 5.75 -5.04 -27.44
C THR A 1351 7.13 -5.47 -27.01
N CYS A 1352 7.63 -4.92 -25.91
CA CYS A 1352 8.92 -5.35 -25.38
C CYS A 1352 8.73 -5.84 -23.94
N GLY A 1353 8.34 -7.10 -23.81
CA GLY A 1353 8.22 -7.75 -22.53
C GLY A 1353 7.65 -9.14 -22.73
N THR A 1354 8.23 -10.16 -22.11
CA THR A 1354 7.78 -11.51 -22.40
C THR A 1354 7.13 -12.16 -21.20
N ASN A 1355 6.38 -13.22 -21.45
CA ASN A 1355 5.77 -13.96 -20.37
C ASN A 1355 6.73 -14.90 -19.67
N PHE A 1356 8.01 -14.86 -19.98
CA PHE A 1356 8.96 -15.62 -19.18
C PHE A 1356 9.24 -14.99 -17.84
N ALA A 1357 8.59 -13.89 -17.47
CA ALA A 1357 8.83 -13.29 -16.17
C ALA A 1357 8.27 -14.17 -15.07
N TYR A 1358 7.14 -14.82 -15.35
CA TYR A 1358 6.51 -15.74 -14.43
C TYR A 1358 7.47 -16.81 -13.94
N TYR A 1359 8.00 -17.60 -14.85
CA TYR A 1359 8.96 -18.62 -14.49
C TYR A 1359 10.31 -18.06 -14.09
N TYR A 1360 10.53 -16.76 -14.29
CA TYR A 1360 11.76 -16.17 -13.82
C TYR A 1360 11.68 -15.91 -12.33
N PHE A 1361 10.78 -15.01 -11.91
CA PHE A 1361 10.73 -14.54 -10.53
C PHE A 1361 10.30 -15.62 -9.56
N ILE A 1362 9.41 -16.51 -9.98
CA ILE A 1362 8.93 -17.55 -9.08
C ILE A 1362 10.04 -18.52 -8.78
N SER A 1363 10.76 -18.96 -9.80
CA SER A 1363 11.92 -19.81 -9.58
C SER A 1363 13.04 -19.05 -8.89
N PHE A 1364 13.06 -17.73 -9.03
CA PHE A 1364 14.08 -16.98 -8.33
C PHE A 1364 13.78 -16.88 -6.86
N TYR A 1365 12.52 -16.68 -6.49
CA TYR A 1365 12.23 -16.55 -5.08
C TYR A 1365 12.40 -17.89 -4.38
N MET A 1366 12.08 -18.98 -5.08
CA MET A 1366 12.38 -20.30 -4.56
C MET A 1366 13.87 -20.47 -4.35
N LEU A 1367 14.65 -20.44 -5.45
CA LEU A 1367 16.03 -20.89 -5.39
C LEU A 1367 16.91 -19.95 -4.59
N CYS A 1368 16.45 -18.72 -4.40
CA CYS A 1368 17.17 -17.77 -3.56
C CYS A 1368 16.88 -18.03 -2.08
N ALA A 1369 15.63 -17.86 -1.68
CA ALA A 1369 15.21 -18.09 -0.31
C ALA A 1369 15.73 -19.44 0.19
N PHE A 1370 15.62 -20.46 -0.67
CA PHE A 1370 16.10 -21.79 -0.33
C PHE A 1370 17.60 -21.76 -0.04
N LEU A 1371 18.35 -21.19 -0.96
CA LEU A 1371 19.81 -21.14 -0.84
C LEU A 1371 20.25 -20.35 0.40
N ILE A 1372 19.40 -19.43 0.87
CA ILE A 1372 19.76 -18.66 2.04
C ILE A 1372 19.48 -19.46 3.29
N ILE A 1373 18.48 -20.33 3.27
CA ILE A 1373 18.30 -21.21 4.41
C ILE A 1373 19.43 -22.23 4.47
N ASN A 1374 19.93 -22.67 3.31
CA ASN A 1374 21.12 -23.52 3.30
C ASN A 1374 22.34 -22.78 3.81
N LEU A 1375 22.32 -21.45 3.73
CA LEU A 1375 23.35 -20.69 4.41
C LEU A 1375 23.12 -20.68 5.92
N PHE A 1376 21.88 -20.43 6.33
CA PHE A 1376 21.63 -20.23 7.76
C PHE A 1376 21.70 -21.54 8.53
N VAL A 1377 21.37 -22.63 7.87
CA VAL A 1377 21.51 -23.94 8.50
C VAL A 1377 22.98 -24.36 8.49
N ALA A 1378 23.77 -23.77 7.60
CA ALA A 1378 25.16 -24.16 7.54
C ALA A 1378 25.95 -23.58 8.69
N VAL A 1379 25.50 -22.45 9.23
CA VAL A 1379 26.25 -21.81 10.31
C VAL A 1379 26.04 -22.59 11.62
N ILE A 1380 25.08 -23.50 11.63
CA ILE A 1380 24.97 -24.46 12.73
C ILE A 1380 26.20 -25.35 12.77
N MET A 1381 26.72 -25.72 11.59
CA MET A 1381 27.78 -26.74 11.49
C MET A 1381 29.06 -26.27 12.18
N ASP A 1382 29.24 -24.96 12.28
CA ASP A 1382 30.28 -24.47 13.16
C ASP A 1382 29.81 -24.38 14.60
N ASN A 1383 28.70 -23.72 14.84
CA ASN A 1383 28.60 -23.00 16.10
C ASN A 1383 27.63 -23.64 17.06
N PHE A 1384 27.20 -24.86 16.77
CA PHE A 1384 26.38 -25.62 17.71
C PHE A 1384 27.19 -25.82 18.99
N ASP A 1385 28.49 -26.02 18.84
CA ASP A 1385 29.38 -26.14 19.99
C ASP A 1385 29.27 -24.94 20.91
N TYR A 1386 29.13 -23.75 20.34
CA TYR A 1386 28.94 -22.59 21.20
C TYR A 1386 27.58 -22.58 21.86
N LEU A 1387 26.56 -23.03 21.15
CA LEU A 1387 25.20 -22.75 21.57
C LEU A 1387 24.79 -23.56 22.79
N THR A 1388 25.35 -24.76 22.94
CA THR A 1388 24.95 -25.62 24.04
C THR A 1388 26.07 -25.83 25.03
N ARG A 1389 26.75 -24.76 25.42
CA ARG A 1389 27.79 -24.90 26.43
C ARG A 1389 27.18 -24.89 27.83
N ASP A 1390 27.52 -25.88 28.63
CA ASP A 1390 27.00 -25.99 29.99
C ASP A 1390 27.61 -24.93 30.90
N TRP A 1391 26.82 -23.92 31.23
CA TRP A 1391 27.28 -22.84 32.09
C TRP A 1391 27.10 -23.19 33.56
N SER A 1392 27.25 -24.47 33.89
CA SER A 1392 27.09 -24.94 35.26
C SER A 1392 28.07 -26.08 35.57
N ILE A 1393 29.08 -26.23 34.71
CA ILE A 1393 30.08 -27.28 34.89
C ILE A 1393 31.46 -26.79 34.51
N LEU A 1394 31.57 -26.19 33.33
CA LEU A 1394 32.84 -25.68 32.84
C LEU A 1394 32.71 -25.13 31.42
N GLY A 1395 32.60 -23.81 31.31
CA GLY A 1395 32.47 -23.17 30.01
C GLY A 1395 33.81 -22.73 29.45
N PRO A 1396 33.78 -21.56 28.67
CA PRO A 1396 35.10 -21.19 28.14
C PRO A 1396 35.73 -20.07 28.96
N HIS A 1397 34.90 -19.18 29.50
CA HIS A 1397 35.38 -18.06 30.31
C HIS A 1397 36.34 -18.53 31.39
N HIS A 1398 36.07 -19.68 32.01
CA HIS A 1398 36.96 -20.25 33.00
C HIS A 1398 38.32 -20.58 32.40
N LEU A 1399 38.31 -21.24 31.24
CA LEU A 1399 39.56 -21.57 30.59
C LEU A 1399 40.17 -20.33 29.96
N ASP A 1400 39.34 -19.36 29.63
CA ASP A 1400 39.87 -18.05 29.28
C ASP A 1400 40.43 -17.35 30.51
N GLU A 1401 39.85 -17.62 31.68
CA GLU A 1401 40.30 -16.94 32.88
C GLU A 1401 41.67 -17.43 33.29
N PHE A 1402 41.89 -18.74 33.15
CA PHE A 1402 43.14 -19.36 33.62
C PHE A 1402 44.34 -18.85 32.83
N LYS A 1403 44.12 -18.42 31.60
CA LYS A 1403 45.22 -17.88 30.82
C LYS A 1403 45.60 -16.52 31.38
N ALA A 1404 44.66 -15.86 32.02
CA ALA A 1404 44.92 -14.51 32.51
C ALA A 1404 45.55 -14.54 33.90
N ILE A 1405 45.47 -15.66 34.61
CA ILE A 1405 46.15 -15.73 35.89
C ILE A 1405 47.66 -15.84 35.69
N TRP A 1406 48.10 -16.46 34.59
CA TRP A 1406 49.53 -16.43 34.27
C TRP A 1406 50.04 -15.03 33.99
N ALA A 1407 49.15 -14.17 33.49
CA ALA A 1407 49.48 -12.77 33.26
C ALA A 1407 49.74 -12.02 34.54
N GLU A 1408 49.26 -12.51 35.68
CA GLU A 1408 49.69 -11.95 36.94
C GLU A 1408 51.11 -12.37 37.29
N TYR A 1409 51.27 -13.65 37.57
CA TYR A 1409 52.47 -14.12 38.26
C TYR A 1409 53.62 -14.55 37.39
N ASP A 1410 53.39 -14.71 36.09
CA ASP A 1410 54.47 -15.08 35.20
C ASP A 1410 54.56 -14.09 34.06
N PRO A 1411 55.07 -12.90 34.31
CA PRO A 1411 55.00 -11.87 33.27
C PRO A 1411 56.19 -11.93 32.33
N GLU A 1412 57.07 -12.92 32.48
CA GLU A 1412 58.22 -13.03 31.61
C GLU A 1412 57.98 -13.95 30.43
N ALA A 1413 56.73 -14.38 30.21
CA ALA A 1413 56.32 -15.27 29.12
C ALA A 1413 57.10 -16.56 29.06
N LYS A 1414 57.47 -17.12 30.23
CA LYS A 1414 58.38 -18.25 30.24
C LYS A 1414 57.69 -19.55 29.88
N GLY A 1415 56.41 -19.65 30.22
CA GLY A 1415 55.71 -20.91 30.15
C GLY A 1415 56.01 -21.84 31.30
N ARG A 1416 56.68 -21.36 32.36
CA ARG A 1416 56.99 -22.18 33.53
C ARG A 1416 56.79 -21.35 34.80
N ILE A 1417 56.06 -21.93 35.75
CA ILE A 1417 55.82 -21.35 37.08
C ILE A 1417 56.59 -22.16 38.12
N LYS A 1418 57.13 -21.47 39.13
CA LYS A 1418 57.80 -22.14 40.24
C LYS A 1418 56.76 -22.96 41.01
N HIS A 1419 57.22 -23.97 41.75
CA HIS A 1419 56.29 -24.83 42.48
C HIS A 1419 55.68 -24.09 43.66
N LEU A 1420 56.37 -23.06 44.14
CA LEU A 1420 55.91 -22.31 45.30
C LEU A 1420 54.63 -21.53 44.99
N ASP A 1421 54.67 -20.69 43.96
CA ASP A 1421 53.51 -19.86 43.62
C ASP A 1421 52.39 -20.64 42.95
N VAL A 1422 52.55 -21.94 42.73
CA VAL A 1422 51.39 -22.73 42.34
C VAL A 1422 50.27 -22.54 43.36
N VAL A 1423 50.62 -22.57 44.65
CA VAL A 1423 49.63 -22.62 45.71
C VAL A 1423 48.84 -21.31 45.80
N THR A 1424 49.52 -20.19 45.66
CA THR A 1424 48.83 -18.90 45.66
C THR A 1424 48.05 -18.69 44.37
N LEU A 1425 48.39 -19.46 43.34
CA LEU A 1425 47.60 -19.39 42.11
C LEU A 1425 46.30 -20.17 42.25
N LEU A 1426 46.33 -21.28 42.99
CA LEU A 1426 45.18 -22.16 43.04
C LEU A 1426 44.08 -21.62 43.95
N ARG A 1427 44.44 -20.77 44.90
CA ARG A 1427 43.41 -20.09 45.68
C ARG A 1427 42.75 -19.00 44.84
N ARG A 1428 43.52 -18.33 44.00
CA ARG A 1428 42.98 -17.25 43.19
C ARG A 1428 42.80 -17.77 41.77
N ILE A 1429 41.71 -18.50 41.56
CA ILE A 1429 41.21 -18.67 40.20
C ILE A 1429 39.76 -18.22 40.18
N GLN A 1430 38.91 -19.06 40.75
CA GLN A 1430 37.49 -18.92 41.05
C GLN A 1430 37.16 -20.27 41.69
N PRO A 1431 36.20 -20.36 42.60
CA PRO A 1431 35.89 -21.64 43.25
C PRO A 1431 35.35 -22.74 42.34
N PRO A 1432 34.37 -22.48 41.36
CA PRO A 1432 33.79 -23.63 40.61
C PRO A 1432 34.75 -24.45 39.77
N LEU A 1433 35.93 -23.90 39.49
CA LEU A 1433 36.91 -24.62 38.69
C LEU A 1433 38.17 -24.81 39.51
N GLY A 1434 38.45 -23.88 40.41
CA GLY A 1434 39.65 -23.95 41.22
C GLY A 1434 39.39 -24.50 42.60
N PHE A 1435 39.49 -23.64 43.61
CA PHE A 1435 39.26 -24.08 44.98
C PHE A 1435 38.36 -23.09 45.70
N GLY A 1436 37.60 -23.58 46.66
CA GLY A 1436 36.57 -22.75 47.29
C GLY A 1436 37.15 -21.74 48.26
N LYS A 1437 36.25 -21.05 48.95
CA LYS A 1437 36.63 -19.97 49.86
C LYS A 1437 37.28 -20.49 51.14
N PHE A 1438 36.76 -21.58 51.70
CA PHE A 1438 37.41 -22.19 52.87
C PHE A 1438 38.71 -22.87 52.44
N CYS A 1439 39.83 -22.16 52.54
CA CYS A 1439 41.03 -22.62 51.89
C CYS A 1439 42.28 -22.47 52.77
N PRO A 1440 43.26 -23.38 52.66
CA PRO A 1440 42.95 -24.77 52.25
C PRO A 1440 42.98 -25.79 53.39
N HIS A 1441 43.95 -25.59 54.29
CA HIS A 1441 44.30 -26.31 55.51
C HIS A 1441 44.76 -27.75 55.29
N ARG A 1442 44.37 -28.41 54.18
CA ARG A 1442 45.20 -29.37 53.48
C ARG A 1442 44.83 -29.44 52.00
N VAL A 1443 43.62 -29.00 51.66
CA VAL A 1443 42.89 -29.50 50.49
C VAL A 1443 43.48 -28.99 49.18
N ALA A 1444 43.70 -27.68 49.05
CA ALA A 1444 44.34 -27.16 47.85
C ALA A 1444 45.85 -27.39 47.84
N CYS A 1445 46.40 -28.00 48.89
CA CYS A 1445 47.68 -28.67 48.76
C CYS A 1445 47.49 -30.15 48.43
N LYS A 1446 46.61 -30.85 49.15
CA LYS A 1446 46.47 -32.30 49.01
C LYS A 1446 45.91 -32.70 47.65
N ARG A 1447 45.15 -31.81 47.02
CA ARG A 1447 44.73 -32.05 45.65
C ARG A 1447 45.94 -32.10 44.73
N LEU A 1448 46.91 -31.22 44.95
CA LEU A 1448 48.13 -31.22 44.16
C LEU A 1448 49.02 -32.38 44.57
N VAL A 1449 48.92 -32.81 45.82
CA VAL A 1449 49.54 -34.06 46.25
C VAL A 1449 48.84 -35.24 45.59
N GLY A 1450 47.53 -35.14 45.38
CA GLY A 1450 46.83 -36.20 44.70
C GLY A 1450 46.85 -36.11 43.18
N MET A 1451 47.88 -35.50 42.57
CA MET A 1451 47.95 -35.41 41.12
C MET A 1451 49.34 -35.67 40.55
N ASN A 1452 49.39 -35.55 39.21
CA ASN A 1452 50.59 -35.71 38.40
C ASN A 1452 51.24 -34.35 38.22
N MET A 1453 52.11 -33.96 39.14
CA MET A 1453 52.91 -32.75 38.94
C MET A 1453 54.39 -33.10 38.89
N PRO A 1454 55.05 -32.95 37.75
CA PRO A 1454 56.51 -33.12 37.73
C PRO A 1454 57.20 -31.88 38.24
N LEU A 1455 58.50 -32.00 38.45
CA LEU A 1455 59.35 -30.83 38.66
C LEU A 1455 60.48 -30.85 37.64
N ASN A 1456 60.57 -29.80 36.86
CA ASN A 1456 61.67 -29.52 35.95
C ASN A 1456 62.84 -28.97 36.77
N SER A 1457 63.67 -28.14 36.12
CA SER A 1457 64.70 -27.35 36.76
C SER A 1457 64.19 -26.57 37.98
N ASP A 1458 65.19 -26.28 38.82
CA ASP A 1458 65.09 -25.70 40.16
C ASP A 1458 63.83 -26.16 40.84
N GLY A 1459 62.81 -25.38 40.61
CA GLY A 1459 61.47 -25.60 41.14
C GLY A 1459 60.34 -25.24 40.20
N THR A 1460 60.64 -25.05 38.92
CA THR A 1460 59.71 -24.44 37.98
C THR A 1460 58.95 -25.51 37.20
N VAL A 1461 57.63 -25.56 37.38
CA VAL A 1461 56.77 -26.48 36.65
C VAL A 1461 56.11 -25.74 35.49
N THR A 1462 55.92 -26.44 34.38
CA THR A 1462 55.33 -25.84 33.18
C THR A 1462 53.85 -25.53 33.40
N PHE A 1463 53.27 -24.78 32.46
CA PHE A 1463 51.87 -24.40 32.62
C PHE A 1463 50.96 -25.57 32.32
N ASN A 1464 51.28 -26.28 31.24
CA ASN A 1464 50.39 -27.30 30.69
C ASN A 1464 50.26 -28.49 31.64
N ALA A 1465 51.30 -28.76 32.43
CA ALA A 1465 51.18 -29.77 33.47
C ALA A 1465 50.25 -29.27 34.56
N THR A 1466 50.35 -27.98 34.89
CA THR A 1466 49.48 -27.42 35.91
C THR A 1466 48.07 -27.28 35.35
N LEU A 1467 47.98 -26.98 34.06
CA LEU A 1467 46.69 -26.87 33.39
C LEU A 1467 46.00 -28.22 33.32
N PHE A 1468 46.75 -29.27 33.01
CA PHE A 1468 46.12 -30.57 32.86
C PHE A 1468 45.73 -31.18 34.19
N ALA A 1469 46.47 -30.87 35.24
CA ALA A 1469 46.17 -31.44 36.55
C ALA A 1469 44.87 -30.87 37.10
N LEU A 1470 44.66 -29.57 36.91
CA LEU A 1470 43.44 -28.94 37.38
C LEU A 1470 42.26 -29.37 36.53
N VAL A 1471 42.50 -29.71 35.27
CA VAL A 1471 41.38 -29.99 34.40
C VAL A 1471 40.92 -31.43 34.59
N ARG A 1472 41.76 -32.25 35.20
CA ARG A 1472 41.34 -33.60 35.50
C ARG A 1472 40.47 -33.61 36.76
N THR A 1473 40.47 -32.51 37.52
CA THR A 1473 39.53 -32.39 38.63
C THR A 1473 38.09 -32.30 38.14
N ALA A 1474 37.85 -31.52 37.09
CA ALA A 1474 36.52 -31.42 36.51
C ALA A 1474 36.18 -32.68 35.73
N LEU A 1475 37.02 -33.04 34.77
CA LEU A 1475 36.84 -34.28 34.02
C LEU A 1475 37.46 -35.40 34.85
N LYS A 1476 36.63 -36.01 35.70
CA LYS A 1476 37.04 -36.77 36.89
C LYS A 1476 37.96 -37.96 36.61
N ILE A 1477 38.62 -38.45 37.66
CA ILE A 1477 39.74 -39.36 37.53
C ILE A 1477 39.61 -40.53 38.48
N LYS A 1478 40.66 -41.33 38.57
CA LYS A 1478 40.79 -42.38 39.57
C LYS A 1478 42.21 -42.35 40.11
N THR A 1479 42.58 -43.38 40.89
CA THR A 1479 43.88 -43.40 41.54
C THR A 1479 44.98 -43.88 40.60
N GLU A 1480 46.20 -44.01 41.11
CA GLU A 1480 47.31 -44.47 40.30
C GLU A 1480 47.15 -45.94 39.94
N GLY A 1481 47.78 -46.34 38.85
CA GLY A 1481 47.46 -47.60 38.21
C GLY A 1481 46.34 -47.39 37.21
N ASN A 1482 45.23 -46.81 37.67
CA ASN A 1482 44.20 -46.34 36.76
C ASN A 1482 44.62 -45.08 36.04
N PHE A 1483 45.47 -44.27 36.68
CA PHE A 1483 46.03 -43.10 36.02
C PHE A 1483 47.15 -43.49 35.09
N GLU A 1484 47.98 -44.45 35.51
CA GLU A 1484 49.12 -44.87 34.71
C GLU A 1484 48.65 -45.61 33.45
N GLN A 1485 47.52 -46.31 33.54
CA GLN A 1485 46.94 -46.90 32.34
C GLN A 1485 46.25 -45.82 31.51
N ALA A 1486 45.73 -44.78 32.16
CA ALA A 1486 45.14 -43.66 31.42
C ALA A 1486 46.22 -42.86 30.72
N ASN A 1487 47.47 -42.93 31.21
CA ASN A 1487 48.57 -42.24 30.56
C ASN A 1487 48.94 -42.92 29.24
N GLU A 1488 48.46 -44.14 29.03
CA GLU A 1488 48.48 -44.70 27.68
C GLU A 1488 47.12 -44.57 27.01
N GLU A 1489 46.04 -44.59 27.80
CA GLU A 1489 44.69 -44.67 27.23
C GLU A 1489 44.29 -43.34 26.61
N LEU A 1490 44.55 -42.23 27.30
CA LEU A 1490 44.43 -40.94 26.65
C LEU A 1490 45.48 -40.77 25.58
N ARG A 1491 46.65 -41.37 25.78
CA ARG A 1491 47.68 -41.38 24.74
C ARG A 1491 47.27 -42.26 23.58
N ALA A 1492 46.41 -43.25 23.83
CA ALA A 1492 45.79 -43.98 22.74
C ALA A 1492 44.78 -43.11 22.01
N ILE A 1493 44.05 -42.28 22.75
CA ILE A 1493 42.99 -41.49 22.14
C ILE A 1493 43.59 -40.30 21.39
N ILE A 1494 44.62 -39.69 21.97
CA ILE A 1494 45.12 -38.42 21.42
C ILE A 1494 46.03 -38.67 20.23
N LYS A 1495 46.69 -39.82 20.18
CA LYS A 1495 47.56 -40.12 19.04
C LYS A 1495 46.74 -40.35 17.78
N LYS A 1496 45.51 -40.84 17.96
CA LYS A 1496 44.53 -40.87 16.89
C LYS A 1496 44.18 -39.43 16.52
N ILE A 1497 43.88 -38.62 17.53
CA ILE A 1497 43.48 -37.23 17.31
C ILE A 1497 44.66 -36.39 16.87
N TRP A 1498 45.88 -36.84 17.15
CA TRP A 1498 47.04 -36.25 16.50
C TRP A 1498 47.08 -36.75 15.07
N LYS A 1499 46.40 -36.04 14.17
CA LYS A 1499 46.32 -36.45 12.77
C LYS A 1499 47.68 -36.41 12.09
N ARG A 1500 48.51 -35.43 12.43
CA ARG A 1500 49.87 -35.38 11.90
C ARG A 1500 50.74 -36.34 12.68
N THR A 1501 51.56 -37.10 11.97
CA THR A 1501 52.42 -38.11 12.60
C THR A 1501 53.64 -37.46 13.26
N SER A 1502 53.87 -36.18 12.97
CA SER A 1502 54.98 -35.41 13.51
C SER A 1502 54.74 -34.99 14.96
N MET A 1503 55.54 -34.02 15.44
CA MET A 1503 55.44 -33.41 16.76
C MET A 1503 55.63 -34.42 17.89
N LYS A 1504 56.85 -34.94 18.04
CA LYS A 1504 57.18 -35.80 19.17
C LYS A 1504 57.20 -35.05 20.49
N LEU A 1505 57.20 -33.72 20.46
CA LEU A 1505 57.08 -32.94 21.69
C LEU A 1505 55.68 -33.08 22.29
N LEU A 1506 54.68 -33.37 21.46
CA LEU A 1506 53.32 -33.62 21.91
C LEU A 1506 53.26 -34.92 22.70
N ASP A 1507 54.00 -35.92 22.22
CA ASP A 1507 54.19 -37.13 23.02
C ASP A 1507 55.06 -36.82 24.23
N GLN A 1508 56.02 -35.92 24.09
CA GLN A 1508 56.81 -35.47 25.24
C GLN A 1508 55.93 -34.66 26.19
N VAL A 1509 54.96 -33.94 25.64
CA VAL A 1509 53.96 -33.30 26.48
C VAL A 1509 53.08 -34.35 27.13
N ILE A 1510 52.89 -35.48 26.45
CA ILE A 1510 52.02 -36.54 27.00
C ILE A 1510 52.68 -37.23 28.18
N PRO A 1511 54.00 -37.39 28.23
CA PRO A 1511 54.62 -37.93 29.43
C PRO A 1511 54.69 -36.88 30.52
N PRO A 1512 54.94 -35.62 30.15
CA PRO A 1512 55.04 -34.57 31.18
C PRO A 1512 53.71 -34.19 31.78
N ILE A 1513 52.63 -34.26 31.01
CA ILE A 1513 51.29 -34.13 31.60
C ILE A 1513 50.95 -35.37 32.40
N GLY A 1514 51.51 -36.52 32.01
CA GLY A 1514 51.32 -37.73 32.78
C GLY A 1514 52.21 -37.77 34.01
N ASP A 1515 53.22 -36.92 34.04
CA ASP A 1515 54.14 -36.91 35.15
C ASP A 1515 53.61 -36.08 36.32
N GLN B 7 41.39 -108.07 -10.52
CA GLN B 7 41.85 -107.16 -11.58
C GLN B 7 40.92 -107.20 -12.79
N GLY B 8 41.19 -108.11 -13.72
CA GLY B 8 40.36 -108.28 -14.89
C GLY B 8 39.13 -109.11 -14.63
N PRO B 9 39.27 -110.16 -13.81
CA PRO B 9 38.13 -111.05 -13.57
C PRO B 9 37.12 -110.49 -12.57
N HIS B 10 37.58 -109.58 -11.71
CA HIS B 10 36.69 -109.01 -10.70
C HIS B 10 35.97 -107.75 -11.19
N MET B 11 36.57 -107.03 -12.13
CA MET B 11 36.01 -105.75 -12.59
C MET B 11 34.81 -105.89 -13.52
N ALA B 12 34.35 -107.09 -13.88
CA ALA B 12 33.18 -107.23 -14.75
C ALA B 12 31.89 -107.27 -13.94
N LEU B 13 31.92 -107.88 -12.75
CA LEU B 13 30.72 -107.92 -11.91
C LEU B 13 30.68 -106.75 -10.93
N ARG B 14 31.85 -106.23 -10.56
CA ARG B 14 31.96 -105.14 -9.59
C ARG B 14 31.84 -103.75 -10.23
N LYS B 15 31.62 -103.68 -11.54
CA LYS B 15 31.35 -102.43 -12.22
C LYS B 15 29.95 -102.36 -12.81
N GLU B 16 29.29 -103.49 -13.05
CA GLU B 16 27.90 -103.49 -13.43
C GLU B 16 26.95 -103.52 -12.24
N ALA B 17 27.44 -103.93 -11.07
CA ALA B 17 26.60 -103.91 -9.87
C ALA B 17 26.35 -102.49 -9.40
N GLU B 18 27.26 -101.56 -9.71
CA GLU B 18 26.98 -100.14 -9.52
C GLU B 18 25.92 -99.64 -10.49
N ARG B 19 26.07 -99.98 -11.77
CA ARG B 19 25.15 -99.46 -12.79
C ARG B 19 23.80 -100.18 -12.72
N GLN B 20 23.76 -101.39 -12.15
CA GLN B 20 22.47 -101.98 -11.82
C GLN B 20 21.81 -101.29 -10.64
N ALA B 21 22.62 -100.78 -9.70
CA ALA B 21 22.07 -100.06 -8.56
C ALA B 21 21.85 -98.59 -8.89
N LEU B 22 22.58 -98.06 -9.86
CA LEU B 22 22.32 -96.69 -10.30
C LEU B 22 21.06 -96.62 -11.16
N ALA B 23 20.79 -97.67 -11.93
CA ALA B 23 19.51 -97.79 -12.62
C ALA B 23 18.38 -98.06 -11.61
N GLN B 24 18.73 -98.69 -10.49
CA GLN B 24 17.81 -98.77 -9.36
C GLN B 24 17.66 -97.39 -8.71
N LEU B 25 18.67 -96.54 -8.86
CA LEU B 25 18.67 -95.23 -8.24
C LEU B 25 17.96 -94.21 -9.14
N GLU B 26 18.03 -94.40 -10.46
CA GLU B 26 17.57 -93.36 -11.39
C GLU B 26 16.06 -93.43 -11.60
N LYS B 27 15.48 -94.62 -11.52
CA LYS B 27 14.02 -94.73 -11.60
C LYS B 27 13.35 -94.59 -10.24
N ALA B 28 14.14 -94.54 -9.16
CA ALA B 28 13.60 -94.36 -7.82
C ALA B 28 13.21 -92.92 -7.51
N LYS B 29 13.60 -91.98 -8.37
CA LYS B 29 13.34 -90.57 -8.10
C LYS B 29 11.89 -90.21 -8.38
N THR B 30 11.17 -91.07 -9.09
CA THR B 30 9.74 -90.90 -9.33
C THR B 30 8.88 -91.83 -8.49
N LYS B 31 9.49 -92.83 -7.86
CA LYS B 31 8.76 -93.78 -7.02
C LYS B 31 8.25 -93.08 -5.75
N PRO B 32 7.08 -93.49 -5.25
CA PRO B 32 6.45 -92.72 -4.17
C PRO B 32 7.17 -92.90 -2.83
N VAL B 33 6.88 -91.98 -1.93
CA VAL B 33 7.45 -92.02 -0.59
C VAL B 33 6.70 -93.08 0.20
N ALA B 34 7.44 -94.09 0.68
CA ALA B 34 6.82 -95.12 1.50
C ALA B 34 6.52 -94.60 2.90
N PHE B 35 7.56 -94.20 3.63
CA PHE B 35 7.43 -93.67 4.97
C PHE B 35 8.64 -92.78 5.22
N ALA B 36 8.65 -92.13 6.38
CA ALA B 36 9.77 -91.31 6.80
C ALA B 36 10.13 -91.64 8.24
N VAL B 37 11.40 -91.42 8.57
CA VAL B 37 11.92 -91.71 9.90
C VAL B 37 12.52 -90.46 10.49
N ARG B 38 12.77 -90.49 11.79
CA ARG B 38 13.55 -89.47 12.47
C ARG B 38 14.90 -90.03 12.89
N THR B 39 15.98 -89.40 12.43
CA THR B 39 17.31 -89.86 12.79
C THR B 39 17.59 -89.54 14.25
N ASN B 40 18.17 -90.51 14.95
CA ASN B 40 18.65 -90.32 16.30
C ASN B 40 20.17 -90.31 16.38
N VAL B 41 20.84 -90.57 15.25
CA VAL B 41 22.28 -90.44 15.12
C VAL B 41 22.56 -89.69 13.82
N GLY B 42 23.85 -89.50 13.54
CA GLY B 42 24.29 -88.95 12.28
C GLY B 42 25.09 -89.97 11.49
N TYR B 43 25.37 -89.62 10.24
CA TYR B 43 26.08 -90.53 9.35
C TYR B 43 26.88 -89.73 8.34
N ASN B 44 28.04 -90.27 7.93
CA ASN B 44 28.78 -89.78 6.79
C ASN B 44 29.22 -90.99 5.98
N PRO B 45 29.15 -90.93 4.65
CA PRO B 45 29.59 -92.07 3.84
C PRO B 45 31.10 -92.15 3.72
N SER B 46 31.64 -93.35 3.92
CA SER B 46 33.06 -93.62 3.86
C SER B 46 33.40 -94.55 2.69
N PRO B 47 34.68 -94.83 2.47
CA PRO B 47 35.02 -95.84 1.45
C PRO B 47 34.73 -97.26 1.91
N GLY B 48 34.89 -97.54 3.20
CA GLY B 48 34.63 -98.87 3.73
C GLY B 48 33.18 -99.16 4.03
N ASP B 49 32.27 -98.22 3.74
CA ASP B 49 30.85 -98.47 4.00
C ASP B 49 30.22 -99.41 2.99
N GLU B 50 30.91 -99.67 1.87
CA GLU B 50 30.51 -100.62 0.82
C GLU B 50 29.15 -100.25 0.23
N VAL B 51 29.02 -99.02 -0.25
CA VAL B 51 27.81 -98.64 -0.97
C VAL B 51 27.85 -99.30 -2.34
N PRO B 52 26.73 -99.82 -2.87
CA PRO B 52 26.75 -100.36 -4.25
C PRO B 52 27.08 -99.31 -5.30
N VAL B 53 26.74 -98.05 -5.06
CA VAL B 53 27.13 -96.93 -5.90
C VAL B 53 27.94 -96.00 -5.01
N GLU B 54 29.26 -96.02 -5.16
CA GLU B 54 30.14 -95.28 -4.27
C GLU B 54 30.01 -93.77 -4.47
N GLY B 55 29.73 -93.06 -3.38
CA GLY B 55 29.65 -91.62 -3.42
C GLY B 55 28.25 -91.04 -3.43
N VAL B 56 27.28 -91.71 -4.07
CA VAL B 56 25.95 -91.13 -4.25
C VAL B 56 25.11 -91.20 -2.98
N ALA B 57 25.61 -91.83 -1.92
CA ALA B 57 24.87 -91.92 -0.67
C ALA B 57 24.87 -90.56 0.04
N ILE B 58 23.92 -90.39 0.95
CA ILE B 58 23.77 -89.12 1.66
C ILE B 58 24.44 -89.19 3.02
N THR B 59 24.67 -88.01 3.59
CA THR B 59 25.26 -87.87 4.92
C THR B 59 24.41 -86.90 5.74
N PHE B 60 24.10 -87.28 6.98
CA PHE B 60 23.19 -86.46 7.77
C PHE B 60 23.74 -86.26 9.17
N GLU B 61 23.16 -85.29 9.86
CA GLU B 61 23.46 -84.92 11.24
C GLU B 61 22.35 -85.43 12.15
N PRO B 62 22.43 -85.14 13.45
CA PRO B 62 21.38 -85.62 14.37
C PRO B 62 20.06 -84.91 14.15
N LYS B 63 18.98 -85.63 14.49
CA LYS B 63 17.58 -85.22 14.40
C LYS B 63 17.13 -84.87 12.99
N ASP B 64 17.65 -85.55 11.97
CA ASP B 64 17.24 -85.26 10.61
C ASP B 64 16.09 -86.17 10.19
N PHE B 65 15.51 -85.85 9.04
CA PHE B 65 14.32 -86.50 8.52
C PHE B 65 14.62 -87.08 7.15
N LEU B 66 14.31 -88.35 6.96
CA LEU B 66 14.65 -89.05 5.73
C LEU B 66 13.40 -89.58 5.07
N HIS B 67 13.01 -88.96 3.95
CA HIS B 67 11.93 -89.47 3.11
C HIS B 67 12.41 -90.74 2.44
N ILE B 68 12.18 -91.87 3.10
CA ILE B 68 12.55 -93.18 2.57
C ILE B 68 11.66 -93.47 1.38
N LYS B 69 12.24 -93.39 0.19
CA LYS B 69 11.51 -93.80 -1.01
C LYS B 69 11.33 -95.31 -1.03
N GLU B 70 12.43 -96.05 -0.91
CA GLU B 70 12.37 -97.50 -0.94
C GLU B 70 13.60 -98.11 -0.30
N LYS B 71 13.61 -99.43 -0.24
CA LYS B 71 14.68 -100.21 0.37
C LYS B 71 15.52 -100.83 -0.74
N TYR B 72 16.79 -100.43 -0.82
CA TYR B 72 17.68 -100.87 -1.89
C TYR B 72 18.06 -102.34 -1.74
N ASN B 73 18.63 -102.69 -0.60
CA ASN B 73 18.95 -104.08 -0.27
C ASN B 73 18.89 -104.22 1.24
N ASN B 74 19.49 -105.28 1.78
CA ASN B 74 19.54 -105.45 3.22
C ASN B 74 20.65 -104.64 3.87
N ASP B 75 21.42 -103.88 3.09
CA ASP B 75 22.43 -103.01 3.65
C ASP B 75 22.09 -101.53 3.47
N TRP B 76 21.24 -101.21 2.50
CA TRP B 76 20.99 -99.83 2.12
C TRP B 76 19.52 -99.64 1.79
N TRP B 77 19.02 -98.43 2.07
CA TRP B 77 17.72 -97.98 1.61
C TRP B 77 17.95 -96.97 0.49
N ILE B 78 16.85 -96.51 -0.10
CA ILE B 78 16.88 -95.42 -1.07
C ILE B 78 15.91 -94.36 -0.63
N GLY B 79 16.42 -93.16 -0.41
CA GLY B 79 15.58 -92.04 -0.06
C GLY B 79 16.37 -90.76 -0.16
N ARG B 80 15.78 -89.68 0.35
CA ARG B 80 16.48 -88.40 0.34
C ARG B 80 16.27 -87.67 1.65
N LEU B 81 17.25 -86.86 2.00
CA LEU B 81 17.11 -85.92 3.10
C LEU B 81 16.12 -84.84 2.70
N VAL B 82 15.22 -84.50 3.63
CA VAL B 82 14.12 -83.58 3.30
C VAL B 82 14.64 -82.15 3.37
N LYS B 83 15.13 -81.67 2.24
CA LYS B 83 15.83 -80.40 2.21
C LYS B 83 15.80 -79.90 0.77
N GLU B 84 15.71 -78.58 0.60
CA GLU B 84 15.55 -77.98 -0.72
C GLU B 84 16.81 -78.16 -1.55
N GLY B 85 16.66 -78.69 -2.76
CA GLY B 85 17.76 -78.94 -3.65
C GLY B 85 18.44 -80.28 -3.47
N CYS B 86 18.29 -80.91 -2.31
CA CYS B 86 18.92 -82.20 -2.07
C CYS B 86 18.22 -83.29 -2.87
N GLU B 87 18.98 -84.34 -3.18
CA GLU B 87 18.55 -85.37 -4.12
C GLU B 87 18.56 -86.73 -3.45
N VAL B 88 18.12 -87.73 -4.21
CA VAL B 88 18.00 -89.09 -3.68
C VAL B 88 19.37 -89.74 -3.60
N GLY B 89 19.57 -90.53 -2.55
CA GLY B 89 20.84 -91.22 -2.36
C GLY B 89 20.63 -92.58 -1.76
N PHE B 90 21.61 -93.02 -0.99
CA PHE B 90 21.50 -94.28 -0.27
C PHE B 90 21.50 -94.09 1.23
N ILE B 91 20.48 -94.65 1.88
CA ILE B 91 20.29 -94.57 3.32
C ILE B 91 20.69 -95.91 3.91
N PRO B 92 21.58 -95.97 4.89
CA PRO B 92 21.89 -97.26 5.51
C PRO B 92 20.77 -97.76 6.40
N SER B 93 20.52 -99.07 6.32
CA SER B 93 19.59 -99.74 7.21
C SER B 93 20.21 -99.79 8.60
N PRO B 94 19.39 -99.89 9.65
CA PRO B 94 19.96 -99.89 11.02
C PRO B 94 20.82 -101.09 11.35
N VAL B 95 20.58 -102.24 10.71
CA VAL B 95 21.42 -103.41 10.93
C VAL B 95 22.78 -103.21 10.24
N LYS B 96 22.81 -102.41 9.17
CA LYS B 96 24.08 -102.04 8.55
C LYS B 96 24.79 -100.95 9.34
N LEU B 97 24.02 -100.03 9.93
CA LEU B 97 24.62 -99.05 10.83
C LEU B 97 25.15 -99.69 12.10
N ASP B 98 24.54 -100.81 12.51
CA ASP B 98 25.11 -101.55 13.63
C ASP B 98 26.39 -102.26 13.19
N SER B 99 26.41 -102.80 11.97
CA SER B 99 27.59 -103.51 11.49
C SER B 99 28.73 -102.56 11.14
N LEU B 100 28.42 -101.27 10.92
CA LEU B 100 29.49 -100.28 10.71
C LEU B 100 30.07 -99.82 12.03
N ARG B 101 29.46 -100.21 13.15
CA ARG B 101 30.01 -99.91 14.46
C ARG B 101 30.90 -101.05 14.96
N LEU B 102 30.53 -102.29 14.64
CA LEU B 102 31.29 -103.47 15.05
C LEU B 102 32.61 -103.59 14.27
N LEU B 103 32.61 -103.12 13.02
CA LEU B 103 33.80 -103.27 12.18
C LEU B 103 34.90 -102.29 12.59
N GLN B 104 34.52 -101.22 13.28
CA GLN B 104 35.53 -100.26 13.76
C GLN B 104 36.26 -100.81 14.97
N GLU B 105 35.57 -101.56 15.83
CA GLU B 105 36.17 -102.08 17.05
C GLU B 105 37.14 -103.22 16.75
N GLN B 106 36.73 -104.16 15.90
CA GLN B 106 37.52 -105.36 15.61
C GLN B 106 38.72 -105.10 14.71
N VAL C 1 18.91 -97.05 21.90
CA VAL C 1 18.37 -96.02 21.03
C VAL C 1 18.54 -96.41 19.56
N PRO C 2 17.43 -96.71 18.89
CA PRO C 2 17.50 -97.00 17.46
C PRO C 2 17.75 -95.72 16.69
N PRO C 3 18.36 -95.81 15.51
CA PRO C 3 18.55 -94.59 14.71
C PRO C 3 17.27 -94.04 14.13
N TYR C 4 16.36 -94.90 13.66
CA TYR C 4 15.24 -94.46 12.81
C TYR C 4 13.91 -94.72 13.52
N ASP C 5 13.11 -93.66 13.64
CA ASP C 5 11.83 -93.70 14.34
C ASP C 5 10.76 -93.11 13.44
N VAL C 6 9.67 -93.86 13.27
CA VAL C 6 8.72 -93.64 12.17
C VAL C 6 7.92 -92.37 12.38
N VAL C 7 8.14 -91.38 11.53
CA VAL C 7 7.37 -90.13 11.54
C VAL C 7 6.42 -90.19 10.35
N PRO C 8 5.44 -89.29 10.22
CA PRO C 8 4.71 -89.19 8.96
C PRO C 8 5.57 -88.58 7.86
N SER C 9 5.09 -88.71 6.63
CA SER C 9 5.81 -88.13 5.49
C SER C 9 5.73 -86.60 5.50
N MET C 10 4.68 -86.03 6.08
CA MET C 10 4.50 -84.59 6.16
C MET C 10 4.16 -84.24 7.60
N ARG C 11 5.01 -83.42 8.23
CA ARG C 11 4.84 -83.15 9.64
C ARG C 11 3.65 -82.21 9.87
N PRO C 12 2.78 -82.51 10.83
CA PRO C 12 1.64 -81.64 11.08
C PRO C 12 2.04 -80.39 11.85
N ILE C 13 1.42 -79.28 11.50
CA ILE C 13 1.69 -77.99 12.13
C ILE C 13 1.00 -77.92 13.48
N ILE C 14 1.74 -77.51 14.51
CA ILE C 14 1.21 -77.37 15.85
C ILE C 14 1.24 -75.89 16.22
N LEU C 15 0.06 -75.34 16.50
CA LEU C 15 -0.10 -73.95 16.91
C LEU C 15 -0.19 -73.90 18.42
N VAL C 16 0.85 -73.38 19.07
CA VAL C 16 0.93 -73.46 20.52
C VAL C 16 0.82 -72.08 21.14
N GLY C 17 0.06 -72.03 22.22
CA GLY C 17 0.29 -71.16 23.35
C GLY C 17 0.57 -69.71 23.12
N PRO C 18 -0.45 -68.94 22.71
CA PRO C 18 -0.39 -67.58 23.24
C PRO C 18 -0.69 -67.67 24.74
N SER C 19 -1.57 -68.61 25.10
CA SER C 19 -1.83 -69.00 26.47
C SER C 19 -2.42 -70.40 26.51
N LEU C 20 -3.00 -70.79 27.64
CA LEU C 20 -3.62 -72.10 27.78
C LEU C 20 -4.85 -72.25 26.90
N LYS C 21 -4.99 -73.42 26.29
CA LYS C 21 -6.17 -73.73 25.50
C LYS C 21 -7.36 -74.06 26.39
N GLY C 22 -8.55 -73.78 25.86
CA GLY C 22 -9.77 -73.86 26.61
C GLY C 22 -10.38 -72.51 26.94
N TYR C 23 -9.90 -71.42 26.34
CA TYR C 23 -10.37 -70.09 26.67
C TYR C 23 -10.57 -69.24 25.43
N GLU C 24 -11.16 -68.07 25.67
CA GLU C 24 -11.45 -67.13 24.60
C GLU C 24 -10.19 -66.43 24.13
N VAL C 25 -9.16 -66.41 24.97
CA VAL C 25 -7.91 -65.74 24.64
C VAL C 25 -7.13 -66.54 23.61
N THR C 26 -6.91 -67.82 23.92
CA THR C 26 -6.00 -68.64 23.11
C THR C 26 -6.62 -69.01 21.79
N ASP C 27 -7.83 -69.55 21.85
CA ASP C 27 -8.35 -70.34 20.74
C ASP C 27 -8.76 -69.44 19.58
N MET C 28 -9.30 -68.27 19.90
CA MET C 28 -9.76 -67.35 18.86
C MET C 28 -8.59 -66.78 18.08
N MET C 29 -7.46 -66.55 18.75
CA MET C 29 -6.27 -66.13 18.03
C MET C 29 -5.71 -67.26 17.20
N GLN C 30 -5.81 -68.49 17.70
CA GLN C 30 -5.45 -69.64 16.88
C GLN C 30 -6.47 -69.85 15.77
N LYS C 31 -7.72 -69.43 16.00
CA LYS C 31 -8.75 -69.56 14.99
C LYS C 31 -8.49 -68.61 13.83
N ALA C 32 -7.68 -67.58 14.05
CA ALA C 32 -7.17 -66.79 12.93
C ALA C 32 -6.25 -67.63 12.04
N LEU C 33 -5.48 -68.53 12.65
CA LEU C 33 -4.46 -69.23 11.87
C LEU C 33 -5.03 -70.45 11.16
N PHE C 34 -6.14 -70.98 11.67
CA PHE C 34 -6.85 -72.00 10.90
C PHE C 34 -7.72 -71.34 9.84
N ASP C 35 -7.99 -70.05 9.98
CA ASP C 35 -8.72 -69.33 8.94
C ASP C 35 -7.78 -68.95 7.81
N PHE C 36 -6.54 -68.59 8.15
CA PHE C 36 -5.57 -68.16 7.15
C PHE C 36 -5.17 -69.32 6.25
N LEU C 37 -4.75 -70.43 6.85
CA LEU C 37 -4.13 -71.52 6.09
C LEU C 37 -5.17 -72.29 5.28
N LYS C 38 -6.44 -72.15 5.65
CA LYS C 38 -7.52 -72.88 5.00
C LYS C 38 -7.69 -72.44 3.55
N HIS C 39 -7.31 -71.21 3.26
CA HIS C 39 -7.49 -70.71 1.92
C HIS C 39 -6.17 -70.20 1.32
N LEU C 40 -5.12 -70.10 2.14
CA LEU C 40 -3.82 -69.73 1.60
C LEU C 40 -3.13 -70.92 0.94
N PHE C 41 -3.14 -72.07 1.60
CA PHE C 41 -2.69 -73.32 0.98
C PHE C 41 -3.87 -74.21 0.62
N ASP C 42 -4.96 -73.61 0.14
CA ASP C 42 -6.13 -74.36 -0.25
C ASP C 42 -5.82 -75.20 -1.49
N GLY C 43 -6.16 -76.48 -1.42
CA GLY C 43 -5.79 -77.43 -2.44
C GLY C 43 -4.54 -78.23 -2.12
N ARG C 44 -3.76 -77.80 -1.11
CA ARG C 44 -2.55 -78.51 -0.70
C ARG C 44 -2.48 -78.73 0.81
N ILE C 45 -3.62 -78.75 1.48
CA ILE C 45 -3.62 -78.83 2.94
C ILE C 45 -4.72 -79.79 3.37
N SER C 46 -4.58 -80.35 4.58
CA SER C 46 -5.65 -81.08 5.23
C SER C 46 -5.72 -80.65 6.70
N ILE C 47 -6.76 -79.90 7.04
CA ILE C 47 -6.91 -79.29 8.35
C ILE C 47 -7.98 -80.03 9.11
N THR C 48 -7.64 -80.58 10.26
CA THR C 48 -8.55 -81.41 11.01
C THR C 48 -8.52 -81.11 12.50
N ARG C 49 -9.63 -81.44 13.15
CA ARG C 49 -9.76 -81.30 14.60
C ARG C 49 -9.12 -82.50 15.29
N VAL C 50 -8.35 -82.26 16.33
CA VAL C 50 -7.79 -83.32 17.15
C VAL C 50 -8.46 -83.24 18.51
N THR C 51 -9.36 -84.19 18.77
CA THR C 51 -10.10 -84.25 20.02
C THR C 51 -9.41 -85.10 21.07
N ALA C 52 -8.77 -86.19 20.67
CA ALA C 52 -8.11 -87.07 21.63
C ALA C 52 -6.84 -86.42 22.16
N ASP C 53 -6.55 -86.71 23.44
CA ASP C 53 -5.35 -86.22 24.10
C ASP C 53 -4.18 -87.05 23.60
N ILE C 54 -3.46 -86.51 22.61
CA ILE C 54 -2.38 -87.26 21.97
C ILE C 54 -1.08 -87.20 22.76
N SER C 55 -1.06 -86.55 23.92
CA SER C 55 0.13 -86.52 24.76
C SER C 55 0.30 -87.78 25.58
N LEU C 56 -0.72 -88.65 25.62
CA LEU C 56 -0.70 -89.87 26.41
C LEU C 56 0.04 -91.00 25.71
N ALA C 57 0.54 -90.78 24.51
CA ALA C 57 1.29 -91.79 23.76
C ALA C 57 2.79 -91.64 24.00
N ARG C 77 -9.51 -90.01 30.78
CA ARG C 77 -8.48 -89.81 29.77
C ARG C 77 -8.76 -90.65 28.54
N SER C 78 -8.10 -90.33 27.43
CA SER C 78 -8.32 -91.01 26.16
C SER C 78 -7.63 -92.36 26.19
N SER C 79 -8.36 -93.39 25.78
CA SER C 79 -7.85 -94.76 25.84
C SER C 79 -6.80 -94.97 24.75
N LEU C 80 -6.08 -96.10 24.88
CA LEU C 80 -4.94 -96.35 24.01
C LEU C 80 -5.37 -96.77 22.62
N ALA C 81 -6.63 -97.21 22.47
CA ALA C 81 -7.16 -97.52 21.15
C ALA C 81 -7.68 -96.27 20.45
N GLU C 82 -8.17 -95.29 21.22
CA GLU C 82 -8.63 -94.05 20.61
C GLU C 82 -7.47 -93.20 20.13
N VAL C 83 -6.37 -93.18 20.90
CA VAL C 83 -5.23 -92.34 20.55
C VAL C 83 -4.49 -92.91 19.35
N GLN C 84 -4.28 -94.23 19.35
CA GLN C 84 -3.61 -94.90 18.22
C GLN C 84 -4.42 -94.77 16.94
N SER C 85 -5.75 -94.78 17.05
CA SER C 85 -6.60 -94.54 15.88
C SER C 85 -6.43 -93.12 15.35
N GLU C 86 -6.25 -92.15 16.25
CA GLU C 86 -5.98 -90.80 15.80
C GLU C 86 -4.53 -90.64 15.37
N ILE C 87 -3.62 -91.43 15.96
CA ILE C 87 -2.22 -91.43 15.51
C ILE C 87 -2.12 -91.92 14.07
N GLU C 88 -2.72 -93.07 13.79
CA GLU C 88 -2.55 -93.68 12.48
C GLU C 88 -3.47 -93.02 11.46
N ARG C 89 -4.41 -92.20 11.92
CA ARG C 89 -5.13 -91.33 11.00
C ARG C 89 -4.20 -90.27 10.44
N ILE C 90 -3.39 -89.65 11.30
CA ILE C 90 -2.44 -88.64 10.85
C ILE C 90 -1.34 -89.27 10.01
N PHE C 91 -1.03 -90.54 10.28
CA PHE C 91 -0.15 -91.31 9.40
C PHE C 91 -0.78 -91.49 8.01
N GLU C 92 -2.10 -91.54 7.95
CA GLU C 92 -2.77 -91.68 6.67
C GLU C 92 -3.00 -90.31 6.02
N LEU C 93 -3.11 -89.26 6.82
CA LEU C 93 -3.33 -87.93 6.27
C LEU C 93 -2.09 -87.41 5.55
N ALA C 94 -0.90 -87.66 6.10
CA ALA C 94 0.33 -87.23 5.48
C ALA C 94 0.85 -88.23 4.46
N ARG C 95 0.01 -89.10 3.91
CA ARG C 95 0.48 -90.18 3.04
C ARG C 95 0.61 -89.71 1.60
N THR C 96 -0.29 -88.82 1.17
CA THR C 96 -0.32 -88.34 -0.21
C THR C 96 0.53 -87.09 -0.43
N LEU C 97 1.58 -86.89 0.38
CA LEU C 97 2.45 -85.72 0.37
C LEU C 97 1.68 -84.41 0.48
N GLN C 98 0.67 -84.39 1.34
CA GLN C 98 -0.10 -83.17 1.57
C GLN C 98 0.22 -82.60 2.94
N LEU C 99 0.18 -81.28 3.04
CA LEU C 99 0.29 -80.62 4.33
C LEU C 99 -0.91 -81.00 5.21
N VAL C 100 -0.63 -81.34 6.45
CA VAL C 100 -1.65 -81.70 7.41
C VAL C 100 -1.56 -80.70 8.55
N ALA C 101 -2.72 -80.20 9.00
CA ALA C 101 -2.78 -79.32 10.15
C ALA C 101 -3.67 -79.97 11.21
N LEU C 102 -3.42 -79.66 12.46
CA LEU C 102 -4.15 -80.25 13.57
C LEU C 102 -4.77 -79.17 14.42
N ASP C 103 -6.08 -79.30 14.69
CA ASP C 103 -6.75 -78.46 15.69
C ASP C 103 -6.79 -79.29 16.97
N ALA C 104 -5.69 -79.26 17.72
CA ALA C 104 -5.56 -80.00 18.98
C ALA C 104 -5.86 -79.02 20.11
N ASP C 105 -6.63 -79.48 21.11
CA ASP C 105 -6.97 -78.61 22.22
C ASP C 105 -6.17 -78.94 23.48
N THR C 106 -5.70 -80.18 23.62
CA THR C 106 -4.93 -80.54 24.80
C THR C 106 -3.49 -80.07 24.74
N ILE C 107 -2.98 -79.73 23.57
CA ILE C 107 -1.55 -79.53 23.35
C ILE C 107 -1.22 -78.08 23.66
N ASN C 108 -0.26 -77.88 24.55
CA ASN C 108 0.13 -76.54 24.98
C ASN C 108 1.61 -76.36 25.16
N HIS C 109 2.46 -77.29 24.71
CA HIS C 109 3.85 -77.33 25.12
C HIS C 109 4.66 -78.21 24.19
N PRO C 110 5.97 -77.96 24.05
CA PRO C 110 6.80 -78.87 23.24
C PRO C 110 7.08 -80.21 23.90
N ALA C 111 7.35 -80.19 25.20
CA ALA C 111 7.66 -81.40 25.97
C ALA C 111 6.40 -82.20 26.21
N GLN C 112 5.24 -81.57 26.00
CA GLN C 112 3.97 -82.28 26.02
C GLN C 112 3.88 -83.30 24.90
N LEU C 113 4.59 -83.07 23.79
CA LEU C 113 4.70 -84.03 22.71
C LEU C 113 6.14 -84.34 22.34
N SER C 114 7.04 -84.47 23.32
CA SER C 114 8.42 -84.83 22.99
C SER C 114 8.55 -86.32 22.72
N LYS C 115 7.78 -87.16 23.40
CA LYS C 115 7.93 -88.60 23.35
C LYS C 115 7.22 -89.23 22.15
N THR C 116 6.52 -88.45 21.36
CA THR C 116 5.69 -89.01 20.29
C THR C 116 6.48 -89.04 18.98
N SER C 117 6.00 -89.91 18.08
CA SER C 117 6.60 -90.09 16.77
C SER C 117 5.94 -89.20 15.71
N LEU C 118 5.27 -88.13 16.15
CA LEU C 118 4.61 -87.23 15.21
C LEU C 118 5.53 -86.12 14.74
N ALA C 119 6.38 -85.60 15.64
CA ALA C 119 7.29 -84.50 15.39
C ALA C 119 6.60 -83.27 14.78
N PRO C 120 5.87 -82.51 15.60
CA PRO C 120 5.05 -81.43 15.03
C PRO C 120 5.87 -80.20 14.68
N ILE C 121 5.46 -79.51 13.62
CA ILE C 121 6.04 -78.21 13.32
C ILE C 121 5.41 -77.22 14.29
N ILE C 122 6.09 -77.02 15.41
CA ILE C 122 5.54 -76.31 16.56
C ILE C 122 5.67 -74.82 16.28
N VAL C 123 4.53 -74.13 16.19
CA VAL C 123 4.51 -72.73 15.81
C VAL C 123 4.22 -71.89 17.05
N TYR C 124 5.19 -71.06 17.42
CA TYR C 124 5.20 -70.38 18.71
C TYR C 124 4.58 -69.01 18.57
N ILE C 125 3.28 -68.92 18.82
CA ILE C 125 2.60 -67.64 18.96
C ILE C 125 3.10 -67.02 20.26
N LYS C 126 3.61 -65.80 20.18
CA LYS C 126 4.15 -65.09 21.34
C LYS C 126 3.53 -63.71 21.42
N ILE C 127 3.02 -63.36 22.59
CA ILE C 127 2.78 -61.98 22.94
C ILE C 127 4.02 -61.51 23.68
N THR C 128 4.62 -60.42 23.20
CA THR C 128 5.98 -60.08 23.61
C THR C 128 6.03 -59.55 25.04
N SER C 129 4.95 -58.94 25.51
CA SER C 129 4.92 -58.42 26.87
C SER C 129 3.74 -59.02 27.62
N PRO C 130 3.91 -59.42 28.89
CA PRO C 130 2.77 -59.96 29.64
C PRO C 130 1.74 -58.91 30.01
N LYS C 131 2.14 -57.63 30.03
CA LYS C 131 1.19 -56.55 30.25
C LYS C 131 0.20 -56.43 29.11
N VAL C 132 0.62 -56.80 27.90
CA VAL C 132 -0.30 -56.77 26.76
C VAL C 132 -1.35 -57.87 26.90
N LEU C 133 -0.93 -59.06 27.34
CA LEU C 133 -1.82 -60.21 27.44
C LEU C 133 -2.93 -59.99 28.46
N GLN C 134 -2.60 -59.43 29.62
CA GLN C 134 -3.60 -59.24 30.66
C GLN C 134 -4.57 -58.13 30.31
N ARG C 135 -4.17 -57.23 29.42
CA ARG C 135 -5.14 -56.28 28.86
C ARG C 135 -6.08 -56.98 27.89
N LEU C 136 -5.59 -58.03 27.22
CA LEU C 136 -6.45 -58.77 26.28
C LEU C 136 -7.42 -59.68 27.03
N ILE C 137 -7.11 -60.00 28.28
CA ILE C 137 -7.99 -60.85 29.09
C ILE C 137 -9.15 -60.05 29.65
N LYS C 138 -8.88 -58.80 30.05
CA LYS C 138 -9.94 -57.90 30.50
C LYS C 138 -10.90 -57.55 29.37
N SER C 139 -10.39 -57.50 28.15
CA SER C 139 -11.23 -57.18 27.00
C SER C 139 -12.13 -58.34 26.58
N ARG C 140 -11.76 -59.57 26.93
CA ARG C 140 -12.63 -60.70 26.64
C ARG C 140 -13.73 -60.89 27.67
N GLY C 141 -13.76 -60.08 28.72
CA GLY C 141 -14.86 -60.10 29.66
C GLY C 141 -14.44 -60.62 31.02
N LYS C 142 -15.36 -60.49 31.97
CA LYS C 142 -15.11 -60.95 33.33
C LYS C 142 -15.21 -62.46 33.45
N SER C 143 -15.87 -63.11 32.48
CA SER C 143 -15.88 -64.57 32.45
C SER C 143 -14.52 -65.13 32.06
N GLN C 144 -13.64 -64.30 31.50
CA GLN C 144 -12.23 -64.64 31.36
C GLN C 144 -11.38 -64.04 32.46
N SER C 145 -11.91 -63.08 33.21
CA SER C 145 -11.14 -62.46 34.28
C SER C 145 -11.07 -63.34 35.52
N LYS C 146 -11.86 -64.41 35.55
CA LYS C 146 -11.78 -65.35 36.67
C LYS C 146 -10.57 -66.26 36.54
N HIS C 147 -9.97 -66.31 35.35
CA HIS C 147 -8.86 -67.20 35.04
C HIS C 147 -7.59 -66.44 34.70
N LEU C 148 -7.25 -65.39 35.46
CA LEU C 148 -6.19 -64.49 35.03
C LEU C 148 -4.80 -65.11 35.17
N ASN C 149 -4.41 -65.48 36.40
CA ASN C 149 -3.03 -65.85 36.65
C ASN C 149 -2.74 -67.26 36.13
N VAL C 150 -3.79 -68.06 35.91
CA VAL C 150 -3.57 -69.39 35.34
C VAL C 150 -3.20 -69.28 33.87
N GLN C 151 -3.67 -68.24 33.19
CA GLN C 151 -3.37 -68.09 31.77
C GLN C 151 -1.96 -67.55 31.55
N ILE C 152 -1.52 -66.63 32.39
CA ILE C 152 -0.19 -66.05 32.22
C ILE C 152 0.88 -67.01 32.72
N ALA C 153 0.46 -68.09 33.40
CA ALA C 153 1.40 -69.07 33.91
C ALA C 153 2.08 -69.83 32.78
N ALA C 154 1.29 -70.41 31.87
CA ALA C 154 1.88 -71.28 30.85
C ALA C 154 2.51 -70.47 29.73
N SER C 155 2.04 -69.25 29.51
CA SER C 155 2.72 -68.37 28.57
C SER C 155 4.07 -67.93 29.11
N GLU C 156 4.20 -67.87 30.43
CA GLU C 156 5.49 -67.64 31.05
C GLU C 156 6.37 -68.88 30.95
N LYS C 157 5.76 -70.06 30.96
CA LYS C 157 6.51 -71.29 30.75
C LYS C 157 7.10 -71.33 29.36
N LEU C 158 6.31 -70.93 28.37
CA LEU C 158 6.78 -70.92 26.99
C LEU C 158 7.74 -69.78 26.73
N ALA C 159 7.62 -68.69 27.50
CA ALA C 159 8.64 -67.65 27.47
C ALA C 159 9.96 -68.13 28.06
N GLN C 160 9.90 -69.10 28.99
CA GLN C 160 11.09 -69.75 29.50
C GLN C 160 11.53 -70.94 28.66
N CYS C 161 10.68 -71.42 27.75
CA CYS C 161 11.04 -72.53 26.91
C CYS C 161 12.14 -72.11 25.92
N PRO C 162 13.03 -73.02 25.53
CA PRO C 162 14.10 -72.66 24.60
C PRO C 162 13.56 -72.38 23.21
N PRO C 163 14.14 -71.41 22.50
CA PRO C 163 13.57 -70.99 21.21
C PRO C 163 13.76 -72.00 20.09
N GLU C 164 14.90 -72.69 20.05
CA GLU C 164 15.20 -73.67 19.01
C GLU C 164 14.41 -74.96 19.17
N MET C 165 13.84 -75.22 20.35
CA MET C 165 12.98 -76.38 20.55
C MET C 165 11.65 -76.23 19.84
N PHE C 166 11.29 -75.00 19.43
CA PHE C 166 10.17 -74.73 18.56
C PHE C 166 10.65 -74.75 17.12
N ASP C 167 9.77 -74.40 16.19
CA ASP C 167 10.16 -74.35 14.79
C ASP C 167 9.87 -73.00 14.17
N ILE C 168 8.72 -72.41 14.50
CA ILE C 168 8.33 -71.10 14.01
C ILE C 168 7.95 -70.26 15.21
N ILE C 169 8.61 -69.12 15.38
CA ILE C 169 8.38 -68.23 16.50
C ILE C 169 7.76 -66.95 15.97
N LEU C 170 6.53 -66.68 16.36
CA LEU C 170 5.76 -65.56 15.84
C LEU C 170 5.53 -64.59 16.98
N ASP C 171 5.96 -63.34 16.77
CA ASP C 171 5.74 -62.27 17.73
C ASP C 171 5.19 -61.01 17.08
N GLU C 172 4.69 -61.09 15.86
CA GLU C 172 4.19 -59.92 15.14
C GLU C 172 2.74 -59.64 15.53
N ASN C 173 2.34 -58.37 15.45
CA ASN C 173 1.00 -58.01 15.91
C ASN C 173 -0.04 -58.01 14.81
N GLN C 174 0.31 -57.56 13.61
CA GLN C 174 -0.60 -57.54 12.49
C GLN C 174 -0.78 -58.97 12.01
N LEU C 175 -1.99 -59.28 11.57
CA LEU C 175 -2.24 -60.63 11.06
C LEU C 175 -1.50 -60.84 9.77
N GLU C 176 -1.41 -59.77 8.97
CA GLU C 176 -0.66 -59.83 7.71
C GLU C 176 0.83 -60.10 7.94
N ASP C 177 1.36 -59.68 9.10
CA ASP C 177 2.79 -59.86 9.34
C ASP C 177 3.11 -61.27 9.76
N ALA C 178 2.40 -61.80 10.77
CA ALA C 178 2.72 -63.13 11.28
C ALA C 178 2.30 -64.21 10.30
N CYS C 179 1.26 -63.94 9.49
CA CYS C 179 0.82 -64.95 8.54
C CYS C 179 1.71 -64.99 7.31
N GLU C 180 2.29 -63.85 6.91
CA GLU C 180 3.28 -63.89 5.85
C GLU C 180 4.52 -64.65 6.30
N HIS C 181 4.95 -64.41 7.55
CA HIS C 181 6.01 -65.20 8.15
C HIS C 181 5.60 -66.67 8.26
N LEU C 182 4.31 -66.90 8.50
CA LEU C 182 3.78 -68.26 8.45
C LEU C 182 3.75 -68.80 7.03
N ALA C 183 3.43 -67.96 6.05
CA ALA C 183 3.18 -68.45 4.70
C ALA C 183 4.46 -68.90 4.02
N GLU C 184 5.54 -68.14 4.18
CA GLU C 184 6.78 -68.49 3.51
C GLU C 184 7.43 -69.70 4.16
N TYR C 185 7.21 -69.88 5.45
CA TYR C 185 7.84 -71.01 6.13
C TYR C 185 7.11 -72.31 5.82
N LEU C 186 5.83 -72.21 5.49
CA LEU C 186 5.09 -73.40 5.06
C LEU C 186 5.21 -73.63 3.56
N GLU C 187 5.56 -72.58 2.80
CA GLU C 187 5.87 -72.80 1.40
C GLU C 187 7.26 -73.40 1.23
N ALA C 188 8.22 -72.95 2.05
CA ALA C 188 9.58 -73.47 1.95
C ALA C 188 9.64 -74.93 2.39
N TYR C 189 8.85 -75.30 3.40
CA TYR C 189 8.78 -76.71 3.80
C TYR C 189 8.07 -77.54 2.73
N TRP C 190 7.20 -76.91 1.94
CA TRP C 190 6.60 -77.62 0.80
C TRP C 190 7.64 -77.87 -0.28
N LYS C 191 8.65 -77.01 -0.37
CA LYS C 191 9.69 -77.19 -1.38
C LYS C 191 10.67 -78.27 -0.95
N ALA C 192 10.97 -78.36 0.34
CA ALA C 192 11.88 -79.39 0.83
C ALA C 192 11.23 -80.77 0.78
N THR C 193 9.90 -80.83 0.89
CA THR C 193 9.16 -82.07 0.74
C THR C 193 8.79 -82.37 -0.69
N HIS C 194 8.96 -81.43 -1.61
CA HIS C 194 8.69 -81.64 -3.03
C HIS C 194 9.90 -81.14 -3.82
N PRO C 195 10.88 -82.02 -4.04
CA PRO C 195 12.03 -81.65 -4.86
C PRO C 195 11.61 -81.45 -6.30
N PRO C 196 12.37 -80.67 -7.07
CA PRO C 196 12.02 -80.48 -8.48
C PRO C 196 12.28 -81.73 -9.29
N SER C 197 11.65 -81.80 -10.46
CA SER C 197 11.78 -82.93 -11.37
C SER C 197 13.19 -83.02 -11.94
N MET D 1 58.45 -13.58 10.88
CA MET D 1 59.28 -13.70 9.69
C MET D 1 58.37 -13.87 8.49
N SER D 2 57.63 -14.96 8.50
CA SER D 2 56.62 -15.30 7.49
C SER D 2 55.52 -14.25 7.25
N PRO D 3 55.21 -13.27 8.15
CA PRO D 3 54.48 -12.09 7.66
C PRO D 3 55.28 -11.33 6.63
N THR D 4 56.55 -11.07 6.89
CA THR D 4 57.36 -10.38 5.88
C THR D 4 57.74 -11.29 4.74
N GLU D 5 57.81 -12.60 4.99
CA GLU D 5 58.42 -13.49 4.00
C GLU D 5 57.36 -14.29 3.24
N ALA D 6 56.10 -14.05 3.53
CA ALA D 6 55.09 -14.46 2.57
C ALA D 6 55.23 -13.55 1.36
N PRO D 7 55.15 -14.08 0.14
CA PRO D 7 55.26 -13.21 -1.05
C PRO D 7 54.02 -12.36 -1.28
N LYS D 8 52.95 -12.63 -0.52
CA LYS D 8 51.71 -11.89 -0.68
C LYS D 8 51.82 -10.48 -0.11
N VAL D 9 52.79 -10.25 0.77
CA VAL D 9 53.06 -8.89 1.19
C VAL D 9 54.09 -8.25 0.28
N ARG D 10 54.68 -9.03 -0.62
CA ARG D 10 55.60 -8.49 -1.60
C ARG D 10 54.88 -8.13 -2.89
N VAL D 11 53.89 -8.94 -3.26
CA VAL D 11 53.04 -8.62 -4.38
C VAL D 11 52.24 -7.36 -4.09
N THR D 12 51.67 -7.28 -2.90
CA THR D 12 50.76 -6.19 -2.61
C THR D 12 51.52 -4.91 -2.32
N LEU D 13 52.80 -5.03 -1.92
CA LEU D 13 53.60 -3.84 -1.72
C LEU D 13 54.01 -3.21 -3.05
N PHE D 14 54.45 -4.04 -4.00
CA PHE D 14 54.92 -3.52 -5.28
C PHE D 14 53.80 -2.88 -6.08
N CYS D 15 52.58 -3.42 -5.97
CA CYS D 15 51.47 -2.81 -6.69
C CYS D 15 50.97 -1.57 -5.99
N ILE D 16 51.30 -1.42 -4.70
CA ILE D 16 51.16 -0.11 -4.06
C ILE D 16 52.21 0.86 -4.59
N LEU D 17 53.44 0.37 -4.79
CA LEU D 17 54.51 1.21 -5.34
C LEU D 17 54.23 1.60 -6.78
N VAL D 18 53.34 0.87 -7.45
CA VAL D 18 52.75 1.34 -8.70
C VAL D 18 51.94 2.61 -8.46
N GLY D 19 50.97 2.54 -7.53
CA GLY D 19 50.05 3.64 -7.35
C GLY D 19 50.68 4.84 -6.66
N ILE D 20 51.81 4.63 -5.98
CA ILE D 20 52.52 5.72 -5.32
C ILE D 20 53.09 6.68 -6.35
N VAL D 21 53.70 6.14 -7.40
CA VAL D 21 54.22 6.99 -8.46
C VAL D 21 53.06 7.51 -9.31
N LEU D 22 52.02 6.68 -9.46
CA LEU D 22 50.83 7.07 -10.22
C LEU D 22 50.11 8.24 -9.58
N ALA D 23 49.98 8.21 -8.24
CA ALA D 23 49.45 9.37 -7.53
C ALA D 23 50.40 10.55 -7.65
N MET D 24 51.70 10.28 -7.55
CA MET D 24 52.71 11.33 -7.68
C MET D 24 52.71 11.92 -9.08
N THR D 25 52.33 11.12 -10.08
CA THR D 25 52.18 11.64 -11.42
C THR D 25 50.97 12.55 -11.49
N ALA D 26 49.89 12.18 -10.80
CA ALA D 26 48.67 12.99 -10.81
C ALA D 26 48.80 14.19 -9.88
N VAL D 27 49.87 14.26 -9.09
CA VAL D 27 50.21 15.51 -8.40
C VAL D 27 50.56 16.59 -9.41
N VAL D 28 51.49 16.29 -10.31
CA VAL D 28 52.04 17.33 -11.17
C VAL D 28 51.15 17.54 -12.39
N SER D 29 50.41 16.50 -12.79
CA SER D 29 49.73 16.52 -14.08
C SER D 29 48.56 17.49 -14.09
N ASP D 30 48.62 18.45 -15.02
CA ASP D 30 47.69 19.55 -15.07
C ASP D 30 46.50 19.25 -15.97
N HIS D 31 46.39 18.03 -16.48
CA HIS D 31 45.36 17.73 -17.47
C HIS D 31 44.20 16.96 -16.82
N TRP D 32 43.55 17.60 -15.84
CA TRP D 32 42.44 16.92 -15.17
C TRP D 32 41.20 16.84 -16.05
N ALA D 33 40.95 17.90 -16.81
CA ALA D 33 39.80 17.96 -17.69
C ALA D 33 39.97 19.11 -18.66
N VAL D 34 39.20 19.12 -19.72
CA VAL D 34 39.40 20.01 -20.85
C VAL D 34 38.37 21.14 -20.80
N LEU D 35 38.83 22.38 -20.83
CA LEU D 35 37.97 23.54 -21.10
C LEU D 35 37.65 23.53 -22.57
N SER D 36 36.37 23.63 -22.90
CA SER D 36 35.94 23.63 -24.31
C SER D 36 34.80 24.62 -24.53
N PRO D 37 35.09 25.93 -24.64
CA PRO D 37 34.02 26.90 -24.90
C PRO D 37 33.50 26.82 -26.32
N HIS D 38 34.44 26.83 -27.28
CA HIS D 38 34.21 27.02 -28.71
C HIS D 38 33.35 28.26 -29.02
N CYS D 46 41.14 29.50 -30.35
CA CYS D 46 40.30 29.07 -29.24
C CYS D 46 41.05 29.10 -27.91
N GLU D 47 40.34 29.08 -26.80
CA GLU D 47 40.95 29.14 -25.48
C GLU D 47 40.69 27.83 -24.73
N ALA D 48 40.92 26.72 -25.41
CA ALA D 48 40.77 25.42 -24.78
C ALA D 48 41.85 25.20 -23.73
N ALA D 49 41.44 24.70 -22.56
CA ALA D 49 42.37 24.76 -21.46
C ALA D 49 42.28 23.51 -20.59
N HIS D 50 43.22 23.43 -19.66
CA HIS D 50 43.38 22.28 -18.79
C HIS D 50 43.33 22.74 -17.34
N PHE D 51 42.38 22.21 -16.59
CA PHE D 51 42.31 22.47 -15.17
C PHE D 51 43.38 21.65 -14.48
N GLY D 52 44.22 22.31 -13.67
CA GLY D 52 45.30 21.63 -12.97
C GLY D 52 45.27 21.90 -11.48
N LEU D 53 45.95 21.02 -10.74
CA LEU D 53 46.13 21.20 -9.31
C LEU D 53 46.92 22.43 -8.95
N TRP D 54 47.83 22.85 -9.81
CA TRP D 54 48.72 23.96 -9.50
C TRP D 54 48.53 25.11 -10.45
N ARG D 55 48.40 24.81 -11.74
CA ARG D 55 48.33 25.85 -12.76
C ARG D 55 47.33 25.43 -13.82
N ILE D 56 46.61 26.38 -14.41
CA ILE D 56 45.65 26.11 -15.48
C ILE D 56 46.26 26.56 -16.79
N CYS D 57 46.51 25.61 -17.68
CA CYS D 57 47.25 25.91 -18.90
C CYS D 57 46.30 25.91 -20.08
N THR D 58 46.41 26.93 -20.94
CA THR D 58 45.47 27.20 -22.03
C THR D 58 46.22 27.22 -23.36
N LYS D 59 45.69 26.49 -24.35
CA LYS D 59 46.31 26.38 -25.66
C LYS D 59 45.24 26.52 -26.74
N ARG D 60 45.63 27.03 -27.90
CA ARG D 60 44.68 27.20 -29.01
C ARG D 60 44.14 25.88 -29.57
N GLY D 76 52.95 26.33 -31.45
CA GLY D 76 51.64 26.24 -30.81
C GLY D 76 51.48 27.18 -29.63
N GLU D 77 50.48 28.06 -29.69
CA GLU D 77 50.26 29.09 -28.68
C GLU D 77 49.69 28.45 -27.42
N LYS D 78 50.60 27.92 -26.60
CA LYS D 78 50.25 27.33 -25.32
C LYS D 78 50.58 28.34 -24.22
N ASN D 79 49.72 28.42 -23.21
CA ASN D 79 49.79 29.53 -22.26
C ASN D 79 49.34 29.00 -20.89
N CYS D 80 50.29 28.85 -19.97
CA CYS D 80 49.96 28.36 -18.63
C CYS D 80 49.74 29.51 -17.66
N SER D 81 48.80 29.33 -16.74
CA SER D 81 48.33 30.37 -15.83
C SER D 81 47.64 29.67 -14.66
N TYR D 82 46.96 30.44 -13.80
CA TYR D 82 46.08 29.86 -12.79
C TYR D 82 45.03 30.90 -12.42
N PHE D 83 44.24 30.60 -11.39
CA PHE D 83 43.05 31.38 -11.09
C PHE D 83 43.22 32.21 -9.81
N SER D 104 38.86 25.96 -5.58
CA SER D 104 39.93 25.43 -6.42
C SER D 104 41.26 25.43 -5.68
N ILE D 105 41.24 25.98 -4.47
CA ILE D 105 42.47 26.23 -3.74
C ILE D 105 42.83 25.05 -2.86
N SER D 106 41.82 24.48 -2.20
CA SER D 106 42.09 23.46 -1.18
C SER D 106 42.45 22.12 -1.80
N ALA D 107 42.29 21.98 -3.12
CA ALA D 107 42.56 20.71 -3.76
C ALA D 107 44.03 20.34 -3.68
N ALA D 108 44.92 21.33 -3.80
CA ALA D 108 46.34 21.06 -3.64
C ALA D 108 46.67 20.75 -2.20
N ALA D 109 46.13 21.56 -1.27
CA ALA D 109 46.49 21.44 0.14
C ALA D 109 45.98 20.14 0.74
N ILE D 110 44.83 19.65 0.27
CA ILE D 110 44.37 18.33 0.67
C ILE D 110 45.28 17.25 0.08
N SER D 111 45.75 17.46 -1.14
CA SER D 111 46.68 16.50 -1.71
C SER D 111 48.08 16.65 -1.12
N VAL D 112 48.36 17.77 -0.45
CA VAL D 112 49.65 17.94 0.23
C VAL D 112 49.79 16.95 1.37
N PHE D 113 48.71 16.72 2.11
CA PHE D 113 48.74 15.68 3.13
C PHE D 113 48.85 14.30 2.50
N SER D 114 48.33 14.14 1.28
CA SER D 114 48.31 12.82 0.65
C SER D 114 49.71 12.35 0.32
N LEU D 115 50.54 13.22 -0.23
CA LEU D 115 51.95 12.88 -0.38
C LEU D 115 52.62 12.72 0.97
N GLY D 116 52.21 13.54 1.95
CA GLY D 116 52.84 13.50 3.26
C GLY D 116 52.54 12.22 4.02
N PHE D 117 51.40 11.59 3.74
CA PHE D 117 51.22 10.23 4.23
C PHE D 117 52.14 9.27 3.51
N LEU D 118 52.23 9.41 2.18
CA LEU D 118 53.03 8.48 1.37
C LEU D 118 54.50 8.62 1.69
N ILE D 119 54.92 9.83 2.05
CA ILE D 119 56.27 10.04 2.54
C ILE D 119 56.47 9.33 3.87
N MET D 120 55.54 9.57 4.80
CA MET D 120 55.59 8.95 6.11
C MET D 120 55.29 7.45 6.06
N GLY D 121 54.54 7.03 5.03
CA GLY D 121 54.17 5.63 4.90
C GLY D 121 55.29 4.78 4.34
N THR D 122 56.23 5.40 3.65
CA THR D 122 57.42 4.66 3.22
C THR D 122 58.42 4.52 4.36
N ILE D 123 58.38 5.44 5.33
CA ILE D 123 59.43 5.49 6.35
C ILE D 123 59.35 4.28 7.26
N CYS D 124 58.18 4.02 7.83
CA CYS D 124 58.05 2.85 8.70
C CYS D 124 58.01 1.56 7.89
N ALA D 125 57.61 1.64 6.63
CA ALA D 125 57.61 0.45 5.79
C ALA D 125 59.03 0.05 5.41
N LEU D 126 59.90 1.03 5.14
CA LEU D 126 61.29 0.70 4.87
C LEU D 126 61.99 0.17 6.10
N MET D 127 61.67 0.72 7.27
CA MET D 127 62.31 0.23 8.49
C MET D 127 61.78 -1.14 8.86
N ALA D 128 60.60 -1.51 8.36
CA ALA D 128 59.98 -2.79 8.71
C ALA D 128 60.72 -3.97 8.08
N PHE D 129 61.62 -3.70 7.15
CA PHE D 129 62.43 -4.78 6.58
C PHE D 129 63.63 -5.10 7.46
N ARG D 130 64.38 -4.07 7.84
CA ARG D 130 65.82 -4.18 8.10
C ARG D 130 66.16 -4.30 9.58
N LYS D 131 65.21 -4.60 10.45
CA LYS D 131 65.59 -4.81 11.83
C LYS D 131 64.76 -5.98 12.35
N LYS D 132 64.11 -6.68 11.42
CA LYS D 132 63.11 -7.72 11.65
C LYS D 132 61.97 -7.19 12.51
N ARG D 133 61.63 -5.93 12.33
CA ARG D 133 60.51 -5.32 13.04
C ARG D 133 59.25 -5.49 12.17
N ASP D 134 58.43 -6.47 12.53
CA ASP D 134 57.26 -6.85 11.77
C ASP D 134 56.09 -5.90 11.96
N TYR D 135 56.02 -5.32 13.15
CA TYR D 135 54.83 -4.62 13.62
C TYR D 135 54.63 -3.32 12.89
N LEU D 136 55.71 -2.77 12.33
CA LEU D 136 55.59 -1.52 11.60
C LEU D 136 54.90 -1.65 10.26
N LEU D 137 54.53 -2.86 9.82
CA LEU D 137 53.66 -2.96 8.66
C LEU D 137 52.28 -2.40 8.95
N ARG D 138 51.88 -2.40 10.22
CA ARG D 138 50.54 -1.91 10.56
C ARG D 138 50.41 -0.41 10.33
N PRO D 139 51.26 0.48 10.87
CA PRO D 139 51.02 1.89 10.62
C PRO D 139 51.47 2.32 9.24
N ALA D 140 52.34 1.53 8.60
CA ALA D 140 52.66 1.79 7.21
C ALA D 140 51.45 1.54 6.33
N SER D 141 50.67 0.53 6.67
CA SER D 141 49.42 0.30 5.98
C SER D 141 48.39 1.38 6.30
N MET D 142 48.45 1.93 7.51
CA MET D 142 47.50 2.94 7.94
C MET D 142 47.58 4.18 7.07
N PHE D 143 48.79 4.71 6.92
CA PHE D 143 49.00 5.94 6.15
C PHE D 143 48.66 5.72 4.69
N TYR D 144 48.96 4.53 4.18
CA TYR D 144 48.65 4.20 2.79
C TYR D 144 47.16 4.12 2.55
N VAL D 145 46.38 3.84 3.60
CA VAL D 145 44.93 3.90 3.44
C VAL D 145 44.50 5.35 3.25
N PHE D 146 44.97 6.25 4.10
CA PHE D 146 44.44 7.60 4.14
C PHE D 146 44.84 8.42 2.93
N ALA D 147 45.98 8.10 2.33
CA ALA D 147 46.52 8.97 1.30
C ALA D 147 45.67 8.92 0.05
N GLY D 148 45.20 7.73 -0.33
CA GLY D 148 44.28 7.63 -1.45
C GLY D 148 42.92 8.22 -1.13
N LEU D 149 42.57 8.25 0.15
CA LEU D 149 41.30 8.84 0.56
C LEU D 149 41.31 10.34 0.33
N CYS D 150 42.43 10.99 0.58
CA CYS D 150 42.50 12.43 0.39
C CYS D 150 42.55 12.79 -1.09
N LEU D 151 43.04 11.87 -1.92
CA LEU D 151 42.97 12.10 -3.36
C LEU D 151 41.54 12.04 -3.84
N PHE D 152 40.74 11.18 -3.20
CA PHE D 152 39.32 11.09 -3.52
C PHE D 152 38.62 12.40 -3.22
N VAL D 153 39.10 13.11 -2.20
CA VAL D 153 38.53 14.41 -1.85
C VAL D 153 38.76 15.39 -2.98
N SER D 154 39.98 15.41 -3.51
CA SER D 154 40.30 16.29 -4.62
C SER D 154 39.59 15.88 -5.88
N LEU D 155 39.28 14.58 -6.03
CA LEU D 155 38.48 14.12 -7.16
C LEU D 155 37.10 14.73 -7.12
N GLU D 156 36.50 14.78 -5.93
CA GLU D 156 35.21 15.41 -5.81
C GLU D 156 35.33 16.92 -5.92
N VAL D 157 36.40 17.49 -5.34
CA VAL D 157 36.62 18.93 -5.40
C VAL D 157 36.84 19.38 -6.84
N MET D 158 37.52 18.58 -7.64
CA MET D 158 37.65 18.93 -9.03
C MET D 158 36.37 18.64 -9.79
N ARG D 159 35.61 17.62 -9.37
CA ARG D 159 34.29 17.40 -9.95
C ARG D 159 33.35 18.54 -9.56
N GLN D 160 33.54 19.07 -8.35
CA GLN D 160 32.82 20.26 -7.91
C GLN D 160 33.16 21.49 -8.75
N SER D 161 34.40 21.58 -9.24
CA SER D 161 34.79 22.72 -10.07
C SER D 161 34.14 22.69 -11.45
N VAL D 162 33.65 21.55 -11.89
CA VAL D 162 33.01 21.47 -13.18
C VAL D 162 31.60 22.05 -13.13
N LYS D 163 30.85 21.68 -12.10
CA LYS D 163 29.43 21.97 -12.06
C LYS D 163 29.17 23.45 -11.80
N ARG D 164 30.18 24.16 -11.31
CA ARG D 164 30.12 25.60 -11.08
C ARG D 164 29.82 26.38 -12.35
N MET D 165 30.32 25.92 -13.48
CA MET D 165 30.08 26.63 -14.71
C MET D 165 28.88 26.06 -15.47
N ILE D 174 29.94 25.62 -23.23
CA ILE D 174 31.29 25.53 -22.69
C ILE D 174 31.46 24.12 -22.17
N GLU D 175 32.13 23.23 -22.91
CA GLU D 175 32.17 21.83 -22.54
C GLU D 175 33.33 21.53 -21.61
N TYR D 176 33.18 20.49 -20.79
CA TYR D 176 34.15 20.11 -19.78
C TYR D 176 34.05 18.69 -20.31
N TYR D 177 35.20 18.07 -20.59
CA TYR D 177 35.42 16.65 -20.72
C TYR D 177 36.58 16.20 -19.86
N TYR D 178 36.39 15.08 -19.18
CA TYR D 178 37.43 14.48 -18.35
C TYR D 178 38.54 13.94 -19.25
N SER D 179 39.73 13.79 -18.67
CA SER D 179 40.93 13.45 -19.43
C SER D 179 41.70 12.31 -18.80
N TRP D 180 42.95 12.14 -19.24
CA TRP D 180 43.80 11.05 -18.79
C TRP D 180 44.29 11.22 -17.37
N SER D 181 44.45 12.45 -16.88
CA SER D 181 44.96 12.62 -15.52
C SER D 181 43.88 12.35 -14.48
N PHE D 182 42.61 12.39 -14.89
CA PHE D 182 41.56 11.94 -14.00
C PHE D 182 41.64 10.45 -13.78
N ALA D 183 41.94 9.70 -14.84
CA ALA D 183 42.05 8.25 -14.70
C ALA D 183 43.35 7.87 -14.04
N CYS D 184 44.32 8.80 -13.99
CA CYS D 184 45.51 8.59 -13.17
C CYS D 184 45.14 8.49 -11.69
N ALA D 185 44.29 9.39 -11.22
CA ALA D 185 43.98 9.42 -9.80
C ALA D 185 43.01 8.32 -9.42
N CYS D 186 42.02 8.04 -10.28
CA CYS D 186 41.01 7.04 -9.94
C CYS D 186 41.58 5.64 -9.97
N ALA D 187 42.65 5.44 -10.73
CA ALA D 187 43.41 4.22 -10.55
C ALA D 187 44.29 4.30 -9.32
N ALA D 188 44.79 5.49 -8.99
CA ALA D 188 45.66 5.64 -7.83
C ALA D 188 44.85 5.55 -6.54
N PHE D 189 43.57 5.90 -6.61
CA PHE D 189 42.68 5.72 -5.47
C PHE D 189 42.59 4.27 -5.04
N VAL D 190 42.25 3.39 -5.98
CA VAL D 190 41.93 2.01 -5.67
C VAL D 190 43.18 1.27 -5.19
N LEU D 191 44.33 1.58 -5.78
CA LEU D 191 45.55 0.87 -5.44
C LEU D 191 46.03 1.24 -4.05
N LEU D 192 45.71 2.45 -3.59
CA LEU D 192 46.10 2.82 -2.25
C LEU D 192 45.01 2.45 -1.24
N PHE D 193 43.77 2.37 -1.69
CA PHE D 193 42.70 2.00 -0.77
C PHE D 193 42.65 0.49 -0.59
N LEU D 194 42.35 -0.24 -1.67
CA LEU D 194 42.25 -1.69 -1.56
C LEU D 194 43.60 -2.33 -1.36
N GLY D 195 44.66 -1.67 -1.81
CA GLY D 195 46.00 -2.20 -1.61
C GLY D 195 46.42 -2.10 -0.15
N GLY D 196 45.91 -1.09 0.56
CA GLY D 196 46.32 -0.92 1.93
C GLY D 196 45.72 -1.97 2.85
N ILE D 197 44.43 -2.24 2.68
CA ILE D 197 43.69 -2.99 3.69
C ILE D 197 44.06 -4.46 3.62
N SER D 198 44.33 -4.97 2.42
CA SER D 198 44.84 -6.32 2.28
C SER D 198 46.21 -6.44 2.93
N LEU D 199 47.03 -5.41 2.78
CA LEU D 199 48.30 -5.36 3.49
C LEU D 199 48.06 -5.23 4.99
N LEU D 200 47.05 -4.47 5.37
CA LEU D 200 46.72 -4.29 6.78
C LEU D 200 46.17 -5.57 7.39
N LEU D 201 45.29 -6.26 6.68
CA LEU D 201 44.68 -7.44 7.26
C LEU D 201 45.63 -8.63 7.25
N PHE D 202 46.48 -8.73 6.23
CA PHE D 202 47.48 -9.80 6.25
C PHE D 202 48.56 -9.52 7.29
N SER D 203 48.74 -8.25 7.67
CA SER D 203 49.67 -7.93 8.74
C SER D 203 49.17 -8.47 10.06
N LEU D 204 47.90 -8.26 10.34
CA LEU D 204 47.29 -8.75 11.56
C LEU D 204 47.14 -10.25 11.47
N PRO D 205 47.35 -10.97 12.55
CA PRO D 205 47.17 -12.43 12.51
C PRO D 205 45.70 -12.85 12.42
N ARG D 206 45.47 -14.16 12.44
CA ARG D 206 44.16 -14.71 12.22
C ARG D 206 43.29 -14.66 13.46
N MET D 207 42.01 -15.00 13.31
CA MET D 207 41.13 -15.33 14.42
C MET D 207 41.12 -16.85 14.44
N PRO D 208 42.03 -17.44 15.21
CA PRO D 208 42.98 -18.33 14.51
C PRO D 208 42.42 -19.57 13.85
N GLN D 209 41.74 -20.44 14.59
CA GLN D 209 40.51 -21.05 14.12
C GLN D 209 39.67 -21.38 15.33
N ASN D 210 40.35 -21.59 16.45
CA ASN D 210 39.81 -22.35 17.55
C ASN D 210 40.21 -21.74 18.87
N PRO D 211 39.26 -21.58 19.79
CA PRO D 211 39.44 -20.59 20.87
C PRO D 211 40.38 -21.04 21.97
N TRP D 212 41.66 -21.03 21.65
CA TRP D 212 42.69 -21.35 22.63
C TRP D 212 43.98 -20.63 22.26
N GLU D 213 43.88 -19.62 21.38
CA GLU D 213 45.10 -18.94 20.96
C GLU D 213 44.92 -17.44 20.94
N SER D 214 43.68 -16.94 20.98
CA SER D 214 43.20 -15.65 20.51
C SER D 214 44.10 -14.46 20.76
N CYS D 215 44.39 -13.73 19.67
CA CYS D 215 45.02 -12.41 19.70
C CYS D 215 46.38 -12.45 20.35
N MET D 216 47.35 -13.16 19.78
CA MET D 216 48.68 -13.06 20.32
C MET D 216 49.61 -12.49 19.27
N PHE E 29 -7.62 87.60 2.82
CA PHE E 29 -8.81 88.12 3.47
C PHE E 29 -9.51 89.19 2.65
N PRO E 30 -10.40 88.79 1.74
CA PRO E 30 -11.10 89.77 0.90
C PRO E 30 -12.47 90.11 1.44
N SER E 31 -13.09 91.12 0.82
CA SER E 31 -14.44 91.53 1.15
C SER E 31 -15.42 90.78 0.29
N ALA E 32 -16.48 90.25 0.91
CA ALA E 32 -17.41 89.35 0.24
C ALA E 32 -18.18 90.02 -0.88
N VAL E 33 -18.41 91.33 -0.76
CA VAL E 33 -19.03 92.07 -1.84
C VAL E 33 -18.06 92.20 -3.02
N THR E 34 -16.79 92.48 -2.72
CA THR E 34 -15.77 92.52 -3.77
C THR E 34 -15.52 91.15 -4.35
N ILE E 35 -15.69 90.11 -3.55
CA ILE E 35 -15.70 88.74 -4.07
C ILE E 35 -16.82 88.58 -5.08
N LYS E 36 -18.03 88.97 -4.69
CA LYS E 36 -19.24 88.62 -5.41
C LYS E 36 -19.29 89.29 -6.77
N SER E 37 -18.81 90.53 -6.85
CA SER E 37 -18.70 91.18 -8.15
C SER E 37 -17.60 90.54 -8.99
N TRP E 38 -16.54 90.08 -8.34
CA TRP E 38 -15.44 89.48 -9.08
C TRP E 38 -15.77 88.05 -9.46
N VAL E 39 -16.56 87.36 -8.65
CA VAL E 39 -17.04 86.03 -9.02
C VAL E 39 -18.01 86.13 -10.19
N ASP E 40 -18.93 87.09 -10.13
CA ASP E 40 -19.91 87.25 -11.20
C ASP E 40 -19.24 87.74 -12.47
N LYS E 41 -18.09 88.41 -12.33
CA LYS E 41 -17.33 88.81 -13.50
C LYS E 41 -16.85 87.59 -14.28
N MET E 42 -16.49 86.52 -13.57
CA MET E 42 -16.16 85.27 -14.24
C MET E 42 -17.39 84.63 -14.84
N GLN E 43 -18.53 84.78 -14.17
CA GLN E 43 -19.79 84.30 -14.72
C GLN E 43 -20.17 85.03 -16.00
N GLU E 44 -20.09 86.37 -15.97
CA GLU E 44 -20.53 87.19 -17.09
C GLU E 44 -19.70 86.93 -18.35
N ASP E 45 -18.49 86.41 -18.18
CA ASP E 45 -17.67 86.11 -19.34
C ASP E 45 -18.06 84.77 -19.95
N LEU E 46 -18.18 83.73 -19.13
CA LEU E 46 -18.43 82.40 -19.67
C LEU E 46 -19.85 82.27 -20.20
N VAL E 47 -20.80 82.97 -19.59
CA VAL E 47 -22.18 82.90 -20.08
C VAL E 47 -22.30 83.60 -21.42
N THR E 48 -21.69 84.78 -21.55
CA THR E 48 -21.75 85.50 -22.81
C THR E 48 -20.95 84.79 -23.90
N LEU E 49 -19.84 84.16 -23.51
CA LEU E 49 -19.08 83.34 -24.44
C LEU E 49 -19.90 82.15 -24.92
N ALA E 50 -20.47 81.42 -23.97
CA ALA E 50 -21.28 80.26 -24.27
C ALA E 50 -22.38 80.61 -25.25
N LYS E 51 -22.98 81.79 -25.08
CA LYS E 51 -24.01 82.22 -26.01
C LYS E 51 -23.40 82.65 -27.33
N THR E 52 -22.12 83.02 -27.32
CA THR E 52 -21.51 83.54 -28.54
C THR E 52 -20.81 82.43 -29.30
N ALA E 53 -20.01 81.65 -28.60
CA ALA E 53 -19.24 80.57 -29.22
C ALA E 53 -20.17 79.54 -29.82
N SER E 54 -21.18 79.14 -29.07
CA SER E 54 -22.25 78.37 -29.65
C SER E 54 -23.21 79.29 -30.40
N GLY E 55 -23.93 78.70 -31.33
CA GLY E 55 -24.97 79.44 -32.01
C GLY E 55 -26.32 78.90 -31.59
N VAL E 56 -26.47 78.69 -30.29
CA VAL E 56 -27.70 78.12 -29.74
C VAL E 56 -28.89 79.00 -30.08
N HIS E 57 -28.78 80.28 -29.81
CA HIS E 57 -29.82 81.22 -30.18
C HIS E 57 -29.95 81.33 -31.68
N GLN E 58 -28.87 81.10 -32.41
CA GLN E 58 -28.98 81.01 -33.85
C GLN E 58 -29.62 79.68 -34.26
N LEU E 59 -29.41 78.64 -33.47
CA LEU E 59 -30.03 77.36 -33.79
C LEU E 59 -31.50 77.35 -33.39
N VAL E 60 -31.87 78.15 -32.39
CA VAL E 60 -33.26 78.52 -32.19
C VAL E 60 -33.81 79.16 -33.43
N ASP E 61 -33.02 80.05 -34.02
CA ASP E 61 -33.39 80.71 -35.27
C ASP E 61 -33.53 79.74 -36.43
N ILE E 62 -32.93 78.55 -36.32
CA ILE E 62 -33.00 77.59 -37.41
C ILE E 62 -34.28 76.77 -37.32
N TYR E 63 -34.55 76.19 -36.15
CA TYR E 63 -35.78 75.45 -35.96
C TYR E 63 -37.01 76.35 -36.08
N GLU E 64 -36.90 77.60 -35.65
CA GLU E 64 -38.04 78.51 -35.80
C GLU E 64 -38.19 78.99 -37.23
N LYS E 65 -37.14 78.91 -38.04
CA LYS E 65 -37.21 79.39 -39.42
C LYS E 65 -38.09 78.47 -40.26
N TYR E 66 -37.81 77.18 -40.20
CA TYR E 66 -38.49 76.19 -41.04
C TYR E 66 -39.75 75.75 -40.33
N GLN E 67 -40.82 76.53 -40.48
CA GLN E 67 -42.07 76.15 -39.86
C GLN E 67 -42.74 75.00 -40.59
N ASP E 68 -42.33 74.74 -41.83
CA ASP E 68 -42.72 73.53 -42.54
C ASP E 68 -41.76 72.42 -42.14
N LEU E 69 -41.80 71.30 -42.86
CA LEU E 69 -41.01 70.09 -42.62
C LEU E 69 -41.22 69.50 -41.24
N TYR E 70 -42.35 69.76 -40.62
CA TYR E 70 -42.64 69.17 -39.32
C TYR E 70 -44.12 68.88 -39.20
N THR E 71 -44.45 68.07 -38.20
CA THR E 71 -45.75 68.09 -37.55
C THR E 71 -45.51 67.47 -36.18
N VAL E 72 -45.55 68.28 -35.14
CA VAL E 72 -45.19 67.84 -33.80
C VAL E 72 -46.25 66.89 -33.29
N GLU E 73 -45.84 65.66 -32.98
CA GLU E 73 -46.86 64.68 -32.67
C GLU E 73 -46.79 64.26 -31.20
N PRO E 74 -47.92 63.85 -30.62
CA PRO E 74 -47.91 63.46 -29.20
C PRO E 74 -47.45 62.03 -28.98
N ASN E 75 -47.12 61.72 -27.73
CA ASN E 75 -46.80 60.35 -27.32
C ASN E 75 -47.96 59.66 -26.61
N ASN E 76 -48.76 60.43 -25.89
CA ASN E 76 -49.91 59.89 -25.17
C ASN E 76 -49.47 58.95 -24.04
N ALA E 77 -48.34 58.29 -24.23
CA ALA E 77 -47.82 57.36 -23.23
C ALA E 77 -48.74 56.17 -23.03
N ARG E 78 -49.81 56.39 -22.26
CA ARG E 78 -50.78 55.33 -21.99
C ARG E 78 -51.13 54.55 -23.25
N GLN E 79 -51.11 55.25 -24.40
CA GLN E 79 -51.43 54.62 -25.66
C GLN E 79 -50.25 53.81 -26.15
N LEU E 80 -49.03 54.31 -25.96
CA LEU E 80 -47.85 53.56 -26.39
C LEU E 80 -47.67 52.31 -25.56
N VAL E 81 -48.08 52.34 -24.31
CA VAL E 81 -47.82 51.18 -23.47
C VAL E 81 -48.89 50.13 -23.69
N GLU E 82 -50.15 50.56 -23.87
CA GLU E 82 -51.20 49.61 -24.19
C GLU E 82 -50.97 48.97 -25.55
N ILE E 83 -50.39 49.70 -26.49
CA ILE E 83 -50.00 49.10 -27.76
C ILE E 83 -48.85 48.12 -27.55
N ALA E 84 -47.83 48.52 -26.78
CA ALA E 84 -46.67 47.66 -26.62
C ALA E 84 -47.01 46.43 -25.78
N ALA E 85 -48.01 46.54 -24.90
CA ALA E 85 -48.46 45.37 -24.17
C ALA E 85 -49.17 44.39 -25.08
N ARG E 86 -49.83 44.91 -26.11
CA ARG E 86 -50.48 44.02 -27.06
C ARG E 86 -49.46 43.28 -27.91
N ASP E 87 -48.27 43.85 -28.08
CA ASP E 87 -47.28 43.16 -28.89
C ASP E 87 -46.52 42.10 -28.12
N ILE E 88 -46.18 42.37 -26.86
CA ILE E 88 -45.39 41.40 -26.11
C ILE E 88 -46.24 40.18 -25.77
N GLU E 89 -47.55 40.38 -25.70
CA GLU E 89 -48.43 39.24 -25.66
C GLU E 89 -48.32 38.41 -26.93
N LYS E 90 -48.35 39.06 -28.10
CA LYS E 90 -48.35 38.30 -29.34
C LYS E 90 -47.02 37.62 -29.52
N LEU E 91 -45.95 38.22 -29.01
CA LEU E 91 -44.68 37.52 -29.03
C LEU E 91 -44.78 36.21 -28.32
N LEU E 92 -45.37 36.23 -27.13
CA LEU E 92 -45.37 35.03 -26.32
C LEU E 92 -46.44 34.07 -26.79
N SER E 93 -47.48 34.62 -27.42
CA SER E 93 -48.59 33.81 -27.92
C SER E 93 -48.09 32.69 -28.83
N ASN E 94 -47.47 33.07 -29.95
CA ASN E 94 -46.93 32.11 -30.89
C ASN E 94 -45.88 31.09 -30.46
N ARG E 95 -44.86 31.57 -29.75
CA ARG E 95 -43.89 30.70 -29.09
C ARG E 95 -44.55 29.86 -28.01
N SER E 96 -45.61 30.39 -27.40
CA SER E 96 -46.33 29.68 -26.36
C SER E 96 -46.82 28.39 -26.98
N LYS E 97 -47.45 28.51 -28.15
CA LYS E 97 -48.08 27.38 -28.80
C LYS E 97 -47.06 26.41 -29.40
N ALA E 98 -45.91 26.94 -29.78
CA ALA E 98 -44.87 26.13 -30.39
C ALA E 98 -44.26 25.20 -29.37
N LEU E 99 -44.54 25.43 -28.08
CA LEU E 99 -44.38 24.36 -27.12
C LEU E 99 -45.51 23.35 -27.22
N VAL E 100 -46.71 23.80 -27.57
CA VAL E 100 -47.87 22.93 -27.49
C VAL E 100 -47.84 21.89 -28.60
N ARG E 101 -47.34 22.28 -29.77
CA ARG E 101 -47.09 21.29 -30.81
C ARG E 101 -45.97 20.36 -30.38
N LEU E 102 -44.96 20.78 -29.58
CA LEU E 102 -43.80 19.87 -29.12
C LEU E 102 -44.18 18.98 -27.94
N ALA E 103 -45.31 19.26 -27.32
CA ALA E 103 -45.79 18.47 -26.20
C ALA E 103 -46.71 17.35 -26.66
N LEU E 104 -47.64 17.68 -27.56
CA LEU E 104 -48.59 16.72 -28.07
C LEU E 104 -48.03 15.63 -28.99
N GLU E 105 -47.16 16.02 -29.92
CA GLU E 105 -46.50 15.06 -30.79
C GLU E 105 -45.32 14.41 -30.11
N ALA E 106 -44.86 14.99 -29.01
CA ALA E 106 -43.83 14.33 -28.24
C ALA E 106 -44.42 13.19 -27.44
N GLU E 107 -45.67 13.33 -26.97
CA GLU E 107 -46.25 12.26 -26.19
C GLU E 107 -46.70 11.10 -27.06
N LYS E 108 -47.09 11.38 -28.31
CA LYS E 108 -47.68 10.34 -29.13
C LYS E 108 -46.66 9.29 -29.54
N VAL E 109 -45.42 9.72 -29.78
CA VAL E 109 -44.41 8.77 -30.24
C VAL E 109 -43.96 7.89 -29.10
N GLN E 110 -44.05 8.39 -27.87
CA GLN E 110 -43.74 7.58 -26.70
C GLN E 110 -44.71 6.42 -26.54
N ALA E 111 -45.98 6.63 -26.88
CA ALA E 111 -46.98 5.58 -26.74
C ALA E 111 -46.79 4.46 -27.74
N ALA E 112 -46.04 4.68 -28.81
CA ALA E 112 -45.77 3.64 -29.79
C ALA E 112 -44.26 3.62 -29.97
N HIS E 113 -43.59 2.90 -29.11
CA HIS E 113 -42.15 2.83 -29.19
C HIS E 113 -41.60 1.42 -29.24
N GLN E 114 -42.28 0.50 -28.54
CA GLN E 114 -41.93 -0.91 -28.59
C GLN E 114 -40.82 -1.31 -27.61
N TRP E 115 -39.77 -0.49 -27.55
CA TRP E 115 -38.59 -0.80 -26.73
C TRP E 115 -37.66 -1.82 -27.39
N ARG E 116 -36.85 -1.39 -28.35
CA ARG E 116 -35.94 -2.33 -29.02
C ARG E 116 -34.73 -2.60 -28.14
N GLU E 117 -34.40 -3.88 -27.93
CA GLU E 117 -33.29 -4.17 -27.03
C GLU E 117 -31.96 -4.11 -27.76
N ASP E 118 -31.74 -5.00 -28.72
CA ASP E 118 -30.49 -5.01 -29.48
C ASP E 118 -30.54 -3.92 -30.54
N PHE E 119 -29.37 -3.48 -30.98
CA PHE E 119 -29.34 -2.44 -31.98
C PHE E 119 -28.28 -2.74 -33.03
N ALA E 120 -28.77 -3.15 -34.20
CA ALA E 120 -27.94 -3.35 -35.37
C ALA E 120 -28.38 -2.50 -36.55
N SER E 121 -29.09 -1.40 -36.30
CA SER E 121 -29.51 -0.51 -37.37
C SER E 121 -28.91 0.86 -37.20
N VAL E 124 -30.75 6.45 -34.85
CA VAL E 124 -29.50 5.93 -34.34
C VAL E 124 -28.44 6.73 -35.06
N VAL E 125 -28.87 7.53 -36.03
CA VAL E 125 -27.94 8.27 -36.87
C VAL E 125 -28.15 9.72 -36.50
N TYR E 126 -27.45 10.19 -35.46
CA TYR E 126 -27.93 11.44 -34.89
C TYR E 126 -27.17 12.74 -35.14
N TYR E 127 -26.27 13.19 -34.26
CA TYR E 127 -25.22 14.16 -34.59
C TYR E 127 -24.06 14.14 -33.61
N ASN E 128 -24.38 13.81 -32.36
CA ASN E 128 -23.49 13.87 -31.20
C ASN E 128 -22.72 15.18 -31.11
N ALA E 129 -23.38 16.27 -30.79
CA ALA E 129 -22.74 17.56 -30.94
C ALA E 129 -21.63 17.83 -29.95
N LYS E 130 -20.56 17.06 -30.03
CA LYS E 130 -19.39 17.41 -29.27
C LYS E 130 -18.16 16.95 -30.05
N ASP E 131 -18.21 16.99 -31.37
CA ASP E 131 -17.05 16.51 -32.12
C ASP E 131 -16.75 17.23 -33.44
N GLN E 145 -24.76 5.89 -36.12
CA GLN E 145 -23.49 6.52 -36.40
C GLN E 145 -23.65 8.02 -36.56
N ARG E 146 -22.56 8.68 -36.92
CA ARG E 146 -22.46 10.13 -36.83
C ARG E 146 -22.53 10.79 -38.21
N ILE E 147 -23.02 12.01 -38.23
CA ILE E 147 -23.22 12.79 -39.44
C ILE E 147 -22.27 13.97 -39.33
N LYS E 148 -21.95 14.64 -40.43
CA LYS E 148 -21.18 15.87 -40.31
C LYS E 148 -21.68 16.99 -41.24
N PRO E 149 -22.94 17.45 -41.06
CA PRO E 149 -23.59 18.27 -42.10
C PRO E 149 -23.04 19.66 -42.31
N VAL E 150 -23.63 20.36 -43.28
CA VAL E 150 -23.17 21.65 -43.75
C VAL E 150 -23.42 22.72 -42.70
N PHE E 151 -22.80 23.88 -42.87
CA PHE E 151 -23.10 24.99 -41.98
C PHE E 151 -23.17 26.31 -42.73
N ILE E 152 -24.25 27.04 -42.51
CA ILE E 152 -24.46 28.36 -43.06
C ILE E 152 -24.13 29.34 -41.95
N ASP E 153 -23.52 30.46 -42.29
CA ASP E 153 -23.31 31.51 -41.30
C ASP E 153 -24.64 32.23 -41.13
N ASP E 154 -24.98 32.63 -39.90
CA ASP E 154 -26.20 33.38 -39.64
C ASP E 154 -25.93 34.43 -38.56
N ALA E 155 -26.79 35.46 -38.52
CA ALA E 155 -26.64 36.55 -37.57
C ALA E 155 -27.68 36.51 -36.47
N ASN E 156 -28.78 35.77 -36.64
CA ASN E 156 -29.72 35.61 -35.54
C ASN E 156 -29.10 34.84 -34.40
N PHE E 157 -28.15 33.96 -34.73
CA PHE E 157 -27.53 33.06 -33.80
C PHE E 157 -26.05 33.33 -33.66
N ARG E 158 -25.51 34.17 -34.54
CA ARG E 158 -24.09 34.50 -34.50
C ARG E 158 -23.21 33.26 -34.41
N ARG E 159 -23.58 32.21 -35.14
CA ARG E 159 -22.77 30.99 -35.15
C ARG E 159 -23.06 30.26 -36.45
N GLN E 160 -22.70 28.99 -36.48
CA GLN E 160 -23.03 28.12 -37.60
C GLN E 160 -24.35 27.45 -37.31
N VAL E 161 -25.27 27.49 -38.25
CA VAL E 161 -26.56 26.83 -38.07
C VAL E 161 -26.99 26.00 -39.25
N SER E 162 -27.72 24.93 -38.98
CA SER E 162 -27.88 23.75 -39.80
C SER E 162 -29.19 23.71 -40.55
N TYR E 163 -30.29 23.92 -39.83
CA TYR E 163 -31.67 23.94 -40.30
C TYR E 163 -32.19 22.62 -40.85
N GLN E 164 -31.39 21.57 -40.91
CA GLN E 164 -31.87 20.36 -41.56
C GLN E 164 -31.74 19.12 -40.72
N HIS E 165 -30.94 19.14 -39.68
CA HIS E 165 -30.79 17.98 -38.82
C HIS E 165 -30.78 18.48 -37.39
N ALA E 166 -31.41 17.73 -36.50
CA ALA E 166 -31.42 18.08 -35.10
C ALA E 166 -30.04 17.79 -34.53
N ALA E 167 -29.71 18.43 -33.42
CA ALA E 167 -28.46 18.06 -32.79
C ALA E 167 -28.79 17.18 -31.61
N VAL E 168 -27.79 16.58 -31.01
CA VAL E 168 -27.93 15.92 -29.73
C VAL E 168 -26.74 16.27 -28.85
N HIS E 169 -27.00 16.78 -27.65
CA HIS E 169 -25.99 17.00 -26.63
C HIS E 169 -26.08 15.91 -25.59
N ILE E 170 -24.97 15.23 -25.35
CA ILE E 170 -24.91 14.23 -24.30
C ILE E 170 -23.85 14.62 -23.30
N PRO E 171 -24.12 14.59 -21.99
CA PRO E 171 -23.08 14.92 -21.01
C PRO E 171 -21.96 13.91 -21.06
N THR E 172 -20.74 14.35 -20.82
CA THR E 172 -19.62 13.42 -20.88
C THR E 172 -19.49 12.75 -19.54
N ASP E 173 -20.53 12.07 -19.11
CA ASP E 173 -20.54 11.38 -17.85
C ASP E 173 -21.17 10.05 -18.12
N ILE E 174 -22.08 10.06 -19.08
CA ILE E 174 -22.97 8.93 -19.32
C ILE E 174 -23.16 8.67 -20.80
N TYR E 175 -22.43 7.67 -21.30
CA TYR E 175 -22.67 7.11 -22.62
C TYR E 175 -21.90 5.82 -22.80
N GLU E 176 -22.51 4.84 -23.46
CA GLU E 176 -21.71 3.78 -24.05
C GLU E 176 -22.22 3.42 -25.44
N GLY E 177 -23.47 3.77 -25.75
CA GLY E 177 -24.30 2.75 -26.34
C GLY E 177 -25.47 2.86 -25.41
N SER E 178 -25.47 2.10 -24.32
CA SER E 178 -26.53 2.18 -23.33
C SER E 178 -27.91 1.84 -23.91
N THR E 179 -28.60 0.91 -23.27
CA THR E 179 -29.94 0.53 -23.68
C THR E 179 -30.95 1.56 -23.22
N ILE E 180 -30.52 2.43 -22.30
CA ILE E 180 -31.38 3.47 -21.77
C ILE E 180 -31.29 4.73 -22.65
N VAL E 181 -30.06 5.16 -22.93
CA VAL E 181 -29.84 6.33 -23.77
C VAL E 181 -30.28 6.06 -25.19
N LEU E 182 -29.77 4.99 -25.77
CA LEU E 182 -29.87 4.77 -27.21
C LEU E 182 -31.31 4.49 -27.60
N ASN E 183 -32.07 3.90 -26.69
CA ASN E 183 -33.47 3.66 -26.94
C ASN E 183 -34.23 4.97 -26.92
N GLU E 184 -33.71 5.99 -26.25
CA GLU E 184 -34.42 7.25 -26.27
C GLU E 184 -34.00 8.11 -27.45
N LEU E 185 -32.85 7.85 -28.07
CA LEU E 185 -32.59 8.46 -29.36
C LEU E 185 -33.45 7.88 -30.46
N ASN E 186 -34.05 6.72 -30.23
CA ASN E 186 -34.90 6.14 -31.25
C ASN E 186 -36.17 6.97 -31.44
N TRP E 187 -36.88 7.26 -30.37
CA TRP E 187 -38.18 7.89 -30.56
C TRP E 187 -38.07 9.39 -30.63
N THR E 188 -37.01 9.98 -30.08
CA THR E 188 -36.91 11.41 -30.18
C THR E 188 -36.39 11.88 -31.51
N SER E 189 -36.21 11.00 -32.49
CA SER E 189 -35.95 11.48 -33.84
C SER E 189 -37.22 12.00 -34.48
N ALA E 190 -38.38 11.57 -33.97
CA ALA E 190 -39.65 11.94 -34.57
C ALA E 190 -40.01 13.40 -34.36
N LEU E 191 -39.35 14.07 -33.41
CA LEU E 191 -39.67 15.45 -33.09
C LEU E 191 -39.24 16.40 -34.18
N ASP E 192 -38.33 15.97 -35.04
CA ASP E 192 -37.58 16.91 -35.85
C ASP E 192 -38.45 17.48 -36.96
N ASP E 193 -39.43 16.71 -37.42
CA ASP E 193 -40.38 17.27 -38.37
C ASP E 193 -41.25 18.33 -37.71
N VAL E 194 -41.54 18.15 -36.42
CA VAL E 194 -42.28 19.20 -35.73
C VAL E 194 -41.37 20.38 -35.48
N PHE E 195 -40.09 20.12 -35.20
CA PHE E 195 -39.10 21.19 -35.18
C PHE E 195 -39.04 21.91 -36.51
N LYS E 196 -38.97 21.15 -37.59
CA LYS E 196 -38.83 21.70 -38.93
C LYS E 196 -40.06 22.49 -39.39
N LYS E 197 -41.22 22.19 -38.81
CA LYS E 197 -42.44 22.85 -39.25
C LYS E 197 -42.51 24.27 -38.69
N ASN E 198 -42.14 24.46 -37.42
CA ASN E 198 -42.33 25.76 -36.78
C ASN E 198 -41.41 26.81 -37.36
N ARG E 199 -40.24 26.39 -37.84
CA ARG E 199 -39.40 27.28 -38.63
C ARG E 199 -40.13 27.79 -39.86
N GLU E 200 -40.87 26.93 -40.52
CA GLU E 200 -41.54 27.36 -41.74
C GLU E 200 -42.97 27.81 -41.45
N GLU E 201 -43.49 27.47 -40.28
CA GLU E 201 -44.67 28.16 -39.79
C GLU E 201 -44.34 29.61 -39.46
N ASP E 202 -43.15 29.85 -38.90
CA ASP E 202 -42.79 31.18 -38.40
C ASP E 202 -41.27 31.31 -38.42
N PRO E 203 -40.74 32.30 -39.13
CA PRO E 203 -39.31 32.56 -39.05
C PRO E 203 -38.95 33.27 -37.74
N SER E 204 -37.64 33.52 -37.59
CA SER E 204 -37.00 34.19 -36.46
C SER E 204 -37.20 33.48 -35.12
N LEU E 205 -37.16 32.16 -35.12
CA LEU E 205 -37.23 31.43 -33.87
C LEU E 205 -35.85 31.12 -33.34
N LEU E 206 -35.69 31.16 -32.03
CA LEU E 206 -34.42 30.88 -31.39
C LEU E 206 -34.38 29.39 -31.01
N TRP E 207 -33.51 28.95 -30.11
CA TRP E 207 -33.23 27.54 -29.88
C TRP E 207 -34.49 26.85 -29.38
N GLN E 208 -35.08 26.00 -30.18
CA GLN E 208 -36.02 25.07 -29.61
C GLN E 208 -35.24 23.97 -28.93
N VAL E 209 -35.80 23.37 -27.90
CA VAL E 209 -35.06 22.31 -27.21
C VAL E 209 -35.99 21.33 -26.52
N PHE E 210 -35.74 20.05 -26.72
CA PHE E 210 -36.26 18.97 -25.88
C PHE E 210 -35.14 18.53 -24.97
N GLY E 211 -35.26 18.83 -23.71
CA GLY E 211 -34.47 18.14 -22.73
C GLY E 211 -35.13 16.85 -22.36
N SER E 212 -34.47 16.06 -21.55
CA SER E 212 -35.03 14.77 -21.19
C SER E 212 -34.57 14.37 -19.81
N ALA E 213 -35.25 13.40 -19.23
CA ALA E 213 -34.90 12.97 -17.88
C ALA E 213 -33.62 12.16 -17.84
N THR E 214 -33.13 11.68 -18.97
CA THR E 214 -31.91 10.91 -18.96
C THR E 214 -30.70 11.70 -19.41
N GLY E 215 -30.79 13.02 -19.44
CA GLY E 215 -29.66 13.87 -19.77
C GLY E 215 -29.55 14.22 -21.23
N LEU E 216 -30.40 13.68 -22.09
CA LEU E 216 -30.32 14.00 -23.50
C LEU E 216 -30.87 15.38 -23.74
N ALA E 217 -30.52 15.93 -24.89
CA ALA E 217 -30.96 17.26 -25.26
C ALA E 217 -30.86 17.39 -26.76
N ARG E 218 -31.96 17.68 -27.42
CA ARG E 218 -31.95 17.98 -28.84
C ARG E 218 -32.41 19.40 -29.14
N TYR E 219 -31.77 20.06 -30.09
CA TYR E 219 -32.06 21.46 -30.40
C TYR E 219 -31.85 21.89 -31.84
N TYR E 220 -32.83 22.60 -32.40
CA TYR E 220 -32.97 22.70 -33.85
C TYR E 220 -32.77 24.12 -34.36
N PRO E 221 -31.68 24.75 -34.05
CA PRO E 221 -30.81 24.83 -35.20
C PRO E 221 -29.76 23.88 -34.78
N ALA E 222 -28.95 23.28 -35.62
CA ALA E 222 -27.90 22.49 -35.01
C ALA E 222 -26.60 23.24 -35.16
N SER E 223 -26.11 23.73 -34.03
CA SER E 223 -24.81 24.36 -33.98
C SER E 223 -23.91 23.41 -33.25
N PRO E 224 -22.62 23.43 -33.54
CA PRO E 224 -21.69 22.71 -32.68
C PRO E 224 -21.61 23.36 -31.33
N TRP E 225 -21.12 22.60 -30.36
CA TRP E 225 -21.12 23.08 -28.99
C TRP E 225 -19.93 24.01 -28.80
N VAL E 226 -19.94 24.73 -27.69
CA VAL E 226 -18.90 25.72 -27.46
C VAL E 226 -17.56 25.06 -27.14
N LYS E 234 -11.94 23.80 -20.99
CA LYS E 234 -12.00 22.72 -21.96
C LYS E 234 -12.87 21.55 -21.51
N ILE E 235 -13.07 21.38 -20.20
CA ILE E 235 -13.97 20.33 -19.74
C ILE E 235 -15.36 20.91 -19.64
N ASP E 236 -16.32 20.28 -20.29
CA ASP E 236 -17.69 20.78 -20.33
C ASP E 236 -18.51 20.00 -19.34
N LEU E 237 -19.05 20.66 -18.32
CA LEU E 237 -19.87 19.88 -17.41
C LEU E 237 -21.28 19.80 -17.95
N TYR E 238 -22.02 20.92 -17.88
CA TYR E 238 -23.33 21.17 -18.50
C TYR E 238 -24.31 20.02 -18.43
N ASP E 239 -24.94 19.76 -17.32
CA ASP E 239 -25.92 18.69 -17.30
C ASP E 239 -27.29 19.32 -17.34
N VAL E 240 -28.09 18.93 -18.32
CA VAL E 240 -29.32 19.62 -18.63
C VAL E 240 -30.38 19.26 -17.60
N ARG E 241 -30.13 18.24 -16.81
CA ARG E 241 -31.06 17.93 -15.75
C ARG E 241 -30.95 18.84 -14.55
N ARG E 242 -29.99 19.77 -14.54
CA ARG E 242 -29.85 20.72 -13.45
C ARG E 242 -29.86 22.14 -13.96
N ARG E 243 -30.49 22.39 -15.04
CA ARG E 243 -30.35 23.71 -15.58
C ARG E 243 -31.61 24.50 -15.29
N PRO E 244 -31.44 25.76 -14.90
CA PRO E 244 -32.54 26.62 -14.44
C PRO E 244 -33.88 26.36 -15.13
N TRP E 245 -33.91 26.18 -16.44
CA TRP E 245 -35.15 26.12 -17.16
C TRP E 245 -35.77 24.74 -17.05
N TYR E 246 -34.96 23.74 -16.76
CA TYR E 246 -35.49 22.39 -16.65
C TYR E 246 -36.12 22.15 -15.29
N ILE E 247 -35.68 22.88 -14.28
CA ILE E 247 -36.20 22.61 -12.94
C ILE E 247 -37.54 23.21 -12.57
N GLN E 248 -37.76 24.44 -13.01
CA GLN E 248 -39.03 25.12 -12.82
C GLN E 248 -40.16 24.41 -13.58
N GLY E 249 -39.85 23.86 -14.75
CA GLY E 249 -40.87 23.20 -15.53
C GLY E 249 -41.11 21.78 -15.13
N ALA E 250 -40.44 21.30 -14.08
CA ALA E 250 -40.59 19.93 -13.64
C ALA E 250 -40.99 19.84 -12.18
N ALA E 251 -41.38 20.96 -11.57
CA ALA E 251 -41.67 20.94 -10.15
C ALA E 251 -42.66 22.06 -9.83
N SER E 252 -42.77 22.40 -8.56
CA SER E 252 -43.52 23.53 -8.05
C SER E 252 -42.58 24.26 -7.11
N PRO E 253 -43.01 25.36 -6.48
CA PRO E 253 -42.19 25.88 -5.38
C PRO E 253 -42.07 24.94 -4.21
N LYS E 254 -41.04 25.13 -3.39
CA LYS E 254 -40.64 24.19 -2.36
C LYS E 254 -40.31 24.95 -1.09
N ASP E 255 -40.97 24.64 0.01
CA ASP E 255 -40.43 25.14 1.26
C ASP E 255 -39.48 24.09 1.78
N MET E 256 -38.21 24.23 1.48
CA MET E 256 -37.26 23.18 1.78
C MET E 256 -36.48 23.51 3.03
N LEU E 257 -35.93 22.48 3.67
CA LEU E 257 -35.22 22.63 4.94
C LEU E 257 -34.19 21.54 5.02
N ILE E 258 -32.93 21.90 5.16
CA ILE E 258 -31.84 20.97 4.95
C ILE E 258 -31.37 20.85 6.38
N LEU E 259 -31.29 19.63 6.88
CA LEU E 259 -30.66 19.30 8.14
C LEU E 259 -29.39 18.48 8.13
N VAL E 260 -28.33 19.00 8.71
CA VAL E 260 -27.01 18.40 8.58
C VAL E 260 -26.62 17.78 9.91
N ASP E 261 -26.48 16.46 9.93
CA ASP E 261 -26.07 15.80 11.16
C ASP E 261 -24.60 16.10 11.44
N VAL E 262 -24.31 16.59 12.63
CA VAL E 262 -22.99 17.12 12.92
C VAL E 262 -22.38 16.51 14.17
N SER E 263 -22.67 15.24 14.43
CA SER E 263 -22.13 14.63 15.64
C SER E 263 -20.67 14.25 15.45
N GLY E 264 -20.20 13.41 16.35
CA GLY E 264 -18.86 12.89 16.20
C GLY E 264 -18.73 11.90 15.09
N SER E 265 -19.84 11.28 14.68
CA SER E 265 -19.74 10.20 13.72
C SER E 265 -19.44 10.66 12.32
N VAL E 266 -19.36 11.97 12.06
CA VAL E 266 -19.23 12.46 10.71
C VAL E 266 -17.94 13.22 10.47
N SER E 267 -16.89 12.99 11.25
CA SER E 267 -15.67 13.69 10.88
C SER E 267 -14.87 12.82 9.93
N GLY E 268 -14.24 13.46 8.97
CA GLY E 268 -13.44 12.72 8.01
C GLY E 268 -14.01 12.75 6.62
N LEU E 269 -14.23 11.58 6.02
CA LEU E 269 -14.75 11.55 4.66
C LEU E 269 -16.16 12.08 4.60
N THR E 270 -17.00 11.71 5.56
CA THR E 270 -18.40 12.11 5.47
C THR E 270 -18.58 13.58 5.80
N LEU E 271 -17.55 14.27 6.28
CA LEU E 271 -17.73 15.69 6.44
C LEU E 271 -17.60 16.41 5.11
N LYS E 272 -16.54 16.12 4.36
CA LYS E 272 -16.25 16.86 3.14
C LYS E 272 -17.33 16.64 2.09
N LEU E 273 -17.97 15.48 2.13
CA LEU E 273 -19.09 15.25 1.22
C LEU E 273 -20.28 16.13 1.53
N ILE E 274 -20.62 16.29 2.81
CA ILE E 274 -21.82 17.06 3.13
C ILE E 274 -21.60 18.53 2.88
N ARG E 275 -20.40 18.98 3.19
CA ARG E 275 -19.95 20.31 2.80
C ARG E 275 -20.08 20.48 1.29
N THR E 276 -19.81 19.42 0.54
CA THR E 276 -19.97 19.50 -0.90
C THR E 276 -21.42 19.31 -1.30
N SER E 277 -22.11 18.35 -0.70
CA SER E 277 -23.41 17.98 -1.21
C SER E 277 -24.47 18.99 -0.85
N VAL E 278 -24.31 19.69 0.26
CA VAL E 278 -25.21 20.81 0.52
C VAL E 278 -24.98 21.89 -0.49
N SER E 279 -23.72 22.13 -0.83
CA SER E 279 -23.37 23.20 -1.75
C SER E 279 -23.82 22.87 -3.17
N GLU E 280 -24.10 21.60 -3.45
CA GLU E 280 -24.64 21.25 -4.75
C GLU E 280 -26.15 21.22 -4.71
N MET E 281 -26.72 21.04 -3.54
CA MET E 281 -28.17 21.01 -3.45
C MET E 281 -28.76 22.39 -3.65
N LEU E 282 -28.08 23.41 -3.17
CA LEU E 282 -28.64 24.75 -3.24
C LEU E 282 -28.65 25.29 -4.65
N GLU E 283 -27.96 24.64 -5.59
CA GLU E 283 -27.99 25.18 -6.93
C GLU E 283 -29.20 24.70 -7.70
N THR E 284 -29.95 23.74 -7.19
CA THR E 284 -31.14 23.27 -7.87
C THR E 284 -32.36 24.08 -7.49
N LEU E 285 -32.17 25.17 -6.79
CA LEU E 285 -33.26 26.05 -6.42
C LEU E 285 -33.52 27.05 -7.51
N SER E 286 -34.79 27.32 -7.74
CA SER E 286 -35.14 28.53 -8.48
C SER E 286 -35.33 29.65 -7.47
N ASP E 287 -35.94 30.73 -7.90
CA ASP E 287 -36.21 31.78 -6.94
C ASP E 287 -37.65 31.86 -6.52
N ASP E 288 -38.29 30.73 -6.39
CA ASP E 288 -39.50 30.62 -5.63
C ASP E 288 -39.31 29.69 -4.44
N ASP E 289 -38.21 28.96 -4.45
CA ASP E 289 -37.86 27.99 -3.44
C ASP E 289 -37.33 28.70 -2.22
N PHE E 290 -37.58 28.12 -1.05
CA PHE E 290 -37.10 28.63 0.22
C PHE E 290 -36.30 27.57 0.91
N VAL E 291 -35.26 27.96 1.64
CA VAL E 291 -34.40 27.01 2.33
C VAL E 291 -34.09 27.54 3.70
N ASN E 292 -33.46 26.68 4.50
CA ASN E 292 -32.79 27.08 5.72
C ASN E 292 -32.00 25.91 6.30
N VAL E 293 -30.85 26.14 6.79
CA VAL E 293 -29.91 25.07 7.09
C VAL E 293 -29.78 24.93 8.58
N ALA E 294 -30.09 23.75 9.09
CA ALA E 294 -30.21 23.55 10.53
C ALA E 294 -29.44 22.31 10.92
N SER E 295 -28.26 22.47 11.47
CA SER E 295 -27.59 21.31 11.98
C SER E 295 -28.37 20.86 13.19
N PHE E 296 -28.42 19.55 13.42
CA PHE E 296 -28.95 19.01 14.65
C PHE E 296 -27.89 18.15 15.28
N ASN E 297 -27.87 18.18 16.60
CA ASN E 297 -26.72 17.84 17.40
C ASN E 297 -27.29 17.37 18.73
N SER E 298 -26.56 17.55 19.83
CA SER E 298 -27.21 17.68 21.13
C SER E 298 -28.47 18.52 21.03
N ASN E 299 -28.31 19.81 20.77
CA ASN E 299 -29.43 20.67 20.48
C ASN E 299 -29.52 20.89 18.97
N ALA E 300 -30.50 21.64 18.50
CA ALA E 300 -30.69 21.78 17.07
C ALA E 300 -30.55 23.28 17.04
N GLN E 301 -29.70 23.79 16.15
CA GLN E 301 -29.69 25.23 15.95
C GLN E 301 -29.63 25.51 14.47
N ASP E 302 -29.82 26.78 14.12
CA ASP E 302 -29.64 27.27 12.75
C ASP E 302 -28.27 27.91 12.64
N VAL E 303 -27.35 27.23 11.96
CA VAL E 303 -26.08 27.87 11.73
C VAL E 303 -26.21 28.66 10.43
N SER E 304 -26.91 29.79 10.51
CA SER E 304 -27.17 30.53 9.29
C SER E 304 -27.26 32.02 9.46
N CYS E 305 -27.47 32.49 10.70
CA CYS E 305 -27.94 33.83 11.03
C CYS E 305 -29.28 34.10 10.34
N PHE E 306 -30.21 33.15 10.36
CA PHE E 306 -31.53 33.46 9.84
C PHE E 306 -32.73 33.08 10.71
N GLN E 307 -32.67 31.93 11.39
CA GLN E 307 -33.67 31.46 12.35
C GLN E 307 -35.05 31.21 11.76
N HIS E 308 -35.23 31.37 10.45
CA HIS E 308 -36.50 31.13 9.80
C HIS E 308 -36.22 30.98 8.32
N LEU E 309 -37.23 30.98 7.46
CA LEU E 309 -36.97 30.73 6.06
C LEU E 309 -36.57 31.98 5.32
N VAL E 310 -35.70 31.81 4.33
CA VAL E 310 -35.14 32.94 3.61
C VAL E 310 -35.92 32.99 2.34
N GLN E 311 -35.63 33.93 1.45
CA GLN E 311 -36.35 33.91 0.18
C GLN E 311 -35.57 33.10 -0.83
N ALA E 312 -34.31 32.81 -0.54
CA ALA E 312 -33.34 32.19 -1.44
C ALA E 312 -33.22 32.97 -2.74
N ASN E 313 -32.62 34.14 -2.66
CA ASN E 313 -32.08 34.84 -3.82
C ASN E 313 -30.84 34.16 -4.33
N VAL E 314 -30.14 34.86 -5.20
CA VAL E 314 -28.77 34.49 -5.52
C VAL E 314 -27.95 34.69 -4.27
N ARG E 315 -28.24 35.80 -3.60
N ARG E 315 -28.19 35.78 -3.56
CA ARG E 315 -27.47 36.32 -2.47
CA ARG E 315 -27.22 36.06 -2.51
C ARG E 315 -27.59 35.42 -1.25
C ARG E 315 -27.55 35.40 -1.19
N ASN E 316 -28.81 35.04 -0.92
CA ASN E 316 -29.06 34.30 0.31
C ASN E 316 -28.55 32.88 0.19
N LYS E 317 -28.41 32.38 -1.03
CA LYS E 317 -27.72 31.12 -1.22
C LYS E 317 -26.23 31.27 -0.99
N LYS E 318 -25.69 32.48 -1.15
CA LYS E 318 -24.26 32.62 -0.92
C LYS E 318 -23.97 32.71 0.57
N VAL E 319 -24.91 33.21 1.35
CA VAL E 319 -24.73 33.28 2.80
C VAL E 319 -24.57 31.90 3.39
N LEU E 320 -25.42 30.98 2.97
CA LEU E 320 -25.48 29.67 3.61
C LEU E 320 -24.23 28.86 3.31
N LYS E 321 -23.62 29.09 2.16
CA LYS E 321 -22.46 28.29 1.79
C LYS E 321 -21.23 28.67 2.60
N ASP E 322 -21.12 29.94 2.99
CA ASP E 322 -20.09 30.27 3.96
C ASP E 322 -20.48 29.79 5.35
N ALA E 323 -21.77 29.56 5.58
CA ALA E 323 -22.14 28.95 6.84
C ALA E 323 -21.83 27.47 6.84
N VAL E 324 -22.12 26.79 5.73
CA VAL E 324 -21.88 25.35 5.63
C VAL E 324 -20.40 25.06 5.69
N ASN E 325 -19.58 25.88 5.07
CA ASN E 325 -18.18 25.50 4.97
C ASN E 325 -17.39 25.79 6.23
N ASN E 326 -18.04 26.03 7.38
CA ASN E 326 -17.34 26.18 8.63
C ASN E 326 -18.11 25.43 9.72
N ILE E 327 -18.46 24.16 9.47
CA ILE E 327 -19.19 23.38 10.45
C ILE E 327 -18.23 22.42 11.13
N THR E 328 -18.19 22.46 12.46
CA THR E 328 -17.42 21.49 13.21
C THR E 328 -18.21 20.21 13.39
N ALA E 329 -17.58 19.20 13.98
CA ALA E 329 -18.21 17.89 14.05
C ALA E 329 -17.83 17.20 15.35
N LYS E 330 -18.77 17.19 16.30
CA LYS E 330 -18.60 16.49 17.59
C LYS E 330 -19.91 16.49 18.38
N GLY E 331 -20.13 15.46 19.21
CA GLY E 331 -21.32 15.41 20.01
C GLY E 331 -22.09 14.13 19.77
N ILE E 332 -23.37 14.17 20.13
CA ILE E 332 -24.22 12.99 20.15
C ILE E 332 -25.42 13.23 19.25
N THR E 333 -25.68 12.31 18.33
CA THR E 333 -26.90 12.32 17.53
C THR E 333 -28.11 12.12 18.43
N ASP E 334 -29.22 12.77 18.07
CA ASP E 334 -30.44 12.45 18.79
C ASP E 334 -31.69 12.21 17.94
N TYR E 335 -31.83 12.98 16.86
CA TYR E 335 -32.95 13.01 15.91
C TYR E 335 -34.28 13.43 16.53
N LYS E 336 -34.34 13.68 17.84
CA LYS E 336 -35.64 13.96 18.43
C LYS E 336 -35.78 15.43 18.75
N LYS E 337 -34.70 16.06 19.21
CA LYS E 337 -34.71 17.52 19.23
C LYS E 337 -34.61 18.07 17.82
N GLY E 338 -34.01 17.30 16.91
CA GLY E 338 -33.75 17.80 15.57
C GLY E 338 -35.01 17.96 14.75
N PHE E 339 -35.75 16.86 14.58
CA PHE E 339 -37.00 16.93 13.85
C PHE E 339 -38.02 17.82 14.53
N SER E 340 -38.03 17.85 15.86
CA SER E 340 -38.92 18.77 16.54
C SER E 340 -38.49 20.22 16.34
N PHE E 341 -37.22 20.44 16.01
CA PHE E 341 -36.82 21.77 15.56
C PHE E 341 -37.21 21.97 14.11
N ALA E 342 -37.27 20.89 13.34
CA ALA E 342 -37.50 21.05 11.91
C ALA E 342 -38.96 21.30 11.60
N PHE E 343 -39.86 20.56 12.26
CA PHE E 343 -41.26 20.77 11.98
C PHE E 343 -41.77 22.08 12.57
N GLU E 344 -41.03 22.69 13.48
CA GLU E 344 -41.36 24.06 13.85
C GLU E 344 -41.10 25.02 12.71
N GLN E 345 -40.01 24.84 11.97
CA GLN E 345 -39.57 25.85 11.01
C GLN E 345 -40.53 25.93 9.84
N LEU E 346 -41.05 24.81 9.41
CA LEU E 346 -41.93 24.81 8.26
C LEU E 346 -43.32 25.28 8.60
N LEU E 347 -43.57 25.55 9.87
CA LEU E 347 -44.78 26.22 10.34
C LEU E 347 -44.58 27.73 10.39
N ASN E 348 -45.31 28.38 11.30
CA ASN E 348 -45.21 29.82 11.45
C ASN E 348 -46.28 30.56 10.65
N TYR E 349 -46.11 30.58 9.33
CA TYR E 349 -47.06 31.24 8.45
C TYR E 349 -47.13 32.73 8.75
N ASN E 350 -46.00 33.31 9.15
CA ASN E 350 -45.93 34.73 9.48
C ASN E 350 -45.11 35.52 8.46
N VAL E 351 -43.89 35.05 8.23
CA VAL E 351 -42.99 35.70 7.28
C VAL E 351 -43.59 35.74 5.88
N SER E 352 -43.35 34.68 5.10
CA SER E 352 -43.87 34.59 3.76
C SER E 352 -44.12 33.13 3.35
N ARG E 353 -43.09 32.47 2.86
CA ARG E 353 -43.18 31.08 2.44
C ARG E 353 -44.00 30.95 1.16
N ALA E 354 -43.78 29.86 0.44
CA ALA E 354 -44.48 29.62 -0.82
C ALA E 354 -45.71 28.73 -0.60
N ASN E 355 -45.84 28.21 0.62
CA ASN E 355 -46.98 27.34 0.97
C ASN E 355 -47.19 26.28 -0.09
N CYS E 356 -46.18 25.45 -0.27
CA CYS E 356 -46.28 24.47 -1.34
C CYS E 356 -45.58 23.22 -0.85
N ASN E 357 -45.09 22.39 -1.77
CA ASN E 357 -44.50 21.10 -1.41
C ASN E 357 -43.40 21.25 -0.38
N LYS E 358 -43.66 20.78 0.83
CA LYS E 358 -42.76 21.03 1.93
C LYS E 358 -41.80 19.87 1.97
N ILE E 359 -40.52 20.16 1.81
CA ILE E 359 -39.48 19.15 1.88
C ILE E 359 -38.66 19.30 3.14
N ILE E 360 -38.37 18.20 3.80
CA ILE E 360 -37.29 18.22 4.76
C ILE E 360 -36.21 17.31 4.26
N MET E 361 -34.96 17.70 4.39
CA MET E 361 -33.90 16.81 3.95
C MET E 361 -32.79 16.58 4.94
N LEU E 362 -32.44 15.35 5.15
CA LEU E 362 -31.78 14.80 6.31
C LEU E 362 -30.49 14.16 5.87
N PHE E 363 -29.35 14.74 6.23
CA PHE E 363 -28.10 14.30 5.64
C PHE E 363 -27.24 13.52 6.63
N THR E 364 -27.83 12.62 7.37
CA THR E 364 -27.05 11.91 8.36
C THR E 364 -26.32 10.74 7.75
N ASP E 365 -25.64 10.00 8.61
CA ASP E 365 -24.78 8.89 8.21
C ASP E 365 -25.22 7.55 8.76
N GLY E 366 -26.49 7.37 9.05
CA GLY E 366 -26.92 6.21 9.79
C GLY E 366 -27.04 6.51 11.27
N GLY E 367 -27.96 5.80 11.89
CA GLY E 367 -28.34 6.09 13.27
C GLY E 367 -29.44 5.13 13.65
N GLU E 368 -29.41 4.68 14.89
CA GLU E 368 -30.20 3.53 15.32
C GLU E 368 -31.48 4.05 15.97
N GLU E 369 -32.35 4.62 15.13
CA GLU E 369 -33.57 5.22 15.64
C GLU E 369 -34.61 5.32 14.53
N ARG E 370 -35.74 4.65 14.72
CA ARG E 370 -36.96 4.93 13.98
C ARG E 370 -37.73 5.93 14.81
N ALA E 371 -37.54 7.22 14.54
CA ALA E 371 -38.12 8.23 15.41
C ALA E 371 -39.63 8.36 15.20
N GLN E 372 -40.39 7.34 15.60
CA GLN E 372 -41.80 7.22 15.28
C GLN E 372 -42.62 8.33 15.91
N GLU E 373 -42.13 8.84 17.04
CA GLU E 373 -42.90 9.73 17.90
C GLU E 373 -43.21 11.04 17.21
N ILE E 374 -42.20 11.61 16.57
CA ILE E 374 -42.33 12.96 16.03
C ILE E 374 -43.15 12.93 14.77
N PHE E 375 -43.01 11.87 13.99
CA PHE E 375 -43.88 11.72 12.85
C PHE E 375 -45.30 11.40 13.27
N ALA E 376 -45.47 10.75 14.42
CA ALA E 376 -46.83 10.48 14.88
C ALA E 376 -47.48 11.74 15.44
N LYS E 377 -46.65 12.72 15.83
CA LYS E 377 -47.20 13.93 16.41
C LYS E 377 -47.39 15.01 15.36
N TYR E 378 -46.65 14.94 14.26
CA TYR E 378 -46.70 15.99 13.26
C TYR E 378 -47.09 15.55 11.86
N ASN E 379 -46.89 14.29 11.51
CA ASN E 379 -47.38 13.74 10.24
C ASN E 379 -48.60 12.87 10.42
N LYS E 380 -49.58 13.32 11.21
CA LYS E 380 -50.91 12.79 10.98
C LYS E 380 -51.33 13.01 9.54
N ASP E 381 -51.29 14.25 9.09
CA ASP E 381 -51.84 14.66 7.80
C ASP E 381 -50.95 14.31 6.63
N LYS E 382 -49.69 13.94 6.90
CA LYS E 382 -48.72 13.48 5.91
C LYS E 382 -48.47 14.53 4.84
N LYS E 383 -48.38 15.80 5.23
CA LYS E 383 -48.22 16.82 4.22
C LYS E 383 -46.82 17.41 4.25
N VAL E 384 -45.88 16.68 4.82
CA VAL E 384 -44.48 17.07 4.73
C VAL E 384 -43.66 15.87 4.30
N ARG E 385 -43.19 15.85 3.07
CA ARG E 385 -42.28 14.82 2.61
C ARG E 385 -40.82 14.98 2.95
N VAL E 386 -40.13 13.88 3.24
CA VAL E 386 -38.81 13.84 3.85
C VAL E 386 -37.87 13.13 2.90
N PHE E 387 -36.79 13.78 2.47
CA PHE E 387 -35.82 13.10 1.63
C PHE E 387 -34.85 12.92 2.76
N THR E 388 -34.34 11.73 2.91
CA THR E 388 -33.12 11.47 3.63
C THR E 388 -32.06 11.01 2.66
N PHE E 389 -30.81 11.39 2.91
CA PHE E 389 -29.68 10.82 2.21
C PHE E 389 -28.66 10.36 3.23
N SER E 390 -27.75 9.49 2.81
CA SER E 390 -26.79 8.93 3.75
C SER E 390 -25.68 9.23 2.78
N VAL E 391 -24.56 9.68 3.29
CA VAL E 391 -23.37 9.78 2.49
C VAL E 391 -22.27 8.91 3.08
N GLY E 392 -21.23 8.70 2.31
CA GLY E 392 -20.01 8.15 2.85
C GLY E 392 -19.96 6.63 2.87
N GLN E 393 -18.85 6.12 3.38
CA GLN E 393 -18.64 4.69 3.42
C GLN E 393 -18.51 4.19 4.83
N HIS E 394 -19.31 4.75 5.72
CA HIS E 394 -19.45 4.22 7.06
C HIS E 394 -20.06 2.84 7.02
N ASN E 395 -19.70 2.01 7.99
CA ASN E 395 -20.41 0.76 8.20
CA ASN E 395 -20.39 0.75 8.21
C ASN E 395 -21.33 0.92 9.39
N TYR E 396 -22.39 1.70 9.19
CA TYR E 396 -23.39 1.87 10.21
C TYR E 396 -24.66 1.28 9.64
N ASP E 397 -25.78 1.59 10.26
CA ASP E 397 -27.02 1.01 9.78
C ASP E 397 -27.65 1.97 8.80
N ARG E 398 -28.06 1.45 7.65
CA ARG E 398 -28.92 2.18 6.74
C ARG E 398 -30.34 1.69 6.86
N GLY E 399 -30.65 1.11 8.00
CA GLY E 399 -31.93 0.51 8.27
C GLY E 399 -33.06 1.49 8.52
N PRO E 400 -32.99 2.23 9.63
CA PRO E 400 -34.11 3.11 10.00
C PRO E 400 -34.34 4.25 9.01
N ILE E 401 -33.28 4.65 8.34
CA ILE E 401 -33.39 5.77 7.41
C ILE E 401 -34.18 5.38 6.19
N GLN E 402 -34.03 4.14 5.73
CA GLN E 402 -34.90 3.67 4.66
C GLN E 402 -36.32 3.54 5.15
N TRP E 403 -36.52 3.36 6.45
CA TRP E 403 -37.87 3.33 6.98
C TRP E 403 -38.43 4.73 7.08
N MET E 404 -37.58 5.73 7.31
CA MET E 404 -38.07 7.10 7.45
C MET E 404 -38.66 7.61 6.16
N ALA E 405 -37.97 7.40 5.04
CA ALA E 405 -38.44 7.99 3.80
C ALA E 405 -39.65 7.26 3.26
N CYS E 406 -39.61 5.93 3.24
CA CYS E 406 -40.63 5.16 2.56
C CYS E 406 -42.00 5.27 3.20
N GLU E 407 -42.04 5.49 4.51
CA GLU E 407 -43.28 5.84 5.17
C GLU E 407 -43.78 7.23 4.79
N ASN E 408 -42.89 8.20 4.73
CA ASN E 408 -43.29 9.60 4.66
C ASN E 408 -43.21 10.13 3.24
N LYS E 409 -43.53 9.28 2.28
CA LYS E 409 -43.54 9.59 0.85
C LYS E 409 -42.19 10.05 0.31
N GLY E 410 -41.10 9.73 1.00
CA GLY E 410 -39.80 10.17 0.61
C GLY E 410 -39.20 9.32 -0.47
N TYR E 411 -37.92 9.55 -0.75
CA TYR E 411 -37.25 8.73 -1.73
C TYR E 411 -35.78 8.71 -1.35
N TYR E 412 -35.40 7.76 -0.51
CA TYR E 412 -34.05 7.62 0.00
C TYR E 412 -33.03 7.46 -1.11
N TYR E 413 -31.97 8.24 -1.05
CA TYR E 413 -30.85 8.09 -1.94
C TYR E 413 -29.57 8.15 -1.13
N GLU E 414 -28.48 7.77 -1.79
CA GLU E 414 -27.26 7.33 -1.16
C GLU E 414 -26.12 7.88 -1.97
N ILE E 415 -25.22 8.60 -1.33
CA ILE E 415 -24.12 9.27 -1.99
C ILE E 415 -22.85 8.55 -1.60
N PRO E 416 -22.30 7.70 -2.44
CA PRO E 416 -21.06 7.00 -2.12
C PRO E 416 -19.89 7.92 -1.92
N SER E 417 -19.65 8.80 -2.87
CA SER E 417 -18.47 9.65 -2.88
C SER E 417 -18.62 10.82 -3.83
N ILE E 418 -17.53 11.52 -4.04
CA ILE E 418 -17.48 12.65 -4.94
C ILE E 418 -17.66 12.10 -6.33
N GLY E 419 -18.37 12.80 -7.18
CA GLY E 419 -18.61 12.27 -8.50
C GLY E 419 -20.02 11.74 -8.58
N ALA E 420 -20.46 11.06 -7.53
CA ALA E 420 -21.84 10.61 -7.50
C ALA E 420 -22.78 11.70 -7.02
N ILE E 421 -22.22 12.85 -6.63
CA ILE E 421 -23.00 13.93 -6.02
C ILE E 421 -23.88 14.60 -7.05
N ARG E 422 -23.38 14.76 -8.27
CA ARG E 422 -24.15 15.47 -9.27
C ARG E 422 -25.34 14.64 -9.74
N ILE E 423 -25.21 13.32 -9.72
CA ILE E 423 -26.24 12.46 -10.26
C ILE E 423 -27.39 12.32 -9.27
N ASN E 424 -27.07 12.41 -7.99
CA ASN E 424 -28.06 12.05 -6.98
C ASN E 424 -28.91 13.23 -6.58
N THR E 425 -28.38 14.43 -6.64
CA THR E 425 -29.13 15.57 -6.14
C THR E 425 -30.05 16.18 -7.17
N GLN E 426 -30.19 15.56 -8.33
CA GLN E 426 -31.07 16.08 -9.36
C GLN E 426 -32.31 15.21 -9.51
N GLU E 427 -32.22 13.93 -9.13
CA GLU E 427 -33.38 13.04 -9.15
C GLU E 427 -34.37 13.41 -8.07
N TYR E 428 -33.95 14.28 -7.16
CA TYR E 428 -34.86 14.78 -6.15
C TYR E 428 -36.05 15.53 -6.77
N LEU E 429 -35.86 16.10 -7.97
CA LEU E 429 -36.98 16.82 -8.56
C LEU E 429 -37.99 15.91 -9.22
N ASP E 430 -37.59 14.71 -9.59
CA ASP E 430 -38.52 13.83 -10.27
C ASP E 430 -39.56 13.29 -9.31
N VAL E 431 -39.22 13.16 -8.04
CA VAL E 431 -40.17 12.68 -7.04
C VAL E 431 -41.29 13.67 -6.85
N LEU E 432 -40.95 14.96 -6.82
CA LEU E 432 -41.97 15.97 -6.63
C LEU E 432 -42.83 16.18 -7.86
N GLY E 433 -42.47 15.60 -9.00
CA GLY E 433 -43.33 15.72 -10.15
C GLY E 433 -44.56 14.85 -10.10
N ARG E 434 -44.69 14.04 -9.05
CA ARG E 434 -45.82 13.12 -8.95
C ARG E 434 -47.18 13.78 -8.82
N PRO E 435 -47.37 14.91 -8.14
CA PRO E 435 -48.68 15.55 -8.28
C PRO E 435 -48.93 16.14 -9.63
N MET E 436 -47.90 16.55 -10.35
CA MET E 436 -48.16 17.06 -11.69
C MET E 436 -48.56 15.95 -12.63
N VAL E 437 -48.01 14.76 -12.46
CA VAL E 437 -48.30 13.73 -13.42
C VAL E 437 -49.69 13.15 -13.17
N LEU E 438 -50.26 13.41 -12.00
CA LEU E 438 -51.62 12.99 -11.71
C LEU E 438 -52.65 14.07 -12.04
N ALA E 439 -52.23 15.20 -12.56
CA ALA E 439 -53.16 16.27 -12.89
C ALA E 439 -52.86 16.77 -14.29
N GLY E 440 -52.78 15.83 -15.25
CA GLY E 440 -52.22 16.13 -16.56
C GLY E 440 -53.08 17.06 -17.42
N ASP E 441 -54.23 17.45 -16.92
CA ASP E 441 -55.11 18.32 -17.69
C ASP E 441 -54.73 19.78 -17.50
N LYS E 442 -54.53 20.19 -16.26
CA LYS E 442 -54.30 21.57 -15.90
C LYS E 442 -52.83 21.93 -15.81
N ALA E 443 -51.94 20.94 -15.64
CA ALA E 443 -50.54 21.24 -15.34
C ALA E 443 -49.79 21.77 -16.54
N LYS E 444 -50.32 21.63 -17.75
CA LYS E 444 -49.63 22.13 -18.92
C LYS E 444 -49.91 23.63 -19.06
N GLN E 445 -49.19 24.41 -18.27
CA GLN E 445 -49.17 25.85 -18.47
C GLN E 445 -47.72 26.21 -18.73
N VAL E 446 -47.53 27.29 -19.46
CA VAL E 446 -46.21 27.73 -19.83
C VAL E 446 -45.62 28.53 -18.68
N GLN E 447 -44.51 28.07 -18.16
CA GLN E 447 -43.93 28.57 -16.93
C GLN E 447 -42.78 29.16 -17.71
N TRP E 448 -42.57 30.47 -17.57
CA TRP E 448 -41.40 31.17 -18.08
C TRP E 448 -40.38 31.32 -16.96
N THR E 449 -39.14 30.91 -17.24
CA THR E 449 -38.02 31.20 -16.37
C THR E 449 -37.68 32.67 -16.56
N ASN E 450 -37.09 33.31 -15.55
CA ASN E 450 -36.83 34.74 -15.60
C ASN E 450 -35.78 35.17 -16.64
N VAL E 451 -34.48 35.11 -16.38
CA VAL E 451 -33.42 35.66 -17.25
C VAL E 451 -32.09 35.04 -16.88
N TYR E 452 -31.31 34.69 -17.89
CA TYR E 452 -29.98 34.17 -17.68
C TYR E 452 -29.23 34.23 -19.00
N LEU E 453 -27.93 34.06 -18.91
CA LEU E 453 -27.07 34.00 -20.07
C LEU E 453 -27.03 32.59 -20.60
N ASP E 454 -27.26 32.44 -21.90
CA ASP E 454 -27.34 31.12 -22.49
C ASP E 454 -25.95 30.50 -22.54
N ALA E 455 -25.89 29.18 -22.41
CA ALA E 455 -24.62 28.49 -22.53
C ALA E 455 -24.12 28.48 -23.96
N LEU E 456 -25.00 28.65 -24.93
CA LEU E 456 -24.57 28.68 -26.31
C LEU E 456 -24.22 30.06 -26.81
N GLU E 457 -24.03 31.01 -25.91
CA GLU E 457 -23.56 32.36 -26.22
C GLU E 457 -24.47 33.09 -27.18
N LEU E 458 -25.67 33.43 -26.72
CA LEU E 458 -26.56 34.24 -27.52
C LEU E 458 -26.84 35.59 -26.86
N GLY E 459 -26.66 35.71 -25.56
CA GLY E 459 -27.03 36.92 -24.87
C GLY E 459 -28.03 36.59 -23.78
N LEU E 460 -28.74 37.61 -23.30
CA LEU E 460 -29.74 37.36 -22.29
C LEU E 460 -30.96 36.76 -22.97
N VAL E 461 -31.40 35.64 -22.44
CA VAL E 461 -32.51 34.91 -22.99
C VAL E 461 -33.53 34.69 -21.89
N ILE E 462 -34.74 34.46 -22.31
CA ILE E 462 -35.83 34.04 -21.44
C ILE E 462 -36.43 32.80 -22.07
N THR E 463 -36.70 31.79 -21.24
CA THR E 463 -37.17 30.52 -21.75
C THR E 463 -38.63 30.35 -21.40
N GLY E 464 -39.32 29.55 -22.21
CA GLY E 464 -40.65 29.09 -21.91
C GLY E 464 -40.66 27.57 -21.89
N THR E 465 -41.21 27.01 -20.82
CA THR E 465 -41.18 25.59 -20.59
C THR E 465 -42.57 25.02 -20.39
N LEU E 466 -42.67 23.73 -20.62
CA LEU E 466 -43.89 22.95 -20.64
C LEU E 466 -43.48 21.50 -20.49
N PRO E 467 -43.99 20.75 -19.53
CA PRO E 467 -43.47 19.41 -19.27
C PRO E 467 -44.09 18.40 -20.22
N VAL E 468 -43.42 17.25 -20.34
CA VAL E 468 -43.86 16.18 -21.22
C VAL E 468 -44.10 14.94 -20.38
N PHE E 469 -45.29 14.36 -20.50
CA PHE E 469 -45.64 13.20 -19.71
C PHE E 469 -45.43 11.91 -20.48
N ASN E 470 -45.36 10.80 -19.74
CA ASN E 470 -45.28 9.46 -20.31
C ASN E 470 -46.69 8.86 -20.27
N ILE E 471 -47.55 9.41 -21.10
CA ILE E 471 -48.85 8.78 -21.38
C ILE E 471 -48.64 7.64 -22.36
N THR E 472 -48.83 6.42 -21.86
CA THR E 472 -48.73 5.24 -22.68
C THR E 472 -49.87 4.31 -22.30
N GLY E 473 -50.62 4.72 -21.29
CA GLY E 473 -51.65 3.87 -20.75
C GLY E 473 -52.98 4.55 -20.55
N GLN E 474 -53.41 5.38 -21.49
CA GLN E 474 -54.58 6.20 -21.18
C GLN E 474 -55.77 5.82 -22.06
N PHE E 475 -56.95 5.77 -21.42
CA PHE E 475 -58.27 5.37 -21.93
C PHE E 475 -58.30 3.91 -22.40
N GLU E 476 -57.31 3.10 -22.01
CA GLU E 476 -57.25 1.68 -22.31
C GLU E 476 -56.71 0.88 -21.13
N ASN E 477 -56.91 1.34 -19.90
CA ASN E 477 -55.79 1.94 -19.19
C ASN E 477 -54.47 1.21 -19.35
N LYS E 478 -54.12 0.31 -18.42
CA LYS E 478 -53.32 -0.94 -18.45
C LYS E 478 -52.82 -1.09 -17.01
N THR E 479 -51.85 -1.99 -16.78
CA THR E 479 -51.09 -2.15 -15.52
C THR E 479 -50.72 -0.85 -14.79
N ASN E 480 -50.30 0.17 -15.55
CA ASN E 480 -50.06 1.54 -15.07
C ASN E 480 -48.91 1.62 -14.06
N LEU E 481 -47.79 0.99 -14.40
CA LEU E 481 -46.62 0.95 -13.51
C LEU E 481 -45.95 2.31 -13.43
N LYS E 482 -45.56 2.86 -14.58
CA LYS E 482 -44.90 4.17 -14.66
C LYS E 482 -45.75 5.13 -15.47
N ASN E 483 -47.06 5.12 -15.20
CA ASN E 483 -47.95 6.23 -15.51
C ASN E 483 -47.54 7.52 -14.83
N GLN E 484 -46.73 7.42 -13.79
CA GLN E 484 -46.00 8.47 -13.11
C GLN E 484 -44.81 8.88 -13.96
N LEU E 485 -43.72 9.24 -13.29
CA LEU E 485 -42.67 10.22 -13.56
C LEU E 485 -42.45 10.65 -15.00
N ILE E 486 -42.36 11.97 -15.21
CA ILE E 486 -42.39 12.62 -16.51
C ILE E 486 -41.22 12.22 -17.38
N LEU E 487 -41.33 12.54 -18.67
CA LEU E 487 -40.27 12.35 -19.64
C LEU E 487 -39.29 13.50 -19.66
N GLY E 488 -39.76 14.71 -19.92
CA GLY E 488 -38.83 15.82 -20.02
C GLY E 488 -39.56 17.13 -20.19
N VAL E 489 -38.78 18.16 -20.48
CA VAL E 489 -39.31 19.51 -20.55
C VAL E 489 -38.91 20.11 -21.87
N MET E 490 -39.90 20.46 -22.66
CA MET E 490 -39.69 21.26 -23.86
C MET E 490 -39.53 22.74 -23.65
N GLY E 491 -38.55 23.32 -24.33
CA GLY E 491 -38.16 24.68 -24.06
C GLY E 491 -38.01 25.43 -25.36
N VAL E 492 -38.47 26.67 -25.41
CA VAL E 492 -38.28 27.53 -26.55
C VAL E 492 -37.80 28.87 -26.07
N ASP E 493 -36.59 29.24 -26.42
CA ASP E 493 -35.98 30.40 -25.81
C ASP E 493 -36.31 31.66 -26.58
N VAL E 494 -36.25 32.80 -25.90
CA VAL E 494 -36.54 34.10 -26.49
C VAL E 494 -35.42 35.05 -26.11
N SER E 495 -34.86 35.75 -27.09
CA SER E 495 -33.89 36.79 -26.81
C SER E 495 -34.58 38.04 -26.30
N LEU E 496 -33.85 38.86 -25.55
CA LEU E 496 -34.45 40.13 -25.18
C LEU E 496 -34.37 41.13 -26.30
N GLU E 497 -33.45 40.93 -27.24
CA GLU E 497 -33.39 41.82 -28.39
C GLU E 497 -34.66 41.71 -29.21
N ASP E 498 -35.17 40.49 -29.29
CA ASP E 498 -36.48 40.24 -29.88
C ASP E 498 -37.52 41.13 -29.22
N ILE E 499 -37.43 41.29 -27.89
CA ILE E 499 -38.33 42.19 -27.22
C ILE E 499 -37.97 43.62 -27.53
N LYS E 500 -36.68 43.94 -27.52
CA LYS E 500 -36.29 45.33 -27.63
C LYS E 500 -36.42 45.88 -29.04
N ARG E 501 -36.73 45.03 -30.01
CA ARG E 501 -37.17 45.53 -31.32
C ARG E 501 -38.66 45.78 -31.36
N LEU E 502 -39.43 45.22 -30.42
CA LEU E 502 -40.83 45.58 -30.26
C LEU E 502 -41.00 46.86 -29.48
N THR E 503 -39.96 47.29 -28.78
CA THR E 503 -40.03 48.43 -27.87
C THR E 503 -39.33 49.58 -28.57
N PRO E 504 -40.08 50.54 -29.08
CA PRO E 504 -39.45 51.66 -29.74
C PRO E 504 -38.74 52.52 -28.72
N ARG E 505 -37.46 52.75 -28.94
CA ARG E 505 -36.73 53.71 -28.12
C ARG E 505 -36.01 54.65 -29.05
N PHE E 506 -36.74 55.27 -29.98
CA PHE E 506 -36.14 56.25 -30.88
C PHE E 506 -37.04 57.44 -31.13
N THR E 507 -38.18 57.53 -30.45
CA THR E 507 -39.01 58.72 -30.60
C THR E 507 -39.16 59.46 -29.28
N LEU E 508 -38.38 59.11 -28.28
CA LEU E 508 -38.79 59.38 -26.92
C LEU E 508 -37.65 59.71 -25.96
N CYS E 509 -36.75 60.63 -26.33
CA CYS E 509 -36.04 61.45 -25.35
C CYS E 509 -35.16 60.71 -24.34
N PRO E 510 -33.85 60.61 -24.64
CA PRO E 510 -32.96 59.54 -24.15
C PRO E 510 -33.08 59.10 -22.71
N ASN E 511 -33.64 59.92 -21.85
CA ASN E 511 -33.99 59.48 -20.53
C ASN E 511 -35.31 58.72 -20.47
N GLY E 512 -35.90 58.37 -21.62
CA GLY E 512 -37.10 57.55 -21.63
C GLY E 512 -36.93 56.16 -22.21
N TYR E 513 -37.64 55.18 -21.68
CA TYR E 513 -37.28 53.79 -21.90
C TYR E 513 -38.39 52.88 -21.39
N TYR E 514 -38.66 51.82 -22.12
CA TYR E 514 -39.56 50.80 -21.60
C TYR E 514 -38.81 49.94 -20.62
N PHE E 515 -39.55 49.07 -19.95
CA PHE E 515 -39.16 48.56 -18.65
C PHE E 515 -40.19 47.56 -18.17
N ALA E 516 -39.76 46.51 -17.46
CA ALA E 516 -40.69 45.42 -17.17
C ALA E 516 -40.30 44.62 -15.93
N ILE E 517 -41.29 44.21 -15.15
CA ILE E 517 -41.07 43.53 -13.89
C ILE E 517 -41.86 42.24 -13.83
N ASP E 518 -41.19 41.14 -13.46
CA ASP E 518 -41.75 39.84 -13.17
C ASP E 518 -42.53 39.86 -11.85
N PRO E 519 -43.30 38.80 -11.53
CA PRO E 519 -43.98 38.80 -10.23
C PRO E 519 -43.09 38.74 -9.01
N ASN E 520 -41.84 38.31 -9.11
CA ASN E 520 -40.99 38.33 -7.94
C ASN E 520 -40.40 39.69 -7.67
N GLY E 521 -40.53 40.61 -8.61
CA GLY E 521 -39.79 41.85 -8.49
C GLY E 521 -38.49 41.85 -9.24
N TYR E 522 -38.37 41.09 -10.32
CA TYR E 522 -37.15 41.12 -11.08
C TYR E 522 -37.41 41.68 -12.46
N VAL E 523 -36.33 41.97 -13.15
CA VAL E 523 -36.28 42.92 -14.24
C VAL E 523 -36.21 42.20 -15.58
N LEU E 524 -36.87 42.74 -16.60
CA LEU E 524 -36.75 42.19 -17.95
C LEU E 524 -36.21 43.21 -18.96
N LEU E 525 -36.41 44.49 -18.71
CA LEU E 525 -36.08 45.48 -19.73
C LEU E 525 -35.50 46.79 -19.25
N HIS E 526 -35.01 46.85 -18.01
CA HIS E 526 -34.34 48.05 -17.61
C HIS E 526 -33.04 48.12 -18.30
N PRO E 527 -32.86 49.40 -18.88
CA PRO E 527 -31.58 49.57 -19.57
C PRO E 527 -30.37 49.84 -18.69
N ASN E 528 -30.11 48.92 -17.77
CA ASN E 528 -28.77 48.63 -17.33
C ASN E 528 -28.62 47.13 -17.00
N LEU E 529 -29.24 46.26 -17.80
CA LEU E 529 -29.11 44.83 -17.51
C LEU E 529 -27.70 44.31 -17.68
N GLN E 530 -27.05 44.58 -18.82
CA GLN E 530 -25.60 44.44 -19.00
C GLN E 530 -25.03 43.09 -18.61
N PRO E 531 -24.93 42.10 -19.55
CA PRO E 531 -24.34 40.77 -19.26
C PRO E 531 -23.02 40.81 -18.51
N LYS E 532 -22.75 39.75 -17.73
CA LYS E 532 -21.73 39.66 -16.68
C LYS E 532 -22.44 39.46 -15.33
N PRO E 533 -22.78 38.22 -14.97
CA PRO E 533 -23.61 38.00 -13.78
C PRO E 533 -23.16 38.62 -12.46
N ILE E 534 -24.03 38.52 -11.46
CA ILE E 534 -24.04 39.42 -10.31
C ILE E 534 -23.65 38.72 -9.03
N GLY E 535 -23.20 39.49 -8.07
CA GLY E 535 -23.57 39.33 -6.69
C GLY E 535 -22.77 38.27 -5.99
N VAL E 536 -21.74 38.72 -5.30
CA VAL E 536 -20.75 37.88 -4.64
C VAL E 536 -20.31 38.83 -3.54
N GLY E 537 -19.71 38.34 -2.45
CA GLY E 537 -18.96 39.18 -1.54
C GLY E 537 -17.67 39.70 -2.16
N ILE E 538 -16.69 39.94 -1.31
CA ILE E 538 -15.38 40.28 -1.83
C ILE E 538 -14.83 39.03 -2.52
N PRO E 539 -14.50 39.11 -3.79
CA PRO E 539 -14.17 37.91 -4.54
C PRO E 539 -12.78 37.38 -4.24
N THR E 540 -12.65 36.57 -3.21
CA THR E 540 -11.34 36.11 -2.80
C THR E 540 -10.89 34.97 -3.71
N ILE E 541 -9.65 35.05 -4.19
CA ILE E 541 -9.01 33.98 -4.93
C ILE E 541 -7.64 33.81 -4.31
N ASN E 542 -7.26 32.59 -3.95
CA ASN E 542 -5.84 32.33 -3.76
C ASN E 542 -5.29 31.69 -5.03
N LEU E 543 -4.02 31.96 -5.30
CA LEU E 543 -3.34 31.36 -6.44
C LEU E 543 -2.41 30.25 -5.99
N ARG E 544 -2.34 30.00 -4.69
CA ARG E 544 -1.61 28.86 -4.16
C ARG E 544 -2.38 27.58 -4.24
N LYS E 545 -3.70 27.63 -4.42
CA LYS E 545 -4.50 26.44 -4.43
C LYS E 545 -4.66 25.85 -5.83
N ARG E 546 -4.81 26.70 -6.84
CA ARG E 546 -5.04 26.23 -8.20
C ARG E 546 -3.81 25.52 -8.76
N ARG E 547 -4.04 24.89 -9.87
CA ARG E 547 -3.10 24.07 -10.61
C ARG E 547 -3.00 24.78 -11.96
N PRO E 548 -1.97 24.60 -12.76
CA PRO E 548 -2.02 25.17 -14.11
C PRO E 548 -2.91 24.38 -15.06
N ASN E 549 -4.21 24.36 -14.79
CA ASN E 549 -5.07 23.34 -15.37
C ASN E 549 -6.52 23.79 -15.23
N VAL E 550 -7.43 22.84 -14.99
CA VAL E 550 -8.86 22.73 -15.25
C VAL E 550 -9.70 24.00 -15.15
N GLN E 551 -10.62 24.14 -16.11
CA GLN E 551 -11.43 25.19 -16.70
C GLN E 551 -12.15 26.14 -15.74
N ASN E 552 -12.32 25.77 -14.44
CA ASN E 552 -12.86 26.67 -13.39
C ASN E 552 -14.28 27.15 -13.70
N PRO E 553 -15.33 26.32 -13.40
CA PRO E 553 -16.72 26.48 -13.94
C PRO E 553 -17.35 27.88 -13.98
N LYS E 554 -18.30 28.04 -14.90
CA LYS E 554 -18.69 29.34 -15.42
C LYS E 554 -20.01 29.85 -14.82
N SER E 555 -20.41 29.34 -13.65
CA SER E 555 -21.52 29.88 -12.83
C SER E 555 -22.90 29.89 -13.52
N GLN E 556 -23.55 28.73 -13.55
CA GLN E 556 -24.92 28.52 -14.05
C GLN E 556 -26.04 29.34 -13.39
N GLU E 557 -25.69 30.14 -12.46
CA GLU E 557 -26.31 31.27 -11.80
C GLU E 557 -27.05 32.16 -12.79
N PRO E 558 -28.28 32.54 -12.48
CA PRO E 558 -29.00 33.47 -13.35
C PRO E 558 -28.57 34.90 -13.10
N VAL E 559 -29.19 35.86 -13.78
CA VAL E 559 -28.90 37.27 -13.56
C VAL E 559 -30.21 37.88 -13.06
N THR E 560 -30.41 37.88 -11.76
CA THR E 560 -31.70 38.28 -11.21
C THR E 560 -31.47 39.61 -10.54
N LEU E 561 -31.79 40.69 -11.23
CA LEU E 561 -31.49 41.99 -10.68
C LEU E 561 -32.70 42.54 -9.97
N ASP E 562 -32.50 43.06 -8.77
CA ASP E 562 -33.59 43.69 -8.03
C ASP E 562 -33.94 45.03 -8.64
N PHE E 563 -35.23 45.35 -8.69
CA PHE E 563 -35.62 46.67 -9.17
C PHE E 563 -35.17 47.76 -8.22
N LEU E 564 -35.16 47.49 -6.92
CA LEU E 564 -34.70 48.51 -5.99
C LEU E 564 -33.19 48.64 -5.99
N ASP E 565 -32.49 47.81 -6.74
CA ASP E 565 -31.06 47.97 -6.91
C ASP E 565 -30.68 48.25 -8.36
N ALA E 566 -31.65 48.33 -9.26
CA ALA E 566 -31.33 48.76 -10.61
C ALA E 566 -31.31 50.27 -10.70
N GLU E 567 -31.86 50.95 -9.71
CA GLU E 567 -31.95 52.40 -9.69
C GLU E 567 -31.73 52.95 -8.29
N LEU E 568 -32.07 54.22 -8.10
CA LEU E 568 -32.01 54.81 -6.78
C LEU E 568 -33.26 54.47 -5.99
N GLU E 569 -33.09 54.13 -4.73
CA GLU E 569 -34.20 53.75 -3.88
C GLU E 569 -34.90 54.99 -3.35
N ASN E 570 -36.22 54.95 -3.33
CA ASN E 570 -36.99 56.14 -2.99
C ASN E 570 -38.33 55.71 -2.41
N ASP E 571 -38.90 56.57 -1.57
CA ASP E 571 -40.19 56.26 -0.96
C ASP E 571 -41.30 56.29 -2.00
N ILE E 572 -41.08 56.99 -3.09
CA ILE E 572 -42.08 57.08 -4.14
C ILE E 572 -42.04 55.85 -5.01
N LYS E 573 -40.85 55.36 -5.31
CA LYS E 573 -40.71 54.23 -6.24
C LYS E 573 -41.19 52.93 -5.62
N VAL E 574 -41.06 52.77 -4.31
CA VAL E 574 -41.51 51.55 -3.66
C VAL E 574 -43.02 51.42 -3.77
N GLU E 575 -43.71 52.56 -3.66
CA GLU E 575 -45.15 52.63 -3.94
C GLU E 575 -45.43 52.24 -5.38
N ILE E 576 -44.53 52.61 -6.30
CA ILE E 576 -44.72 52.23 -7.69
C ILE E 576 -44.50 50.75 -7.85
N ARG E 577 -43.46 50.22 -7.21
CA ARG E 577 -43.10 48.82 -7.37
C ARG E 577 -44.14 47.90 -6.76
N ASN E 578 -44.67 48.28 -5.60
CA ASN E 578 -45.65 47.41 -4.97
C ASN E 578 -46.98 47.48 -5.67
N LYS E 579 -47.29 48.59 -6.32
CA LYS E 579 -48.52 48.59 -7.09
C LYS E 579 -48.32 47.85 -8.40
N MET E 580 -47.17 48.04 -9.04
CA MET E 580 -46.96 47.49 -10.37
C MET E 580 -46.89 45.99 -10.37
N ILE E 581 -46.45 45.40 -9.26
CA ILE E 581 -46.21 43.97 -9.20
C ILE E 581 -47.50 43.19 -9.27
N ASP E 582 -48.64 43.83 -9.00
CA ASP E 582 -49.92 43.17 -9.13
C ASP E 582 -51.02 44.04 -9.73
N GLY E 583 -50.89 45.35 -9.70
CA GLY E 583 -52.00 46.21 -10.00
C GLY E 583 -52.28 46.31 -11.48
N GLU E 584 -53.17 47.22 -11.81
CA GLU E 584 -53.90 47.11 -13.06
C GLU E 584 -53.76 48.32 -13.95
N SER E 585 -53.59 49.50 -13.38
CA SER E 585 -53.32 50.70 -14.16
C SER E 585 -52.73 51.73 -13.22
N GLY E 586 -52.31 52.86 -13.76
CA GLY E 586 -51.97 53.96 -12.91
C GLY E 586 -50.73 54.63 -13.41
N GLU E 587 -50.46 55.79 -12.83
CA GLU E 587 -49.34 56.63 -13.22
C GLU E 587 -49.10 57.66 -12.14
N LYS E 588 -47.87 58.15 -12.09
CA LYS E 588 -47.54 59.04 -10.99
C LYS E 588 -46.39 59.94 -11.44
N THR E 589 -46.51 61.22 -11.14
CA THR E 589 -45.53 62.20 -11.57
C THR E 589 -44.93 62.85 -10.35
N PHE E 590 -43.61 62.97 -10.32
CA PHE E 590 -42.96 63.33 -9.07
C PHE E 590 -41.55 63.82 -9.36
N ARG E 591 -40.79 63.98 -8.30
CA ARG E 591 -39.44 64.54 -8.36
C ARG E 591 -38.50 63.46 -7.85
N THR E 592 -37.44 63.18 -8.59
CA THR E 592 -36.50 62.16 -8.13
C THR E 592 -35.05 62.54 -8.34
N LEU E 593 -34.18 61.73 -7.76
CA LEU E 593 -32.77 61.74 -8.08
C LEU E 593 -32.49 60.78 -9.23
N VAL E 594 -31.72 61.23 -10.21
CA VAL E 594 -31.41 60.39 -11.35
C VAL E 594 -29.92 60.19 -11.44
N LYS E 595 -29.50 58.93 -11.38
CA LYS E 595 -28.11 58.54 -11.54
C LYS E 595 -27.70 58.66 -13.00
N SER E 596 -26.73 59.52 -13.30
CA SER E 596 -26.31 59.69 -14.68
C SER E 596 -25.52 58.48 -15.15
N GLN E 597 -25.49 58.31 -16.46
CA GLN E 597 -24.85 57.15 -17.08
C GLN E 597 -23.36 57.27 -16.86
N ASP E 598 -22.70 56.11 -16.69
CA ASP E 598 -21.29 55.95 -16.38
C ASP E 598 -21.00 56.80 -15.16
N GLU E 599 -21.62 56.40 -14.05
CA GLU E 599 -21.97 57.19 -12.88
C GLU E 599 -20.94 58.24 -12.46
N ARG E 600 -21.38 59.49 -12.43
CA ARG E 600 -20.57 60.57 -11.94
C ARG E 600 -21.44 61.44 -11.08
N TYR E 601 -22.70 61.55 -11.49
CA TYR E 601 -23.50 62.77 -11.34
C TYR E 601 -24.91 62.35 -10.99
N ILE E 602 -25.50 62.96 -10.01
CA ILE E 602 -26.92 62.79 -9.80
C ILE E 602 -27.65 64.08 -10.15
N ASP E 603 -28.58 64.00 -11.07
CA ASP E 603 -29.45 65.14 -11.27
C ASP E 603 -30.74 64.95 -10.52
N LYS E 604 -31.51 66.02 -10.47
CA LYS E 604 -32.84 65.98 -9.89
C LYS E 604 -33.77 66.57 -10.92
N GLY E 605 -34.87 65.87 -11.19
CA GLY E 605 -35.80 66.35 -12.20
C GLY E 605 -37.14 65.68 -12.01
N ASN E 606 -37.98 65.79 -13.03
CA ASN E 606 -39.30 65.22 -12.98
C ASN E 606 -39.44 64.03 -13.90
N ARG E 607 -40.31 63.10 -13.53
CA ARG E 607 -40.61 61.93 -14.35
C ARG E 607 -42.12 61.75 -14.39
N THR E 608 -42.63 61.30 -15.52
CA THR E 608 -44.02 60.88 -15.60
C THR E 608 -44.08 59.45 -16.10
N TYR E 609 -44.43 58.51 -15.21
CA TYR E 609 -44.40 57.15 -15.72
C TYR E 609 -45.59 56.33 -15.30
N THR E 610 -45.95 55.43 -16.20
CA THR E 610 -47.17 54.66 -16.15
C THR E 610 -46.82 53.21 -15.93
N TRP E 611 -47.84 52.38 -15.89
CA TRP E 611 -47.68 50.94 -15.85
C TRP E 611 -48.99 50.30 -16.27
N THR E 612 -48.86 49.14 -16.90
CA THR E 612 -49.99 48.25 -17.07
C THR E 612 -49.48 46.83 -16.97
N PRO E 613 -50.28 45.90 -16.50
CA PRO E 613 -49.92 44.50 -16.65
C PRO E 613 -50.21 44.07 -18.06
N VAL E 614 -49.55 42.98 -18.45
CA VAL E 614 -49.81 42.38 -19.73
C VAL E 614 -51.18 41.73 -19.72
N ASN E 615 -52.03 42.14 -20.66
CA ASN E 615 -53.38 41.63 -20.75
C ASN E 615 -53.45 40.12 -20.71
N GLY E 616 -52.43 39.47 -21.28
CA GLY E 616 -52.42 38.02 -21.29
C GLY E 616 -51.89 37.45 -19.99
N THR E 617 -50.67 36.94 -20.00
CA THR E 617 -50.06 36.41 -18.81
C THR E 617 -49.84 37.46 -17.73
N ASP E 618 -49.65 36.98 -16.51
CA ASP E 618 -49.26 37.85 -15.42
C ASP E 618 -47.75 37.90 -15.23
N TYR E 619 -46.99 37.16 -16.03
CA TYR E 619 -45.58 36.99 -15.75
C TYR E 619 -44.71 38.14 -16.25
N SER E 620 -45.29 39.32 -16.39
CA SER E 620 -44.59 40.55 -16.74
C SER E 620 -45.56 41.69 -16.51
N SER E 621 -45.03 42.91 -16.45
CA SER E 621 -45.83 44.12 -16.52
C SER E 621 -44.93 45.23 -17.03
N LEU E 622 -45.41 46.04 -17.95
CA LEU E 622 -44.60 47.08 -18.58
C LEU E 622 -44.60 48.36 -17.77
N ALA E 623 -43.64 49.23 -18.09
CA ALA E 623 -43.69 50.62 -17.62
C ALA E 623 -42.77 51.53 -18.43
N LEU E 624 -43.30 52.68 -18.79
CA LEU E 624 -42.62 53.67 -19.63
C LEU E 624 -42.28 54.91 -18.82
N VAL E 625 -40.99 55.12 -18.60
CA VAL E 625 -40.52 56.29 -17.90
C VAL E 625 -40.40 57.43 -18.89
N LEU E 626 -40.90 58.61 -18.53
CA LEU E 626 -40.76 59.76 -19.41
C LEU E 626 -40.29 60.99 -18.67
N PRO E 627 -39.39 61.76 -19.25
CA PRO E 627 -39.23 63.14 -18.84
C PRO E 627 -40.49 63.92 -19.17
N THR E 628 -40.80 64.89 -18.34
CA THR E 628 -42.06 65.63 -18.49
C THR E 628 -42.09 66.58 -19.66
N TYR E 629 -40.94 66.85 -20.26
CA TYR E 629 -40.82 67.65 -21.46
C TYR E 629 -40.78 66.81 -22.70
N SER E 630 -41.33 65.61 -22.66
CA SER E 630 -41.15 64.66 -23.74
C SER E 630 -42.46 64.04 -24.15
N PHE E 631 -43.55 64.78 -24.01
CA PHE E 631 -44.79 64.30 -24.57
C PHE E 631 -44.80 64.41 -26.09
N TYR E 632 -43.97 65.28 -26.64
CA TYR E 632 -44.04 65.65 -28.03
C TYR E 632 -42.74 65.30 -28.73
N TYR E 633 -42.85 65.05 -30.03
CA TYR E 633 -41.68 64.71 -30.83
C TYR E 633 -41.87 65.22 -32.23
N ILE E 634 -40.77 65.27 -32.95
CA ILE E 634 -40.70 65.81 -34.30
C ILE E 634 -41.01 64.72 -35.30
N LYS E 635 -41.98 64.96 -36.18
CA LYS E 635 -42.23 64.05 -37.29
C LYS E 635 -41.39 64.49 -38.47
N ALA E 636 -40.56 63.58 -38.96
CA ALA E 636 -39.92 63.76 -40.25
C ALA E 636 -40.96 63.72 -41.36
N LYS E 637 -40.93 64.72 -42.23
CA LYS E 637 -41.78 64.76 -43.40
C LYS E 637 -41.07 65.60 -44.45
N ILE E 638 -40.46 64.96 -45.42
CA ILE E 638 -39.81 65.64 -46.54
C ILE E 638 -40.53 65.22 -47.80
N GLU E 639 -41.08 66.18 -48.52
CA GLU E 639 -41.84 65.90 -49.72
C GLU E 639 -41.30 66.67 -50.92
N GLU E 640 -40.04 67.12 -50.87
CA GLU E 640 -39.42 67.83 -51.97
C GLU E 640 -38.36 67.01 -52.69
N THR E 641 -37.63 66.16 -51.95
CA THR E 641 -36.73 65.08 -52.39
C THR E 641 -35.41 65.63 -52.97
N ILE E 642 -35.36 66.93 -53.26
CA ILE E 642 -34.11 67.56 -53.65
C ILE E 642 -33.43 68.10 -52.41
N THR E 643 -34.23 68.61 -51.48
CA THR E 643 -33.74 69.16 -50.23
C THR E 643 -33.06 68.08 -49.38
N GLN E 644 -33.68 66.91 -49.29
CA GLN E 644 -33.05 65.83 -48.56
C GLN E 644 -31.81 65.29 -49.27
N ALA E 645 -31.76 65.39 -50.59
CA ALA E 645 -30.59 64.95 -51.31
C ALA E 645 -29.42 65.90 -51.09
N ARG E 646 -29.72 67.20 -50.97
CA ARG E 646 -28.70 68.16 -50.56
C ARG E 646 -28.24 67.89 -49.15
N TYR E 647 -29.16 67.39 -48.32
CA TYR E 647 -28.80 67.05 -46.95
C TYR E 647 -27.91 65.82 -46.90
N SER E 648 -28.15 64.87 -47.81
CA SER E 648 -27.23 63.76 -47.96
C SER E 648 -25.89 64.22 -48.49
N GLU E 649 -25.91 65.25 -49.32
CA GLU E 649 -24.68 65.77 -49.91
C GLU E 649 -23.80 66.39 -48.83
N THR E 650 -24.41 66.92 -47.78
CA THR E 650 -23.65 67.32 -46.61
C THR E 650 -23.05 66.11 -45.92
N LEU E 651 -23.79 65.00 -45.92
CA LEU E 651 -23.44 63.87 -45.08
C LEU E 651 -22.29 63.06 -45.66
N LYS E 652 -21.83 63.38 -46.87
CA LYS E 652 -20.69 62.68 -47.44
C LYS E 652 -19.40 63.07 -46.72
N PRO E 653 -18.36 62.22 -46.76
CA PRO E 653 -17.08 62.61 -46.15
C PRO E 653 -16.28 63.60 -46.96
N ASP E 654 -16.74 63.99 -48.15
CA ASP E 654 -16.03 64.95 -48.99
C ASP E 654 -16.02 66.35 -48.40
N ASN E 655 -16.87 66.62 -47.42
CA ASN E 655 -17.16 67.97 -47.01
C ASN E 655 -16.68 68.26 -45.60
N PHE E 656 -15.65 67.52 -45.14
CA PHE E 656 -15.14 67.66 -43.79
C PHE E 656 -14.53 69.02 -43.51
N GLU E 657 -13.88 69.62 -44.49
CA GLU E 657 -13.45 71.00 -44.32
C GLU E 657 -14.64 71.96 -44.37
N GLU E 658 -15.71 71.57 -45.06
CA GLU E 658 -16.87 72.44 -45.12
C GLU E 658 -17.67 72.34 -43.84
N SER E 659 -18.27 71.18 -43.59
CA SER E 659 -19.08 71.05 -42.39
C SER E 659 -18.22 70.75 -41.17
N GLY E 660 -17.60 69.59 -41.17
CA GLY E 660 -16.94 69.07 -40.01
C GLY E 660 -17.05 67.56 -40.02
N TYR E 661 -16.51 66.94 -38.98
CA TYR E 661 -16.33 65.50 -39.02
C TYR E 661 -17.78 65.39 -38.62
N THR E 662 -18.57 64.77 -39.49
CA THR E 662 -19.94 64.39 -39.18
C THR E 662 -20.06 62.91 -38.90
N PHE E 663 -20.51 62.58 -37.70
CA PHE E 663 -20.67 61.19 -37.29
C PHE E 663 -22.07 60.65 -37.01
N LEU E 664 -22.30 59.40 -37.41
CA LEU E 664 -23.61 58.77 -37.49
C LEU E 664 -23.80 57.54 -36.62
N ALA E 665 -24.73 57.62 -35.69
CA ALA E 665 -24.88 56.61 -34.66
C ALA E 665 -25.35 55.30 -35.30
N PRO E 666 -24.93 54.15 -34.77
CA PRO E 666 -25.42 52.88 -35.30
C PRO E 666 -26.89 52.69 -34.96
N ARG E 667 -27.69 52.61 -36.00
CA ARG E 667 -29.13 52.50 -35.87
C ARG E 667 -29.56 51.39 -36.82
N ASP E 668 -30.87 51.30 -37.04
CA ASP E 668 -31.37 50.23 -37.88
C ASP E 668 -31.96 50.67 -39.20
N TYR E 669 -31.77 49.83 -40.20
CA TYR E 669 -32.70 49.68 -41.32
C TYR E 669 -32.67 48.25 -41.89
N CYS E 670 -32.56 48.14 -43.20
CA CYS E 670 -32.87 46.91 -43.91
C CYS E 670 -31.67 46.02 -44.02
N SER E 671 -30.60 46.50 -44.64
CA SER E 671 -29.42 45.66 -44.78
C SER E 671 -28.19 46.42 -44.31
N ASP E 672 -27.97 46.44 -43.00
CA ASP E 672 -26.86 47.17 -42.45
C ASP E 672 -25.97 46.29 -41.60
N LEU E 673 -25.09 46.93 -40.84
CA LEU E 673 -24.15 46.25 -39.96
C LEU E 673 -23.80 47.24 -38.85
N LYS E 674 -23.02 46.84 -38.00
CA LYS E 674 -22.63 47.71 -36.93
C LYS E 674 -21.16 48.10 -37.08
N PRO E 675 -20.83 49.35 -36.89
CA PRO E 675 -19.41 49.75 -36.95
C PRO E 675 -18.66 49.45 -35.66
N SER E 676 -17.68 48.57 -35.75
CA SER E 676 -16.74 48.40 -34.65
C SER E 676 -15.69 49.50 -34.73
N ASP E 677 -16.09 50.71 -34.31
CA ASP E 677 -15.33 51.97 -34.36
C ASP E 677 -14.97 52.41 -35.77
N ASN E 678 -15.46 51.73 -36.80
CA ASN E 678 -15.29 52.12 -38.20
C ASN E 678 -16.53 52.84 -38.65
N ASN E 679 -16.97 53.81 -37.83
CA ASN E 679 -18.06 54.71 -38.20
C ASN E 679 -17.87 55.31 -39.58
N THR E 680 -16.60 55.56 -39.95
CA THR E 680 -16.23 55.87 -41.32
C THR E 680 -16.78 54.83 -42.30
N GLU E 681 -16.59 53.55 -42.00
CA GLU E 681 -17.12 52.51 -42.88
C GLU E 681 -18.64 52.48 -42.86
N PHE E 682 -19.22 52.64 -41.69
CA PHE E 682 -20.68 52.60 -41.57
C PHE E 682 -21.31 53.77 -42.29
N LEU E 683 -20.68 54.93 -42.18
CA LEU E 683 -21.16 56.10 -42.89
C LEU E 683 -21.09 55.88 -44.38
N LEU E 684 -19.97 55.32 -44.85
CA LEU E 684 -19.83 55.01 -46.26
C LEU E 684 -20.76 53.89 -46.68
N ASN E 685 -21.05 52.97 -45.77
CA ASN E 685 -22.09 52.00 -46.06
C ASN E 685 -23.44 52.68 -46.11
N PHE E 686 -23.67 53.63 -45.20
CA PHE E 686 -24.94 54.33 -45.18
C PHE E 686 -25.11 55.24 -46.38
N ASN E 687 -24.01 55.82 -46.87
CA ASN E 687 -24.06 56.67 -48.06
C ASN E 687 -24.58 55.91 -49.26
N GLU E 688 -24.23 54.62 -49.32
CA GLU E 688 -24.54 53.79 -50.47
C GLU E 688 -26.02 53.45 -50.52
N PHE E 689 -26.67 53.47 -49.37
CA PHE E 689 -28.05 53.03 -49.25
C PHE E 689 -29.05 53.92 -49.98
N ILE E 690 -28.92 55.23 -49.77
CA ILE E 690 -29.87 56.17 -50.34
C ILE E 690 -29.60 56.34 -51.82
N ASP E 691 -28.35 56.09 -52.22
CA ASP E 691 -27.98 56.15 -53.63
C ASP E 691 -28.63 55.01 -54.42
N ARG E 692 -29.03 53.94 -53.74
CA ARG E 692 -29.91 52.98 -54.37
C ARG E 692 -31.32 53.56 -54.49
N LYS E 693 -31.78 54.20 -53.41
CA LYS E 693 -33.16 54.68 -53.34
C LYS E 693 -33.39 55.86 -54.28
N THR E 694 -32.36 56.64 -54.56
CA THR E 694 -32.43 57.71 -55.56
C THR E 694 -32.53 57.14 -56.98
N THR E 702 -39.43 53.27 -41.71
CA THR E 702 -39.14 54.30 -42.69
C THR E 702 -39.12 55.70 -42.10
N ASP E 703 -39.18 55.83 -40.79
CA ASP E 703 -39.21 57.17 -40.19
C ASP E 703 -37.86 57.57 -39.65
N LEU E 704 -37.03 56.59 -39.27
CA LEU E 704 -35.66 56.93 -38.90
C LEU E 704 -34.84 57.34 -40.11
N ILE E 705 -35.16 56.78 -41.27
CA ILE E 705 -34.40 57.13 -42.46
C ILE E 705 -34.73 58.54 -42.90
N ASN E 706 -35.95 58.99 -42.60
CA ASN E 706 -36.35 60.32 -43.02
C ASN E 706 -35.85 61.36 -42.01
N ARG E 707 -35.72 60.95 -40.74
CA ARG E 707 -35.37 61.90 -39.69
C ARG E 707 -33.94 62.36 -39.81
N VAL E 708 -33.02 61.45 -40.08
CA VAL E 708 -31.59 61.75 -40.13
C VAL E 708 -31.32 62.71 -41.28
N LEU E 709 -32.03 62.50 -42.39
CA LEU E 709 -32.01 63.46 -43.47
C LEU E 709 -32.56 64.80 -43.03
N LEU E 710 -33.70 64.82 -42.35
CA LEU E 710 -34.23 66.08 -41.84
C LEU E 710 -33.30 66.70 -40.81
N ASP E 711 -32.56 65.87 -40.09
CA ASP E 711 -31.62 66.39 -39.11
C ASP E 711 -30.42 67.01 -39.80
N ALA E 712 -30.08 66.49 -40.98
CA ALA E 712 -28.79 66.73 -41.59
C ALA E 712 -28.53 68.18 -41.96
N GLY E 713 -29.53 68.88 -42.50
CA GLY E 713 -29.24 70.25 -42.88
C GLY E 713 -29.42 71.25 -41.78
N PHE E 714 -30.23 70.91 -40.78
CA PHE E 714 -30.50 71.83 -39.68
C PHE E 714 -29.27 71.98 -38.80
N THR E 715 -28.39 70.98 -38.81
CA THR E 715 -27.09 71.19 -38.21
C THR E 715 -26.10 71.76 -39.22
N ASN E 716 -26.38 71.61 -40.52
CA ASN E 716 -25.48 72.17 -41.52
C ASN E 716 -25.56 73.68 -41.54
N GLU E 717 -26.77 74.22 -41.31
CA GLU E 717 -26.93 75.66 -41.37
C GLU E 717 -26.25 76.35 -40.20
N LEU E 718 -25.94 75.61 -39.14
CA LEU E 718 -25.15 76.21 -38.08
C LEU E 718 -23.69 76.33 -38.50
N VAL E 719 -23.24 75.46 -39.42
CA VAL E 719 -21.93 75.66 -39.99
C VAL E 719 -21.93 76.85 -40.93
N GLN E 720 -22.74 76.81 -41.98
CA GLN E 720 -22.60 77.77 -43.06
C GLN E 720 -23.16 79.13 -42.71
N ASN E 721 -24.08 79.21 -41.77
CA ASN E 721 -24.62 80.52 -41.46
C ASN E 721 -24.17 81.09 -40.13
N TYR E 722 -23.51 80.31 -39.27
CA TYR E 722 -22.99 80.92 -38.06
C TYR E 722 -21.53 80.55 -37.80
N TRP E 723 -21.10 79.34 -38.11
CA TRP E 723 -19.72 78.96 -37.85
C TRP E 723 -18.79 79.27 -39.01
N SER E 724 -19.32 79.41 -40.22
CA SER E 724 -18.50 79.76 -41.36
C SER E 724 -17.99 81.19 -41.28
N LYS E 725 -18.68 82.03 -40.52
CA LYS E 725 -18.36 83.43 -40.44
C LYS E 725 -17.52 83.75 -39.22
N GLN E 726 -16.90 82.75 -38.61
CA GLN E 726 -16.11 83.00 -37.42
C GLN E 726 -14.65 82.61 -37.63
N LYS E 727 -14.42 81.33 -37.99
CA LYS E 727 -13.11 80.83 -38.41
C LYS E 727 -12.03 80.95 -37.34
N ASN E 728 -12.05 80.04 -36.35
CA ASN E 728 -10.94 79.79 -35.43
C ASN E 728 -10.63 80.99 -34.53
N ILE E 729 -11.54 81.27 -33.61
CA ILE E 729 -11.46 82.41 -32.70
C ILE E 729 -10.37 82.18 -31.61
N LYS E 730 -10.16 83.21 -30.78
CA LYS E 730 -9.17 83.50 -29.72
C LYS E 730 -9.10 82.48 -28.58
N GLY E 731 -9.76 81.35 -28.75
CA GLY E 731 -10.67 80.83 -27.79
C GLY E 731 -11.03 79.42 -28.13
N VAL E 732 -12.29 79.28 -28.54
CA VAL E 732 -13.08 78.04 -28.59
C VAL E 732 -12.32 76.71 -28.62
N LYS E 733 -11.38 76.57 -29.54
CA LYS E 733 -10.68 75.32 -29.77
C LYS E 733 -11.55 74.36 -30.59
N ALA E 734 -12.77 74.12 -30.15
CA ALA E 734 -13.67 73.22 -30.87
C ALA E 734 -15.10 73.16 -30.32
N ARG E 735 -16.03 73.54 -31.23
CA ARG E 735 -17.49 73.50 -31.18
C ARG E 735 -18.04 72.13 -31.58
N PHE E 736 -19.20 71.75 -31.03
CA PHE E 736 -19.87 70.53 -31.46
C PHE E 736 -21.37 70.55 -31.20
N VAL E 737 -22.10 69.83 -32.06
CA VAL E 737 -23.55 69.78 -32.02
C VAL E 737 -24.01 68.33 -32.01
N VAL E 738 -24.69 67.93 -30.96
CA VAL E 738 -25.25 66.59 -30.88
C VAL E 738 -26.76 66.74 -31.03
N THR E 739 -27.32 66.04 -31.98
CA THR E 739 -28.76 65.94 -32.08
C THR E 739 -29.21 64.50 -31.93
N ASP E 740 -30.41 64.33 -31.41
CA ASP E 740 -31.05 63.04 -31.59
C ASP E 740 -31.38 62.83 -33.06
N GLY E 741 -31.37 61.56 -33.47
CA GLY E 741 -31.20 61.24 -34.85
C GLY E 741 -29.79 60.90 -35.24
N GLY E 742 -28.82 61.11 -34.37
CA GLY E 742 -27.50 60.55 -34.56
C GLY E 742 -26.63 61.28 -35.54
N ILE E 743 -26.54 62.60 -35.43
CA ILE E 743 -25.60 63.40 -36.20
C ILE E 743 -24.85 64.29 -35.24
N THR E 744 -23.56 64.05 -35.10
CA THR E 744 -22.71 64.89 -34.25
C THR E 744 -21.59 65.45 -35.11
N ARG E 745 -21.36 66.76 -35.01
CA ARG E 745 -20.39 67.42 -35.87
C ARG E 745 -19.41 68.19 -35.03
N VAL E 746 -18.14 67.98 -35.24
CA VAL E 746 -17.14 68.85 -34.66
C VAL E 746 -16.51 69.65 -35.79
N TYR E 747 -16.45 70.96 -35.61
CA TYR E 747 -16.17 71.90 -36.70
C TYR E 747 -14.74 72.05 -37.21
N PRO E 748 -13.68 72.15 -36.38
CA PRO E 748 -12.35 72.29 -36.98
C PRO E 748 -11.87 71.05 -37.69
N LYS E 749 -12.25 69.87 -37.20
CA LYS E 749 -12.03 68.54 -37.77
C LYS E 749 -10.57 68.07 -37.64
N GLU E 750 -9.64 68.97 -37.30
CA GLU E 750 -8.37 68.44 -36.82
C GLU E 750 -8.47 68.08 -35.36
N ALA E 751 -9.19 68.90 -34.59
CA ALA E 751 -9.37 68.67 -33.16
C ALA E 751 -10.60 67.81 -32.90
N GLY E 752 -11.40 67.59 -33.94
CA GLY E 752 -12.60 66.79 -33.82
C GLY E 752 -12.32 65.30 -33.84
N GLU E 753 -11.35 64.90 -34.64
CA GLU E 753 -10.96 63.50 -34.76
C GLU E 753 -10.62 62.91 -33.39
N ASN E 754 -10.41 63.79 -32.41
CA ASN E 754 -10.06 63.36 -31.06
C ASN E 754 -11.29 63.24 -30.17
N TRP E 755 -12.46 63.57 -30.72
CA TRP E 755 -13.70 63.45 -29.96
C TRP E 755 -13.78 62.01 -29.49
N GLN E 756 -13.46 61.79 -28.21
CA GLN E 756 -13.21 60.44 -27.74
C GLN E 756 -14.42 59.78 -27.11
N GLU E 757 -15.63 60.05 -27.55
CA GLU E 757 -16.76 59.54 -26.81
C GLU E 757 -17.65 58.67 -27.68
N ASN E 758 -18.80 58.33 -27.13
CA ASN E 758 -19.67 57.38 -27.78
C ASN E 758 -20.50 58.07 -28.85
N PRO E 759 -20.42 57.64 -30.10
CA PRO E 759 -21.26 58.26 -31.13
C PRO E 759 -22.72 57.94 -31.02
N GLU E 760 -23.09 56.96 -30.22
CA GLU E 760 -24.50 56.73 -29.98
C GLU E 760 -25.08 57.80 -29.10
N THR E 761 -26.07 58.53 -29.62
CA THR E 761 -26.66 59.61 -28.88
C THR E 761 -27.47 59.15 -27.68
N TYR E 762 -28.15 58.01 -27.78
CA TYR E 762 -28.93 57.54 -26.65
C TYR E 762 -28.09 56.89 -25.57
N GLU E 763 -26.86 56.51 -25.86
CA GLU E 763 -26.03 55.93 -24.82
C GLU E 763 -24.98 56.95 -24.46
N ASP E 764 -25.07 58.12 -25.08
CA ASP E 764 -24.17 59.21 -24.78
C ASP E 764 -24.41 59.74 -23.38
N SER E 765 -23.38 60.20 -22.70
CA SER E 765 -23.55 60.55 -21.30
C SER E 765 -23.95 62.01 -21.14
N PHE E 766 -23.29 62.91 -21.86
CA PHE E 766 -23.54 64.31 -21.58
C PHE E 766 -24.81 64.79 -22.26
N TYR E 767 -25.25 64.11 -23.33
CA TYR E 767 -26.46 64.55 -24.03
C TYR E 767 -27.68 64.40 -23.14
N LYS E 768 -27.70 63.35 -22.33
CA LYS E 768 -28.84 63.13 -21.46
C LYS E 768 -28.83 64.13 -20.33
N ARG E 769 -27.65 64.35 -19.75
CA ARG E 769 -27.51 65.24 -18.61
C ARG E 769 -27.85 66.65 -18.99
N SER E 770 -27.57 67.01 -20.25
CA SER E 770 -27.83 68.34 -20.74
C SER E 770 -29.31 68.61 -20.86
N LEU E 771 -30.11 67.57 -21.08
CA LEU E 771 -31.54 67.81 -21.24
C LEU E 771 -32.24 68.01 -19.92
N ASP E 772 -31.59 67.64 -18.82
CA ASP E 772 -32.25 67.75 -17.53
C ASP E 772 -32.24 69.18 -17.03
N ASN E 773 -31.06 69.77 -16.93
CA ASN E 773 -30.91 71.11 -16.42
C ASN E 773 -31.45 72.11 -17.44
N ASP E 774 -31.67 73.34 -16.98
CA ASP E 774 -32.05 74.41 -17.89
C ASP E 774 -30.94 75.43 -18.04
N ASN E 775 -29.73 75.05 -17.68
CA ASN E 775 -28.58 75.94 -17.72
C ASN E 775 -27.32 75.24 -18.19
N TYR E 776 -26.19 75.88 -18.02
CA TYR E 776 -24.95 75.40 -18.61
C TYR E 776 -24.34 74.32 -17.76
N VAL E 777 -23.82 73.29 -18.42
CA VAL E 777 -23.36 72.08 -17.79
C VAL E 777 -21.88 71.92 -18.08
N PHE E 778 -21.07 71.78 -17.02
CA PHE E 778 -19.64 71.57 -17.17
C PHE E 778 -19.26 70.17 -16.70
N THR E 779 -18.52 69.46 -17.53
CA THR E 779 -18.06 68.13 -17.17
C THR E 779 -16.54 68.10 -17.08
N ALA E 780 -16.03 67.59 -15.96
CA ALA E 780 -14.59 67.47 -15.78
C ALA E 780 -14.11 66.13 -16.30
N PRO E 781 -13.15 66.17 -17.32
CA PRO E 781 -12.73 64.83 -17.77
C PRO E 781 -11.89 64.11 -16.72
N TYR E 782 -11.55 62.85 -16.97
CA TYR E 782 -10.80 62.05 -16.02
C TYR E 782 -9.33 62.38 -15.98
N PHE E 783 -8.58 61.57 -15.24
CA PHE E 783 -7.13 61.74 -15.23
C PHE E 783 -6.48 60.39 -15.50
N ASN E 784 -5.57 60.43 -16.47
CA ASN E 784 -4.80 59.45 -17.24
C ASN E 784 -5.68 58.67 -18.22
N LYS E 785 -6.85 58.27 -17.75
CA LYS E 785 -8.06 57.74 -18.36
C LYS E 785 -7.91 56.64 -19.41
N SER E 786 -6.99 56.75 -20.37
CA SER E 786 -6.14 55.71 -20.97
C SER E 786 -5.05 56.48 -21.68
N GLY E 787 -5.34 57.75 -21.90
CA GLY E 787 -4.96 58.46 -23.09
C GLY E 787 -5.18 59.95 -22.99
N PRO E 788 -4.94 60.68 -24.10
CA PRO E 788 -4.66 62.12 -24.20
C PRO E 788 -5.75 63.11 -23.77
N GLY E 789 -6.80 62.66 -23.08
CA GLY E 789 -7.74 63.61 -22.50
C GLY E 789 -7.07 64.52 -21.49
N ALA E 790 -6.89 65.77 -21.84
CA ALA E 790 -5.90 66.59 -21.17
C ALA E 790 -6.09 68.07 -21.43
N TYR E 791 -5.03 68.84 -21.15
CA TYR E 791 -4.78 70.13 -21.78
C TYR E 791 -5.03 70.11 -23.28
N GLU E 792 -4.58 69.05 -23.95
CA GLU E 792 -5.01 68.63 -25.28
C GLU E 792 -6.50 68.81 -25.52
N SER E 793 -7.32 68.46 -24.55
CA SER E 793 -8.75 68.37 -24.75
C SER E 793 -9.47 69.59 -24.20
N GLY E 794 -9.31 69.84 -22.91
CA GLY E 794 -10.08 70.90 -22.28
C GLY E 794 -11.25 70.31 -21.51
N ILE E 795 -12.26 71.15 -21.31
CA ILE E 795 -13.48 70.75 -20.63
C ILE E 795 -14.66 71.04 -21.55
N MET E 796 -15.84 70.57 -21.15
CA MET E 796 -17.01 70.52 -22.02
C MET E 796 -18.12 71.41 -21.48
N VAL E 797 -18.78 72.12 -22.38
CA VAL E 797 -19.88 73.02 -22.05
C VAL E 797 -21.09 72.49 -22.79
N SER E 798 -22.28 72.77 -22.29
CA SER E 798 -23.49 72.39 -22.99
C SER E 798 -24.76 73.12 -22.61
N LYS E 799 -25.65 73.20 -23.59
CA LYS E 799 -26.96 73.80 -23.38
C LYS E 799 -27.96 72.99 -24.18
N ALA E 800 -29.05 72.61 -23.55
CA ALA E 800 -30.16 72.05 -24.31
C ALA E 800 -30.85 73.13 -25.10
N VAL E 801 -31.31 72.79 -26.29
CA VAL E 801 -31.96 73.75 -27.17
C VAL E 801 -33.47 73.61 -27.02
N GLU E 802 -34.09 74.63 -26.45
CA GLU E 802 -35.53 74.64 -26.26
C GLU E 802 -36.21 75.36 -27.42
N ILE E 803 -37.26 74.74 -27.94
CA ILE E 803 -37.94 75.25 -29.13
C ILE E 803 -39.39 75.55 -28.75
N TYR E 804 -39.86 76.73 -29.14
CA TYR E 804 -41.23 77.13 -28.87
C TYR E 804 -42.03 77.03 -30.16
N ILE E 805 -42.50 75.83 -30.44
CA ILE E 805 -43.55 75.61 -31.43
C ILE E 805 -44.83 75.96 -30.67
N GLN E 806 -46.00 75.99 -31.32
CA GLN E 806 -47.10 76.96 -31.11
C GLN E 806 -47.75 76.96 -29.72
N GLY E 807 -46.99 76.58 -28.71
CA GLY E 807 -47.29 76.54 -27.30
C GLY E 807 -47.19 75.09 -26.95
N LYS E 808 -45.95 74.69 -26.70
CA LYS E 808 -45.32 73.37 -26.68
C LYS E 808 -43.88 73.62 -26.33
N LEU E 809 -43.17 72.57 -25.98
CA LEU E 809 -41.77 72.68 -25.59
C LEU E 809 -41.04 71.42 -26.04
N LEU E 810 -40.17 71.58 -27.01
CA LEU E 810 -39.42 70.45 -27.54
C LEU E 810 -37.94 70.74 -27.43
N LYS E 811 -37.17 69.71 -27.07
CA LYS E 811 -35.76 69.88 -26.75
C LYS E 811 -34.94 68.94 -27.62
N PRO E 812 -34.80 69.25 -28.92
CA PRO E 812 -34.17 68.29 -29.82
C PRO E 812 -32.66 68.18 -29.68
N ALA E 813 -31.94 69.30 -29.58
CA ALA E 813 -30.51 69.29 -29.81
C ALA E 813 -29.74 69.84 -28.62
N VAL E 814 -28.45 69.50 -28.58
CA VAL E 814 -27.53 69.95 -27.55
C VAL E 814 -26.26 70.44 -28.19
N VAL E 815 -25.88 71.67 -27.92
CA VAL E 815 -24.75 72.31 -28.57
C VAL E 815 -23.63 72.49 -27.58
N GLY E 816 -22.45 72.02 -27.94
CA GLY E 816 -21.34 72.04 -27.02
C GLY E 816 -20.10 72.80 -27.45
N ILE E 817 -19.55 73.53 -26.53
CA ILE E 817 -18.29 74.25 -26.68
C ILE E 817 -17.25 73.53 -25.83
N LYS E 818 -16.04 73.38 -26.33
CA LYS E 818 -15.03 72.59 -25.65
C LYS E 818 -14.00 73.66 -25.34
N ILE E 819 -13.94 74.09 -24.09
CA ILE E 819 -13.09 75.21 -23.68
C ILE E 819 -11.62 74.84 -23.68
N ASP E 820 -10.84 75.59 -24.46
CA ASP E 820 -9.38 75.59 -24.40
C ASP E 820 -8.93 76.00 -22.99
N VAL E 821 -8.13 75.15 -22.35
CA VAL E 821 -7.87 75.31 -20.92
C VAL E 821 -6.92 76.45 -20.59
N ASN E 822 -5.79 76.56 -21.31
CA ASN E 822 -4.80 77.58 -20.97
C ASN E 822 -5.31 78.96 -21.32
N SER E 823 -6.15 79.04 -22.33
CA SER E 823 -6.89 80.26 -22.61
C SER E 823 -7.79 80.63 -21.44
N TRP E 824 -8.42 79.63 -20.82
CA TRP E 824 -9.30 79.95 -19.70
C TRP E 824 -8.49 80.04 -18.41
N ILE E 825 -7.25 79.59 -18.45
CA ILE E 825 -6.32 80.02 -17.41
C ILE E 825 -6.01 81.50 -17.59
N GLU E 826 -5.83 81.94 -18.85
CA GLU E 826 -5.40 83.31 -19.14
C GLU E 826 -6.46 84.33 -18.77
N ASN E 827 -7.74 83.98 -18.86
CA ASN E 827 -8.71 84.85 -18.22
C ASN E 827 -8.69 84.70 -16.71
N PHE E 828 -8.47 83.48 -16.21
CA PHE E 828 -8.53 83.28 -14.77
C PHE E 828 -7.33 83.91 -14.09
N THR E 829 -6.21 84.02 -14.81
CA THR E 829 -5.02 84.62 -14.25
C THR E 829 -5.15 86.14 -14.17
N LYS E 830 -5.63 86.76 -15.25
CA LYS E 830 -5.65 88.22 -15.31
C LYS E 830 -6.83 88.79 -14.52
N THR E 831 -7.85 87.97 -14.29
CA THR E 831 -8.87 88.41 -13.35
C THR E 831 -8.38 88.36 -11.91
N SER E 832 -7.33 87.56 -11.63
CA SER E 832 -6.80 87.51 -10.29
C SER E 832 -5.93 88.72 -9.96
N ILE E 833 -5.30 89.31 -10.98
CA ILE E 833 -4.31 90.36 -10.73
C ILE E 833 -4.92 91.75 -10.63
N ARG E 834 -6.22 91.89 -10.87
CA ARG E 834 -6.83 93.22 -10.90
C ARG E 834 -7.65 93.50 -9.65
N MET E 851 -4.85 83.64 -0.31
CA MET E 851 -5.53 83.41 -1.59
C MET E 851 -5.39 81.99 -2.09
N ASP E 852 -6.50 81.25 -2.14
CA ASP E 852 -6.51 79.95 -2.78
C ASP E 852 -7.92 79.67 -3.30
N CYS E 853 -8.08 79.69 -4.61
CA CYS E 853 -9.39 79.64 -5.26
C CYS E 853 -9.49 78.41 -6.14
N VAL E 854 -10.66 77.79 -6.16
CA VAL E 854 -10.94 76.60 -6.95
C VAL E 854 -12.25 76.78 -7.70
N ILE E 855 -12.20 76.74 -9.02
CA ILE E 855 -13.36 76.50 -9.84
C ILE E 855 -13.73 75.05 -9.68
N LEU E 856 -14.95 74.77 -9.25
CA LEU E 856 -15.27 73.41 -8.90
C LEU E 856 -16.69 73.13 -9.38
N ASP E 857 -16.94 71.90 -9.79
CA ASP E 857 -18.24 71.56 -10.35
C ASP E 857 -19.19 71.08 -9.27
N ASP E 858 -20.37 70.64 -9.68
CA ASP E 858 -21.09 69.67 -8.87
C ASP E 858 -20.44 68.33 -9.16
N GLY E 859 -20.03 67.64 -8.11
CA GLY E 859 -19.39 66.37 -8.33
C GLY E 859 -18.05 66.37 -7.66
N GLY E 860 -17.62 67.54 -7.19
CA GLY E 860 -16.35 67.65 -6.52
C GLY E 860 -15.15 67.48 -7.41
N PHE E 861 -15.31 67.63 -8.72
CA PHE E 861 -14.23 67.43 -9.66
C PHE E 861 -13.59 68.74 -10.00
N LEU E 862 -12.27 68.78 -9.93
CA LEU E 862 -11.51 69.99 -10.18
C LEU E 862 -11.62 70.41 -11.63
N LEU E 863 -12.12 71.61 -11.83
CA LEU E 863 -12.08 72.23 -13.14
C LEU E 863 -10.79 72.99 -13.37
N MET E 864 -10.53 74.02 -12.58
CA MET E 864 -9.20 74.63 -12.61
C MET E 864 -8.91 75.24 -11.26
N ALA E 865 -7.66 75.63 -11.07
CA ALA E 865 -7.30 76.29 -9.83
C ALA E 865 -6.12 77.22 -10.08
N ASN E 866 -5.72 77.92 -9.04
CA ASN E 866 -4.41 78.55 -9.00
C ASN E 866 -3.34 77.54 -8.64
N HIS E 867 -2.20 78.06 -8.21
CA HIS E 867 -1.32 77.39 -7.27
C HIS E 867 -0.53 76.25 -7.90
N ASP E 868 -0.86 75.87 -9.13
CA ASP E 868 -0.04 75.15 -10.09
C ASP E 868 0.28 73.70 -9.68
N ASP E 869 0.00 73.32 -8.44
CA ASP E 869 0.07 71.91 -8.07
C ASP E 869 -1.18 71.19 -8.52
N TYR E 870 -2.26 71.94 -8.72
CA TYR E 870 -3.56 71.38 -9.01
C TYR E 870 -3.80 71.30 -10.50
N THR E 871 -3.00 72.02 -11.27
CA THR E 871 -3.14 72.11 -12.72
C THR E 871 -2.80 70.82 -13.43
N ASN E 872 -2.14 69.87 -12.79
CA ASN E 872 -1.98 68.56 -13.38
C ASN E 872 -3.04 67.58 -12.93
N GLN E 873 -3.68 67.83 -11.80
CA GLN E 873 -4.69 66.96 -11.26
C GLN E 873 -6.06 67.05 -11.91
N ILE E 874 -6.20 67.94 -12.88
CA ILE E 874 -7.46 68.45 -13.39
C ILE E 874 -8.42 67.31 -13.66
N GLY E 875 -9.59 67.36 -13.04
CA GLY E 875 -10.56 66.32 -13.21
C GLY E 875 -10.48 65.21 -12.20
N ARG E 876 -9.68 65.39 -11.16
CA ARG E 876 -9.68 64.47 -10.04
C ARG E 876 -10.59 65.01 -8.97
N PHE E 877 -11.32 64.10 -8.33
CA PHE E 877 -12.25 64.46 -7.26
C PHE E 877 -11.52 65.10 -6.09
N PHE E 878 -12.06 66.21 -5.59
CA PHE E 878 -11.25 67.13 -4.80
C PHE E 878 -11.02 66.60 -3.40
N GLY E 879 -11.80 65.62 -2.97
CA GLY E 879 -11.52 64.94 -1.71
C GLY E 879 -10.22 64.18 -1.71
N GLU E 880 -9.71 63.83 -2.88
CA GLU E 880 -8.38 63.25 -3.01
C GLU E 880 -7.30 64.32 -2.98
N ILE E 881 -7.67 65.59 -3.03
CA ILE E 881 -6.74 66.71 -2.95
C ILE E 881 -6.73 67.33 -1.57
N ASP E 882 -7.86 67.89 -1.15
CA ASP E 882 -7.95 68.56 0.14
C ASP E 882 -9.17 68.02 0.86
N PRO E 883 -9.01 66.89 1.55
CA PRO E 883 -10.15 66.26 2.22
C PRO E 883 -10.59 67.00 3.46
N SER E 884 -9.69 67.73 4.10
CA SER E 884 -10.05 68.44 5.32
C SER E 884 -11.07 69.53 5.05
N LEU E 885 -11.00 70.15 3.88
CA LEU E 885 -12.06 71.05 3.46
C LEU E 885 -13.32 70.26 3.14
N MET E 886 -13.18 69.19 2.37
CA MET E 886 -14.34 68.62 1.72
C MET E 886 -15.18 67.83 2.71
N ARG E 887 -14.53 67.19 3.67
CA ARG E 887 -15.26 66.59 4.77
C ARG E 887 -15.92 67.65 5.63
N HIS E 888 -15.33 68.83 5.70
CA HIS E 888 -16.02 69.91 6.38
C HIS E 888 -17.14 70.45 5.50
N LEU E 889 -16.87 70.61 4.21
CA LEU E 889 -17.75 71.37 3.32
C LEU E 889 -19.12 70.74 3.19
N VAL E 890 -19.17 69.42 3.15
CA VAL E 890 -20.45 68.74 3.09
C VAL E 890 -21.16 68.84 4.42
N ASN E 891 -20.41 69.01 5.49
CA ASN E 891 -20.95 68.92 6.84
C ASN E 891 -21.57 70.25 7.24
N ILE E 892 -21.40 71.27 6.41
CA ILE E 892 -21.87 72.64 6.60
C ILE E 892 -22.74 73.04 5.43
N SER E 893 -23.73 72.23 5.09
CA SER E 893 -24.12 71.66 3.79
C SER E 893 -23.73 72.43 2.53
N VAL E 894 -24.57 72.42 1.50
CA VAL E 894 -24.45 71.74 0.21
C VAL E 894 -23.09 71.27 -0.25
N TYR E 895 -22.95 69.95 -0.25
CA TYR E 895 -23.36 69.13 -1.38
C TYR E 895 -23.25 67.66 -0.99
N ALA E 896 -24.40 66.98 -1.03
CA ALA E 896 -24.60 65.72 -0.31
C ALA E 896 -24.32 64.52 -1.20
N PHE E 897 -24.64 63.34 -0.70
CA PHE E 897 -24.20 62.11 -1.33
C PHE E 897 -25.24 61.03 -1.09
N ASN E 898 -25.33 60.11 -2.04
CA ASN E 898 -25.98 58.84 -1.83
C ASN E 898 -24.94 57.76 -2.03
N LYS E 899 -25.17 56.62 -1.44
CA LYS E 899 -24.29 55.51 -1.62
C LYS E 899 -25.09 54.34 -2.16
N SER E 900 -25.16 54.23 -3.48
CA SER E 900 -25.78 53.06 -4.03
C SER E 900 -24.79 51.90 -4.03
N TYR E 901 -25.29 50.73 -4.39
CA TYR E 901 -24.45 49.58 -4.69
C TYR E 901 -24.70 49.16 -6.13
N ASP E 902 -23.63 48.84 -6.84
CA ASP E 902 -23.76 48.29 -8.18
C ASP E 902 -23.42 46.83 -8.12
N TYR E 903 -24.14 46.04 -8.89
CA TYR E 903 -24.06 44.59 -8.83
C TYR E 903 -23.44 43.98 -10.05
N GLN E 904 -22.96 44.76 -11.00
CA GLN E 904 -22.39 44.12 -12.17
C GLN E 904 -21.01 44.57 -12.53
N SER E 905 -20.41 45.49 -11.77
CA SER E 905 -19.09 45.93 -12.11
C SER E 905 -18.08 44.85 -11.81
N VAL E 906 -16.96 44.92 -12.48
CA VAL E 906 -15.92 43.90 -12.45
C VAL E 906 -14.72 44.45 -11.72
N CYS E 907 -14.12 43.65 -10.84
CA CYS E 907 -12.97 44.16 -10.13
C CYS E 907 -11.84 43.13 -10.14
N GLU E 908 -10.77 43.50 -9.47
CA GLU E 908 -9.62 42.67 -9.23
C GLU E 908 -9.77 41.94 -7.91
N PRO E 909 -9.51 40.64 -7.87
CA PRO E 909 -9.62 39.91 -6.62
C PRO E 909 -8.53 40.27 -5.64
N GLY E 910 -8.83 40.06 -4.37
CA GLY E 910 -7.91 40.35 -3.30
C GLY E 910 -7.10 39.13 -2.88
N ALA E 911 -6.86 39.02 -1.58
CA ALA E 911 -6.08 37.93 -1.04
C ALA E 911 -6.86 37.21 0.07
N ALA E 912 -6.27 36.16 0.61
CA ALA E 912 -6.90 35.44 1.70
C ALA E 912 -6.01 35.45 2.94
N SER E 973 -8.31 36.71 -13.20
CA SER E 973 -8.03 37.97 -13.87
C SER E 973 -9.11 38.98 -13.57
N LYS E 974 -10.27 38.86 -14.22
CA LYS E 974 -11.34 39.83 -14.07
C LYS E 974 -12.57 39.12 -13.52
N GLN E 975 -13.02 39.55 -12.34
CA GLN E 975 -14.25 39.03 -11.77
C GLN E 975 -15.20 40.16 -11.39
N SER E 976 -16.48 39.87 -11.58
CA SER E 976 -17.57 40.74 -11.17
C SER E 976 -17.63 40.76 -9.65
N CYS E 977 -17.92 41.93 -9.10
CA CYS E 977 -18.03 42.04 -7.65
C CYS E 977 -18.88 43.25 -7.32
N ILE E 978 -19.56 43.16 -6.20
CA ILE E 978 -20.45 44.19 -5.71
C ILE E 978 -19.61 45.37 -5.23
N THR E 979 -19.92 46.56 -5.71
CA THR E 979 -19.14 47.75 -5.42
C THR E 979 -20.00 48.84 -4.79
N GLU E 980 -19.34 49.87 -4.29
CA GLU E 980 -20.01 51.09 -3.86
C GLU E 980 -19.72 52.21 -4.83
N GLN E 981 -20.52 53.26 -4.75
CA GLN E 981 -20.47 54.38 -5.67
C GLN E 981 -20.93 55.62 -4.93
N THR E 982 -20.03 56.55 -4.67
CA THR E 982 -20.44 57.79 -4.04
C THR E 982 -20.71 58.79 -5.16
N GLN E 983 -21.87 59.42 -5.10
CA GLN E 983 -22.27 60.36 -6.11
C GLN E 983 -22.72 61.65 -5.46
N TYR E 984 -22.11 62.76 -5.85
CA TYR E 984 -22.32 64.02 -5.16
C TYR E 984 -23.19 64.97 -5.96
N PHE E 985 -24.01 65.74 -5.27
CA PHE E 985 -25.08 66.51 -5.88
C PHE E 985 -25.39 67.70 -4.99
N PHE E 986 -26.08 68.69 -5.55
CA PHE E 986 -26.47 69.84 -4.76
C PHE E 986 -27.79 69.59 -4.05
N ASP E 987 -27.97 70.26 -2.91
CA ASP E 987 -29.18 70.13 -2.11
C ASP E 987 -29.96 71.45 -2.03
N ASN E 988 -29.29 72.49 -1.58
CA ASN E 988 -29.91 73.67 -1.03
C ASN E 988 -29.49 74.90 -1.81
N ASP E 989 -30.38 75.90 -1.82
CA ASP E 989 -30.25 77.12 -2.60
C ASP E 989 -29.48 78.13 -1.73
N SER E 990 -29.66 79.43 -1.97
CA SER E 990 -29.04 80.54 -1.24
C SER E 990 -27.54 80.54 -1.44
N LYS E 991 -27.11 80.95 -2.63
CA LYS E 991 -25.76 80.81 -3.13
C LYS E 991 -24.75 81.71 -2.42
N SER E 992 -24.64 81.53 -1.11
CA SER E 992 -23.67 82.27 -0.32
C SER E 992 -23.29 81.49 0.92
N PHE E 993 -22.17 80.77 0.86
CA PHE E 993 -21.82 79.82 1.91
C PHE E 993 -20.42 80.19 2.40
N SER E 994 -20.36 80.89 3.52
CA SER E 994 -19.08 81.22 4.13
C SER E 994 -18.93 80.45 5.42
N GLY E 995 -17.70 80.11 5.75
CA GLY E 995 -17.45 79.34 6.94
C GLY E 995 -16.05 79.63 7.43
N VAL E 996 -15.76 79.30 8.69
CA VAL E 996 -14.43 79.50 9.25
C VAL E 996 -13.99 78.18 9.83
N LEU E 997 -13.02 77.55 9.20
CA LEU E 997 -12.58 76.21 9.59
C LEU E 997 -11.47 76.31 10.63
N ASP E 998 -11.63 75.56 11.72
CA ASP E 998 -10.50 75.15 12.55
C ASP E 998 -10.46 73.63 12.51
N CYS E 999 -9.52 73.09 11.73
CA CYS E 999 -9.24 71.66 11.71
C CYS E 999 -8.78 71.16 13.08
N GLY E 1000 -7.66 71.67 13.54
CA GLY E 1000 -7.22 71.53 14.91
C GLY E 1000 -5.90 72.24 14.99
N ASN E 1001 -5.77 73.15 15.99
CA ASN E 1001 -4.57 73.91 16.35
C ASN E 1001 -4.22 74.97 15.30
N CYS E 1002 -4.90 74.99 14.14
CA CYS E 1002 -4.71 76.03 13.14
C CYS E 1002 -6.06 76.39 12.53
N SER E 1003 -6.25 77.67 12.23
CA SER E 1003 -7.54 78.17 11.80
C SER E 1003 -7.42 78.76 10.40
N ARG E 1004 -8.51 78.66 9.63
CA ARG E 1004 -8.54 79.27 8.31
C ARG E 1004 -9.97 79.52 7.87
N ILE E 1005 -10.09 80.16 6.70
CA ILE E 1005 -11.33 80.83 6.30
C ILE E 1005 -11.87 80.16 5.04
N PHE E 1006 -13.18 79.96 5.00
CA PHE E 1006 -13.89 79.49 3.82
C PHE E 1006 -14.79 80.58 3.29
N HIS E 1007 -15.00 80.58 1.98
CA HIS E 1007 -16.16 81.26 1.42
C HIS E 1007 -16.45 80.60 0.08
N VAL E 1008 -17.64 80.03 -0.04
CA VAL E 1008 -18.03 79.22 -1.18
C VAL E 1008 -19.18 79.92 -1.87
N GLU E 1009 -18.98 80.23 -3.14
CA GLU E 1009 -19.97 80.97 -3.89
C GLU E 1009 -20.37 80.17 -5.12
N LYS E 1010 -21.64 79.82 -5.18
CA LYS E 1010 -22.20 79.13 -6.33
C LYS E 1010 -22.49 80.15 -7.40
N LEU E 1011 -22.04 79.88 -8.61
CA LEU E 1011 -22.32 80.83 -9.67
C LEU E 1011 -23.76 80.68 -10.13
N MET E 1012 -24.20 81.60 -10.96
CA MET E 1012 -25.61 81.66 -11.28
C MET E 1012 -25.81 81.25 -12.72
N ASN E 1013 -26.93 80.55 -12.97
CA ASN E 1013 -27.35 80.08 -14.29
C ASN E 1013 -26.32 79.12 -14.89
N THR E 1014 -25.73 78.29 -14.03
CA THR E 1014 -24.67 77.36 -14.43
C THR E 1014 -24.40 76.35 -13.33
N ASN E 1015 -23.50 75.42 -13.64
CA ASN E 1015 -23.10 74.35 -12.74
C ASN E 1015 -21.73 74.66 -12.14
N LEU E 1016 -21.64 75.58 -11.18
CA LEU E 1016 -20.31 75.94 -10.70
C LEU E 1016 -20.31 76.31 -9.24
N ILE E 1017 -19.38 75.69 -8.52
CA ILE E 1017 -18.97 76.07 -7.18
C ILE E 1017 -17.69 76.87 -7.29
N PHE E 1018 -17.66 78.04 -6.68
CA PHE E 1018 -16.41 78.77 -6.55
C PHE E 1018 -16.08 78.91 -5.07
N ILE E 1019 -14.91 78.41 -4.69
CA ILE E 1019 -14.48 78.38 -3.30
C ILE E 1019 -13.34 79.37 -3.17
N MET E 1020 -13.34 80.13 -2.09
CA MET E 1020 -12.14 80.82 -1.66
C MET E 1020 -11.74 80.30 -0.29
N VAL E 1021 -10.63 79.57 -0.26
CA VAL E 1021 -10.03 79.10 0.97
C VAL E 1021 -8.72 79.86 1.14
N GLU E 1022 -8.36 80.18 2.37
CA GLU E 1022 -7.05 80.76 2.58
C GLU E 1022 -6.33 79.94 3.63
N SER E 1023 -5.67 78.87 3.19
CA SER E 1023 -4.26 78.59 3.46
C SER E 1023 -3.87 77.21 2.95
N LYS E 1024 -2.54 77.03 2.97
CA LYS E 1024 -1.79 75.78 2.99
C LYS E 1024 -0.32 76.19 3.20
N GLY E 1025 0.28 75.91 4.36
CA GLY E 1025 1.54 76.53 4.70
C GLY E 1025 1.49 76.70 6.20
N THR E 1026 0.28 76.52 6.74
CA THR E 1026 0.07 76.36 8.17
C THR E 1026 0.20 74.88 8.50
N CYS E 1027 -0.20 74.48 9.71
CA CYS E 1027 -0.07 73.09 10.11
C CYS E 1027 -1.06 72.21 9.34
N PRO E 1028 -0.61 71.05 8.84
CA PRO E 1028 -1.46 70.25 7.95
C PRO E 1028 -2.50 69.43 8.68
N CYS E 1029 -3.40 68.83 7.91
CA CYS E 1029 -4.52 68.06 8.45
C CYS E 1029 -4.84 66.77 7.71
N ASP E 1030 -3.84 65.92 7.47
CA ASP E 1030 -4.09 64.74 6.67
C ASP E 1030 -4.90 63.70 7.44
N THR E 1031 -6.22 63.89 7.46
CA THR E 1031 -7.09 62.97 8.18
C THR E 1031 -7.32 61.69 7.38
N ARG E 1032 -8.00 61.81 6.24
CA ARG E 1032 -8.38 60.68 5.39
C ARG E 1032 -8.36 61.10 3.93
N LEU E 1033 -9.08 60.36 3.09
CA LEU E 1033 -9.37 60.78 1.72
C LEU E 1033 -10.79 60.40 1.36
N LEU E 1034 -11.60 61.40 1.04
CA LEU E 1034 -12.94 61.13 0.57
C LEU E 1034 -12.64 60.67 -0.84
N ILE E 1035 -12.96 59.43 -1.16
CA ILE E 1035 -12.60 58.87 -2.43
C ILE E 1035 -13.84 58.53 -3.24
N GLN E 1036 -13.92 59.11 -4.43
CA GLN E 1036 -14.97 58.72 -5.35
C GLN E 1036 -14.45 57.56 -6.18
N ALA E 1037 -14.98 57.38 -7.38
CA ALA E 1037 -14.73 56.18 -8.15
C ALA E 1037 -15.47 55.04 -7.43
N GLU E 1038 -15.03 53.80 -7.63
CA GLU E 1038 -15.71 52.62 -7.08
C GLU E 1038 -14.68 51.97 -6.13
N GLN E 1039 -15.07 51.77 -4.89
CA GLN E 1039 -14.36 50.89 -3.97
C GLN E 1039 -15.07 49.55 -3.93
N THR E 1040 -14.32 48.48 -4.16
CA THR E 1040 -14.83 47.14 -4.00
C THR E 1040 -15.19 46.89 -2.54
N SER E 1041 -16.40 46.42 -2.30
CA SER E 1041 -16.83 46.19 -0.93
C SER E 1041 -17.83 45.05 -0.92
N ASP E 1042 -18.56 44.97 0.19
CA ASP E 1042 -19.54 43.92 0.35
C ASP E 1042 -20.88 44.34 -0.20
N GLY E 1043 -21.83 43.42 -0.14
CA GLY E 1043 -23.22 43.75 -0.33
C GLY E 1043 -23.80 44.29 0.96
N PRO E 1044 -25.10 44.59 0.95
CA PRO E 1044 -25.78 44.96 2.19
C PRO E 1044 -25.80 43.79 3.15
N ASP E 1045 -26.11 44.07 4.41
CA ASP E 1045 -26.26 43.05 5.44
C ASP E 1045 -27.39 42.11 5.07
N PRO E 1046 -27.10 40.85 4.80
CA PRO E 1046 -28.17 39.93 4.45
C PRO E 1046 -28.99 39.49 5.64
N CYS E 1047 -28.43 39.52 6.86
CA CYS E 1047 -29.16 39.06 8.03
C CYS E 1047 -30.25 40.06 8.41
N ASP E 1048 -30.11 41.32 7.99
CA ASP E 1048 -31.11 42.32 8.31
C ASP E 1048 -31.97 42.72 7.13
N MET E 1049 -31.47 42.54 5.92
CA MET E 1049 -32.31 42.71 4.73
C MET E 1049 -33.43 41.69 4.72
N VAL E 1050 -33.17 40.49 5.25
CA VAL E 1050 -34.17 39.44 5.24
C VAL E 1050 -35.26 39.73 6.25
N LYS E 1051 -34.97 40.53 7.28
CA LYS E 1051 -35.87 40.67 8.40
C LYS E 1051 -37.07 41.52 8.01
N GLN E 1052 -36.83 42.70 7.47
CA GLN E 1052 -37.93 43.37 6.82
C GLN E 1052 -37.79 43.10 5.33
N PRO E 1053 -38.42 42.06 4.83
CA PRO E 1053 -37.89 41.36 3.64
C PRO E 1053 -37.90 42.11 2.32
N ARG E 1054 -39.08 42.14 1.68
CA ARG E 1054 -39.39 42.92 0.46
C ARG E 1054 -40.74 42.45 -0.14
N TYR E 1055 -41.73 43.33 -0.31
CA TYR E 1055 -43.04 42.84 -0.70
C TYR E 1055 -42.96 42.14 -2.04
N ARG E 1056 -43.69 41.04 -2.21
CA ARG E 1056 -43.81 40.37 -3.49
C ARG E 1056 -45.06 39.48 -3.49
N LYS E 1057 -45.18 38.65 -4.53
CA LYS E 1057 -46.26 37.68 -4.65
C LYS E 1057 -45.64 36.38 -5.13
N GLY E 1058 -46.17 35.24 -4.70
CA GLY E 1058 -45.83 33.96 -5.25
C GLY E 1058 -46.73 33.57 -6.43
N PRO E 1059 -46.53 32.36 -6.97
CA PRO E 1059 -47.40 31.86 -8.04
C PRO E 1059 -48.69 31.29 -7.51
N ASP E 1060 -49.44 30.62 -8.38
CA ASP E 1060 -50.79 30.19 -8.05
C ASP E 1060 -51.09 28.72 -8.25
N VAL E 1061 -50.14 27.90 -8.63
CA VAL E 1061 -50.53 26.50 -8.81
C VAL E 1061 -50.35 25.68 -7.53
N CYS E 1062 -49.11 25.46 -7.09
CA CYS E 1062 -48.76 24.58 -5.97
C CYS E 1062 -49.44 23.21 -5.97
N PHE E 1063 -49.00 22.30 -6.81
CA PHE E 1063 -49.54 20.94 -6.81
C PHE E 1063 -48.91 20.12 -5.69
N ASP E 1064 -49.73 19.28 -5.05
CA ASP E 1064 -49.36 18.55 -3.85
C ASP E 1064 -50.46 17.55 -3.52
N ASN E 1065 -50.08 16.40 -2.97
CA ASN E 1065 -50.96 15.50 -2.24
C ASN E 1065 -52.17 14.93 -2.99
N ASN E 1066 -51.96 14.07 -3.97
CA ASN E 1066 -53.08 13.33 -4.53
C ASN E 1066 -53.39 12.11 -3.68
N VAL E 1067 -54.67 11.73 -3.68
CA VAL E 1067 -55.12 10.54 -2.99
C VAL E 1067 -54.73 9.33 -3.82
N LEU E 1068 -54.46 9.55 -5.08
CA LEU E 1068 -53.87 8.52 -5.92
C LEU E 1068 -52.33 8.55 -5.53
N GLU E 1069 -51.38 8.65 -6.49
CA GLU E 1069 -49.90 8.52 -6.32
C GLU E 1069 -49.51 7.06 -6.06
N ASP E 1070 -49.33 6.73 -4.77
CA ASP E 1070 -48.96 5.40 -4.31
C ASP E 1070 -47.45 5.30 -4.29
N TYR E 1071 -46.98 5.25 -3.06
CA TYR E 1071 -45.58 5.43 -2.75
C TYR E 1071 -44.99 4.14 -2.19
N THR E 1072 -44.57 3.27 -3.11
CA THR E 1072 -43.99 1.99 -2.73
C THR E 1072 -42.63 1.80 -3.37
N ASP E 1073 -42.29 2.67 -4.31
CA ASP E 1073 -41.00 2.60 -5.01
C ASP E 1073 -39.85 2.82 -4.04
N CYS E 1074 -39.52 4.08 -3.78
CA CYS E 1074 -38.42 4.41 -2.88
C CYS E 1074 -37.33 3.34 -2.89
CA ETA E 1075 -36.48 1.37 -1.70
N ETA E 1075 -36.65 2.80 -1.82
C ETA E 1075 -35.19 0.94 -2.37
O ETA E 1075 -34.93 -0.44 -2.08
C1 NAG F . -45.63 34.47 14.43
C2 NAG F . -46.93 35.12 14.90
C3 NAG F . -46.88 35.36 16.41
C4 NAG F . -46.45 34.11 17.19
C5 NAG F . -45.25 33.41 16.53
C6 NAG F . -45.00 32.03 17.09
C7 NAG F . -46.57 37.49 14.14
C8 NAG F . -47.16 38.58 13.31
N2 NAG F . -47.27 36.34 14.17
O3 NAG F . -48.19 35.79 16.80
O4 NAG F . -46.04 34.47 18.50
O5 NAG F . -45.44 33.24 15.11
O6 NAG F . -43.61 31.78 17.31
O7 NAG F . -45.50 37.64 14.74
C1 NAG F . -47.05 34.54 19.54
C2 NAG F . -46.39 34.45 20.93
C3 NAG F . -47.44 34.67 22.03
C4 NAG F . -48.24 35.94 21.80
C5 NAG F . -48.84 35.93 20.41
C6 NAG F . -49.54 37.22 20.05
C7 NAG F . -44.69 32.97 21.92
C8 NAG F . -44.13 31.60 21.97
N2 NAG F . -45.72 33.17 21.10
O3 NAG F . -46.78 34.75 23.29
O4 NAG F . -49.28 36.04 22.77
O5 NAG F . -47.79 35.77 19.45
O6 NAG F . -49.93 37.24 18.68
O7 NAG F . -44.24 33.89 22.61
C1 NAG G . -57.30 43.39 -21.41
C2 NAG G . -58.39 43.63 -20.32
C3 NAG G . -59.69 44.15 -20.92
C4 NAG G . -59.39 45.34 -21.82
C5 NAG G . -58.43 44.88 -22.92
C6 NAG G . -58.20 45.99 -23.94
C7 NAG G . -58.91 42.40 -18.28
C8 NAG G . -59.30 41.08 -17.70
N2 NAG G . -58.63 42.40 -19.59
O3 NAG G . -60.57 44.56 -19.87
O4 NAG G . -60.58 45.96 -22.35
O5 NAG G . -57.20 44.52 -22.30
O6 NAG G . -57.64 47.13 -23.28
O7 NAG G . -58.84 43.42 -17.62
C1 NAG G . -60.97 47.17 -21.63
C2 NAG G . -61.01 48.39 -22.58
C3 NAG G . -61.55 49.63 -21.84
C4 NAG G . -62.88 49.31 -21.19
C5 NAG G . -62.70 48.13 -20.24
C6 NAG G . -63.97 47.73 -19.54
C7 NAG G . -59.49 49.34 -24.28
C8 NAG G . -58.07 49.50 -24.70
N2 NAG G . -59.70 48.65 -23.15
O3 NAG G . -61.72 50.72 -22.73
O4 NAG G . -63.34 50.43 -20.45
O5 NAG G . -62.26 47.00 -21.01
O6 NAG G . -63.71 46.89 -18.42
O7 NAG G . -60.42 49.82 -24.93
C1 NAG H . -36.49 3.69 -34.28
C2 NAG H . -37.27 4.48 -35.29
C3 NAG H . -38.04 3.53 -36.21
C4 NAG H . -37.14 2.44 -36.77
C5 NAG H . -36.22 1.83 -35.70
C6 NAG H . -35.13 0.97 -36.29
C7 NAG H . -38.56 6.56 -35.16
C8 NAG H . -39.49 7.38 -34.33
N2 NAG H . -38.17 5.40 -34.63
O3 NAG H . -38.59 4.29 -37.28
O4 NAG H . -37.94 1.37 -37.25
O5 NAG H . -35.58 2.87 -34.94
O6 NAG H . -34.22 0.55 -35.29
O7 NAG H . -38.17 6.93 -36.26
C1 NAG H . -38.11 1.37 -38.68
C2 NAG H . -38.09 -0.08 -39.14
C3 NAG H . -38.42 -0.17 -40.64
C4 NAG H . -39.67 0.62 -41.00
C5 NAG H . -39.58 2.04 -40.43
C6 NAG H . -40.85 2.83 -40.62
C7 NAG H . -36.66 -1.87 -38.30
C8 NAG H . -35.25 -2.34 -38.10
N2 NAG H . -36.81 -0.68 -38.88
O3 NAG H . -38.59 -1.54 -40.97
O4 NAG H . -39.75 0.74 -42.42
O5 NAG H . -39.34 1.97 -39.02
O6 NAG H . -41.24 3.45 -39.39
O7 NAG H . -37.63 -2.53 -37.91
C1 BMA H . -40.71 -0.16 -43.01
C2 BMA H . -41.29 0.48 -44.29
C3 BMA H . -42.15 -0.54 -45.04
C4 BMA H . -41.35 -1.81 -45.33
C5 BMA H . -40.89 -2.40 -43.99
C6 BMA H . -40.08 -3.69 -44.14
O2 BMA H . -40.26 0.86 -45.17
O3 BMA H . -42.68 -0.02 -46.24
O4 BMA H . -42.15 -2.74 -46.03
O5 BMA H . -40.07 -1.42 -43.30
O6 BMA H . -40.38 -4.55 -43.05
C1 NAG I . -42.87 5.22 -20.23
C2 NAG I . -41.44 4.73 -20.20
C3 NAG I . -41.39 3.30 -20.74
C4 NAG I . -42.27 2.40 -19.88
C5 NAG I . -43.69 2.95 -19.84
C6 NAG I . -44.56 2.27 -18.82
C7 NAG I . -39.38 5.99 -20.46
C8 NAG I . -38.55 6.85 -21.36
N2 NAG I . -40.54 5.58 -20.95
O3 NAG I . -40.04 2.84 -20.71
O4 NAG I . -42.31 1.09 -20.46
O5 NAG I . -43.68 4.34 -19.47
O6 NAG I . -44.73 0.89 -19.08
O7 NAG I . -39.01 5.69 -19.33
C1 NAG I . -41.62 0.07 -19.71
C2 NAG I . -41.81 -1.23 -20.50
C3 NAG I . -41.04 -2.38 -19.84
C4 NAG I . -39.59 -2.00 -19.59
C5 NAG I . -39.56 -0.71 -18.78
C6 NAG I . -38.16 -0.23 -18.50
C7 NAG I . -43.76 -2.03 -21.71
C8 NAG I . -45.23 -2.34 -21.65
N2 NAG I . -43.22 -1.56 -20.59
O3 NAG I . -41.11 -3.50 -20.70
O4 NAG I . -38.93 -3.03 -18.86
O5 NAG I . -40.23 0.32 -19.52
O6 NAG I . -37.52 -1.09 -17.57
O7 NAG I . -43.11 -2.22 -22.72
C1 BMA I . -37.99 -3.76 -19.68
C2 BMA I . -36.69 -4.05 -18.83
C3 BMA I . -35.85 -5.23 -19.39
C4 BMA I . -36.72 -6.37 -19.91
C5 BMA I . -37.73 -5.82 -20.91
C6 BMA I . -38.61 -6.88 -21.48
O2 BMA I . -37.00 -4.35 -17.47
O3 BMA I . -34.94 -5.75 -18.41
O4 BMA I . -35.91 -7.34 -20.53
O5 BMA I . -38.60 -4.94 -20.19
O6 BMA I . -37.83 -8.06 -21.64
C1 NAG J . -30.14 60.00 -0.87
C2 NAG J . -30.35 59.75 0.61
C3 NAG J . -31.71 60.30 1.02
C4 NAG J . -31.82 61.78 0.66
C5 NAG J . -31.44 62.01 -0.80
C6 NAG J . -31.30 63.47 -1.15
C7 NAG J . -29.09 57.84 1.44
C8 NAG J . -29.10 56.37 1.72
N2 NAG J . -30.22 58.35 0.94
O3 NAG J . -31.90 60.14 2.43
O4 NAG J . -33.17 62.19 0.84
O5 NAG J . -30.19 61.40 -1.13
O6 NAG J . -32.57 64.10 -1.24
O7 NAG J . -28.10 58.54 1.63
C1 NAG J . -33.35 63.17 1.86
C2 NAG J . -34.86 63.52 1.83
C3 NAG J . -35.23 64.46 2.99
C4 NAG J . -34.67 63.96 4.31
C5 NAG J . -33.18 63.67 4.17
C6 NAG J . -32.57 63.12 5.44
C7 NAG J . -35.75 63.48 -0.47
C8 NAG J . -36.02 64.29 -1.70
N2 NAG J . -35.20 64.14 0.56
O3 NAG J . -36.64 64.50 3.07
O4 NAG J . -34.86 64.95 5.31
O5 NAG J . -33.00 62.69 3.15
O6 NAG J . -31.61 62.10 5.14
O7 NAG J . -36.04 62.29 -0.40
C1 NAG K . -12.08 51.80 -39.99
C2 NAG K . -10.61 52.05 -39.63
C3 NAG K . -10.07 53.18 -40.47
C4 NAG K . -10.19 52.83 -41.95
C5 NAG K . -11.64 52.51 -42.30
C6 NAG K . -11.76 51.91 -43.68
C7 NAG K . -9.93 51.40 -37.38
C8 NAG K . -9.79 51.82 -35.94
N2 NAG K . -10.43 52.32 -38.21
O3 NAG K . -8.71 53.41 -40.13
O4 NAG K . -9.73 53.93 -42.73
O5 NAG K . -12.20 51.54 -41.39
O6 NAG K . -12.71 52.61 -44.47
O7 NAG K . -9.60 50.29 -37.76
C1 NAG K . -8.55 53.56 -43.49
C2 NAG K . -8.35 54.54 -44.67
C3 NAG K . -7.10 54.17 -45.46
C4 NAG K . -5.90 54.07 -44.54
C5 NAG K . -6.19 53.11 -43.38
C6 NAG K . -5.07 53.04 -42.37
C7 NAG K . -10.11 53.73 -46.26
C8 NAG K . -11.31 54.16 -47.04
N2 NAG K . -9.52 54.69 -45.52
O3 NAG K . -6.87 55.11 -46.50
O4 NAG K . -4.76 53.59 -45.27
O5 NAG K . -7.36 53.54 -42.67
O6 NAG K . -5.51 52.44 -41.15
O7 NAG K . -9.71 52.56 -46.29
C1 NAG L . -12.08 85.61 -21.93
C2 NAG L . -12.20 87.11 -21.98
C3 NAG L . -13.31 87.50 -22.94
C4 NAG L . -13.09 86.86 -24.31
C5 NAG L . -12.70 85.37 -24.21
C6 NAG L . -12.17 84.82 -25.52
C7 NAG L . -11.68 88.66 -20.18
C8 NAG L . -12.03 89.15 -18.80
N2 NAG L . -12.43 87.68 -20.66
O3 NAG L . -13.32 88.92 -23.06
O4 NAG L . -14.32 86.89 -25.01
O5 NAG L . -11.69 85.13 -23.21
O6 NAG L . -12.63 83.50 -25.75
O7 NAG L . -10.75 89.17 -20.83
C1 NAG L . -14.46 87.97 -25.94
C2 NAG L . -15.56 87.47 -26.87
C3 NAG L . -16.03 88.54 -27.87
C4 NAG L . -16.29 89.87 -27.16
C5 NAG L . -15.12 90.22 -26.25
C6 NAG L . -15.38 91.43 -25.39
C7 NAG L . -14.38 85.67 -28.35
C8 NAG L . -13.35 86.60 -28.96
N2 NAG L . -15.32 86.15 -27.48
O3 NAG L . -17.21 88.04 -28.49
O4 NAG L . -16.42 90.93 -28.11
O5 NAG L . -14.86 89.14 -25.34
O6 NAG L . -15.29 91.09 -24.01
O7 NAG L . -14.40 84.48 -28.67
C1 NAG L . -17.75 91.23 -28.56
C2 NAG L . -17.78 92.65 -29.12
C3 NAG L . -19.15 92.95 -29.77
C4 NAG L . -19.52 91.87 -30.78
C5 NAG L . -19.47 90.51 -30.10
C6 NAG L . -19.74 89.37 -31.05
C7 NAG L . -16.91 94.80 -28.29
C8 NAG L . -16.71 95.67 -27.09
N2 NAG L . -17.50 93.62 -28.07
O3 NAG L . -19.11 94.21 -30.43
O4 NAG L . -20.83 92.11 -31.29
O5 NAG L . -18.16 90.30 -29.58
O6 NAG L . -19.00 88.21 -30.69
O7 NAG L . -16.56 95.14 -29.42
C1 NAG M . 3.92 19.78 -21.67
C2 NAG M . 3.91 21.27 -22.02
C3 NAG M . 3.28 21.47 -23.38
C4 NAG M . 4.04 20.66 -24.43
C5 NAG M . 4.23 19.19 -24.01
C6 NAG M . 5.26 18.48 -24.85
C7 NAG M . 3.83 23.22 -20.52
C8 NAG M . 3.03 23.95 -19.50
N2 NAG M . 3.27 22.10 -21.01
O3 NAG M . 3.32 22.85 -23.73
O4 NAG M . 3.31 20.67 -25.65
O5 NAG M . 4.67 19.07 -22.65
O6 NAG M . 6.55 19.03 -24.65
O7 NAG M . 4.93 23.61 -20.88
CA CA N . 7.11 -7.62 2.85
CA CA O . 8.66 -10.08 4.61
CA CA P . -24.09 9.11 14.99
C1 NAG Q . -16.55 30.22 10.15
C2 NAG Q . -16.50 31.28 11.23
C3 NAG Q . -17.47 32.40 10.87
C4 NAG Q . -17.13 32.96 9.50
C5 NAG Q . -17.02 31.84 8.45
C6 NAG Q . -16.47 32.34 7.14
C7 NAG Q . -15.86 30.37 13.42
C8 NAG Q . -16.35 29.81 14.72
N2 NAG Q . -16.81 30.73 12.54
O3 NAG Q . -17.41 33.43 11.86
O4 NAG Q . -18.13 33.88 9.09
O5 NAG Q . -16.15 30.79 8.90
O6 NAG Q . -15.13 32.78 7.27
O7 NAG Q . -14.67 30.47 13.17
C1 NAG R . -21.81 67.35 10.68
C2 NAG R . -21.58 68.18 11.95
C3 NAG R . -21.80 67.33 13.20
C4 NAG R . -23.12 66.56 13.13
C5 NAG R . -23.24 65.83 11.79
C6 NAG R . -24.55 65.12 11.62
C7 NAG R . -19.88 69.87 12.54
C8 NAG R . -18.43 70.25 12.46
N2 NAG R . -20.22 68.72 11.96
O3 NAG R . -21.82 68.16 14.35
O4 NAG R . -23.18 65.61 14.18
O5 NAG R . -23.11 66.77 10.72
O6 NAG R . -25.03 64.65 12.87
O7 NAG R . -20.70 70.57 13.13
C1 NAG S . -47.51 35.33 -34.49
C2 NAG S . -46.99 36.62 -35.12
C3 NAG S . -48.02 37.18 -36.11
C4 NAG S . -48.46 36.12 -37.12
C5 NAG S . -48.90 34.86 -36.39
C6 NAG S . -49.21 33.70 -37.32
C7 NAG S . -45.72 38.55 -34.28
C8 NAG S . -45.52 39.50 -33.14
N2 NAG S . -46.66 37.61 -34.11
O3 NAG S . -47.47 38.28 -36.82
O4 NAG S . -49.54 36.63 -37.88
O5 NAG S . -47.85 34.40 -35.52
O6 NAG S . -48.05 32.94 -37.61
O7 NAG S . -45.08 38.65 -35.32
C1 NAG T . -41.23 69.45 -11.64
C2 NAG T . -40.23 70.57 -11.40
C3 NAG T . -40.78 71.55 -10.36
C4 NAG T . -42.20 72.01 -10.70
C5 NAG T . -43.09 70.81 -11.00
C6 NAG T . -44.46 71.20 -11.49
C7 NAG T . -37.79 70.67 -11.17
C8 NAG T . -36.57 69.98 -10.66
N2 NAG T . -38.95 70.04 -10.98
O3 NAG T . -39.93 72.69 -10.25
O4 NAG T . -42.75 72.71 -9.60
O5 NAG T . -42.49 70.00 -12.02
O6 NAG T . -44.53 71.13 -12.91
O7 NAG T . -37.73 71.74 -11.76
C1 NAG U . -2.51 58.20 -12.94
C2 NAG U . -0.98 58.08 -13.05
C3 NAG U . -0.39 57.74 -11.67
C4 NAG U . -0.90 58.70 -10.60
C5 NAG U . -2.43 58.79 -10.64
C6 NAG U . -2.98 59.78 -9.66
C7 NAG U . 0.57 57.03 -14.64
C8 NAG U . 0.77 55.91 -15.61
N2 NAG U . -0.61 57.07 -14.02
O3 NAG U . 1.03 57.80 -11.72
O4 NAG U . -0.49 58.25 -9.32
O5 NAG U . -2.84 59.18 -11.96
O6 NAG U . -3.90 59.17 -8.77
O7 NAG U . 1.45 57.86 -14.41
C1 NAG V . 0.02 72.90 18.28
C2 NAG V . 1.19 72.73 17.28
C3 NAG V . 2.53 72.88 18.00
C4 NAG V . 2.57 74.17 18.82
C5 NAG V . 1.36 74.22 19.74
C6 NAG V . 1.26 75.49 20.55
C7 NAG V . 0.45 71.23 15.46
C8 NAG V . 0.49 69.84 14.93
N2 NAG V . 1.11 71.44 16.61
O3 NAG V . 3.59 72.87 17.06
O4 NAG V . 3.76 74.22 19.60
O5 NAG V . 0.16 74.14 18.97
O6 NAG V . 0.27 75.39 21.55
O7 NAG V . -0.17 72.13 14.91
C1 NAG W . -29.55 75.87 3.57
C2 NAG W . -30.85 75.66 4.35
C3 NAG W . -30.81 76.40 5.69
C4 NAG W . -29.60 75.97 6.49
C5 NAG W . -28.33 76.22 5.67
C6 NAG W . -27.08 75.73 6.36
C7 NAG W . -32.91 75.22 3.08
C8 NAG W . -34.00 75.83 2.26
N2 NAG W . -31.99 76.08 3.56
O3 NAG W . -32.00 76.13 6.42
O4 NAG W . -29.52 76.71 7.71
O5 NAG W . -28.41 75.52 4.42
O6 NAG W . -26.10 75.31 5.42
O7 NAG W . -32.85 74.02 3.30
#